data_5ODQ
#
_entry.id   5ODQ
#
_cell.length_a   366.325
_cell.length_b   97.352
_cell.length_c   133.276
_cell.angle_alpha   90.00
_cell.angle_beta   108.37
_cell.angle_gamma   90.00
#
_symmetry.space_group_name_H-M   'C 1 2 1'
#
loop_
_entity.id
_entity.type
_entity.pdbx_description
1 polymer 'Heterodisulfide reductase, subunit A'
2 polymer 'Heterodisulfide reductase, subunit B'
3 polymer 'Heterodisulfide reductase, subunit C'
4 polymer 'Methyl-viologen reducing hydrogenase, subunit D'
5 polymer 'Methyl-viologen reducing hydrogenase, subunit G'
6 polymer 'Methyl-viologen reducing hydrogenase, subunit A'
7 non-polymer 'FLAVIN-ADENINE DINUCLEOTIDE'
8 non-polymer 'ACETATE ION'
9 non-polymer 'IRON/SULFUR CLUSTER'
10 non-polymer GLYCEROL
11 non-polymer 'Non-cubane [4Fe-4S]-cluster'
12 non-polymer '2-bromanylethanesulfonic acid'
13 non-polymer 'FE2/S2 (INORGANIC) CLUSTER'
14 non-polymer 2-AMINO-2-HYDROXYMETHYL-PROPANE-1,3-DIOL
15 non-polymer formyl[bis(hydrocyanato-1kappaC)]ironnickel(Fe-Ni)
16 non-polymer 3,6,9,12,15,18,21,24,27,30,33,36,39-TRIDECAOXAHENTETRACONTANE-1,41-DIOL
17 non-polymer 'FE (III) ION'
18 water water
#
loop_
_entity_poly.entity_id
_entity_poly.type
_entity_poly.pdbx_seq_one_letter_code
_entity_poly.pdbx_strand_id
1 'polypeptide(L)'
;MEEPRIGVYVCHCGVNIGGTVDCPDVTEFAKTLKNVVVARDYKYMCADPGQEMIKKDIKEHNLNRVVVAACSPRLHEPTF
RRCVAEAGLNPFLFEFANIREHCSWVHMHEKEKATEKAKDLVRMAVAKARLLEPLEFIKVGVTQRALVIGGGVAGIQTAL
DLGDMGFETILVEKTPSVGGRMAQLDKTFPTNDCSICILAPKMVDVAKHPNVKLYAYSEVVDVQGYVGNFKVKIMKKARY
IDETKCTGCGQCSEVCPIDVPNEFDMGIGMRKAIYKPFPQAVPAKYTIDKEHCIECGLCAKVCGPNAIDFDQEPEIIEAE
VGTIICAIGYDAFDPTVREEYGYGVYDNVVTALELERMINASGPTGGKVIRLSDGQKPKRIAFIQCVGSRDAKVGNKYCS
NVCCMYAMKNSQLIKEKSPDTEIDIYYMDIRAFSKGYEEFYERSAKQYGIKFMRGRPSQVIEDPETGNLVVRAEDTLLGE
ILEKEYDLVVLSVGMVPTKSADEVQKILGISRTPDQFFMEAHPKLRPVDTATDGVYLAGACQGPKDIPASVAQGSAAASR
AAIPLAKGEVEVEPIIASVDAEICGGCGVCVKQCPYGAPRLVEKDGKVVAEVISALCKGCGTCPAGCPSGALEQDHFKTI
QLFKQIEGMFRDTA
;
A,G
2 'polypeptide(L)'
;MKYAFFLGCIMPNRYAGVEAATRTVMEKLGVELVDMTGASCCPAPGVFGSFDQKTWLTLAARNLCIAEEMGVDIVTVCNG
CYGSLFEAAHLLHDNKEALNFVNEKLDKVGKEYKGNVKVRHFAELIYNDIGVDKIAEKVERPLNINVGVHYGCHFLKPTD
VKHLGSAERPVMLDEIVEATGAKSVPYADKMMCCGAGGGVRARELELSLDMTNEKIENMIKAGADCTVNVCPFCHLQFDR
GQIEIKEKFGKEYNFPVLHLSQLLGLAMGMDPKDLALSVHQISVDPLLKKI
;
B,H
3 'polypeptide(L)'
;MIYSSDLNKNLASQIIEAGTPIPGDDVVSSLKACYQCGTCTGSCPSGRRTSYRTRKVIRKALLGMDDVLDSDDIWKCTTC
YTCYERCPRDVKVTEIIKTIRNLAAQKGNMAKAHKMTAMYVLKYGHAVPANKNTAELRKSIGLSEKAPIAQFSEKDLNEM
NTLIKELGFDELIGFDWEKGALKE
;
C,I
4 'polypeptide(L)'
;MSEWEPKIIGFCCNWCTYGGADTAGVGRMQYPPSIRIIRVMCSGRIEPSLILKAFKEGADGVFVGGCHLGDCHYDSGNYK
WQRRVMMLYELLEELGIEKERLNHEWISASEGEKFQNTMKDFYNKIEALGPCKLKEELDK
;
D,J
5 'polypeptide(L)'
;MVKIATTWLGGCSGCHISLLDLHEELLNLLENVELVHCPVLMDVKEIPDEVEVALIEGGIRNEENLEIAKEMRERAKIVI
AFGTCAAFGGVPGLGNLYSNDELLDKAYKTTITTKNDDGIIPNEEVPELVSRVKPLSEVIEVDYFIPGCPPNPEMIAEVV
KALLEGKEPELPKKNLCEECARKKSEEGVAIETIKRNYEGNPDPEKCLLEQGYICLGIATREGCGAPCPSSGVPCSGCSG
PTDAVVDQGAKMISALCSDFGIDNDRDVDPMILPKSIKDKIGSFYKFTLPSAFVPIRLK
;
E,K
6 'polypeptide(L)'
;MVKLSVEPVTRVEGHGKISVSFDDSGNLDKVRFHVVEVRGFEKFLEGRYVEDAPIYTPRICGICQVAHHLASAKAVDNVF
GVKIPETAELLRNLMHQGATVHSHALHFYMLAAPDLMFPTTDDVLKRNLMGIAKEHPEIIKDAIELRKAGQNVVRVVGGR
AIHPVTAVVGGQSKSLKEEERDELLKLSERTIELSEKSIEVGKKLLENIKDEDLLDIGYFESAHMGMVNNGVHDLYDGKL
RVVNSEGKVEYEFDPSEYMNYIAEGVKPYSYLKFPYLKDKGEEDGIYRVNTLSRLNVSDKMATPLAQKYYDEFVKEFGKP
CHHPMLFHYARLIELLSSAEMVKELLENDKIVGEDIRAEPEEVVGDGVGCVEAPRGTLIHHFKTDDDGIITDTNLVVATV
QNNPAMDIGVRKVAEKYIKAPEDATPQVLNYMEMLIRAYDPCLSCATHIIGEESNNLSLDVYQKNKLVKSIRG
;
F,L
#
loop_
_chem_comp.id
_chem_comp.type
_chem_comp.name
_chem_comp.formula
9S8 non-polymer 'Non-cubane [4Fe-4S]-cluster' 'Fe4 S4'
9SB non-polymer '2-bromanylethanesulfonic acid' 'C2 H5 Br O3 S'
ACT non-polymer 'ACETATE ION' 'C2 H3 O2 -1'
FAD non-polymer 'FLAVIN-ADENINE DINUCLEOTIDE' 'C27 H33 N9 O15 P2'
FE non-polymer 'FE (III) ION' 'Fe 3'
FES non-polymer 'FE2/S2 (INORGANIC) CLUSTER' 'Fe2 S2'
GOL non-polymer GLYCEROL 'C3 H8 O3'
NFU non-polymer formyl[bis(hydrocyanato-1kappaC)]ironnickel(Fe-Ni) 'C3 H Fe N2 Ni O'
PE3 non-polymer 3,6,9,12,15,18,21,24,27,30,33,36,39-TRIDECAOXAHENTETRACONTANE-1,41-DIOL 'C28 H58 O15'
SF4 non-polymer 'IRON/SULFUR CLUSTER' 'Fe4 S4'
TRS non-polymer 2-AMINO-2-HYDROXYMETHYL-PROPANE-1,3-DIOL 'C4 H12 N O3 1'
#
# COMPACT_ATOMS: atom_id res chain seq x y z
N GLU A 2 32.97 41.31 3.22
CA GLU A 2 33.87 40.22 3.60
C GLU A 2 34.15 39.29 2.41
N GLU A 3 35.36 38.69 2.35
CA GLU A 3 35.74 37.81 1.24
C GLU A 3 35.17 36.42 1.33
N PRO A 4 34.68 35.84 0.22
CA PRO A 4 34.17 34.48 0.31
C PRO A 4 35.24 33.45 0.70
N ARG A 5 34.87 32.53 1.58
CA ARG A 5 35.70 31.43 2.06
C ARG A 5 34.76 30.27 1.87
N ILE A 6 34.97 29.50 0.79
CA ILE A 6 34.09 28.40 0.44
C ILE A 6 34.57 27.02 0.80
N GLY A 7 33.61 26.20 1.22
CA GLY A 7 33.80 24.80 1.58
C GLY A 7 33.05 23.98 0.57
N VAL A 8 33.75 23.18 -0.23
CA VAL A 8 33.10 22.36 -1.25
C VAL A 8 33.09 20.91 -0.81
N TYR A 9 31.91 20.29 -0.78
CA TYR A 9 31.79 18.90 -0.37
C TYR A 9 31.25 18.04 -1.50
N VAL A 10 32.04 17.04 -1.92
CA VAL A 10 31.66 16.15 -3.01
C VAL A 10 31.18 14.83 -2.45
N CYS A 11 29.91 14.49 -2.72
CA CYS A 11 29.36 13.25 -2.23
C CYS A 11 29.50 12.13 -3.24
N HIS A 12 29.74 10.91 -2.73
CA HIS A 12 29.87 9.72 -3.55
C HIS A 12 28.49 9.04 -3.59
N CYS A 13 27.68 9.23 -2.50
CA CYS A 13 26.35 8.65 -2.33
C CYS A 13 26.49 7.14 -2.52
N GLY A 14 27.45 6.57 -1.79
CA GLY A 14 27.80 5.16 -1.87
C GLY A 14 28.63 5.04 -3.13
N VAL A 15 28.01 4.56 -4.21
CA VAL A 15 28.64 4.45 -5.52
C VAL A 15 27.71 5.08 -6.55
N ASN A 16 26.55 5.63 -6.11
CA ASN A 16 25.58 6.25 -7.03
C ASN A 16 26.23 7.39 -7.80
N ILE A 17 27.17 8.11 -7.15
CA ILE A 17 27.89 9.20 -7.80
C ILE A 17 29.32 8.70 -8.08
N GLY A 18 30.02 8.29 -7.02
CA GLY A 18 31.39 7.78 -7.09
C GLY A 18 31.67 6.74 -8.14
N GLY A 19 30.70 5.88 -8.42
CA GLY A 19 30.85 4.83 -9.42
C GLY A 19 30.98 5.34 -10.83
N THR A 20 30.49 6.56 -11.10
CA THR A 20 30.55 7.17 -12.42
C THR A 20 31.47 8.40 -12.40
N VAL A 21 31.27 9.31 -11.44
CA VAL A 21 32.07 10.51 -11.30
C VAL A 21 33.28 10.23 -10.42
N ASP A 22 34.47 10.71 -10.84
CA ASP A 22 35.69 10.52 -10.06
C ASP A 22 35.65 11.64 -9.03
N CYS A 23 34.94 11.39 -7.94
CA CYS A 23 34.75 12.34 -6.86
C CYS A 23 36.06 12.88 -6.29
N PRO A 24 37.07 12.04 -5.98
CA PRO A 24 38.33 12.60 -5.45
C PRO A 24 38.93 13.62 -6.43
N ASP A 25 38.79 13.36 -7.75
CA ASP A 25 39.32 14.24 -8.78
C ASP A 25 38.53 15.56 -8.81
N VAL A 26 37.19 15.50 -8.63
CA VAL A 26 36.36 16.71 -8.62
C VAL A 26 36.80 17.56 -7.42
N THR A 27 37.05 16.89 -6.29
CA THR A 27 37.48 17.53 -5.04
C THR A 27 38.80 18.28 -5.26
N GLU A 28 39.76 17.64 -5.94
CA GLU A 28 41.05 18.27 -6.23
C GLU A 28 40.83 19.49 -7.13
N PHE A 29 39.99 19.35 -8.17
CA PHE A 29 39.68 20.45 -9.08
C PHE A 29 39.02 21.61 -8.31
N ALA A 30 38.08 21.31 -7.40
CA ALA A 30 37.39 22.33 -6.62
C ALA A 30 38.34 23.23 -5.86
N LYS A 31 39.44 22.67 -5.35
CA LYS A 31 40.44 23.42 -4.61
C LYS A 31 41.15 24.45 -5.48
N THR A 32 41.20 24.25 -6.80
CA THR A 32 41.89 25.20 -7.70
C THR A 32 41.05 26.46 -7.96
N LEU A 33 39.81 26.52 -7.44
CA LEU A 33 38.97 27.67 -7.68
C LEU A 33 39.14 28.74 -6.59
N LYS A 34 39.05 30.01 -7.00
CA LYS A 34 39.19 31.15 -6.10
C LYS A 34 38.20 31.04 -4.93
N ASN A 35 38.65 31.42 -3.73
CA ASN A 35 37.85 31.39 -2.50
C ASN A 35 37.56 30.00 -1.94
N VAL A 36 37.91 28.92 -2.65
CA VAL A 36 37.65 27.58 -2.13
C VAL A 36 38.81 27.21 -1.24
N VAL A 37 38.63 27.41 0.07
CA VAL A 37 39.64 27.15 1.08
C VAL A 37 39.59 25.73 1.63
N VAL A 38 38.46 25.04 1.49
CA VAL A 38 38.30 23.65 1.96
C VAL A 38 37.53 22.89 0.89
N ALA A 39 37.87 21.61 0.73
CA ALA A 39 37.21 20.76 -0.25
C ALA A 39 37.38 19.34 0.24
N ARG A 40 36.28 18.60 0.36
CA ARG A 40 36.35 17.24 0.84
C ARG A 40 35.38 16.37 0.10
N ASP A 41 35.70 15.08 0.03
CA ASP A 41 34.83 14.11 -0.59
C ASP A 41 34.42 13.14 0.50
N TYR A 42 33.15 12.74 0.52
CA TYR A 42 32.68 11.80 1.54
C TYR A 42 31.60 10.87 0.96
N LYS A 43 31.53 9.64 1.48
CA LYS A 43 30.58 8.63 1.00
C LYS A 43 29.11 9.05 1.10
N TYR A 44 28.70 9.64 2.22
CA TYR A 44 27.31 10.08 2.40
C TYR A 44 27.31 11.45 3.10
N MET A 45 27.18 12.54 2.33
CA MET A 45 27.19 13.88 2.92
C MET A 45 26.00 14.17 3.83
N CYS A 46 24.83 13.63 3.57
CA CYS A 46 23.67 13.89 4.41
C CYS A 46 23.71 13.10 5.71
N ALA A 47 24.57 12.09 5.80
CA ALA A 47 24.66 11.30 7.02
C ALA A 47 25.24 12.13 8.16
N ASP A 48 25.07 11.65 9.39
CA ASP A 48 25.57 12.33 10.59
C ASP A 48 27.06 12.73 10.45
N PRO A 49 28.00 11.84 10.05
CA PRO A 49 29.41 12.26 9.93
C PRO A 49 29.62 13.32 8.88
N GLY A 50 28.81 13.29 7.82
CA GLY A 50 28.90 14.27 6.74
C GLY A 50 28.47 15.63 7.24
N GLN A 51 27.31 15.71 7.88
CA GLN A 51 26.79 16.95 8.43
C GLN A 51 27.71 17.50 9.50
N GLU A 52 28.26 16.63 10.36
CA GLU A 52 29.17 17.04 11.42
C GLU A 52 30.47 17.58 10.82
N MET A 53 30.89 17.02 9.66
CA MET A 53 32.10 17.43 8.94
C MET A 53 31.91 18.86 8.45
N ILE A 54 30.76 19.12 7.78
CA ILE A 54 30.45 20.45 7.25
C ILE A 54 30.47 21.43 8.43
N LYS A 55 29.64 21.15 9.45
CA LYS A 55 29.51 21.97 10.66
C LYS A 55 30.85 22.28 11.34
N LYS A 56 31.68 21.26 11.60
CA LYS A 56 32.99 21.42 12.24
C LYS A 56 33.86 22.36 11.39
N ASP A 57 33.88 22.15 10.07
CA ASP A 57 34.67 22.96 9.15
C ASP A 57 34.21 24.41 9.11
N ILE A 58 32.90 24.66 9.17
CA ILE A 58 32.40 26.04 9.15
C ILE A 58 33.01 26.82 10.30
N LYS A 59 33.11 26.19 11.48
CA LYS A 59 33.67 26.81 12.68
C LYS A 59 35.20 26.86 12.63
N GLU A 60 35.86 25.72 12.29
CA GLU A 60 37.33 25.64 12.25
C GLU A 60 37.97 26.42 11.11
N HIS A 61 37.38 26.35 9.91
CA HIS A 61 37.92 27.04 8.75
C HIS A 61 37.19 28.37 8.44
N ASN A 62 36.37 28.85 9.39
CA ASN A 62 35.62 30.11 9.25
C ASN A 62 35.04 30.29 7.86
N LEU A 63 34.25 29.34 7.40
CA LEU A 63 33.65 29.43 6.07
C LEU A 63 32.40 30.29 6.10
N ASN A 64 32.11 30.99 5.00
CA ASN A 64 30.94 31.85 4.86
C ASN A 64 30.12 31.43 3.63
N ARG A 65 30.52 30.32 2.98
CA ARG A 65 29.83 29.76 1.81
C ARG A 65 30.08 28.27 1.82
N VAL A 66 29.04 27.46 1.55
CA VAL A 66 29.20 26.01 1.50
C VAL A 66 28.61 25.53 0.20
N VAL A 67 29.28 24.60 -0.46
CA VAL A 67 28.80 24.05 -1.72
C VAL A 67 28.76 22.56 -1.56
N VAL A 68 27.58 21.95 -1.76
CA VAL A 68 27.46 20.51 -1.64
C VAL A 68 27.21 19.99 -3.03
N ALA A 69 28.16 19.22 -3.54
CA ALA A 69 28.08 18.63 -4.88
C ALA A 69 27.53 17.24 -4.63
N ALA A 70 26.20 17.07 -4.78
CA ALA A 70 25.55 15.79 -4.52
C ALA A 70 24.25 15.52 -5.34
N CYS A 71 23.17 15.09 -4.64
CA CYS A 71 21.86 14.76 -5.20
C CYS A 71 21.12 16.02 -5.67
N SER A 72 19.77 15.99 -5.69
CA SER A 72 19.01 17.14 -6.13
C SER A 72 18.63 18.04 -4.97
N PRO A 73 18.66 19.37 -5.17
CA PRO A 73 18.25 20.27 -4.09
C PRO A 73 16.80 20.00 -3.70
N ARG A 74 15.98 19.53 -4.66
CA ARG A 74 14.57 19.23 -4.40
C ARG A 74 14.43 18.15 -3.32
N LEU A 75 15.51 17.38 -3.06
CA LEU A 75 15.49 16.31 -2.06
C LEU A 75 16.10 16.77 -0.73
N HIS A 76 17.37 17.23 -0.75
CA HIS A 76 18.08 17.64 0.47
C HIS A 76 18.44 19.12 0.63
N GLU A 77 17.99 20.04 -0.23
CA GLU A 77 18.35 21.45 -0.03
C GLU A 77 17.98 21.89 1.40
N PRO A 78 16.76 21.60 1.88
CA PRO A 78 16.39 21.99 3.26
C PRO A 78 17.27 21.32 4.32
N THR A 79 17.62 20.03 4.11
CA THR A 79 18.46 19.25 5.04
C THR A 79 19.78 19.97 5.30
N PHE A 80 20.48 20.34 4.22
CA PHE A 80 21.76 21.03 4.32
C PHE A 80 21.60 22.47 4.79
N ARG A 81 20.47 23.13 4.50
CA ARG A 81 20.28 24.50 4.97
C ARG A 81 20.22 24.47 6.51
N ARG A 82 19.56 23.44 7.09
CA ARG A 82 19.44 23.29 8.54
C ARG A 82 20.82 22.96 9.13
N CYS A 83 21.58 22.11 8.44
CA CYS A 83 22.93 21.71 8.85
C CYS A 83 23.86 22.91 8.96
N VAL A 84 23.88 23.79 7.93
CA VAL A 84 24.75 24.97 7.96
C VAL A 84 24.24 26.01 8.96
N ALA A 85 22.91 26.21 9.04
CA ALA A 85 22.32 27.17 9.97
C ALA A 85 22.65 26.78 11.41
N GLU A 86 22.76 25.47 11.69
CA GLU A 86 23.10 24.97 13.03
C GLU A 86 24.55 25.36 13.41
N ALA A 87 25.40 25.57 12.39
CA ALA A 87 26.80 25.94 12.60
C ALA A 87 26.95 27.48 12.59
N GLY A 88 25.84 28.18 12.39
CA GLY A 88 25.81 29.64 12.36
C GLY A 88 25.81 30.25 10.97
N LEU A 89 26.03 29.45 9.93
CA LEU A 89 26.04 29.98 8.56
C LEU A 89 24.63 30.22 8.04
N ASN A 90 24.35 31.42 7.49
CA ASN A 90 23.03 31.72 6.94
C ASN A 90 22.69 30.64 5.91
N PRO A 91 21.47 30.09 5.91
CA PRO A 91 21.14 29.04 4.93
C PRO A 91 21.16 29.46 3.47
N PHE A 92 21.13 30.77 3.18
CA PHE A 92 21.15 31.24 1.79
C PHE A 92 22.56 31.50 1.27
N LEU A 93 23.58 31.04 2.03
CA LEU A 93 24.97 31.15 1.64
C LEU A 93 25.42 29.72 1.34
N PHE A 94 24.44 28.83 1.11
CA PHE A 94 24.65 27.43 0.80
C PHE A 94 24.19 27.24 -0.65
N GLU A 95 24.94 26.46 -1.44
CA GLU A 95 24.57 26.24 -2.84
C GLU A 95 24.75 24.79 -3.21
N PHE A 96 23.70 24.21 -3.79
CA PHE A 96 23.66 22.81 -4.20
C PHE A 96 24.13 22.63 -5.64
N ALA A 97 24.90 21.58 -5.90
CA ALA A 97 25.36 21.27 -7.25
C ALA A 97 24.87 19.84 -7.48
N ASN A 98 23.92 19.67 -8.40
CA ASN A 98 23.33 18.38 -8.70
C ASN A 98 24.19 17.57 -9.65
N ILE A 99 24.93 16.57 -9.12
CA ILE A 99 25.79 15.72 -9.94
C ILE A 99 25.32 14.29 -9.93
N ARG A 100 24.14 14.00 -9.38
CA ARG A 100 23.65 12.65 -9.34
C ARG A 100 22.55 12.50 -10.38
N GLU A 101 21.34 13.02 -10.09
CA GLU A 101 20.24 12.93 -11.04
C GLU A 101 20.61 13.61 -12.36
N HIS A 102 21.36 14.72 -12.30
CA HIS A 102 21.77 15.48 -13.48
C HIS A 102 23.12 15.09 -14.09
N CYS A 103 23.84 14.13 -13.50
CA CYS A 103 25.14 13.76 -14.09
C CYS A 103 25.45 12.25 -14.01
N SER A 104 25.84 11.75 -12.83
CA SER A 104 26.22 10.33 -12.64
C SER A 104 25.18 9.31 -13.04
N TRP A 105 23.90 9.61 -12.84
CA TRP A 105 22.81 8.68 -13.17
C TRP A 105 22.42 8.70 -14.65
N VAL A 106 22.81 9.75 -15.38
CA VAL A 106 22.48 9.90 -16.81
C VAL A 106 23.70 9.79 -17.71
N HIS A 107 24.92 9.68 -17.14
CA HIS A 107 26.15 9.57 -17.93
C HIS A 107 26.99 8.38 -17.45
N MET A 108 26.32 7.30 -17.02
CA MET A 108 26.95 6.08 -16.52
C MET A 108 28.00 5.45 -17.45
N HIS A 109 27.80 5.53 -18.77
CA HIS A 109 28.72 4.94 -19.73
C HIS A 109 29.73 5.95 -20.30
N GLU A 110 29.80 7.16 -19.69
CA GLU A 110 30.71 8.21 -20.12
C GLU A 110 31.27 8.84 -18.84
N LYS A 111 32.06 8.06 -18.09
CA LYS A 111 32.66 8.44 -16.81
C LYS A 111 33.58 9.67 -16.89
N GLU A 112 34.49 9.71 -17.86
CA GLU A 112 35.42 10.84 -18.00
C GLU A 112 34.67 12.14 -18.28
N LYS A 113 33.68 12.11 -19.20
CA LYS A 113 32.88 13.29 -19.50
C LYS A 113 31.98 13.66 -18.30
N ALA A 114 31.48 12.65 -17.55
CA ALA A 114 30.64 12.91 -16.38
C ALA A 114 31.50 13.62 -15.34
N THR A 115 32.75 13.15 -15.17
CA THR A 115 33.70 13.75 -14.24
C THR A 115 33.97 15.21 -14.66
N GLU A 116 34.13 15.48 -15.97
CA GLU A 116 34.36 16.84 -16.47
C GLU A 116 33.13 17.70 -16.24
N LYS A 117 31.93 17.12 -16.43
CA LYS A 117 30.70 17.84 -16.23
C LYS A 117 30.51 18.18 -14.75
N ALA A 118 30.86 17.25 -13.85
CA ALA A 118 30.73 17.50 -12.41
C ALA A 118 31.61 18.67 -12.02
N LYS A 119 32.84 18.73 -12.57
CA LYS A 119 33.76 19.83 -12.27
C LYS A 119 33.12 21.18 -12.66
N ASP A 120 32.54 21.27 -13.87
CA ASP A 120 31.90 22.51 -14.33
C ASP A 120 30.71 22.89 -13.45
N LEU A 121 29.90 21.90 -13.03
CA LEU A 121 28.75 22.17 -12.17
C LEU A 121 29.20 22.67 -10.80
N VAL A 122 30.32 22.14 -10.29
CA VAL A 122 30.87 22.59 -9.02
C VAL A 122 31.31 24.04 -9.23
N ARG A 123 32.04 24.31 -10.35
CA ARG A 123 32.51 25.66 -10.66
C ARG A 123 31.35 26.64 -10.85
N MET A 124 30.24 26.19 -11.48
CA MET A 124 29.08 27.04 -11.69
C MET A 124 28.46 27.39 -10.35
N ALA A 125 28.41 26.42 -9.44
CA ALA A 125 27.86 26.60 -8.09
C ALA A 125 28.76 27.55 -7.32
N VAL A 126 30.08 27.28 -7.32
CA VAL A 126 31.05 28.13 -6.63
C VAL A 126 30.92 29.57 -7.18
N ALA A 127 30.71 29.72 -8.50
CA ALA A 127 30.56 31.04 -9.11
C ALA A 127 29.35 31.79 -8.55
N LYS A 128 28.20 31.11 -8.38
CA LYS A 128 27.02 31.76 -7.83
C LYS A 128 27.20 31.96 -6.32
N ALA A 129 27.78 30.97 -5.66
CA ALA A 129 28.01 31.01 -4.21
C ALA A 129 28.70 32.30 -3.79
N ARG A 130 29.76 32.69 -4.50
CA ARG A 130 30.54 33.92 -4.21
C ARG A 130 29.68 35.16 -4.04
N LEU A 131 28.65 35.31 -4.88
CA LEU A 131 27.76 36.47 -4.82
C LEU A 131 26.46 36.22 -4.09
N LEU A 132 26.31 35.10 -3.36
CA LEU A 132 25.06 34.88 -2.65
C LEU A 132 25.06 35.79 -1.45
N GLU A 133 23.87 36.11 -0.93
CA GLU A 133 23.74 37.02 0.19
C GLU A 133 22.97 36.39 1.31
N PRO A 134 23.20 36.82 2.57
CA PRO A 134 22.44 36.26 3.68
C PRO A 134 21.03 36.82 3.67
N LEU A 135 20.03 35.94 3.69
CA LEU A 135 18.63 36.32 3.67
C LEU A 135 17.93 35.79 4.91
N GLU A 136 16.95 36.53 5.41
CA GLU A 136 16.23 36.12 6.60
C GLU A 136 14.99 35.34 6.22
N PHE A 137 14.89 34.07 6.65
CA PHE A 137 13.70 33.25 6.35
C PHE A 137 12.50 34.02 6.90
N ILE A 138 11.42 34.13 6.12
CA ILE A 138 10.24 34.86 6.54
C ILE A 138 9.38 34.03 7.45
N LYS A 139 9.28 34.43 8.72
CA LYS A 139 8.45 33.70 9.66
C LYS A 139 7.03 34.14 9.43
N VAL A 140 6.15 33.20 9.08
CA VAL A 140 4.76 33.51 8.84
C VAL A 140 3.90 32.66 9.73
N GLY A 141 2.75 33.20 10.10
CA GLY A 141 1.81 32.52 10.95
C GLY A 141 1.03 31.49 10.18
N VAL A 142 0.44 30.53 10.89
CA VAL A 142 -0.33 29.49 10.26
C VAL A 142 -1.78 29.56 10.71
N THR A 143 -2.69 29.78 9.74
CA THR A 143 -4.11 29.85 10.02
C THR A 143 -4.50 28.48 10.52
N GLN A 144 -5.13 28.41 11.69
CA GLN A 144 -5.53 27.12 12.27
C GLN A 144 -6.73 26.53 11.56
N ARG A 145 -6.56 26.14 10.30
CA ARG A 145 -7.65 25.56 9.53
C ARG A 145 -7.08 24.77 8.37
N ALA A 146 -7.65 23.61 8.09
CA ALA A 146 -7.20 22.75 7.01
C ALA A 146 -8.28 22.66 5.95
N LEU A 147 -7.89 22.32 4.72
CA LEU A 147 -8.83 22.17 3.62
C LEU A 147 -8.58 20.85 2.97
N VAL A 148 -9.61 20.00 2.89
CA VAL A 148 -9.47 18.71 2.25
C VAL A 148 -10.29 18.77 0.98
N ILE A 149 -9.67 18.46 -0.16
CA ILE A 149 -10.35 18.47 -1.46
C ILE A 149 -10.52 17.03 -1.90
N GLY A 150 -11.78 16.57 -1.90
CA GLY A 150 -12.11 15.21 -2.28
C GLY A 150 -12.71 14.48 -1.10
N GLY A 151 -13.95 14.04 -1.25
CA GLY A 151 -14.68 13.36 -0.18
C GLY A 151 -14.76 11.85 -0.23
N GLY A 152 -13.67 11.19 -0.61
CA GLY A 152 -13.64 9.73 -0.65
C GLY A 152 -13.12 9.20 0.67
N VAL A 153 -12.83 7.90 0.74
CA VAL A 153 -12.33 7.30 1.96
C VAL A 153 -11.04 7.98 2.46
N ALA A 154 -10.17 8.43 1.54
CA ALA A 154 -8.92 9.11 1.89
C ALA A 154 -9.18 10.49 2.50
N GLY A 155 -9.95 11.32 1.81
CA GLY A 155 -10.29 12.68 2.27
C GLY A 155 -11.10 12.65 3.53
N ILE A 156 -12.03 11.69 3.64
CA ILE A 156 -12.86 11.56 4.83
C ILE A 156 -11.96 11.25 6.01
N GLN A 157 -11.02 10.32 5.82
CA GLN A 157 -10.10 9.94 6.88
C GLN A 157 -9.27 11.14 7.35
N THR A 158 -8.76 11.95 6.42
CA THR A 158 -7.96 13.13 6.76
C THR A 158 -8.76 14.14 7.55
N ALA A 159 -9.99 14.43 7.12
CA ALA A 159 -10.82 15.40 7.83
C ALA A 159 -11.25 14.86 9.19
N LEU A 160 -11.50 13.55 9.31
CA LEU A 160 -11.91 13.00 10.59
C LEU A 160 -10.78 13.09 11.58
N ASP A 161 -9.56 12.70 11.19
CA ASP A 161 -8.40 12.77 12.07
C ASP A 161 -8.12 14.21 12.47
N LEU A 162 -8.11 15.13 11.49
CA LEU A 162 -7.85 16.54 11.79
C LEU A 162 -8.92 17.12 12.72
N GLY A 163 -10.19 16.82 12.45
CA GLY A 163 -11.30 17.29 13.28
C GLY A 163 -11.23 16.67 14.66
N ASP A 164 -10.82 15.40 14.74
CA ASP A 164 -10.69 14.69 16.01
C ASP A 164 -9.54 15.31 16.82
N MET A 165 -8.52 15.88 16.14
CA MET A 165 -7.39 16.54 16.81
C MET A 165 -7.82 17.93 17.32
N GLY A 166 -8.99 18.41 16.88
CA GLY A 166 -9.52 19.71 17.29
C GLY A 166 -9.26 20.81 16.27
N PHE A 167 -8.82 20.46 15.06
CA PHE A 167 -8.54 21.46 14.04
C PHE A 167 -9.75 21.72 13.16
N GLU A 168 -10.08 23.00 12.93
CA GLU A 168 -11.21 23.32 12.06
C GLU A 168 -10.83 22.81 10.71
N THR A 169 -11.68 22.00 10.10
CA THR A 169 -11.37 21.44 8.79
C THR A 169 -12.52 21.67 7.83
N ILE A 170 -12.19 21.92 6.56
CA ILE A 170 -13.19 22.14 5.53
C ILE A 170 -13.04 21.00 4.54
N LEU A 171 -14.12 20.31 4.21
CA LEU A 171 -14.08 19.19 3.27
C LEU A 171 -14.93 19.55 2.07
N VAL A 172 -14.30 19.69 0.90
CA VAL A 172 -14.98 20.03 -0.34
C VAL A 172 -15.14 18.79 -1.20
N GLU A 173 -16.37 18.49 -1.63
CA GLU A 173 -16.69 17.32 -2.44
C GLU A 173 -17.38 17.78 -3.73
N LYS A 174 -16.85 17.38 -4.89
CA LYS A 174 -17.37 17.75 -6.22
C LYS A 174 -18.79 17.29 -6.49
N THR A 175 -19.07 16.00 -6.28
CA THR A 175 -20.40 15.46 -6.56
C THR A 175 -21.37 15.73 -5.43
N PRO A 176 -22.65 15.45 -5.64
CA PRO A 176 -23.64 15.70 -4.59
C PRO A 176 -23.47 14.92 -3.29
N SER A 177 -22.62 13.88 -3.27
CA SER A 177 -22.44 13.07 -2.06
C SER A 177 -21.00 12.67 -1.87
N VAL A 178 -20.62 12.41 -0.62
CA VAL A 178 -19.28 11.96 -0.28
C VAL A 178 -19.31 10.44 -0.42
N GLY A 179 -18.15 9.77 -0.30
CA GLY A 179 -18.09 8.32 -0.39
C GLY A 179 -17.14 7.79 -1.45
N GLY A 180 -16.96 8.55 -2.52
CA GLY A 180 -16.07 8.17 -3.62
C GLY A 180 -16.38 6.85 -4.30
N ARG A 181 -15.34 6.23 -4.91
CA ARG A 181 -15.50 4.96 -5.62
C ARG A 181 -15.84 3.84 -4.67
N MET A 182 -15.42 3.93 -3.39
CA MET A 182 -15.71 2.91 -2.39
C MET A 182 -17.24 2.79 -2.20
N ALA A 183 -17.98 3.90 -2.38
CA ALA A 183 -19.44 3.88 -2.25
C ALA A 183 -20.08 3.12 -3.43
N GLN A 184 -19.37 3.02 -4.56
CA GLN A 184 -19.84 2.30 -5.76
C GLN A 184 -19.56 0.80 -5.69
N LEU A 185 -18.64 0.40 -4.81
CA LEU A 185 -18.27 -1.01 -4.69
C LEU A 185 -19.35 -1.77 -3.98
N ASP A 186 -19.39 -3.10 -4.17
CA ASP A 186 -20.38 -3.91 -3.48
C ASP A 186 -19.72 -4.35 -2.18
N LYS A 187 -18.65 -5.15 -2.28
CA LYS A 187 -17.90 -5.64 -1.11
C LYS A 187 -16.45 -5.22 -1.29
N THR A 188 -15.60 -5.41 -0.25
CA THR A 188 -14.18 -5.04 -0.33
C THR A 188 -13.27 -6.20 0.03
N PHE A 189 -12.25 -6.49 -0.80
CA PHE A 189 -11.31 -7.57 -0.50
C PHE A 189 -10.37 -7.04 0.58
N PRO A 190 -9.65 -7.87 1.35
CA PRO A 190 -9.64 -9.33 1.35
C PRO A 190 -10.66 -9.90 2.32
N THR A 191 -11.40 -9.04 3.04
CA THR A 191 -12.40 -9.45 4.02
C THR A 191 -13.80 -9.65 3.43
N ASN A 192 -14.06 -9.16 2.19
CA ASN A 192 -15.38 -9.24 1.54
C ASN A 192 -16.47 -8.55 2.36
N ASP A 193 -16.06 -7.48 3.08
CA ASP A 193 -16.95 -6.66 3.90
C ASP A 193 -17.81 -5.88 2.97
N CYS A 194 -18.96 -5.41 3.42
CA CYS A 194 -19.81 -4.62 2.56
C CYS A 194 -19.16 -3.26 2.51
N SER A 195 -18.89 -2.77 1.32
CA SER A 195 -18.21 -1.49 1.17
C SER A 195 -18.95 -0.33 1.79
N ILE A 196 -20.19 -0.05 1.36
CA ILE A 196 -20.94 1.06 1.92
C ILE A 196 -21.33 0.79 3.36
N CYS A 197 -21.62 -0.48 3.70
CA CYS A 197 -22.00 -0.81 5.05
C CYS A 197 -20.89 -0.42 6.08
N ILE A 198 -19.60 -0.35 5.67
CA ILE A 198 -18.52 0.06 6.59
C ILE A 198 -18.09 1.52 6.34
N LEU A 199 -18.43 2.08 5.16
CA LEU A 199 -18.07 3.45 4.80
C LEU A 199 -19.11 4.47 5.29
N ALA A 200 -20.40 4.12 5.25
CA ALA A 200 -21.46 5.04 5.68
C ALA A 200 -21.23 5.59 7.09
N PRO A 201 -20.88 4.77 8.10
CA PRO A 201 -20.65 5.35 9.44
C PRO A 201 -19.63 6.48 9.41
N LYS A 202 -18.60 6.37 8.56
CA LYS A 202 -17.59 7.42 8.47
C LYS A 202 -18.15 8.63 7.72
N MET A 203 -18.99 8.39 6.71
CA MET A 203 -19.63 9.46 5.96
C MET A 203 -20.54 10.22 6.92
N VAL A 204 -21.22 9.49 7.81
CA VAL A 204 -22.10 10.10 8.79
C VAL A 204 -21.27 10.90 9.78
N ASP A 205 -20.20 10.31 10.32
CA ASP A 205 -19.34 10.98 11.29
C ASP A 205 -18.86 12.31 10.74
N VAL A 206 -18.38 12.32 9.50
CA VAL A 206 -17.86 13.54 8.86
C VAL A 206 -18.94 14.60 8.70
N ALA A 207 -20.15 14.18 8.29
CA ALA A 207 -21.25 15.11 8.07
C ALA A 207 -21.69 15.82 9.35
N LYS A 208 -21.56 15.17 10.52
CA LYS A 208 -21.97 15.78 11.78
C LYS A 208 -20.80 16.05 12.72
N HIS A 209 -19.58 16.15 12.18
CA HIS A 209 -18.43 16.42 13.03
C HIS A 209 -18.39 17.90 13.44
N PRO A 210 -18.32 18.21 14.75
CA PRO A 210 -18.29 19.63 15.16
C PRO A 210 -17.13 20.47 14.62
N ASN A 211 -16.02 19.83 14.17
CA ASN A 211 -14.87 20.56 13.64
C ASN A 211 -14.72 20.44 12.14
N VAL A 212 -15.69 19.83 11.45
CA VAL A 212 -15.59 19.68 10.00
C VAL A 212 -16.78 20.33 9.32
N LYS A 213 -16.49 21.21 8.35
CA LYS A 213 -17.52 21.89 7.56
C LYS A 213 -17.55 21.21 6.21
N LEU A 214 -18.57 20.41 5.94
CA LEU A 214 -18.67 19.70 4.68
C LEU A 214 -19.39 20.53 3.64
N TYR A 215 -18.74 20.70 2.47
CA TYR A 215 -19.31 21.44 1.34
C TYR A 215 -19.46 20.46 0.21
N ALA A 216 -20.61 19.78 0.14
CA ALA A 216 -20.86 18.81 -0.92
C ALA A 216 -21.33 19.55 -2.16
N TYR A 217 -21.26 18.92 -3.33
CA TYR A 217 -21.66 19.56 -4.59
C TYR A 217 -20.99 20.93 -4.68
N SER A 218 -19.70 20.97 -4.39
CA SER A 218 -18.91 22.20 -4.41
C SER A 218 -17.53 21.93 -4.96
N GLU A 219 -16.88 22.98 -5.47
CA GLU A 219 -15.55 22.87 -6.02
C GLU A 219 -14.68 24.03 -5.64
N VAL A 220 -13.38 23.77 -5.43
CA VAL A 220 -12.43 24.81 -5.11
C VAL A 220 -12.13 25.44 -6.45
N VAL A 221 -12.38 26.75 -6.61
CA VAL A 221 -12.15 27.43 -7.89
C VAL A 221 -10.91 28.31 -7.89
N ASP A 222 -10.33 28.61 -6.72
CA ASP A 222 -9.14 29.45 -6.66
C ASP A 222 -8.44 29.29 -5.32
N VAL A 223 -7.10 29.23 -5.36
CA VAL A 223 -6.27 29.09 -4.18
C VAL A 223 -5.17 30.08 -4.34
N GLN A 224 -5.06 31.00 -3.39
CA GLN A 224 -4.06 32.02 -3.40
C GLN A 224 -3.31 32.00 -2.12
N GLY A 225 -2.09 32.51 -2.16
CA GLY A 225 -1.28 32.56 -0.96
C GLY A 225 -0.20 31.50 -0.91
N TYR A 226 0.25 31.21 0.30
CA TYR A 226 1.31 30.25 0.55
C TYR A 226 1.04 29.52 1.86
N VAL A 227 1.87 28.53 2.20
CA VAL A 227 1.74 27.75 3.43
C VAL A 227 1.37 28.63 4.64
N GLY A 228 0.33 28.21 5.35
CA GLY A 228 -0.16 28.90 6.53
C GLY A 228 -1.03 30.11 6.25
N ASN A 229 -1.03 30.59 5.01
CA ASN A 229 -1.80 31.77 4.64
C ASN A 229 -2.48 31.60 3.30
N PHE A 230 -3.25 30.52 3.11
CA PHE A 230 -3.94 30.33 1.84
C PHE A 230 -5.30 30.98 1.93
N LYS A 231 -5.72 31.61 0.83
CA LYS A 231 -7.02 32.24 0.71
C LYS A 231 -7.70 31.37 -0.31
N VAL A 232 -8.75 30.65 0.06
CA VAL A 232 -9.40 29.75 -0.89
C VAL A 232 -10.82 30.13 -1.22
N LYS A 233 -11.17 29.99 -2.50
CA LYS A 233 -12.50 30.29 -3.00
C LYS A 233 -13.20 29.00 -3.34
N ILE A 234 -14.35 28.74 -2.68
CA ILE A 234 -15.12 27.53 -2.92
C ILE A 234 -16.41 27.92 -3.58
N MET A 235 -16.76 27.26 -4.68
CA MET A 235 -18.00 27.56 -5.38
C MET A 235 -19.03 26.55 -4.93
N LYS A 236 -20.04 27.00 -4.19
CA LYS A 236 -21.08 26.12 -3.72
C LYS A 236 -22.07 26.05 -4.85
N LYS A 237 -21.92 25.04 -5.72
CA LYS A 237 -22.77 24.87 -6.90
C LYS A 237 -24.24 24.82 -6.56
N ALA A 238 -25.05 25.36 -7.46
CA ALA A 238 -26.47 25.41 -7.31
C ALA A 238 -27.12 24.08 -7.69
N ARG A 239 -27.88 23.49 -6.76
CA ARG A 239 -28.58 22.24 -6.98
C ARG A 239 -29.93 22.57 -7.65
N TYR A 240 -30.41 23.85 -7.49
CA TYR A 240 -31.66 24.40 -8.01
C TYR A 240 -32.83 23.85 -7.24
N ILE A 241 -32.54 23.37 -5.99
CA ILE A 241 -33.51 22.82 -5.05
C ILE A 241 -33.18 23.38 -3.69
N ASP A 242 -34.17 23.94 -3.00
CA ASP A 242 -33.92 24.48 -1.68
C ASP A 242 -33.35 23.36 -0.82
N GLU A 243 -32.16 23.59 -0.28
CA GLU A 243 -31.43 22.62 0.54
C GLU A 243 -32.20 22.30 1.83
N THR A 244 -32.66 23.33 2.54
CA THR A 244 -33.40 23.18 3.80
C THR A 244 -34.80 22.61 3.64
N LYS A 245 -35.54 23.02 2.59
CA LYS A 245 -36.90 22.52 2.34
C LYS A 245 -36.87 21.17 1.60
N CYS A 246 -35.68 20.63 1.31
CA CYS A 246 -35.54 19.35 0.59
C CYS A 246 -35.68 18.16 1.54
N THR A 247 -36.75 17.38 1.36
CA THR A 247 -37.02 16.19 2.17
C THR A 247 -36.20 15.00 1.69
N GLY A 248 -35.96 14.95 0.38
CA GLY A 248 -35.20 13.87 -0.23
C GLY A 248 -36.09 12.66 -0.48
N CYS A 249 -37.38 12.91 -0.74
CA CYS A 249 -38.36 11.85 -0.99
C CYS A 249 -38.24 11.29 -2.42
N GLY A 250 -38.01 12.18 -3.40
CA GLY A 250 -37.84 11.82 -4.80
C GLY A 250 -39.09 11.60 -5.62
N GLN A 251 -40.04 12.57 -5.61
CA GLN A 251 -41.28 12.43 -6.38
C GLN A 251 -41.33 13.37 -7.62
N CYS A 252 -40.39 14.32 -7.74
CA CYS A 252 -40.33 15.28 -8.85
C CYS A 252 -39.61 14.70 -10.09
N SER A 253 -38.84 13.62 -9.90
CA SER A 253 -38.08 12.96 -10.96
C SER A 253 -38.93 12.15 -11.93
N GLU A 254 -40.09 11.65 -11.50
CA GLU A 254 -40.98 10.84 -12.34
C GLU A 254 -41.46 11.58 -13.54
N VAL A 255 -41.73 12.85 -13.36
CA VAL A 255 -42.26 13.69 -14.41
C VAL A 255 -41.21 14.11 -15.43
N CYS A 256 -39.94 14.27 -15.01
CA CYS A 256 -38.88 14.74 -15.90
C CYS A 256 -38.79 13.94 -17.21
N PRO A 257 -38.88 14.61 -18.38
CA PRO A 257 -38.83 13.87 -19.65
C PRO A 257 -37.42 13.61 -20.18
N ILE A 258 -36.37 14.14 -19.50
CA ILE A 258 -34.97 13.97 -19.92
C ILE A 258 -34.26 12.88 -19.15
N ASP A 259 -33.79 11.82 -19.86
CA ASP A 259 -33.07 10.73 -19.23
C ASP A 259 -31.59 11.00 -19.46
N VAL A 260 -30.79 10.94 -18.38
CA VAL A 260 -29.35 11.17 -18.43
C VAL A 260 -28.65 9.89 -17.96
N PRO A 261 -27.55 9.44 -18.58
CA PRO A 261 -26.91 8.22 -18.09
C PRO A 261 -26.36 8.45 -16.69
N ASN A 262 -26.65 7.54 -15.76
CA ASN A 262 -26.19 7.69 -14.38
C ASN A 262 -24.70 7.42 -14.25
N GLU A 263 -23.94 8.48 -13.92
CA GLU A 263 -22.49 8.44 -13.76
C GLU A 263 -22.13 7.45 -12.67
N PHE A 264 -22.88 7.47 -11.56
CA PHE A 264 -22.63 6.56 -10.44
C PHE A 264 -22.73 5.12 -10.90
N ASP A 265 -23.67 4.80 -11.81
CA ASP A 265 -23.83 3.45 -12.32
C ASP A 265 -22.98 3.18 -13.55
N MET A 266 -21.94 4.01 -13.77
CA MET A 266 -20.98 3.89 -14.88
C MET A 266 -21.59 3.85 -16.29
N GLY A 267 -22.73 4.49 -16.46
CA GLY A 267 -23.38 4.54 -17.76
C GLY A 267 -24.31 3.40 -18.07
N ILE A 268 -24.58 2.54 -17.10
CA ILE A 268 -25.50 1.44 -17.34
C ILE A 268 -26.87 1.94 -17.02
N GLY A 269 -27.03 2.46 -15.81
CA GLY A 269 -28.29 3.01 -15.34
C GLY A 269 -28.65 4.31 -16.04
N MET A 270 -29.90 4.72 -15.88
CA MET A 270 -30.41 5.95 -16.46
C MET A 270 -31.09 6.76 -15.38
N ARG A 271 -30.61 7.98 -15.16
CA ARG A 271 -31.18 8.87 -14.15
C ARG A 271 -31.90 10.01 -14.84
N LYS A 272 -32.51 10.91 -14.08
CA LYS A 272 -33.22 12.07 -14.64
C LYS A 272 -32.37 13.33 -14.42
N ALA A 273 -32.73 14.49 -15.02
CA ALA A 273 -32.00 15.75 -14.82
C ALA A 273 -31.99 16.06 -13.33
N ILE A 274 -33.14 15.80 -12.69
CA ILE A 274 -33.34 15.97 -11.25
C ILE A 274 -33.09 14.56 -10.69
N TYR A 275 -32.12 14.40 -9.77
CA TYR A 275 -31.74 13.07 -9.26
C TYR A 275 -31.08 13.05 -7.87
N LYS A 276 -30.56 11.84 -7.49
CA LYS A 276 -29.84 11.54 -6.25
C LYS A 276 -28.70 10.57 -6.67
N PRO A 277 -27.44 10.74 -6.24
CA PRO A 277 -26.38 9.80 -6.68
C PRO A 277 -26.57 8.33 -6.27
N PHE A 278 -26.82 8.05 -4.98
CA PHE A 278 -27.04 6.67 -4.51
C PHE A 278 -27.88 6.64 -3.23
N PRO A 279 -28.55 5.52 -2.87
CA PRO A 279 -29.42 5.51 -1.68
C PRO A 279 -28.82 5.87 -0.32
N GLN A 280 -27.56 5.53 -0.07
CA GLN A 280 -26.94 5.82 1.22
C GLN A 280 -26.16 7.14 1.19
N ALA A 281 -26.48 8.02 0.21
CA ALA A 281 -25.81 9.32 0.02
C ALA A 281 -25.88 10.26 1.21
N VAL A 282 -24.72 10.87 1.50
CA VAL A 282 -24.56 11.85 2.57
C VAL A 282 -23.94 13.08 1.92
N PRO A 283 -24.61 14.24 1.95
CA PRO A 283 -25.92 14.53 2.56
C PRO A 283 -27.06 13.94 1.73
N ALA A 284 -28.17 13.58 2.34
CA ALA A 284 -29.29 13.04 1.54
C ALA A 284 -30.12 14.18 0.92
N LYS A 285 -29.76 14.64 -0.31
CA LYS A 285 -30.52 15.70 -0.98
C LYS A 285 -30.47 15.59 -2.52
N TYR A 286 -31.51 16.11 -3.22
CA TYR A 286 -31.60 16.03 -4.68
C TYR A 286 -30.89 17.17 -5.39
N THR A 287 -30.68 17.02 -6.72
CA THR A 287 -29.98 18.02 -7.55
C THR A 287 -30.51 18.06 -8.97
N ILE A 288 -30.54 19.26 -9.59
CA ILE A 288 -30.98 19.42 -10.98
C ILE A 288 -29.73 19.63 -11.78
N ASP A 289 -29.53 18.82 -12.82
CA ASP A 289 -28.36 18.93 -13.67
C ASP A 289 -28.77 19.84 -14.82
N LYS A 290 -28.28 21.08 -14.83
CA LYS A 290 -28.63 22.02 -15.89
C LYS A 290 -27.97 21.68 -17.22
N GLU A 291 -26.95 20.81 -17.22
CA GLU A 291 -26.28 20.42 -18.47
C GLU A 291 -27.27 19.65 -19.36
N HIS A 292 -28.28 18.99 -18.75
CA HIS A 292 -29.29 18.25 -19.50
C HIS A 292 -30.72 18.75 -19.24
N CYS A 293 -30.94 19.64 -18.26
CA CYS A 293 -32.29 20.16 -17.98
C CYS A 293 -32.79 21.07 -19.12
N ILE A 294 -34.06 20.89 -19.53
CA ILE A 294 -34.66 21.68 -20.61
C ILE A 294 -35.52 22.83 -20.05
N GLU A 295 -35.64 22.93 -18.71
CA GLU A 295 -36.42 23.98 -18.02
C GLU A 295 -37.91 23.97 -18.41
N CYS A 296 -38.50 22.76 -18.57
CA CYS A 296 -39.92 22.63 -18.93
C CYS A 296 -40.80 22.94 -17.71
N GLY A 297 -40.25 22.75 -16.51
CA GLY A 297 -40.96 23.02 -15.26
C GLY A 297 -42.00 21.99 -14.88
N LEU A 298 -41.90 20.78 -15.44
CA LEU A 298 -42.87 19.72 -15.14
C LEU A 298 -42.62 19.20 -13.72
N CYS A 299 -41.35 19.11 -13.29
CA CYS A 299 -40.98 18.65 -11.96
C CYS A 299 -41.54 19.58 -10.88
N ALA A 300 -41.56 20.89 -11.15
CA ALA A 300 -42.08 21.90 -10.21
C ALA A 300 -43.57 21.73 -9.93
N LYS A 301 -44.36 21.31 -10.93
CA LYS A 301 -45.80 21.11 -10.77
C LYS A 301 -46.13 19.97 -9.79
N VAL A 302 -45.27 18.96 -9.71
CA VAL A 302 -45.44 17.80 -8.84
C VAL A 302 -44.87 18.08 -7.46
N CYS A 303 -43.77 18.84 -7.40
CA CYS A 303 -43.11 19.18 -6.14
C CYS A 303 -44.00 19.98 -5.22
N GLY A 304 -44.30 19.42 -4.05
CA GLY A 304 -45.15 20.05 -3.05
C GLY A 304 -44.53 21.27 -2.41
N PRO A 305 -43.39 21.09 -1.68
CA PRO A 305 -42.73 22.24 -1.02
C PRO A 305 -42.37 23.42 -1.90
N ASN A 306 -42.21 23.19 -3.22
CA ASN A 306 -41.81 24.22 -4.17
C ASN A 306 -40.35 24.56 -3.87
N ALA A 307 -39.57 23.51 -3.53
CA ALA A 307 -38.15 23.63 -3.22
C ALA A 307 -37.42 23.98 -4.50
N ILE A 308 -37.94 23.52 -5.66
CA ILE A 308 -37.35 23.78 -6.98
C ILE A 308 -37.35 25.27 -7.29
N ASP A 309 -36.16 25.81 -7.51
CA ASP A 309 -35.94 27.23 -7.81
C ASP A 309 -34.82 27.33 -8.84
N PHE A 310 -35.16 27.66 -10.10
CA PHE A 310 -34.17 27.81 -11.17
C PHE A 310 -33.38 29.12 -11.03
N ASP A 311 -33.88 30.08 -10.23
CA ASP A 311 -33.22 31.37 -10.03
C ASP A 311 -32.17 31.26 -8.93
N GLN A 312 -31.85 30.02 -8.51
CA GLN A 312 -30.85 29.75 -7.48
C GLN A 312 -29.50 30.07 -8.06
N GLU A 313 -28.62 30.71 -7.28
CA GLU A 313 -27.33 31.12 -7.78
C GLU A 313 -26.18 30.50 -6.98
N PRO A 314 -25.09 30.05 -7.64
CA PRO A 314 -23.97 29.47 -6.88
C PRO A 314 -23.34 30.50 -5.96
N GLU A 315 -22.96 30.09 -4.75
CA GLU A 315 -22.36 30.97 -3.77
C GLU A 315 -20.85 30.77 -3.70
N ILE A 316 -20.09 31.88 -3.77
CA ILE A 316 -18.63 31.81 -3.70
C ILE A 316 -18.28 32.04 -2.24
N ILE A 317 -17.69 31.03 -1.58
CA ILE A 317 -17.30 31.13 -0.18
C ILE A 317 -15.82 31.39 -0.08
N GLU A 318 -15.43 32.42 0.68
CA GLU A 318 -14.03 32.74 0.87
C GLU A 318 -13.64 32.18 2.21
N ALA A 319 -12.58 31.37 2.25
CA ALA A 319 -12.12 30.74 3.47
C ALA A 319 -10.63 30.83 3.56
N GLU A 320 -10.10 30.92 4.78
CA GLU A 320 -8.66 31.01 4.99
C GLU A 320 -8.18 29.73 5.64
N VAL A 321 -7.22 29.06 5.01
CA VAL A 321 -6.68 27.83 5.57
C VAL A 321 -5.18 27.90 5.62
N GLY A 322 -4.60 27.07 6.46
CA GLY A 322 -3.17 26.99 6.65
C GLY A 322 -2.54 25.89 5.81
N THR A 323 -3.24 24.75 5.69
CA THR A 323 -2.76 23.60 4.92
C THR A 323 -3.85 23.06 4.02
N ILE A 324 -3.46 22.34 2.96
CA ILE A 324 -4.41 21.78 2.02
C ILE A 324 -4.07 20.33 1.71
N ILE A 325 -5.08 19.44 1.74
CA ILE A 325 -4.86 18.03 1.44
C ILE A 325 -5.67 17.68 0.20
N CYS A 326 -4.97 17.24 -0.86
CA CYS A 326 -5.60 16.87 -2.13
C CYS A 326 -5.90 15.37 -2.12
N ALA A 327 -7.18 15.00 -2.14
CA ALA A 327 -7.60 13.60 -2.12
C ALA A 327 -8.75 13.39 -3.12
N ILE A 328 -8.56 13.87 -4.35
CA ILE A 328 -9.55 13.80 -5.43
C ILE A 328 -9.69 12.41 -6.09
N GLY A 329 -8.95 11.41 -5.62
CA GLY A 329 -9.03 10.05 -6.12
C GLY A 329 -8.62 9.73 -7.54
N TYR A 330 -9.44 8.91 -8.23
CA TYR A 330 -9.14 8.45 -9.56
C TYR A 330 -10.36 8.09 -10.38
N ASP A 331 -10.11 7.73 -11.65
CA ASP A 331 -11.12 7.31 -12.61
C ASP A 331 -10.70 5.99 -13.19
N ALA A 332 -11.66 5.21 -13.66
CA ALA A 332 -11.39 3.93 -14.26
C ALA A 332 -10.95 4.14 -15.70
N PHE A 333 -9.96 3.37 -16.14
CA PHE A 333 -9.46 3.46 -17.51
C PHE A 333 -10.57 3.16 -18.50
N ASP A 334 -10.56 3.83 -19.66
CA ASP A 334 -11.56 3.60 -20.69
C ASP A 334 -10.93 2.61 -21.67
N PRO A 335 -11.39 1.35 -21.69
CA PRO A 335 -10.76 0.35 -22.58
C PRO A 335 -11.16 0.36 -24.06
N THR A 336 -11.91 1.38 -24.54
CA THR A 336 -12.31 1.44 -25.95
C THR A 336 -11.09 1.42 -26.85
N VAL A 337 -9.99 2.07 -26.41
CA VAL A 337 -8.74 2.11 -27.18
C VAL A 337 -8.22 0.73 -27.52
N ARG A 338 -8.35 -0.24 -26.60
CA ARG A 338 -7.88 -1.59 -26.87
C ARG A 338 -8.99 -2.24 -27.71
N GLU A 339 -9.05 -1.84 -28.99
CA GLU A 339 -10.05 -2.26 -29.98
C GLU A 339 -10.23 -3.77 -30.12
N GLU A 340 -9.18 -4.56 -29.86
CA GLU A 340 -9.29 -6.02 -30.00
C GLU A 340 -10.14 -6.67 -28.91
N TYR A 341 -10.36 -5.95 -27.80
CA TYR A 341 -11.18 -6.49 -26.71
C TYR A 341 -12.68 -6.12 -26.93
N GLY A 342 -12.94 -5.27 -27.93
CA GLY A 342 -14.28 -4.86 -28.33
C GLY A 342 -15.15 -4.09 -27.36
N TYR A 343 -14.57 -3.40 -26.37
CA TYR A 343 -15.42 -2.64 -25.45
C TYR A 343 -16.03 -1.46 -26.22
N GLY A 344 -17.34 -1.29 -26.10
CA GLY A 344 -18.06 -0.22 -26.79
C GLY A 344 -18.59 -0.68 -28.13
N VAL A 345 -18.25 -1.92 -28.52
CA VAL A 345 -18.68 -2.52 -29.78
C VAL A 345 -19.55 -3.72 -29.42
N TYR A 346 -19.01 -4.65 -28.60
CA TYR A 346 -19.74 -5.83 -28.17
C TYR A 346 -20.50 -5.48 -26.89
N ASP A 347 -21.77 -5.86 -26.84
CA ASP A 347 -22.66 -5.58 -25.71
C ASP A 347 -22.25 -6.28 -24.41
N ASN A 348 -21.77 -7.52 -24.50
CA ASN A 348 -21.41 -8.31 -23.33
C ASN A 348 -19.97 -8.16 -22.83
N VAL A 349 -19.26 -7.11 -23.26
CA VAL A 349 -17.90 -6.87 -22.78
C VAL A 349 -18.09 -5.69 -21.84
N VAL A 350 -17.74 -5.85 -20.56
CA VAL A 350 -17.90 -4.78 -19.58
C VAL A 350 -16.64 -4.55 -18.79
N THR A 351 -16.58 -3.42 -18.08
CA THR A 351 -15.44 -3.10 -17.24
C THR A 351 -15.75 -3.63 -15.86
N ALA A 352 -14.74 -3.85 -15.02
CA ALA A 352 -14.97 -4.35 -13.67
C ALA A 352 -15.76 -3.35 -12.83
N LEU A 353 -15.60 -2.03 -13.05
CA LEU A 353 -16.34 -1.04 -12.27
C LEU A 353 -17.81 -1.12 -12.63
N GLU A 354 -18.14 -1.42 -13.89
CA GLU A 354 -19.52 -1.56 -14.32
C GLU A 354 -20.07 -2.80 -13.61
N LEU A 355 -19.26 -3.88 -13.54
CA LEU A 355 -19.63 -5.12 -12.86
C LEU A 355 -19.94 -4.86 -11.39
N GLU A 356 -19.14 -4.00 -10.73
CA GLU A 356 -19.37 -3.66 -9.32
C GLU A 356 -20.78 -3.12 -9.15
N ARG A 357 -21.17 -2.20 -10.03
CA ARG A 357 -22.52 -1.59 -10.00
C ARG A 357 -23.57 -2.65 -10.31
N MET A 358 -23.24 -3.62 -11.18
CA MET A 358 -24.16 -4.71 -11.54
C MET A 358 -24.36 -5.64 -10.35
N ILE A 359 -23.28 -5.96 -9.61
CA ILE A 359 -23.33 -6.84 -8.43
C ILE A 359 -23.98 -6.15 -7.24
N ASN A 360 -23.66 -4.87 -7.02
CA ASN A 360 -24.19 -4.10 -5.89
C ASN A 360 -25.72 -4.19 -5.86
N ALA A 361 -26.26 -4.59 -4.71
CA ALA A 361 -27.70 -4.74 -4.47
C ALA A 361 -28.50 -3.50 -4.87
N SER A 362 -27.97 -2.32 -4.53
CA SER A 362 -28.60 -1.03 -4.82
C SER A 362 -28.29 -0.51 -6.23
N GLY A 363 -27.80 -1.40 -7.10
CA GLY A 363 -27.44 -1.03 -8.47
C GLY A 363 -28.60 -1.03 -9.44
N PRO A 364 -28.31 -0.77 -10.72
CA PRO A 364 -29.37 -0.75 -11.73
C PRO A 364 -30.04 -2.09 -12.01
N THR A 365 -29.28 -3.19 -11.97
CA THR A 365 -29.83 -4.53 -12.23
C THR A 365 -30.32 -5.23 -10.95
N GLY A 366 -30.36 -4.50 -9.84
CA GLY A 366 -30.81 -5.06 -8.57
C GLY A 366 -29.89 -6.14 -8.03
N GLY A 367 -28.59 -5.93 -8.19
CA GLY A 367 -27.58 -6.87 -7.71
C GLY A 367 -27.48 -8.14 -8.54
N LYS A 368 -28.04 -8.12 -9.76
CA LYS A 368 -28.02 -9.29 -10.64
C LYS A 368 -27.06 -9.10 -11.79
N VAL A 369 -26.07 -9.99 -11.89
CA VAL A 369 -25.08 -9.95 -12.96
C VAL A 369 -25.77 -10.49 -14.20
N ILE A 370 -26.03 -9.63 -15.18
CA ILE A 370 -26.70 -10.04 -16.41
C ILE A 370 -26.02 -9.49 -17.65
N ARG A 371 -26.23 -10.18 -18.77
CA ARG A 371 -25.69 -9.76 -20.06
C ARG A 371 -26.49 -8.56 -20.54
N LEU A 372 -25.81 -7.51 -21.00
CA LEU A 372 -26.50 -6.31 -21.46
C LEU A 372 -27.18 -6.49 -22.83
N SER A 373 -26.92 -7.60 -23.53
CA SER A 373 -27.53 -7.85 -24.85
C SER A 373 -28.92 -8.46 -24.75
N ASP A 374 -29.12 -9.43 -23.85
CA ASP A 374 -30.41 -10.11 -23.69
C ASP A 374 -30.98 -10.12 -22.25
N GLY A 375 -30.24 -9.60 -21.27
CA GLY A 375 -30.70 -9.57 -19.89
C GLY A 375 -30.54 -10.90 -19.17
N GLN A 376 -29.92 -11.89 -19.83
CA GLN A 376 -29.72 -13.21 -19.25
C GLN A 376 -28.49 -13.26 -18.36
N LYS A 377 -28.54 -14.11 -17.33
CA LYS A 377 -27.44 -14.31 -16.39
C LYS A 377 -26.33 -15.10 -17.08
N PRO A 378 -25.06 -14.68 -17.00
CA PRO A 378 -24.01 -15.43 -17.68
C PRO A 378 -23.59 -16.69 -16.92
N LYS A 379 -23.51 -17.80 -17.65
CA LYS A 379 -23.12 -19.09 -17.10
C LYS A 379 -21.60 -19.24 -17.13
N ARG A 380 -20.94 -18.55 -18.08
CA ARG A 380 -19.48 -18.59 -18.24
C ARG A 380 -18.94 -17.16 -18.26
N ILE A 381 -17.94 -16.84 -17.41
CA ILE A 381 -17.37 -15.49 -17.37
C ILE A 381 -15.86 -15.51 -17.46
N ALA A 382 -15.28 -14.51 -18.16
CA ALA A 382 -13.84 -14.38 -18.32
C ALA A 382 -13.41 -13.03 -17.83
N PHE A 383 -12.40 -12.99 -16.98
CA PHE A 383 -11.87 -11.74 -16.49
C PHE A 383 -10.56 -11.57 -17.22
N ILE A 384 -10.31 -10.38 -17.74
CA ILE A 384 -9.06 -10.12 -18.45
C ILE A 384 -8.31 -9.16 -17.60
N GLN A 385 -7.15 -9.58 -17.10
CA GLN A 385 -6.35 -8.75 -16.23
C GLN A 385 -5.49 -7.77 -16.98
N CYS A 386 -5.00 -6.75 -16.25
CA CYS A 386 -4.12 -5.70 -16.76
C CYS A 386 -4.71 -4.89 -17.92
N VAL A 387 -6.01 -4.63 -17.94
CA VAL A 387 -6.59 -3.84 -19.03
C VAL A 387 -6.35 -2.36 -18.76
N GLY A 388 -5.47 -1.76 -19.57
CA GLY A 388 -5.10 -0.35 -19.44
C GLY A 388 -3.95 -0.14 -18.50
N SER A 389 -3.24 -1.23 -18.15
CA SER A 389 -2.09 -1.19 -17.25
C SER A 389 -1.00 -2.08 -17.78
N ARG A 390 0.27 -1.81 -17.40
CA ARG A 390 1.39 -2.62 -17.87
C ARG A 390 1.28 -2.72 -19.39
N ASP A 391 0.90 -1.61 -20.04
CA ASP A 391 0.68 -1.57 -21.48
C ASP A 391 1.20 -0.26 -22.10
N ALA A 392 2.30 -0.35 -22.87
CA ALA A 392 2.92 0.80 -23.53
C ALA A 392 2.07 1.35 -24.69
N LYS A 393 1.29 0.49 -25.36
CA LYS A 393 0.45 0.91 -26.48
C LYS A 393 -0.62 1.94 -26.07
N VAL A 394 -1.06 1.92 -24.80
CA VAL A 394 -2.06 2.86 -24.30
C VAL A 394 -1.39 3.92 -23.39
N GLY A 395 -0.07 3.85 -23.26
CA GLY A 395 0.73 4.78 -22.47
C GLY A 395 0.70 4.59 -20.97
N ASN A 396 0.25 3.41 -20.49
CA ASN A 396 0.19 3.14 -19.05
C ASN A 396 1.10 1.96 -18.75
N LYS A 397 2.38 2.26 -18.48
CA LYS A 397 3.42 1.26 -18.21
C LYS A 397 3.52 0.91 -16.72
N TYR A 398 2.48 1.21 -15.94
CA TYR A 398 2.47 0.94 -14.50
C TYR A 398 1.45 -0.13 -14.15
N CYS A 399 1.56 -0.68 -12.93
CA CYS A 399 0.63 -1.68 -12.44
C CYS A 399 -0.42 -0.90 -11.67
N SER A 400 -1.72 -1.20 -11.91
CA SER A 400 -2.80 -0.48 -11.23
C SER A 400 -3.07 -1.00 -9.83
N ASN A 401 -2.21 -1.91 -9.36
CA ASN A 401 -2.23 -2.44 -8.00
C ASN A 401 -3.46 -3.24 -7.49
N VAL A 402 -4.70 -2.76 -7.70
CA VAL A 402 -5.90 -3.44 -7.18
C VAL A 402 -6.64 -4.43 -8.09
N CYS A 403 -6.35 -4.45 -9.38
CA CYS A 403 -7.07 -5.31 -10.32
C CYS A 403 -6.97 -6.81 -10.10
N CYS A 404 -5.81 -7.34 -9.68
CA CYS A 404 -5.74 -8.78 -9.46
C CYS A 404 -6.68 -9.15 -8.34
N MET A 405 -6.65 -8.38 -7.25
CA MET A 405 -7.49 -8.62 -6.09
C MET A 405 -8.99 -8.42 -6.36
N TYR A 406 -9.42 -7.29 -6.96
CA TYR A 406 -10.86 -7.12 -7.19
C TYR A 406 -11.41 -8.15 -8.18
N ALA A 407 -10.58 -8.65 -9.10
CA ALA A 407 -11.04 -9.65 -10.06
C ALA A 407 -11.35 -10.95 -9.32
N MET A 408 -10.46 -11.35 -8.40
CA MET A 408 -10.66 -12.57 -7.62
C MET A 408 -11.83 -12.39 -6.66
N LYS A 409 -11.99 -11.20 -6.11
CA LYS A 409 -13.07 -10.89 -5.18
C LYS A 409 -14.41 -11.05 -5.85
N ASN A 410 -14.61 -10.31 -6.94
CA ASN A 410 -15.88 -10.37 -7.66
C ASN A 410 -16.14 -11.77 -8.19
N SER A 411 -15.10 -12.55 -8.46
CA SER A 411 -15.31 -13.91 -8.94
C SER A 411 -15.91 -14.72 -7.77
N GLN A 412 -15.44 -14.46 -6.52
CA GLN A 412 -15.98 -15.14 -5.34
C GLN A 412 -17.42 -14.74 -5.12
N LEU A 413 -17.74 -13.44 -5.29
CA LEU A 413 -19.12 -12.98 -5.08
C LEU A 413 -20.04 -13.58 -6.12
N ILE A 414 -19.58 -13.74 -7.37
CA ILE A 414 -20.43 -14.33 -8.40
C ILE A 414 -20.67 -15.81 -8.05
N LYS A 415 -19.65 -16.52 -7.55
CA LYS A 415 -19.77 -17.94 -7.18
C LYS A 415 -20.72 -18.11 -5.99
N GLU A 416 -20.71 -17.18 -5.03
CA GLU A 416 -21.60 -17.26 -3.87
C GLU A 416 -23.05 -17.11 -4.32
N LYS A 417 -23.29 -16.22 -5.28
CA LYS A 417 -24.62 -15.97 -5.81
C LYS A 417 -25.03 -17.05 -6.84
N SER A 418 -24.07 -17.62 -7.57
CA SER A 418 -24.34 -18.65 -8.59
C SER A 418 -23.15 -19.64 -8.64
N PRO A 419 -23.17 -20.68 -7.80
CA PRO A 419 -22.05 -21.65 -7.79
C PRO A 419 -21.79 -22.35 -9.12
N ASP A 420 -22.85 -22.56 -9.93
CA ASP A 420 -22.69 -23.22 -11.23
C ASP A 420 -21.92 -22.39 -12.24
N THR A 421 -21.69 -21.09 -11.97
CA THR A 421 -20.98 -20.23 -12.90
C THR A 421 -19.50 -20.56 -12.98
N GLU A 422 -19.02 -20.74 -14.21
CA GLU A 422 -17.63 -21.06 -14.48
C GLU A 422 -16.88 -19.75 -14.66
N ILE A 423 -15.80 -19.51 -13.89
CA ILE A 423 -15.05 -18.26 -14.03
C ILE A 423 -13.59 -18.51 -14.31
N ASP A 424 -13.07 -17.87 -15.38
CA ASP A 424 -11.68 -17.98 -15.76
C ASP A 424 -11.03 -16.61 -15.74
N ILE A 425 -9.87 -16.49 -15.08
CA ILE A 425 -9.15 -15.23 -15.01
C ILE A 425 -7.90 -15.32 -15.90
N TYR A 426 -7.81 -14.43 -16.89
CA TYR A 426 -6.66 -14.41 -17.81
C TYR A 426 -5.68 -13.40 -17.25
N TYR A 427 -4.54 -13.88 -16.76
CA TYR A 427 -3.53 -13.03 -16.13
C TYR A 427 -2.08 -13.27 -16.60
N MET A 428 -1.15 -12.44 -16.07
CA MET A 428 0.29 -12.50 -16.33
C MET A 428 0.95 -12.79 -14.98
N ASP A 429 0.62 -11.97 -13.97
CA ASP A 429 1.10 -12.14 -12.60
C ASP A 429 -0.05 -11.88 -11.66
N ILE A 430 -0.20 -12.70 -10.63
CA ILE A 430 -1.26 -12.50 -9.66
C ILE A 430 -0.57 -11.74 -8.56
N ARG A 431 -0.98 -10.49 -8.35
CA ARG A 431 -0.36 -9.65 -7.33
C ARG A 431 -1.25 -9.53 -6.11
N ALA A 432 -1.05 -10.49 -5.21
CA ALA A 432 -1.73 -10.66 -3.93
C ALA A 432 -0.57 -10.50 -2.96
N PHE A 433 -0.11 -9.27 -2.83
CA PHE A 433 1.06 -8.84 -2.08
C PHE A 433 0.89 -8.38 -0.63
N SER A 434 -0.32 -8.17 -0.13
CA SER A 434 -0.46 -7.69 1.26
C SER A 434 -1.10 -8.71 2.19
N LYS A 435 -1.26 -8.33 3.46
CA LYS A 435 -1.82 -9.21 4.48
C LYS A 435 -3.15 -9.81 4.07
N GLY A 436 -3.18 -11.14 4.05
CA GLY A 436 -4.37 -11.89 3.69
C GLY A 436 -4.65 -11.93 2.21
N TYR A 437 -3.82 -11.29 1.37
CA TYR A 437 -4.05 -11.30 -0.07
C TYR A 437 -3.70 -12.64 -0.70
N GLU A 438 -2.49 -13.17 -0.43
CA GLU A 438 -2.09 -14.46 -1.00
C GLU A 438 -3.08 -15.52 -0.51
N GLU A 439 -3.53 -15.39 0.73
CA GLU A 439 -4.49 -16.30 1.33
C GLU A 439 -5.82 -16.20 0.57
N PHE A 440 -6.23 -14.95 0.20
CA PHE A 440 -7.45 -14.68 -0.56
C PHE A 440 -7.35 -15.33 -1.94
N TYR A 441 -6.17 -15.28 -2.54
CA TYR A 441 -5.86 -15.86 -3.85
C TYR A 441 -5.96 -17.39 -3.74
N GLU A 442 -5.34 -17.97 -2.71
CA GLU A 442 -5.38 -19.42 -2.49
C GLU A 442 -6.84 -19.89 -2.36
N ARG A 443 -7.62 -19.12 -1.60
CA ARG A 443 -9.03 -19.35 -1.31
C ARG A 443 -9.93 -19.34 -2.55
N SER A 444 -9.72 -18.36 -3.43
CA SER A 444 -10.49 -18.22 -4.67
C SER A 444 -10.44 -19.50 -5.48
N ALA A 445 -9.26 -20.14 -5.53
CA ALA A 445 -9.06 -21.36 -6.28
C ALA A 445 -9.47 -22.60 -5.51
N LYS A 446 -9.02 -22.76 -4.27
CA LYS A 446 -9.36 -23.95 -3.48
C LYS A 446 -10.81 -24.00 -3.02
N GLN A 447 -11.33 -22.90 -2.50
CA GLN A 447 -12.71 -22.87 -2.00
C GLN A 447 -13.76 -22.61 -3.07
N TYR A 448 -13.57 -21.59 -3.91
CA TYR A 448 -14.53 -21.22 -4.94
C TYR A 448 -14.33 -21.85 -6.31
N GLY A 449 -13.20 -22.52 -6.54
CA GLY A 449 -12.94 -23.16 -7.83
C GLY A 449 -12.81 -22.18 -8.97
N ILE A 450 -12.26 -20.98 -8.71
CA ILE A 450 -12.07 -19.98 -9.75
C ILE A 450 -10.82 -20.44 -10.48
N LYS A 451 -10.86 -20.45 -11.81
CA LYS A 451 -9.73 -20.90 -12.60
C LYS A 451 -8.87 -19.75 -13.08
N PHE A 452 -7.56 -20.00 -13.24
CA PHE A 452 -6.62 -19.00 -13.67
C PHE A 452 -5.86 -19.46 -14.89
N MET A 453 -5.75 -18.61 -15.90
CA MET A 453 -5.03 -18.94 -17.12
C MET A 453 -3.94 -17.92 -17.26
N ARG A 454 -2.68 -18.36 -17.27
CA ARG A 454 -1.59 -17.41 -17.42
C ARG A 454 -1.39 -17.13 -18.89
N GLY A 455 -1.85 -15.97 -19.31
CA GLY A 455 -1.75 -15.55 -20.69
C GLY A 455 -2.59 -14.32 -20.92
N ARG A 456 -1.98 -13.26 -21.39
CA ARG A 456 -2.68 -12.02 -21.66
C ARG A 456 -3.42 -12.21 -22.98
N PRO A 457 -4.75 -12.11 -22.99
CA PRO A 457 -5.47 -12.32 -24.25
C PRO A 457 -5.09 -11.41 -25.39
N SER A 458 -5.13 -11.96 -26.59
CA SER A 458 -4.80 -11.26 -27.82
C SER A 458 -6.02 -10.52 -28.33
N GLN A 459 -7.20 -11.14 -28.27
CA GLN A 459 -8.42 -10.49 -28.73
C GLN A 459 -9.68 -11.19 -28.26
N VAL A 460 -10.80 -10.48 -28.33
CA VAL A 460 -12.11 -10.98 -27.96
C VAL A 460 -12.92 -10.91 -29.25
N ILE A 461 -13.70 -11.96 -29.56
CA ILE A 461 -14.52 -11.98 -30.79
C ILE A 461 -15.94 -12.33 -30.43
N GLU A 462 -16.88 -11.49 -30.85
CA GLU A 462 -18.30 -11.70 -30.57
C GLU A 462 -18.95 -12.51 -31.65
N ASP A 463 -19.89 -13.38 -31.24
CA ASP A 463 -20.66 -14.20 -32.14
C ASP A 463 -21.88 -13.31 -32.35
N PRO A 464 -22.09 -12.78 -33.56
CA PRO A 464 -23.23 -11.88 -33.76
C PRO A 464 -24.60 -12.54 -33.62
N GLU A 465 -24.64 -13.89 -33.69
CA GLU A 465 -25.87 -14.69 -33.59
C GLU A 465 -26.37 -14.82 -32.14
N THR A 466 -25.46 -14.98 -31.19
CA THR A 466 -25.79 -15.18 -29.77
C THR A 466 -25.40 -14.03 -28.82
N GLY A 467 -24.35 -13.30 -29.15
CA GLY A 467 -23.86 -12.22 -28.31
C GLY A 467 -22.73 -12.74 -27.44
N ASN A 468 -22.42 -14.06 -27.56
CA ASN A 468 -21.36 -14.69 -26.80
C ASN A 468 -20.03 -14.24 -27.29
N LEU A 469 -19.04 -14.26 -26.40
CA LEU A 469 -17.71 -13.83 -26.74
C LEU A 469 -16.74 -14.97 -26.67
N VAL A 470 -15.69 -14.87 -27.46
CA VAL A 470 -14.63 -15.86 -27.52
C VAL A 470 -13.36 -15.14 -27.15
N VAL A 471 -12.57 -15.70 -26.22
CA VAL A 471 -11.33 -15.10 -25.80
C VAL A 471 -10.19 -15.87 -26.42
N ARG A 472 -9.35 -15.17 -27.19
CA ARG A 472 -8.20 -15.79 -27.83
C ARG A 472 -7.00 -15.49 -26.97
N ALA A 473 -6.33 -16.53 -26.50
CA ALA A 473 -5.19 -16.35 -25.64
C ALA A 473 -4.35 -17.59 -25.61
N GLU A 474 -3.08 -17.44 -25.25
CA GLU A 474 -2.19 -18.58 -25.17
C GLU A 474 -2.09 -19.00 -23.73
N ASP A 475 -2.25 -20.30 -23.47
CA ASP A 475 -2.10 -20.76 -22.12
C ASP A 475 -0.59 -20.93 -22.08
N THR A 476 0.11 -19.90 -21.59
CA THR A 476 1.57 -19.94 -21.57
C THR A 476 2.13 -21.10 -20.76
N LEU A 477 1.37 -21.61 -19.77
CA LEU A 477 1.86 -22.72 -18.97
C LEU A 477 1.72 -24.08 -19.67
N LEU A 478 1.16 -24.09 -20.90
CA LEU A 478 1.01 -25.31 -21.70
C LEU A 478 1.61 -25.12 -23.09
N GLY A 479 1.85 -23.89 -23.50
CA GLY A 479 2.39 -23.61 -24.82
C GLY A 479 1.36 -23.95 -25.88
N GLU A 480 0.08 -23.67 -25.58
CA GLU A 480 -1.03 -23.94 -26.50
C GLU A 480 -1.98 -22.77 -26.55
N ILE A 481 -2.66 -22.59 -27.69
CA ILE A 481 -3.62 -21.50 -27.88
C ILE A 481 -5.02 -21.92 -27.49
N LEU A 482 -5.66 -21.13 -26.63
CA LEU A 482 -7.03 -21.39 -26.18
C LEU A 482 -7.98 -20.48 -26.91
N GLU A 483 -9.20 -20.95 -27.12
CA GLU A 483 -10.23 -20.18 -27.79
C GLU A 483 -11.55 -20.56 -27.10
N LYS A 484 -11.64 -20.21 -25.80
CA LYS A 484 -12.81 -20.51 -24.97
C LYS A 484 -13.94 -19.50 -25.13
N GLU A 485 -15.18 -20.01 -25.15
CA GLU A 485 -16.37 -19.19 -25.29
C GLU A 485 -16.91 -18.78 -23.93
N TYR A 486 -17.48 -17.56 -23.86
CA TYR A 486 -18.04 -17.02 -22.62
C TYR A 486 -19.32 -16.28 -22.87
N ASP A 487 -20.12 -16.15 -21.82
CA ASP A 487 -21.40 -15.45 -21.88
C ASP A 487 -21.19 -13.97 -21.54
N LEU A 488 -20.12 -13.65 -20.80
CA LEU A 488 -19.81 -12.27 -20.41
C LEU A 488 -18.30 -12.14 -20.23
N VAL A 489 -17.70 -11.05 -20.72
CA VAL A 489 -16.27 -10.81 -20.56
C VAL A 489 -16.12 -9.57 -19.71
N VAL A 490 -15.32 -9.66 -18.65
CA VAL A 490 -15.09 -8.53 -17.75
C VAL A 490 -13.68 -8.06 -17.92
N LEU A 491 -13.50 -6.77 -18.17
CA LEU A 491 -12.19 -6.20 -18.36
C LEU A 491 -11.76 -5.54 -17.06
N SER A 492 -10.66 -6.02 -16.49
CA SER A 492 -10.14 -5.48 -15.25
C SER A 492 -9.38 -4.22 -15.56
N VAL A 493 -10.13 -3.13 -15.72
CA VAL A 493 -9.59 -1.81 -16.06
C VAL A 493 -8.71 -1.25 -14.96
N GLY A 494 -7.63 -0.60 -15.37
CA GLY A 494 -6.70 0.01 -14.45
C GLY A 494 -7.22 1.34 -13.92
N MET A 495 -6.38 2.03 -13.16
CA MET A 495 -6.72 3.32 -12.58
C MET A 495 -5.99 4.40 -13.33
N VAL A 496 -6.66 5.53 -13.55
CA VAL A 496 -6.07 6.68 -14.22
C VAL A 496 -6.45 7.89 -13.38
N PRO A 497 -5.79 9.04 -13.57
CA PRO A 497 -6.16 10.22 -12.77
C PRO A 497 -7.58 10.66 -13.07
N THR A 498 -8.27 11.26 -12.09
CA THR A 498 -9.64 11.70 -12.32
C THR A 498 -9.63 12.86 -13.34
N LYS A 499 -10.72 13.01 -14.08
CA LYS A 499 -10.85 14.04 -15.11
C LYS A 499 -10.49 15.46 -14.63
N SER A 500 -10.93 15.84 -13.43
CA SER A 500 -10.66 17.16 -12.87
C SER A 500 -9.20 17.38 -12.44
N ALA A 501 -8.38 16.32 -12.37
CA ALA A 501 -6.97 16.43 -11.96
C ALA A 501 -6.24 17.62 -12.61
N ASP A 502 -6.51 17.88 -13.91
CA ASP A 502 -5.88 19.00 -14.62
C ASP A 502 -6.21 20.34 -13.96
N GLU A 503 -7.49 20.55 -13.62
CA GLU A 503 -7.90 21.80 -12.99
C GLU A 503 -7.29 21.94 -11.58
N VAL A 504 -7.37 20.85 -10.79
CA VAL A 504 -6.84 20.82 -9.41
C VAL A 504 -5.32 21.05 -9.39
N GLN A 505 -4.60 20.56 -10.40
CA GLN A 505 -3.16 20.73 -10.52
C GLN A 505 -2.81 22.20 -10.68
N LYS A 506 -3.52 22.87 -11.59
CA LYS A 506 -3.33 24.29 -11.89
C LYS A 506 -3.68 25.19 -10.70
N ILE A 507 -4.66 24.80 -9.89
CA ILE A 507 -5.07 25.59 -8.73
C ILE A 507 -4.09 25.44 -7.57
N LEU A 508 -3.58 24.24 -7.32
CA LEU A 508 -2.65 24.02 -6.21
C LEU A 508 -1.20 24.24 -6.56
N GLY A 509 -0.84 24.07 -7.83
CA GLY A 509 0.54 24.25 -8.24
C GLY A 509 1.37 23.05 -7.85
N ILE A 510 0.87 21.86 -8.20
CA ILE A 510 1.55 20.62 -7.89
C ILE A 510 1.91 19.93 -9.16
N SER A 511 2.81 18.97 -9.08
CA SER A 511 3.28 18.26 -10.25
C SER A 511 2.75 16.84 -10.35
N ARG A 512 3.02 16.20 -11.50
CA ARG A 512 2.59 14.83 -11.76
C ARG A 512 3.75 13.93 -12.09
N THR A 513 3.62 12.65 -11.77
CA THR A 513 4.65 11.66 -12.01
C THR A 513 4.41 11.05 -13.39
N PRO A 514 5.34 10.23 -13.91
CA PRO A 514 5.13 9.65 -15.25
C PRO A 514 3.79 8.95 -15.43
N ASP A 515 3.25 8.37 -14.35
CA ASP A 515 1.96 7.68 -14.40
C ASP A 515 0.77 8.66 -14.43
N GLN A 516 1.04 9.98 -14.51
CA GLN A 516 0.03 11.05 -14.55
C GLN A 516 -0.64 11.32 -13.20
N PHE A 517 -0.28 10.59 -12.15
CA PHE A 517 -0.89 10.83 -10.85
C PHE A 517 -0.09 11.93 -10.19
N PHE A 518 -0.58 12.50 -9.08
CA PHE A 518 0.16 13.57 -8.42
C PHE A 518 1.46 13.10 -7.83
N MET A 519 2.45 14.01 -7.86
CA MET A 519 3.81 13.74 -7.41
C MET A 519 4.09 14.10 -5.96
N GLU A 520 4.57 13.10 -5.21
CA GLU A 520 4.94 13.25 -3.82
C GLU A 520 6.33 13.87 -3.74
N ALA A 521 6.63 14.59 -2.64
CA ALA A 521 7.91 15.26 -2.42
C ALA A 521 9.05 14.27 -2.64
N HIS A 522 8.95 13.10 -2.02
CA HIS A 522 9.93 12.04 -2.17
C HIS A 522 9.21 10.72 -1.92
N PRO A 523 9.40 9.71 -2.80
CA PRO A 523 8.69 8.44 -2.59
C PRO A 523 8.85 7.80 -1.21
N LYS A 524 9.99 8.00 -0.53
CA LYS A 524 10.20 7.42 0.82
C LYS A 524 10.44 8.42 1.92
N LEU A 525 11.09 9.54 1.63
CA LEU A 525 11.36 10.53 2.64
C LEU A 525 10.09 11.30 3.00
N ARG A 526 9.09 11.37 2.06
CA ARG A 526 7.87 12.15 2.26
C ARG A 526 6.75 11.66 1.30
N PRO A 527 6.14 10.52 1.61
CA PRO A 527 5.11 9.96 0.74
C PRO A 527 3.80 10.73 0.57
N VAL A 528 3.48 11.68 1.46
CA VAL A 528 2.21 12.41 1.32
C VAL A 528 2.41 13.90 1.19
N ASP A 529 3.66 14.37 1.26
CA ASP A 529 3.96 15.79 1.11
C ASP A 529 4.19 16.05 -0.34
N THR A 530 4.02 17.31 -0.79
CA THR A 530 4.30 17.66 -2.18
C THR A 530 5.41 18.67 -2.08
N ALA A 531 6.09 18.95 -3.18
CA ALA A 531 7.18 19.92 -3.15
C ALA A 531 6.65 21.33 -2.80
N THR A 532 5.34 21.55 -2.95
CA THR A 532 4.68 22.81 -2.63
C THR A 532 4.35 22.78 -1.14
N ASP A 533 5.00 23.64 -0.33
CA ASP A 533 4.76 23.68 1.11
C ASP A 533 3.29 23.92 1.47
N GLY A 534 2.81 23.15 2.48
CA GLY A 534 1.45 23.25 2.97
C GLY A 534 0.43 22.53 2.10
N VAL A 535 0.90 21.79 1.07
CA VAL A 535 0.02 21.05 0.18
C VAL A 535 0.44 19.59 0.25
N TYR A 536 -0.52 18.72 0.62
CA TYR A 536 -0.29 17.29 0.80
C TYR A 536 -1.25 16.47 -0.05
N LEU A 537 -0.99 15.15 -0.15
CA LEU A 537 -1.81 14.23 -0.93
C LEU A 537 -2.31 13.06 -0.10
N ALA A 538 -3.45 12.48 -0.48
CA ALA A 538 -3.98 11.33 0.21
C ALA A 538 -4.84 10.50 -0.72
N GLY A 539 -4.48 9.23 -0.86
CA GLY A 539 -5.23 8.29 -1.68
C GLY A 539 -4.78 8.04 -3.09
N ALA A 540 -5.72 7.57 -3.90
CA ALA A 540 -5.50 7.21 -5.29
C ALA A 540 -5.07 8.34 -6.21
N CYS A 541 -5.25 9.62 -5.83
CA CYS A 541 -4.81 10.72 -6.69
C CYS A 541 -3.27 10.79 -6.72
N GLN A 542 -2.62 10.15 -5.72
CA GLN A 542 -1.16 10.11 -5.61
C GLN A 542 -0.61 8.86 -6.32
N GLY A 543 -1.46 7.88 -6.58
CA GLY A 543 -1.06 6.65 -7.26
C GLY A 543 -2.00 5.50 -6.99
N PRO A 544 -2.11 4.51 -7.91
CA PRO A 544 -3.04 3.40 -7.69
C PRO A 544 -2.77 2.64 -6.40
N LYS A 545 -3.83 2.49 -5.60
CA LYS A 545 -3.72 1.78 -4.34
C LYS A 545 -5.09 1.38 -3.84
N ASP A 546 -5.13 0.47 -2.87
CA ASP A 546 -6.38 -0.02 -2.30
C ASP A 546 -6.91 0.84 -1.14
N ILE A 547 -8.03 0.43 -0.53
CA ILE A 547 -8.66 1.18 0.57
C ILE A 547 -7.73 1.37 1.79
N PRO A 548 -7.24 0.32 2.46
CA PRO A 548 -6.36 0.54 3.63
C PRO A 548 -5.17 1.45 3.35
N ALA A 549 -4.54 1.31 2.19
CA ALA A 549 -3.39 2.15 1.82
C ALA A 549 -3.85 3.59 1.73
N SER A 550 -5.07 3.81 1.23
CA SER A 550 -5.68 5.13 1.07
C SER A 550 -6.08 5.70 2.43
N VAL A 551 -6.58 4.84 3.32
CA VAL A 551 -6.98 5.25 4.65
C VAL A 551 -5.71 5.61 5.43
N ALA A 552 -4.64 4.82 5.26
CA ALA A 552 -3.36 5.07 5.93
C ALA A 552 -2.78 6.40 5.45
N GLN A 553 -2.92 6.70 4.16
CA GLN A 553 -2.41 7.96 3.62
C GLN A 553 -3.24 9.12 4.13
N GLY A 554 -4.54 8.91 4.28
CA GLY A 554 -5.42 9.95 4.79
C GLY A 554 -4.96 10.33 6.18
N SER A 555 -4.64 9.32 7.00
CA SER A 555 -4.17 9.53 8.36
C SER A 555 -2.78 10.18 8.33
N ALA A 556 -1.91 9.71 7.43
CA ALA A 556 -0.56 10.24 7.29
C ALA A 556 -0.61 11.72 6.90
N ALA A 557 -1.46 12.06 5.92
CA ALA A 557 -1.61 13.43 5.46
C ALA A 557 -2.10 14.32 6.60
N ALA A 558 -3.00 13.81 7.45
CA ALA A 558 -3.52 14.56 8.58
C ALA A 558 -2.39 14.90 9.55
N SER A 559 -1.45 13.96 9.75
CA SER A 559 -0.32 14.17 10.65
C SER A 559 0.60 15.22 10.08
N ARG A 560 1.01 15.02 8.82
CA ARG A 560 1.90 15.94 8.14
C ARG A 560 1.27 17.32 8.06
N ALA A 561 0.00 17.40 7.69
CA ALA A 561 -0.72 18.67 7.59
C ALA A 561 -0.94 19.31 8.97
N ALA A 562 -0.94 18.54 10.07
CA ALA A 562 -1.15 19.08 11.41
C ALA A 562 0.13 19.67 12.01
N ILE A 563 1.31 19.37 11.44
CA ILE A 563 2.57 19.90 11.95
C ILE A 563 2.59 21.44 11.86
N PRO A 564 2.38 22.05 10.69
CA PRO A 564 2.37 23.53 10.64
C PRO A 564 1.26 24.12 11.50
N LEU A 565 0.09 23.48 11.51
CA LEU A 565 -1.05 23.94 12.30
C LEU A 565 -0.72 23.93 13.79
N ALA A 566 -0.10 22.85 14.28
CA ALA A 566 0.27 22.73 15.68
C ALA A 566 1.36 23.73 16.06
N LYS A 567 2.36 23.92 15.18
CA LYS A 567 3.46 24.87 15.43
C LYS A 567 2.92 26.29 15.43
N GLY A 568 1.98 26.57 14.52
CA GLY A 568 1.36 27.87 14.38
C GLY A 568 2.29 28.88 13.75
N GLU A 569 3.42 28.40 13.20
CA GLU A 569 4.41 29.27 12.58
C GLU A 569 5.29 28.44 11.66
N VAL A 570 5.51 28.94 10.44
CA VAL A 570 6.36 28.28 9.45
C VAL A 570 7.32 29.28 8.87
N GLU A 571 8.43 28.79 8.31
CA GLU A 571 9.46 29.62 7.69
C GLU A 571 9.31 29.53 6.17
N VAL A 572 9.27 30.69 5.44
CA VAL A 572 9.13 30.68 3.97
C VAL A 572 10.28 31.41 3.32
N GLU A 573 10.61 31.02 2.08
CA GLU A 573 11.72 31.61 1.34
C GLU A 573 11.61 33.09 0.96
N PRO A 574 12.64 33.82 1.37
CA PRO A 574 12.73 35.24 1.04
C PRO A 574 13.32 35.48 -0.37
N ILE A 575 13.11 34.55 -1.33
CA ILE A 575 13.61 34.70 -2.71
C ILE A 575 12.59 35.57 -3.46
N ILE A 576 12.29 36.75 -2.90
CA ILE A 576 11.32 37.68 -3.45
C ILE A 576 11.92 38.87 -4.15
N ALA A 577 11.11 39.52 -4.95
CA ALA A 577 11.47 40.69 -5.72
C ALA A 577 11.30 41.98 -4.93
N SER A 578 12.15 42.97 -5.24
CA SER A 578 12.13 44.28 -4.59
C SER A 578 12.70 45.32 -5.56
N VAL A 579 12.14 46.56 -5.54
CA VAL A 579 12.54 47.66 -6.43
C VAL A 579 13.56 48.61 -5.81
N ASP A 580 14.64 48.93 -6.55
CA ASP A 580 15.64 49.88 -6.10
C ASP A 580 15.04 51.22 -6.52
N ALA A 581 14.50 51.96 -5.55
CA ALA A 581 13.85 53.25 -5.81
C ALA A 581 14.75 54.28 -6.48
N GLU A 582 16.06 54.21 -6.25
CA GLU A 582 17.00 55.16 -6.86
C GLU A 582 17.14 54.93 -8.36
N ILE A 583 16.78 53.72 -8.86
CA ILE A 583 16.87 53.38 -10.29
C ILE A 583 15.50 53.36 -10.97
N CYS A 584 14.42 53.00 -10.26
CA CYS A 584 13.10 52.94 -10.88
C CYS A 584 12.55 54.32 -11.22
N GLY A 585 12.22 54.53 -12.49
CA GLY A 585 11.66 55.78 -12.98
C GLY A 585 10.16 55.65 -13.21
N GLY A 586 9.57 54.57 -12.69
CA GLY A 586 8.15 54.28 -12.79
C GLY A 586 7.64 54.04 -14.19
N CYS A 587 8.34 53.20 -14.98
CA CYS A 587 7.91 52.92 -16.35
C CYS A 587 6.62 52.09 -16.44
N GLY A 588 6.26 51.38 -15.36
CA GLY A 588 5.04 50.58 -15.29
C GLY A 588 5.02 49.25 -16.04
N VAL A 589 6.16 48.74 -16.49
CA VAL A 589 6.17 47.47 -17.22
C VAL A 589 5.92 46.26 -16.29
N CYS A 590 6.47 46.30 -15.08
CA CYS A 590 6.37 45.22 -14.08
C CYS A 590 4.98 44.94 -13.54
N VAL A 591 4.18 45.98 -13.32
CA VAL A 591 2.84 45.86 -12.74
C VAL A 591 2.00 44.67 -13.26
N LYS A 592 1.63 44.68 -14.55
CA LYS A 592 0.80 43.62 -15.12
C LYS A 592 1.47 42.25 -15.30
N GLN A 593 2.78 42.12 -15.06
CA GLN A 593 3.46 40.83 -15.23
C GLN A 593 3.19 39.87 -14.06
N CYS A 594 2.98 40.40 -12.86
CA CYS A 594 2.73 39.59 -11.67
C CYS A 594 1.29 39.09 -11.58
N PRO A 595 1.07 37.76 -11.62
CA PRO A 595 -0.31 37.25 -11.51
C PRO A 595 -0.93 37.47 -10.13
N TYR A 596 -0.12 37.90 -9.14
CA TYR A 596 -0.58 38.15 -7.76
C TYR A 596 -0.69 39.65 -7.44
N GLY A 597 -0.42 40.50 -8.43
CA GLY A 597 -0.48 41.95 -8.27
C GLY A 597 0.42 42.53 -7.20
N ALA A 598 1.60 41.92 -6.96
CA ALA A 598 2.54 42.39 -5.94
C ALA A 598 3.19 43.73 -6.31
N PRO A 599 3.74 43.92 -7.54
CA PRO A 599 4.35 45.21 -7.86
C PRO A 599 3.29 46.23 -8.17
N ARG A 600 3.39 47.39 -7.54
CA ARG A 600 2.42 48.46 -7.73
C ARG A 600 3.11 49.81 -7.83
N LEU A 601 2.54 50.72 -8.65
CA LEU A 601 3.09 52.06 -8.81
C LEU A 601 2.69 52.91 -7.63
N VAL A 602 3.62 53.75 -7.15
CA VAL A 602 3.35 54.63 -5.99
C VAL A 602 4.17 55.91 -6.07
N GLU A 603 3.77 56.92 -5.27
CA GLU A 603 4.45 58.19 -5.17
C GLU A 603 5.49 58.11 -4.02
N LYS A 604 6.76 58.49 -4.31
CA LYS A 604 7.86 58.47 -3.32
C LYS A 604 8.82 59.62 -3.63
N ASP A 605 9.11 60.46 -2.62
CA ASP A 605 10.03 61.59 -2.76
C ASP A 605 9.62 62.55 -3.91
N GLY A 606 8.30 62.72 -4.12
CA GLY A 606 7.76 63.61 -5.12
C GLY A 606 7.54 63.03 -6.52
N LYS A 607 8.04 61.83 -6.81
CA LYS A 607 7.84 61.26 -8.13
C LYS A 607 7.35 59.83 -8.04
N VAL A 608 7.04 59.22 -9.18
CA VAL A 608 6.51 57.85 -9.25
C VAL A 608 7.57 56.79 -9.37
N VAL A 609 7.43 55.72 -8.56
CA VAL A 609 8.33 54.57 -8.54
C VAL A 609 7.48 53.35 -8.28
N ALA A 610 8.03 52.17 -8.54
CA ALA A 610 7.32 50.93 -8.29
C ALA A 610 7.71 50.38 -6.94
N GLU A 611 6.82 49.59 -6.31
CA GLU A 611 7.09 49.00 -5.01
C GLU A 611 6.44 47.65 -4.92
N VAL A 612 7.23 46.58 -4.66
CA VAL A 612 6.69 45.24 -4.55
C VAL A 612 6.12 45.04 -3.14
N ILE A 613 4.91 44.46 -3.05
CA ILE A 613 4.28 44.16 -1.77
C ILE A 613 4.82 42.77 -1.48
N SER A 614 5.92 42.71 -0.72
CA SER A 614 6.64 41.48 -0.36
C SER A 614 5.78 40.23 -0.09
N ALA A 615 4.70 40.38 0.66
CA ALA A 615 3.81 39.26 1.01
C ALA A 615 3.11 38.62 -0.19
N LEU A 616 2.84 39.39 -1.25
CA LEU A 616 2.16 38.88 -2.43
C LEU A 616 3.12 38.25 -3.44
N CYS A 617 4.44 38.45 -3.25
CA CYS A 617 5.43 37.89 -4.18
C CYS A 617 5.72 36.44 -3.82
N LYS A 618 5.56 35.54 -4.78
CA LYS A 618 5.81 34.11 -4.57
C LYS A 618 7.27 33.74 -4.96
N GLY A 619 7.99 34.67 -5.60
CA GLY A 619 9.38 34.46 -5.99
C GLY A 619 9.59 33.76 -7.32
N CYS A 620 8.89 34.21 -8.38
CA CYS A 620 9.04 33.58 -9.69
C CYS A 620 10.24 34.15 -10.46
N GLY A 621 10.43 35.47 -10.37
CA GLY A 621 11.53 36.15 -11.05
C GLY A 621 11.17 36.66 -12.43
N THR A 622 9.85 36.72 -12.74
CA THR A 622 9.39 37.20 -14.04
C THR A 622 9.50 38.70 -14.16
N CYS A 623 9.01 39.44 -13.16
CA CYS A 623 9.05 40.90 -13.21
C CYS A 623 10.50 41.45 -13.23
N PRO A 624 11.45 40.92 -12.45
CA PRO A 624 12.82 41.46 -12.54
C PRO A 624 13.42 41.17 -13.91
N ALA A 625 13.10 39.99 -14.48
CA ALA A 625 13.57 39.61 -15.81
C ALA A 625 13.04 40.58 -16.86
N GLY A 626 11.81 41.08 -16.66
CA GLY A 626 11.18 42.00 -17.58
C GLY A 626 11.46 43.47 -17.32
N CYS A 627 12.12 43.80 -16.19
CA CYS A 627 12.43 45.19 -15.85
C CYS A 627 13.54 45.75 -16.73
N PRO A 628 13.24 46.79 -17.52
CA PRO A 628 14.26 47.38 -18.41
C PRO A 628 15.30 48.28 -17.74
N SER A 629 15.09 48.69 -16.49
CA SER A 629 16.03 49.56 -15.79
C SER A 629 16.97 48.77 -14.88
N GLY A 630 16.59 47.54 -14.53
CA GLY A 630 17.39 46.70 -13.65
C GLY A 630 17.16 47.03 -12.19
N ALA A 631 16.14 47.88 -11.90
CA ALA A 631 15.78 48.30 -10.55
C ALA A 631 15.21 47.14 -9.77
N LEU A 632 14.47 46.27 -10.46
CA LEU A 632 13.85 45.11 -9.86
C LEU A 632 14.83 43.96 -9.84
N GLU A 633 14.99 43.29 -8.70
CA GLU A 633 15.89 42.14 -8.59
C GLU A 633 15.27 41.11 -7.66
N GLN A 634 15.41 39.81 -7.98
CA GLN A 634 14.87 38.74 -7.16
C GLN A 634 16.02 38.26 -6.31
N ASP A 635 15.90 38.37 -4.98
CA ASP A 635 16.97 37.91 -4.11
C ASP A 635 17.21 36.44 -4.35
N HIS A 636 18.49 36.04 -4.42
CA HIS A 636 18.93 34.66 -4.65
C HIS A 636 18.95 34.28 -6.14
N PHE A 637 18.43 35.13 -7.03
CA PHE A 637 18.46 34.87 -8.47
C PHE A 637 18.64 36.21 -9.15
N LYS A 638 19.63 36.98 -8.68
CA LYS A 638 19.94 38.28 -9.23
C LYS A 638 20.65 38.07 -10.55
N THR A 639 20.49 39.02 -11.47
CA THR A 639 21.11 38.90 -12.79
C THR A 639 22.62 38.68 -12.65
N ILE A 640 23.29 39.43 -11.78
CA ILE A 640 24.74 39.27 -11.58
C ILE A 640 25.07 37.86 -11.09
N GLN A 641 24.26 37.30 -10.19
CA GLN A 641 24.53 35.95 -9.70
C GLN A 641 24.41 34.97 -10.84
N LEU A 642 23.33 35.08 -11.62
CA LEU A 642 23.14 34.19 -12.76
C LEU A 642 24.21 34.41 -13.82
N PHE A 643 24.70 35.65 -13.99
CA PHE A 643 25.75 35.95 -14.95
C PHE A 643 27.02 35.20 -14.59
N LYS A 644 27.39 35.21 -13.32
CA LYS A 644 28.58 34.51 -12.86
C LYS A 644 28.41 33.02 -13.02
N GLN A 645 27.19 32.52 -12.83
CA GLN A 645 26.91 31.10 -12.99
C GLN A 645 27.13 30.69 -14.43
N ILE A 646 26.75 31.55 -15.39
CA ILE A 646 26.95 31.27 -16.81
C ILE A 646 28.45 31.26 -17.13
N GLU A 647 29.22 32.20 -16.56
CA GLU A 647 30.68 32.27 -16.79
C GLU A 647 31.36 31.01 -16.24
N GLY A 648 30.87 30.54 -15.10
CA GLY A 648 31.39 29.35 -14.41
C GLY A 648 31.46 28.09 -15.24
N MET A 649 30.57 27.94 -16.21
CA MET A 649 30.57 26.74 -17.07
C MET A 649 31.82 26.70 -17.94
N PHE A 650 32.32 27.87 -18.32
CA PHE A 650 33.49 27.97 -19.19
C PHE A 650 34.77 28.36 -18.46
N ARG A 651 34.68 29.17 -17.40
CA ARG A 651 35.89 29.60 -16.70
C ARG A 651 35.61 29.92 -15.24
N ASP A 652 36.68 30.15 -14.47
CA ASP A 652 36.55 30.49 -13.06
C ASP A 652 36.38 32.01 -13.00
N THR A 653 35.43 32.52 -12.20
CA THR A 653 35.23 33.97 -12.11
C THR A 653 35.18 34.42 -10.66
N MET B 1 8.77 -58.51 22.37
CA MET B 1 7.93 -57.90 21.35
C MET B 1 7.28 -58.99 20.55
N LYS B 2 5.98 -58.86 20.32
CA LYS B 2 5.21 -59.82 19.56
C LYS B 2 4.58 -59.07 18.42
N TYR B 3 4.78 -59.53 17.18
CA TYR B 3 4.23 -58.86 16.00
C TYR B 3 3.77 -59.85 14.95
N ALA B 4 2.65 -59.55 14.30
CA ALA B 4 2.14 -60.41 13.24
C ALA B 4 3.00 -60.10 12.03
N PHE B 5 3.69 -61.10 11.53
CA PHE B 5 4.57 -60.89 10.41
C PHE B 5 3.87 -60.91 9.07
N PHE B 6 3.71 -59.73 8.46
CA PHE B 6 3.10 -59.65 7.14
C PHE B 6 4.20 -60.04 6.15
N LEU B 7 3.90 -60.95 5.20
CA LEU B 7 4.90 -61.41 4.24
C LEU B 7 4.89 -60.72 2.90
N GLY B 8 3.72 -60.33 2.41
CA GLY B 8 3.64 -59.69 1.10
C GLY B 8 3.55 -60.72 -0.01
N CYS B 9 4.25 -60.49 -1.14
CA CYS B 9 4.21 -61.40 -2.29
C CYS B 9 5.60 -61.86 -2.73
N ILE B 10 6.43 -60.90 -3.13
CA ILE B 10 7.78 -61.14 -3.65
C ILE B 10 8.70 -61.86 -2.66
N MET B 11 8.73 -61.47 -1.39
CA MET B 11 9.59 -62.13 -0.43
C MET B 11 9.20 -63.61 -0.24
N PRO B 12 7.96 -63.94 0.15
CA PRO B 12 7.62 -65.35 0.34
C PRO B 12 7.57 -66.22 -0.92
N ASN B 13 7.22 -65.64 -2.07
CA ASN B 13 7.11 -66.44 -3.28
C ASN B 13 8.27 -66.35 -4.28
N ARG B 14 9.21 -65.40 -4.12
CA ARG B 14 10.35 -65.28 -5.04
C ARG B 14 11.66 -65.27 -4.25
N TYR B 15 11.95 -64.15 -3.56
CA TYR B 15 13.18 -64.05 -2.76
C TYR B 15 12.87 -64.53 -1.36
N ALA B 16 12.63 -65.84 -1.22
CA ALA B 16 12.30 -66.49 0.06
C ALA B 16 13.43 -66.40 1.09
N GLY B 17 14.66 -66.21 0.62
CA GLY B 17 15.81 -66.10 1.51
C GLY B 17 15.68 -64.90 2.44
N VAL B 18 14.95 -63.88 1.99
CA VAL B 18 14.71 -62.67 2.76
C VAL B 18 13.85 -63.03 3.95
N GLU B 19 12.85 -63.90 3.74
CA GLU B 19 11.95 -64.34 4.79
C GLU B 19 12.76 -65.08 5.86
N ALA B 20 13.51 -66.11 5.45
CA ALA B 20 14.35 -66.91 6.36
C ALA B 20 15.30 -66.03 7.13
N ALA B 21 15.93 -65.09 6.43
CA ALA B 21 16.88 -64.16 7.04
C ALA B 21 16.21 -63.32 8.11
N THR B 22 14.99 -62.83 7.83
CA THR B 22 14.25 -62.01 8.77
C THR B 22 13.88 -62.78 10.02
N ARG B 23 13.32 -63.98 9.84
CA ARG B 23 12.88 -64.84 10.94
C ARG B 23 13.94 -65.05 11.99
N THR B 24 15.16 -65.40 11.58
CA THR B 24 16.24 -65.63 12.53
C THR B 24 16.76 -64.31 13.09
N VAL B 25 17.02 -63.32 12.23
CA VAL B 25 17.51 -62.01 12.68
C VAL B 25 16.59 -61.42 13.74
N MET B 26 15.27 -61.43 13.51
CA MET B 26 14.32 -60.89 14.47
C MET B 26 14.27 -61.74 15.75
N GLU B 27 14.42 -63.07 15.62
CA GLU B 27 14.42 -63.97 16.77
C GLU B 27 15.65 -63.66 17.63
N LYS B 28 16.78 -63.36 16.97
CA LYS B 28 18.03 -63.03 17.67
C LYS B 28 17.88 -61.70 18.42
N LEU B 29 17.05 -60.77 17.90
CA LEU B 29 16.81 -59.48 18.54
C LEU B 29 15.70 -59.52 19.59
N GLY B 30 15.05 -60.68 19.74
CA GLY B 30 13.99 -60.87 20.73
C GLY B 30 12.61 -60.48 20.26
N VAL B 31 12.28 -60.76 18.99
CA VAL B 31 10.96 -60.42 18.46
C VAL B 31 10.24 -61.70 18.07
N GLU B 32 9.07 -61.93 18.67
CA GLU B 32 8.26 -63.11 18.40
C GLU B 32 7.42 -62.82 17.16
N LEU B 33 7.74 -63.47 16.04
CA LEU B 33 7.01 -63.27 14.80
C LEU B 33 5.93 -64.32 14.69
N VAL B 34 4.68 -63.91 14.81
CA VAL B 34 3.56 -64.85 14.73
C VAL B 34 2.94 -64.78 13.33
N ASP B 35 2.52 -65.95 12.81
CA ASP B 35 1.95 -66.04 11.47
C ASP B 35 0.60 -65.35 11.33
N MET B 36 0.51 -64.47 10.32
CA MET B 36 -0.70 -63.73 9.99
C MET B 36 -1.39 -64.59 8.95
N THR B 37 -2.01 -65.69 9.40
CA THR B 37 -2.67 -66.67 8.55
C THR B 37 -3.72 -66.12 7.61
N GLY B 38 -3.60 -66.50 6.34
CA GLY B 38 -4.53 -66.09 5.30
C GLY B 38 -4.32 -64.70 4.74
N ALA B 39 -3.22 -64.03 5.11
CA ALA B 39 -2.96 -62.68 4.60
C ALA B 39 -2.71 -62.76 3.10
N SER B 40 -3.20 -61.75 2.38
CA SER B 40 -3.10 -61.67 0.92
C SER B 40 -2.12 -60.57 0.49
N CYS B 41 -2.18 -60.15 -0.80
CA CYS B 41 -1.35 -59.08 -1.32
C CYS B 41 -1.73 -57.90 -0.41
N CYS B 42 -0.81 -56.97 -0.13
CA CYS B 42 -1.12 -55.89 0.81
C CYS B 42 -2.45 -55.11 0.61
N PRO B 43 -2.97 -54.79 -0.59
CA PRO B 43 -2.46 -55.06 -1.93
C PRO B 43 -1.58 -53.93 -2.45
N ALA B 44 -0.68 -54.28 -3.38
CA ALA B 44 0.27 -53.37 -4.01
C ALA B 44 -0.44 -52.08 -4.43
N PRO B 45 -0.09 -50.94 -3.82
CA PRO B 45 -0.74 -49.68 -4.20
C PRO B 45 -0.47 -49.24 -5.64
N GLY B 46 0.64 -49.70 -6.22
CA GLY B 46 0.99 -49.34 -7.59
C GLY B 46 -0.08 -49.71 -8.58
N VAL B 47 -0.67 -50.90 -8.43
CA VAL B 47 -1.71 -51.36 -9.34
C VAL B 47 -3.10 -51.10 -8.78
N PHE B 48 -3.39 -51.58 -7.56
CA PHE B 48 -4.70 -51.42 -6.94
C PHE B 48 -5.05 -49.98 -6.61
N GLY B 49 -4.13 -49.26 -5.97
CA GLY B 49 -4.35 -47.86 -5.64
C GLY B 49 -4.59 -47.05 -6.89
N SER B 50 -3.85 -47.38 -7.95
CA SER B 50 -3.94 -46.74 -9.26
C SER B 50 -5.21 -47.15 -10.02
N PHE B 51 -5.71 -48.37 -9.79
CA PHE B 51 -6.91 -48.86 -10.48
C PHE B 51 -8.18 -48.40 -9.75
N ASP B 52 -8.27 -48.69 -8.45
CA ASP B 52 -9.43 -48.32 -7.63
C ASP B 52 -9.00 -48.17 -6.16
N GLN B 53 -9.07 -46.93 -5.64
CA GLN B 53 -8.70 -46.62 -4.26
C GLN B 53 -9.55 -47.38 -3.25
N LYS B 54 -10.86 -47.50 -3.52
CA LYS B 54 -11.77 -48.21 -2.61
C LYS B 54 -11.36 -49.67 -2.48
N THR B 55 -10.88 -50.29 -3.57
CA THR B 55 -10.46 -51.68 -3.54
C THR B 55 -9.16 -51.81 -2.76
N TRP B 56 -8.24 -50.86 -2.94
CA TRP B 56 -6.97 -50.89 -2.22
C TRP B 56 -7.17 -50.86 -0.71
N LEU B 57 -7.96 -49.90 -0.21
CA LEU B 57 -8.21 -49.76 1.22
C LEU B 57 -9.02 -50.91 1.82
N THR B 58 -10.10 -51.34 1.15
CA THR B 58 -10.92 -52.44 1.66
C THR B 58 -10.07 -53.70 1.85
N LEU B 59 -9.30 -54.10 0.84
CA LEU B 59 -8.44 -55.28 0.93
C LEU B 59 -7.33 -55.09 1.95
N ALA B 60 -6.81 -53.87 2.10
CA ALA B 60 -5.75 -53.61 3.08
C ALA B 60 -6.35 -53.77 4.48
N ALA B 61 -7.55 -53.19 4.70
CA ALA B 61 -8.24 -53.30 5.99
C ALA B 61 -8.49 -54.77 6.33
N ARG B 62 -8.85 -55.57 5.32
CA ARG B 62 -9.11 -56.99 5.51
C ARG B 62 -7.86 -57.64 6.10
N ASN B 63 -6.66 -57.23 5.64
CA ASN B 63 -5.41 -57.76 6.17
C ASN B 63 -5.21 -57.19 7.56
N LEU B 64 -5.46 -55.87 7.76
CA LEU B 64 -5.30 -55.26 9.09
C LEU B 64 -6.16 -56.03 10.10
N CYS B 65 -7.37 -56.44 9.69
CA CYS B 65 -8.30 -57.19 10.55
C CYS B 65 -7.69 -58.50 11.05
N ILE B 66 -6.87 -59.18 10.23
CA ILE B 66 -6.26 -60.45 10.63
C ILE B 66 -5.40 -60.25 11.87
N ALA B 67 -4.56 -59.22 11.88
CA ALA B 67 -3.69 -58.92 13.03
C ALA B 67 -4.52 -58.41 14.21
N GLU B 68 -5.59 -57.64 13.93
CA GLU B 68 -6.45 -57.10 14.99
C GLU B 68 -7.12 -58.25 15.73
N GLU B 69 -7.61 -59.26 14.97
CA GLU B 69 -8.25 -60.43 15.56
C GLU B 69 -7.23 -61.16 16.44
N MET B 70 -5.95 -61.15 16.02
CA MET B 70 -4.86 -61.79 16.76
C MET B 70 -4.46 -60.99 18.01
N GLY B 71 -4.94 -59.75 18.12
CA GLY B 71 -4.63 -58.88 19.24
C GLY B 71 -3.19 -58.44 19.26
N VAL B 72 -2.59 -58.21 18.08
CA VAL B 72 -1.20 -57.78 17.97
C VAL B 72 -1.02 -56.82 16.80
N ASP B 73 0.11 -56.12 16.79
CA ASP B 73 0.46 -55.15 15.75
C ASP B 73 1.21 -55.84 14.61
N ILE B 74 1.36 -55.17 13.44
CA ILE B 74 2.05 -55.76 12.28
C ILE B 74 3.48 -55.27 12.10
N VAL B 75 4.33 -56.16 11.53
CA VAL B 75 5.71 -55.85 11.20
C VAL B 75 5.92 -56.33 9.77
N THR B 76 6.67 -55.56 8.98
CA THR B 76 6.92 -55.93 7.59
C THR B 76 8.30 -55.51 7.19
N VAL B 77 8.88 -56.22 6.22
CA VAL B 77 10.21 -55.93 5.73
C VAL B 77 10.14 -55.35 4.32
N CYS B 78 8.92 -55.00 3.86
CA CYS B 78 8.72 -54.43 2.54
C CYS B 78 8.18 -53.03 2.66
N ASN B 79 8.78 -52.09 1.93
CA ASN B 79 8.34 -50.69 1.93
C ASN B 79 6.96 -50.61 1.29
N GLY B 80 6.76 -51.40 0.25
CA GLY B 80 5.51 -51.43 -0.48
C GLY B 80 4.36 -51.82 0.41
N CYS B 81 4.53 -52.93 1.13
CA CYS B 81 3.51 -53.43 2.04
C CYS B 81 3.41 -52.51 3.26
N TYR B 82 4.54 -51.93 3.71
CA TYR B 82 4.55 -51.01 4.85
C TYR B 82 3.72 -49.80 4.50
N GLY B 83 4.01 -49.18 3.37
CA GLY B 83 3.28 -48.01 2.90
C GLY B 83 1.80 -48.28 2.76
N SER B 84 1.48 -49.39 2.07
CA SER B 84 0.10 -49.81 1.84
C SER B 84 -0.71 -50.00 3.12
N LEU B 85 -0.21 -50.81 4.06
CA LEU B 85 -0.92 -51.08 5.29
C LEU B 85 -0.86 -49.92 6.28
N PHE B 86 0.27 -49.19 6.33
CA PHE B 86 0.41 -48.05 7.22
C PHE B 86 -0.54 -46.94 6.78
N GLU B 87 -0.51 -46.57 5.50
CA GLU B 87 -1.39 -45.52 4.99
C GLU B 87 -2.85 -45.92 5.17
N ALA B 88 -3.16 -47.23 4.99
CA ALA B 88 -4.53 -47.71 5.16
C ALA B 88 -4.95 -47.52 6.61
N ALA B 89 -4.11 -47.93 7.56
CA ALA B 89 -4.40 -47.80 8.98
C ALA B 89 -4.61 -46.34 9.38
N HIS B 90 -3.72 -45.44 8.92
CA HIS B 90 -3.83 -44.02 9.25
C HIS B 90 -5.15 -43.45 8.74
N LEU B 91 -5.53 -43.80 7.52
CA LEU B 91 -6.77 -43.34 6.92
C LEU B 91 -7.99 -43.84 7.68
N LEU B 92 -7.98 -45.11 8.11
CA LEU B 92 -9.11 -45.66 8.84
C LEU B 92 -9.26 -45.02 10.23
N HIS B 93 -8.14 -44.50 10.79
CA HIS B 93 -8.18 -43.83 12.09
C HIS B 93 -8.58 -42.35 11.94
N ASP B 94 -8.02 -41.66 10.94
CA ASP B 94 -8.26 -40.24 10.70
C ASP B 94 -9.55 -39.94 9.94
N ASN B 95 -9.95 -40.82 9.02
CA ASN B 95 -11.15 -40.62 8.20
C ASN B 95 -12.25 -41.60 8.59
N LYS B 96 -13.36 -41.08 9.14
CA LYS B 96 -14.49 -41.91 9.54
C LYS B 96 -15.37 -42.30 8.35
N GLU B 97 -15.50 -41.43 7.34
CA GLU B 97 -16.29 -41.73 6.14
C GLU B 97 -15.68 -42.95 5.43
N ALA B 98 -14.34 -43.00 5.36
CA ALA B 98 -13.62 -44.09 4.72
C ALA B 98 -13.77 -45.35 5.56
N LEU B 99 -13.65 -45.23 6.88
CA LEU B 99 -13.79 -46.36 7.80
C LEU B 99 -15.18 -46.94 7.64
N ASN B 100 -16.20 -46.08 7.65
CA ASN B 100 -17.60 -46.51 7.51
C ASN B 100 -17.81 -47.26 6.19
N PHE B 101 -17.23 -46.78 5.10
CA PHE B 101 -17.37 -47.42 3.80
C PHE B 101 -16.75 -48.81 3.82
N VAL B 102 -15.51 -48.90 4.30
CA VAL B 102 -14.75 -50.14 4.39
C VAL B 102 -15.41 -51.16 5.31
N ASN B 103 -15.89 -50.74 6.48
CA ASN B 103 -16.54 -51.68 7.39
C ASN B 103 -17.88 -52.17 6.84
N GLU B 104 -18.54 -51.38 5.98
CA GLU B 104 -19.80 -51.79 5.38
C GLU B 104 -19.51 -52.91 4.36
N LYS B 105 -18.29 -52.90 3.79
CA LYS B 105 -17.86 -53.92 2.84
C LYS B 105 -17.37 -55.13 3.61
N LEU B 106 -16.56 -54.91 4.67
CA LEU B 106 -16.05 -56.00 5.50
C LEU B 106 -17.15 -56.75 6.24
N ASP B 107 -18.33 -56.12 6.44
CA ASP B 107 -19.44 -56.78 7.13
C ASP B 107 -19.94 -57.96 6.29
N LYS B 108 -19.79 -57.87 4.95
CA LYS B 108 -20.20 -58.93 4.03
C LYS B 108 -19.35 -60.21 4.21
N VAL B 109 -18.13 -60.08 4.78
CA VAL B 109 -17.24 -61.24 5.02
C VAL B 109 -17.09 -61.50 6.52
N GLY B 110 -17.93 -60.85 7.33
CA GLY B 110 -17.94 -60.99 8.79
C GLY B 110 -16.71 -60.41 9.47
N LYS B 111 -16.30 -59.21 9.05
CA LYS B 111 -15.13 -58.54 9.63
C LYS B 111 -15.46 -57.10 9.98
N GLU B 112 -14.63 -56.49 10.84
CA GLU B 112 -14.83 -55.11 11.27
C GLU B 112 -13.54 -54.56 11.87
N TYR B 113 -12.93 -53.55 11.21
CA TYR B 113 -11.69 -52.97 11.71
C TYR B 113 -12.02 -51.95 12.80
N LYS B 114 -11.32 -52.05 13.94
CA LYS B 114 -11.54 -51.20 15.12
C LYS B 114 -10.39 -50.19 15.43
N GLY B 115 -9.41 -50.07 14.53
CA GLY B 115 -8.30 -49.13 14.68
C GLY B 115 -7.22 -49.41 15.71
N ASN B 116 -7.08 -50.66 16.17
CA ASN B 116 -6.04 -50.97 17.17
C ASN B 116 -4.73 -51.45 16.56
N VAL B 117 -4.65 -51.61 15.24
CA VAL B 117 -3.43 -52.10 14.60
C VAL B 117 -2.45 -51.00 14.25
N LYS B 118 -1.19 -51.22 14.64
CA LYS B 118 -0.09 -50.33 14.35
C LYS B 118 0.75 -51.09 13.34
N VAL B 119 1.22 -50.41 12.30
CA VAL B 119 2.02 -51.04 11.27
C VAL B 119 3.43 -50.57 11.48
N ARG B 120 4.41 -51.49 11.49
CA ARG B 120 5.80 -51.13 11.69
C ARG B 120 6.67 -51.66 10.60
N HIS B 121 7.69 -50.89 10.24
CA HIS B 121 8.66 -51.27 9.22
C HIS B 121 9.78 -51.78 10.11
N PHE B 122 10.25 -52.99 9.89
CA PHE B 122 11.29 -53.57 10.74
C PHE B 122 12.53 -52.69 10.96
N ALA B 123 12.98 -51.91 9.96
CA ALA B 123 14.16 -51.07 10.16
C ALA B 123 13.88 -50.04 11.27
N GLU B 124 12.77 -49.29 11.18
CA GLU B 124 12.44 -48.31 12.23
C GLU B 124 12.10 -49.00 13.56
N LEU B 125 11.57 -50.25 13.51
CA LEU B 125 11.26 -50.98 14.74
C LEU B 125 12.61 -51.28 15.43
N ILE B 126 13.64 -51.67 14.63
CA ILE B 126 14.99 -51.96 15.12
C ILE B 126 15.63 -50.68 15.66
N TYR B 127 15.44 -49.56 14.95
CA TYR B 127 16.02 -48.26 15.31
C TYR B 127 15.39 -47.60 16.54
N ASN B 128 14.06 -47.59 16.64
CA ASN B 128 13.35 -46.94 17.76
C ASN B 128 12.97 -47.83 18.97
N ASP B 129 12.69 -49.13 18.78
CA ASP B 129 12.28 -50.00 19.90
C ASP B 129 13.34 -50.97 20.41
N ILE B 130 14.20 -51.50 19.52
CA ILE B 130 15.23 -52.46 19.92
C ILE B 130 16.52 -51.74 20.23
N GLY B 131 17.03 -51.00 19.25
CA GLY B 131 18.26 -50.25 19.39
C GLY B 131 19.36 -50.79 18.49
N VAL B 132 20.13 -49.89 17.88
CA VAL B 132 21.23 -50.23 16.98
C VAL B 132 22.32 -50.97 17.78
N ASP B 133 22.48 -50.65 19.07
CA ASP B 133 23.47 -51.28 19.95
C ASP B 133 23.31 -52.81 19.95
N LYS B 134 22.05 -53.29 19.91
CA LYS B 134 21.75 -54.72 19.92
C LYS B 134 22.18 -55.42 18.63
N ILE B 135 22.20 -54.69 17.49
CA ILE B 135 22.63 -55.28 16.23
C ILE B 135 24.10 -55.70 16.38
N ALA B 136 24.96 -54.73 16.78
CA ALA B 136 26.40 -54.95 16.97
C ALA B 136 26.71 -56.06 17.98
N GLU B 137 25.93 -56.17 19.05
CA GLU B 137 26.12 -57.21 20.07
C GLU B 137 25.97 -58.62 19.50
N LYS B 138 25.15 -58.76 18.45
CA LYS B 138 24.88 -60.04 17.82
C LYS B 138 25.72 -60.28 16.55
N VAL B 139 26.63 -59.36 16.18
CA VAL B 139 27.45 -59.52 14.98
C VAL B 139 28.52 -60.59 15.20
N GLU B 140 28.40 -61.71 14.48
CA GLU B 140 29.33 -62.85 14.55
C GLU B 140 30.40 -62.68 13.48
N ARG B 141 30.01 -62.20 12.29
CA ARG B 141 30.89 -61.99 11.14
C ARG B 141 30.83 -60.51 10.72
N PRO B 142 31.75 -59.65 11.18
CA PRO B 142 31.69 -58.23 10.78
C PRO B 142 31.85 -58.08 9.27
N LEU B 143 30.93 -57.34 8.64
CA LEU B 143 30.95 -57.13 7.19
C LEU B 143 31.65 -55.82 6.85
N ASN B 144 32.97 -55.87 6.69
CA ASN B 144 33.77 -54.70 6.37
C ASN B 144 33.81 -54.49 4.86
N ILE B 145 32.73 -53.92 4.35
CA ILE B 145 32.54 -53.63 2.93
C ILE B 145 31.75 -52.34 2.79
N ASN B 146 31.77 -51.74 1.58
CA ASN B 146 31.06 -50.49 1.31
C ASN B 146 29.67 -50.80 0.78
N VAL B 147 28.65 -50.13 1.33
CA VAL B 147 27.27 -50.36 0.94
C VAL B 147 26.59 -49.12 0.39
N GLY B 148 25.91 -49.31 -0.75
CA GLY B 148 25.13 -48.27 -1.39
C GLY B 148 23.74 -48.39 -0.80
N VAL B 149 23.47 -47.62 0.26
CA VAL B 149 22.18 -47.72 0.93
C VAL B 149 21.04 -47.11 0.14
N HIS B 150 20.02 -47.93 -0.15
CA HIS B 150 18.83 -47.48 -0.88
C HIS B 150 17.66 -47.52 0.09
N TYR B 151 17.17 -46.35 0.52
CA TYR B 151 16.06 -46.26 1.46
C TYR B 151 14.72 -46.56 0.83
N GLY B 152 14.59 -46.29 -0.46
CA GLY B 152 13.32 -46.49 -1.15
C GLY B 152 12.47 -45.27 -0.87
N CYS B 153 11.26 -45.21 -1.42
CA CYS B 153 10.39 -44.05 -1.22
C CYS B 153 9.31 -44.28 -0.18
N HIS B 154 8.68 -45.44 -0.18
CA HIS B 154 7.59 -45.74 0.74
C HIS B 154 8.03 -46.05 2.17
N PHE B 155 9.31 -45.80 2.52
CA PHE B 155 9.79 -46.05 3.86
C PHE B 155 9.54 -44.82 4.74
N LEU B 156 10.12 -43.66 4.38
CA LEU B 156 9.96 -42.43 5.18
C LEU B 156 8.94 -41.45 4.59
N LYS B 157 8.50 -41.66 3.35
CA LYS B 157 7.53 -40.76 2.74
C LYS B 157 6.21 -41.49 2.57
N PRO B 158 5.08 -40.82 2.79
CA PRO B 158 4.93 -39.40 3.18
C PRO B 158 5.22 -39.16 4.65
N THR B 159 6.13 -38.22 4.92
CA THR B 159 6.54 -37.86 6.28
C THR B 159 5.41 -37.32 7.15
N ASP B 160 4.40 -36.68 6.54
CA ASP B 160 3.29 -36.11 7.31
C ASP B 160 2.53 -37.16 8.12
N VAL B 161 2.57 -38.44 7.70
CA VAL B 161 1.91 -39.53 8.43
C VAL B 161 2.92 -40.52 9.00
N LYS B 162 4.08 -40.70 8.35
CA LYS B 162 5.09 -41.65 8.82
C LYS B 162 5.75 -41.19 10.11
N HIS B 163 6.14 -39.92 10.18
CA HIS B 163 6.80 -39.35 11.35
C HIS B 163 8.07 -40.13 11.72
N LEU B 164 8.90 -40.46 10.71
CA LEU B 164 10.14 -41.19 10.88
C LEU B 164 11.31 -40.25 10.61
N GLY B 165 11.07 -38.95 10.77
CA GLY B 165 12.09 -37.94 10.55
C GLY B 165 12.26 -37.51 9.12
N SER B 166 13.40 -36.92 8.82
CA SER B 166 13.75 -36.41 7.51
C SER B 166 13.82 -37.46 6.41
N ALA B 167 13.23 -37.13 5.26
CA ALA B 167 13.23 -37.97 4.08
C ALA B 167 14.35 -37.47 3.16
N GLU B 168 14.86 -36.24 3.40
CA GLU B 168 15.93 -35.63 2.60
C GLU B 168 17.31 -36.08 3.07
N ARG B 169 17.54 -36.11 4.38
CA ARG B 169 18.82 -36.48 4.95
C ARG B 169 18.65 -37.47 6.11
N PRO B 170 18.21 -38.71 5.82
CA PRO B 170 18.04 -39.68 6.90
C PRO B 170 19.33 -40.40 7.30
N VAL B 171 19.34 -40.94 8.53
CA VAL B 171 20.48 -41.69 9.08
C VAL B 171 20.09 -43.12 9.48
N MET B 172 18.80 -43.32 9.82
CA MET B 172 18.21 -44.61 10.24
C MET B 172 18.85 -45.87 9.64
N LEU B 173 18.79 -46.06 8.32
CA LEU B 173 19.37 -47.25 7.68
C LEU B 173 20.87 -47.25 7.71
N ASP B 174 21.47 -46.08 7.51
CA ASP B 174 22.91 -45.96 7.49
C ASP B 174 23.50 -46.42 8.82
N GLU B 175 22.86 -46.07 9.93
CA GLU B 175 23.32 -46.46 11.26
C GLU B 175 23.11 -47.96 11.49
N ILE B 176 22.06 -48.55 10.89
CA ILE B 176 21.78 -49.97 11.04
C ILE B 176 22.79 -50.79 10.23
N VAL B 177 23.11 -50.39 8.98
CA VAL B 177 24.07 -51.14 8.17
C VAL B 177 25.47 -50.96 8.75
N GLU B 178 25.82 -49.75 9.23
CA GLU B 178 27.15 -49.50 9.81
C GLU B 178 27.39 -50.31 11.07
N ALA B 179 26.33 -50.70 11.79
CA ALA B 179 26.45 -51.50 13.01
C ALA B 179 26.99 -52.92 12.70
N THR B 180 26.88 -53.39 11.43
CA THR B 180 27.39 -54.71 11.03
C THR B 180 28.88 -54.64 10.67
N GLY B 181 29.49 -53.46 10.81
CA GLY B 181 30.91 -53.25 10.50
C GLY B 181 31.11 -52.67 9.12
N ALA B 182 30.01 -52.43 8.39
CA ALA B 182 30.03 -51.89 7.03
C ALA B 182 30.13 -50.38 7.02
N LYS B 183 30.20 -49.79 5.81
CA LYS B 183 30.27 -48.35 5.65
C LYS B 183 29.25 -47.91 4.62
N SER B 184 28.35 -47.02 5.01
CA SER B 184 27.34 -46.51 4.08
C SER B 184 27.99 -45.42 3.29
N VAL B 185 28.33 -45.68 2.02
CA VAL B 185 29.00 -44.68 1.21
C VAL B 185 28.06 -43.59 0.71
N PRO B 186 28.46 -42.31 0.81
CA PRO B 186 27.58 -41.23 0.31
C PRO B 186 27.65 -41.21 -1.21
N TYR B 187 26.50 -41.19 -1.88
CA TYR B 187 26.47 -41.16 -3.34
C TYR B 187 25.46 -40.14 -3.87
N ALA B 188 25.61 -39.77 -5.15
CA ALA B 188 24.74 -38.78 -5.80
C ALA B 188 23.27 -39.17 -5.84
N ASP B 189 22.39 -38.19 -5.55
CA ASP B 189 20.93 -38.38 -5.54
C ASP B 189 20.56 -39.66 -4.78
N LYS B 190 21.13 -39.81 -3.58
CA LYS B 190 20.92 -40.96 -2.71
C LYS B 190 19.45 -41.25 -2.43
N MET B 191 18.67 -40.22 -2.15
CA MET B 191 17.26 -40.40 -1.82
C MET B 191 16.33 -40.53 -3.05
N MET B 192 16.88 -40.58 -4.26
CA MET B 192 16.04 -40.71 -5.45
C MET B 192 15.44 -42.12 -5.57
N CYS B 193 14.31 -42.22 -6.27
CA CYS B 193 13.55 -43.45 -6.51
C CYS B 193 14.32 -44.46 -7.39
N CYS B 194 14.10 -45.77 -7.16
CA CYS B 194 14.78 -46.80 -7.95
C CYS B 194 14.15 -46.87 -9.36
N GLY B 195 12.88 -46.44 -9.49
CA GLY B 195 12.17 -46.42 -10.76
C GLY B 195 11.08 -47.45 -10.93
N ALA B 196 10.98 -48.44 -10.04
CA ALA B 196 9.98 -49.52 -10.15
C ALA B 196 8.58 -49.18 -9.64
N GLY B 197 8.47 -48.33 -8.63
CA GLY B 197 7.19 -47.96 -8.02
C GLY B 197 6.07 -47.50 -8.93
N GLY B 198 4.88 -47.38 -8.34
CA GLY B 198 3.66 -46.94 -9.01
C GLY B 198 3.28 -47.67 -10.28
N GLY B 199 3.70 -48.92 -10.41
CA GLY B 199 3.39 -49.71 -11.60
C GLY B 199 4.25 -49.36 -12.79
N VAL B 200 5.32 -48.58 -12.57
CA VAL B 200 6.21 -48.18 -13.65
C VAL B 200 7.04 -49.36 -14.17
N ARG B 201 7.52 -50.24 -13.28
CA ARG B 201 8.32 -51.38 -13.73
C ARG B 201 7.56 -52.21 -14.78
N ALA B 202 6.29 -52.50 -14.52
CA ALA B 202 5.45 -53.31 -15.40
C ALA B 202 5.02 -52.62 -16.71
N ARG B 203 4.50 -51.40 -16.62
CA ARG B 203 4.01 -50.67 -17.80
C ARG B 203 5.12 -49.92 -18.57
N GLU B 204 6.07 -49.27 -17.86
CA GLU B 204 7.17 -48.53 -18.49
C GLU B 204 8.51 -49.07 -18.00
N LEU B 205 8.89 -50.27 -18.46
CA LEU B 205 10.13 -50.94 -18.06
C LEU B 205 11.40 -50.13 -18.38
N GLU B 206 11.62 -49.73 -19.64
CA GLU B 206 12.85 -48.98 -19.98
C GLU B 206 13.02 -47.71 -19.14
N LEU B 207 11.92 -47.01 -18.83
CA LEU B 207 11.97 -45.80 -18.01
C LEU B 207 12.42 -46.17 -16.58
N SER B 208 11.92 -47.29 -16.04
CA SER B 208 12.29 -47.74 -14.70
C SER B 208 13.78 -48.09 -14.66
N LEU B 209 14.26 -48.81 -15.68
CA LEU B 209 15.67 -49.23 -15.79
C LEU B 209 16.62 -48.06 -15.88
N ASP B 210 16.18 -46.98 -16.54
CA ASP B 210 17.00 -45.79 -16.69
C ASP B 210 17.33 -45.21 -15.31
N MET B 211 16.32 -45.14 -14.42
CA MET B 211 16.51 -44.62 -13.08
C MET B 211 17.36 -45.57 -12.23
N THR B 212 17.12 -46.89 -12.34
CA THR B 212 17.88 -47.88 -11.58
C THR B 212 19.36 -47.80 -11.97
N ASN B 213 19.61 -47.69 -13.28
CA ASN B 213 20.96 -47.57 -13.83
C ASN B 213 21.67 -46.35 -13.27
N GLU B 214 20.97 -45.21 -13.19
CA GLU B 214 21.56 -43.97 -12.64
C GLU B 214 21.98 -44.24 -11.20
N LYS B 215 21.10 -44.88 -10.42
CA LYS B 215 21.40 -45.20 -9.02
C LYS B 215 22.61 -46.13 -8.90
N ILE B 216 22.68 -47.20 -9.71
CA ILE B 216 23.80 -48.14 -9.67
C ILE B 216 25.11 -47.43 -10.03
N GLU B 217 25.10 -46.63 -11.11
CA GLU B 217 26.28 -45.88 -11.55
C GLU B 217 26.79 -45.00 -10.43
N ASN B 218 25.89 -44.27 -9.77
CA ASN B 218 26.24 -43.37 -8.67
C ASN B 218 26.84 -44.14 -7.51
N MET B 219 26.26 -45.30 -7.16
CA MET B 219 26.77 -46.11 -6.05
C MET B 219 28.17 -46.64 -6.41
N ILE B 220 28.35 -47.14 -7.65
CA ILE B 220 29.66 -47.66 -8.07
C ILE B 220 30.71 -46.55 -8.08
N LYS B 221 30.34 -45.33 -8.50
CA LYS B 221 31.27 -44.20 -8.51
C LYS B 221 31.66 -43.81 -7.07
N ALA B 222 30.75 -44.04 -6.10
CA ALA B 222 31.00 -43.74 -4.68
C ALA B 222 31.87 -44.83 -4.01
N GLY B 223 32.15 -45.92 -4.72
CA GLY B 223 32.98 -47.01 -4.22
C GLY B 223 32.23 -48.09 -3.48
N ALA B 224 30.96 -48.32 -3.81
CA ALA B 224 30.16 -49.34 -3.15
C ALA B 224 30.49 -50.74 -3.65
N ASP B 225 30.43 -51.72 -2.75
CA ASP B 225 30.69 -53.11 -3.08
C ASP B 225 29.35 -53.79 -3.36
N CYS B 226 28.24 -53.18 -2.89
CA CYS B 226 26.90 -53.73 -3.08
C CYS B 226 25.86 -52.67 -2.76
N THR B 227 24.58 -53.05 -2.85
CA THR B 227 23.47 -52.15 -2.52
C THR B 227 22.57 -52.86 -1.53
N VAL B 228 22.11 -52.13 -0.50
CA VAL B 228 21.24 -52.69 0.50
C VAL B 228 19.94 -51.92 0.48
N ASN B 229 18.82 -52.66 0.42
CA ASN B 229 17.50 -52.07 0.38
C ASN B 229 16.65 -52.69 1.46
N VAL B 230 15.46 -52.16 1.64
CA VAL B 230 14.50 -52.64 2.63
C VAL B 230 13.19 -52.79 1.88
N CYS B 231 13.27 -53.33 0.65
CA CYS B 231 12.08 -53.49 -0.17
C CYS B 231 12.22 -54.52 -1.29
N PRO B 232 11.50 -55.65 -1.17
CA PRO B 232 11.55 -56.67 -2.23
C PRO B 232 11.34 -56.12 -3.65
N PHE B 233 10.57 -55.03 -3.80
CA PHE B 233 10.32 -54.39 -5.10
C PHE B 233 11.62 -53.72 -5.55
N CYS B 234 12.27 -52.97 -4.65
CA CYS B 234 13.54 -52.31 -4.96
C CYS B 234 14.54 -53.42 -5.26
N HIS B 235 14.50 -54.49 -4.45
CA HIS B 235 15.38 -55.65 -4.58
C HIS B 235 15.30 -56.26 -5.98
N LEU B 236 14.09 -56.57 -6.45
CA LEU B 236 13.84 -57.14 -7.77
C LEU B 236 14.33 -56.17 -8.85
N GLN B 237 14.00 -54.87 -8.72
CA GLN B 237 14.41 -53.85 -9.69
C GLN B 237 15.91 -53.75 -9.81
N PHE B 238 16.62 -53.72 -8.68
CA PHE B 238 18.07 -53.64 -8.71
C PHE B 238 18.68 -54.93 -9.22
N ASP B 239 18.18 -56.08 -8.74
CA ASP B 239 18.68 -57.40 -9.13
C ASP B 239 18.31 -57.78 -10.56
N ARG B 240 17.01 -58.04 -10.82
CA ARG B 240 16.53 -58.44 -12.14
C ARG B 240 16.73 -57.32 -13.19
N GLY B 241 16.71 -56.05 -12.76
CA GLY B 241 16.91 -54.92 -13.66
C GLY B 241 18.30 -54.87 -14.26
N GLN B 242 19.31 -55.36 -13.53
CA GLN B 242 20.68 -55.36 -14.03
C GLN B 242 20.80 -56.29 -15.26
N ILE B 243 19.98 -57.35 -15.32
CA ILE B 243 19.98 -58.29 -16.45
C ILE B 243 19.30 -57.56 -17.61
N GLU B 244 18.20 -56.86 -17.32
CA GLU B 244 17.44 -56.11 -18.31
C GLU B 244 18.30 -54.98 -18.90
N ILE B 245 19.08 -54.27 -18.06
CA ILE B 245 19.95 -53.19 -18.54
C ILE B 245 20.98 -53.78 -19.51
N LYS B 246 21.49 -54.98 -19.19
CA LYS B 246 22.46 -55.68 -20.01
C LYS B 246 21.83 -56.12 -21.33
N GLU B 247 20.62 -56.69 -21.28
CA GLU B 247 19.91 -57.18 -22.47
C GLU B 247 19.40 -56.07 -23.37
N LYS B 248 19.16 -54.88 -22.83
CA LYS B 248 18.67 -53.80 -23.65
C LYS B 248 19.77 -52.82 -24.03
N PHE B 249 20.39 -52.18 -23.04
CA PHE B 249 21.44 -51.19 -23.27
C PHE B 249 22.80 -51.78 -23.59
N GLY B 250 23.13 -52.92 -22.99
CA GLY B 250 24.43 -53.55 -23.19
C GLY B 250 25.41 -53.20 -22.08
N LYS B 251 24.91 -52.58 -20.97
CA LYS B 251 25.78 -52.21 -19.84
C LYS B 251 25.72 -53.27 -18.76
N GLU B 252 26.90 -53.73 -18.34
CA GLU B 252 27.06 -54.76 -17.33
C GLU B 252 27.76 -54.19 -16.10
N TYR B 253 27.31 -54.57 -14.90
CA TYR B 253 27.89 -54.11 -13.64
C TYR B 253 28.17 -55.27 -12.69
N ASN B 254 27.27 -56.27 -12.65
CA ASN B 254 27.39 -57.43 -11.75
C ASN B 254 27.56 -56.92 -10.34
N PHE B 255 26.68 -55.96 -9.98
CA PHE B 255 26.65 -55.28 -8.70
C PHE B 255 25.76 -56.04 -7.72
N PRO B 256 26.33 -56.68 -6.68
CA PRO B 256 25.50 -57.43 -5.74
C PRO B 256 24.40 -56.62 -5.07
N VAL B 257 23.21 -57.23 -4.95
CA VAL B 257 22.03 -56.62 -4.34
C VAL B 257 21.64 -57.45 -3.14
N LEU B 258 21.38 -56.79 -2.00
CA LEU B 258 20.98 -57.49 -0.78
C LEU B 258 19.85 -56.75 -0.11
N HIS B 259 19.01 -57.50 0.60
CA HIS B 259 17.93 -56.91 1.36
C HIS B 259 18.54 -56.77 2.75
N LEU B 260 18.18 -55.74 3.50
CA LEU B 260 18.77 -55.55 4.83
C LEU B 260 18.73 -56.81 5.70
N SER B 261 17.63 -57.57 5.70
CA SER B 261 17.56 -58.78 6.51
C SER B 261 18.69 -59.77 6.11
N GLN B 262 19.01 -59.86 4.79
CA GLN B 262 20.07 -60.75 4.31
C GLN B 262 21.42 -60.24 4.78
N LEU B 263 21.61 -58.91 4.79
CA LEU B 263 22.86 -58.27 5.23
C LEU B 263 23.01 -58.52 6.74
N LEU B 264 21.93 -58.30 7.51
CA LEU B 264 21.96 -58.52 8.97
C LEU B 264 22.16 -60.00 9.28
N GLY B 265 21.67 -60.88 8.39
CA GLY B 265 21.81 -62.32 8.56
C GLY B 265 23.27 -62.72 8.44
N LEU B 266 23.95 -62.23 7.39
CA LEU B 266 25.37 -62.51 7.17
C LEU B 266 26.14 -62.05 8.40
N ALA B 267 25.85 -60.83 8.85
CA ALA B 267 26.48 -60.22 10.01
C ALA B 267 26.31 -61.08 11.26
N MET B 268 25.13 -61.70 11.42
CA MET B 268 24.85 -62.56 12.57
C MET B 268 25.30 -64.03 12.38
N GLY B 269 26.23 -64.26 11.44
CA GLY B 269 26.80 -65.58 11.16
C GLY B 269 25.89 -66.61 10.51
N MET B 270 24.95 -66.17 9.65
CA MET B 270 24.07 -67.14 8.98
C MET B 270 24.76 -67.76 7.78
N ASP B 271 24.27 -68.94 7.38
CA ASP B 271 24.80 -69.67 6.24
C ASP B 271 24.31 -68.95 4.97
N PRO B 272 25.20 -68.53 4.05
CA PRO B 272 24.71 -67.85 2.84
C PRO B 272 23.69 -68.67 2.05
N LYS B 273 23.73 -70.01 2.20
CA LYS B 273 22.79 -70.90 1.52
C LYS B 273 21.37 -70.64 2.05
N ASP B 274 21.25 -70.39 3.37
CA ASP B 274 19.94 -70.12 3.98
C ASP B 274 19.40 -68.75 3.58
N LEU B 275 20.26 -67.83 3.11
CA LEU B 275 19.84 -66.48 2.69
C LEU B 275 19.40 -66.49 1.22
N ALA B 276 19.52 -67.65 0.54
CA ALA B 276 19.13 -67.87 -0.86
C ALA B 276 19.67 -66.83 -1.83
N LEU B 277 20.98 -66.63 -1.81
CA LEU B 277 21.62 -65.68 -2.72
C LEU B 277 21.73 -66.34 -4.11
N SER B 278 21.62 -67.69 -4.18
CA SER B 278 21.69 -68.43 -5.44
C SER B 278 20.54 -68.10 -6.39
N VAL B 279 19.34 -67.79 -5.87
CA VAL B 279 18.19 -67.44 -6.74
C VAL B 279 18.29 -66.00 -7.25
N HIS B 280 19.26 -65.20 -6.77
CA HIS B 280 19.44 -63.82 -7.25
C HIS B 280 19.90 -63.87 -8.69
N GLN B 281 19.50 -62.88 -9.49
CA GLN B 281 19.89 -62.81 -10.89
C GLN B 281 21.34 -62.39 -11.02
N ILE B 282 21.80 -61.49 -10.12
CA ILE B 282 23.17 -61.02 -10.11
C ILE B 282 23.87 -61.77 -9.00
N SER B 283 24.99 -62.41 -9.31
CA SER B 283 25.74 -63.18 -8.33
C SER B 283 26.23 -62.33 -7.18
N VAL B 284 26.05 -62.84 -5.96
CA VAL B 284 26.47 -62.19 -4.73
C VAL B 284 27.86 -62.72 -4.36
N ASP B 285 28.34 -63.76 -5.10
CA ASP B 285 29.64 -64.37 -4.84
C ASP B 285 30.77 -63.33 -4.77
N PRO B 286 30.85 -62.32 -5.66
CA PRO B 286 31.94 -61.32 -5.52
C PRO B 286 31.91 -60.65 -4.16
N LEU B 287 30.71 -60.36 -3.62
CA LEU B 287 30.60 -59.74 -2.31
C LEU B 287 30.97 -60.76 -1.23
N LEU B 288 30.55 -62.02 -1.39
CA LEU B 288 30.87 -63.08 -0.42
C LEU B 288 32.38 -63.28 -0.29
N LYS B 289 33.15 -62.98 -1.36
CA LYS B 289 34.60 -63.12 -1.32
C LYS B 289 35.17 -61.98 -0.47
N LYS B 290 34.55 -60.78 -0.57
CA LYS B 290 34.97 -59.60 0.19
C LYS B 290 34.64 -59.74 1.70
N ILE B 291 33.78 -60.73 2.06
CA ILE B 291 33.41 -61.01 3.45
C ILE B 291 33.65 -62.50 3.69
N MET C 1 -4.79 -25.43 -30.87
CA MET C 1 -6.08 -24.78 -30.74
C MET C 1 -6.96 -25.61 -29.86
N ILE C 2 -7.22 -25.11 -28.65
CA ILE C 2 -8.06 -25.80 -27.71
C ILE C 2 -9.31 -24.96 -27.59
N TYR C 3 -10.45 -25.53 -27.95
CA TYR C 3 -11.73 -24.85 -27.89
C TYR C 3 -12.49 -25.36 -26.68
N SER C 4 -13.49 -24.59 -26.23
CA SER C 4 -14.31 -24.98 -25.09
C SER C 4 -14.93 -26.37 -25.31
N SER C 5 -15.25 -26.72 -26.56
CA SER C 5 -15.86 -28.00 -26.91
C SER C 5 -14.91 -29.20 -26.71
N ASP C 6 -13.60 -28.96 -26.65
CA ASP C 6 -12.61 -30.02 -26.46
C ASP C 6 -12.34 -30.21 -24.97
N LEU C 7 -12.93 -29.36 -24.11
CA LEU C 7 -12.71 -29.43 -22.67
C LEU C 7 -13.89 -30.03 -21.90
N ASN C 8 -13.56 -30.71 -20.80
CA ASN C 8 -14.51 -31.34 -19.88
C ASN C 8 -14.35 -30.51 -18.61
N LYS C 9 -15.24 -29.53 -18.40
CA LYS C 9 -15.18 -28.59 -17.27
C LYS C 9 -15.22 -29.25 -15.93
N ASN C 10 -15.96 -30.34 -15.80
CA ASN C 10 -16.07 -31.01 -14.52
C ASN C 10 -14.96 -32.01 -14.17
N LEU C 11 -13.89 -32.11 -14.97
CA LEU C 11 -12.81 -33.05 -14.69
C LEU C 11 -12.23 -32.94 -13.26
N ALA C 12 -12.00 -31.72 -12.74
CA ALA C 12 -11.45 -31.54 -11.39
C ALA C 12 -12.41 -32.12 -10.36
N SER C 13 -13.67 -31.71 -10.46
CA SER C 13 -14.72 -32.18 -9.57
C SER C 13 -14.82 -33.70 -9.67
N GLN C 14 -14.77 -34.21 -10.91
CA GLN C 14 -14.83 -35.64 -11.18
C GLN C 14 -13.65 -36.37 -10.50
N ILE C 15 -12.43 -35.78 -10.51
CA ILE C 15 -11.26 -36.38 -9.85
C ILE C 15 -11.50 -36.40 -8.34
N ILE C 16 -12.10 -35.33 -7.80
CA ILE C 16 -12.39 -35.22 -6.36
C ILE C 16 -13.42 -36.23 -5.91
N GLU C 17 -14.49 -36.44 -6.68
CA GLU C 17 -15.51 -37.40 -6.30
C GLU C 17 -14.92 -38.82 -6.31
N ALA C 18 -14.05 -39.12 -7.28
CA ALA C 18 -13.41 -40.44 -7.37
C ALA C 18 -12.52 -40.67 -6.15
N GLY C 19 -12.05 -39.58 -5.53
CA GLY C 19 -11.20 -39.62 -4.34
C GLY C 19 -11.97 -39.49 -3.03
N THR C 20 -13.31 -39.39 -3.08
CA THR C 20 -14.12 -39.28 -1.87
C THR C 20 -14.87 -40.61 -1.66
N PRO C 21 -14.80 -41.25 -0.48
CA PRO C 21 -14.07 -40.86 0.74
C PRO C 21 -12.62 -41.36 0.82
N ILE C 22 -12.12 -42.08 -0.21
CA ILE C 22 -10.76 -42.60 -0.20
C ILE C 22 -10.02 -42.08 -1.44
N PRO C 23 -8.86 -41.40 -1.31
CA PRO C 23 -8.11 -41.07 -0.08
C PRO C 23 -8.71 -39.97 0.79
N GLY C 24 -9.79 -39.31 0.32
CA GLY C 24 -10.42 -38.24 1.09
C GLY C 24 -10.72 -37.02 0.27
N ASP C 25 -11.85 -36.36 0.60
CA ASP C 25 -12.28 -35.15 -0.09
C ASP C 25 -11.24 -34.04 0.08
N ASP C 26 -10.75 -33.82 1.32
CA ASP C 26 -9.75 -32.79 1.61
C ASP C 26 -8.43 -33.10 0.88
N VAL C 27 -8.07 -34.38 0.76
CA VAL C 27 -6.84 -34.79 0.10
C VAL C 27 -6.85 -34.47 -1.38
N VAL C 28 -7.80 -35.02 -2.12
CA VAL C 28 -7.87 -34.79 -3.56
C VAL C 28 -8.35 -33.36 -3.93
N SER C 29 -9.14 -32.67 -3.07
CA SER C 29 -9.55 -31.30 -3.42
C SER C 29 -8.35 -30.37 -3.38
N SER C 30 -7.22 -30.83 -2.83
CA SER C 30 -6.01 -30.04 -2.75
C SER C 30 -5.51 -29.63 -4.16
N LEU C 31 -5.90 -30.36 -5.24
CA LEU C 31 -5.46 -29.98 -6.60
C LEU C 31 -5.90 -28.56 -6.93
N LYS C 32 -7.02 -28.11 -6.34
CA LYS C 32 -7.52 -26.75 -6.59
C LYS C 32 -6.59 -25.69 -5.97
N ALA C 33 -5.67 -26.07 -5.07
CA ALA C 33 -4.74 -25.12 -4.44
C ALA C 33 -3.50 -24.89 -5.30
N CYS C 34 -3.27 -25.73 -6.32
CA CYS C 34 -2.10 -25.61 -7.20
C CYS C 34 -1.96 -24.26 -7.87
N TYR C 35 -0.77 -23.64 -7.77
CA TYR C 35 -0.54 -22.37 -8.44
C TYR C 35 0.52 -22.50 -9.54
N GLN C 36 0.65 -23.71 -10.09
CA GLN C 36 1.56 -24.02 -11.19
C GLN C 36 3.00 -23.52 -10.99
N CYS C 37 3.59 -23.75 -9.83
CA CYS C 37 4.95 -23.30 -9.56
C CYS C 37 6.05 -24.13 -10.25
N GLY C 38 5.82 -25.42 -10.46
CA GLY C 38 6.81 -26.28 -11.11
C GLY C 38 7.68 -27.10 -10.18
N THR C 39 7.61 -26.85 -8.86
CA THR C 39 8.42 -27.59 -7.88
C THR C 39 8.24 -29.11 -8.05
N CYS C 40 7.02 -29.55 -8.34
CA CYS C 40 6.74 -30.97 -8.54
C CYS C 40 7.50 -31.54 -9.75
N THR C 41 7.48 -30.81 -10.88
CA THR C 41 8.17 -31.25 -12.10
C THR C 41 9.69 -31.29 -11.91
N GLY C 42 10.23 -30.27 -11.24
CA GLY C 42 11.66 -30.18 -10.98
C GLY C 42 12.16 -31.28 -10.07
N SER C 43 11.29 -31.80 -9.20
CA SER C 43 11.61 -32.87 -8.25
C SER C 43 11.35 -34.25 -8.83
N CYS C 44 10.71 -34.34 -9.98
CA CYS C 44 10.36 -35.62 -10.58
C CYS C 44 11.51 -36.38 -11.21
N PRO C 45 11.86 -37.57 -10.67
CA PRO C 45 12.95 -38.34 -11.29
C PRO C 45 12.52 -38.85 -12.66
N SER C 46 11.25 -39.19 -12.83
CA SER C 46 10.75 -39.68 -14.12
C SER C 46 10.78 -38.58 -15.16
N GLY C 47 10.47 -37.35 -14.75
CA GLY C 47 10.46 -36.20 -15.64
C GLY C 47 11.81 -35.87 -16.24
N ARG C 48 12.91 -36.36 -15.63
CA ARG C 48 14.27 -36.10 -16.13
C ARG C 48 14.69 -36.97 -17.32
N ARG C 49 13.90 -37.98 -17.70
CA ARG C 49 14.24 -38.84 -18.84
C ARG C 49 13.04 -39.00 -19.76
N THR C 50 11.96 -38.22 -19.56
CA THR C 50 10.77 -38.34 -20.40
C THR C 50 10.13 -36.98 -20.62
N SER C 51 9.04 -36.99 -21.37
CA SER C 51 8.26 -35.80 -21.68
C SER C 51 7.27 -35.53 -20.54
N TYR C 52 7.22 -36.40 -19.51
CA TYR C 52 6.31 -36.27 -18.36
C TYR C 52 6.62 -35.04 -17.52
N ARG C 53 5.60 -34.20 -17.31
CA ARG C 53 5.73 -32.99 -16.53
C ARG C 53 4.57 -32.99 -15.55
N THR C 54 4.87 -33.28 -14.28
CA THR C 54 3.89 -33.37 -13.21
C THR C 54 2.94 -32.16 -13.16
N ARG C 55 3.47 -30.94 -13.23
CA ARG C 55 2.66 -29.72 -13.19
C ARG C 55 1.58 -29.71 -14.30
N LYS C 56 1.91 -30.19 -15.50
CA LYS C 56 0.93 -30.21 -16.61
C LYS C 56 -0.24 -31.14 -16.34
N VAL C 57 -0.02 -32.24 -15.62
CA VAL C 57 -1.10 -33.16 -15.31
C VAL C 57 -2.15 -32.40 -14.50
N ILE C 58 -1.70 -31.69 -13.45
CA ILE C 58 -2.58 -30.90 -12.59
C ILE C 58 -3.22 -29.76 -13.40
N ARG C 59 -2.48 -29.16 -14.34
CA ARG C 59 -3.00 -28.08 -15.17
C ARG C 59 -4.12 -28.62 -16.05
N LYS C 60 -3.86 -29.75 -16.72
CA LYS C 60 -4.83 -30.38 -17.59
C LYS C 60 -6.09 -30.71 -16.79
N ALA C 61 -5.91 -31.16 -15.54
CA ALA C 61 -7.02 -31.51 -14.65
C ALA C 61 -7.88 -30.27 -14.35
N LEU C 62 -7.24 -29.12 -14.10
CA LEU C 62 -7.95 -27.88 -13.80
C LEU C 62 -8.55 -27.24 -15.06
N LEU C 63 -7.88 -27.35 -16.21
CA LEU C 63 -8.36 -26.78 -17.46
C LEU C 63 -9.51 -27.61 -18.03
N GLY C 64 -9.45 -28.92 -17.82
CA GLY C 64 -10.47 -29.86 -18.28
C GLY C 64 -10.05 -30.64 -19.50
N MET C 65 -8.76 -30.95 -19.64
CA MET C 65 -8.30 -31.70 -20.80
C MET C 65 -8.37 -33.18 -20.54
N ASP C 66 -9.47 -33.79 -20.99
CA ASP C 66 -9.76 -35.22 -20.85
C ASP C 66 -8.64 -36.11 -21.31
N ASP C 67 -7.89 -35.70 -22.35
CA ASP C 67 -6.81 -36.54 -22.87
C ASP C 67 -5.85 -36.99 -21.77
N VAL C 68 -5.76 -36.25 -20.64
CA VAL C 68 -4.87 -36.64 -19.53
C VAL C 68 -5.23 -38.06 -19.08
N LEU C 69 -6.52 -38.44 -19.14
CA LEU C 69 -6.95 -39.77 -18.73
C LEU C 69 -6.49 -40.85 -19.72
N ASP C 70 -6.24 -40.46 -20.98
CA ASP C 70 -5.81 -41.38 -22.03
C ASP C 70 -4.29 -41.40 -22.16
N SER C 71 -3.60 -40.49 -21.46
CA SER C 71 -2.15 -40.36 -21.52
C SER C 71 -1.34 -41.47 -20.87
N ASP C 72 -0.17 -41.75 -21.45
CA ASP C 72 0.77 -42.73 -20.95
C ASP C 72 1.63 -42.04 -19.89
N ASP C 73 1.68 -40.68 -19.94
CA ASP C 73 2.46 -39.84 -19.02
C ASP C 73 2.07 -40.01 -17.54
N ILE C 74 0.75 -40.06 -17.21
CA ILE C 74 0.32 -40.21 -15.81
C ILE C 74 0.78 -41.55 -15.23
N TRP C 75 1.05 -42.54 -16.10
CA TRP C 75 1.50 -43.86 -15.69
C TRP C 75 3.02 -43.94 -15.52
N LYS C 76 3.75 -42.82 -15.76
CA LYS C 76 5.22 -42.79 -15.62
C LYS C 76 5.64 -42.32 -14.22
N CYS C 77 4.66 -41.96 -13.36
CA CYS C 77 4.97 -41.52 -12.00
C CYS C 77 5.17 -42.78 -11.14
N THR C 78 6.28 -42.84 -10.39
CA THR C 78 6.58 -44.00 -9.54
C THR C 78 5.99 -43.92 -8.13
N THR C 79 5.36 -42.79 -7.78
CA THR C 79 4.78 -42.55 -6.45
C THR C 79 5.92 -42.44 -5.44
N CYS C 80 6.95 -41.65 -5.79
CA CYS C 80 8.12 -41.42 -4.96
C CYS C 80 7.80 -40.41 -3.84
N TYR C 81 6.66 -39.68 -3.97
CA TYR C 81 6.22 -38.68 -2.98
C TYR C 81 7.12 -37.45 -2.82
N THR C 82 8.11 -37.22 -3.69
CA THR C 82 8.97 -36.06 -3.54
C THR C 82 8.14 -34.79 -3.75
N CYS C 83 7.36 -34.74 -4.83
CA CYS C 83 6.50 -33.60 -5.12
C CYS C 83 5.55 -33.38 -3.94
N TYR C 84 4.94 -34.47 -3.44
CA TYR C 84 4.03 -34.43 -2.28
C TYR C 84 4.74 -33.76 -1.08
N GLU C 85 6.01 -34.09 -0.85
CA GLU C 85 6.80 -33.53 0.26
C GLU C 85 7.24 -32.08 0.08
N ARG C 86 7.40 -31.63 -1.17
CA ARG C 86 7.90 -30.27 -1.43
C ARG C 86 6.88 -29.23 -1.88
N CYS C 87 5.67 -29.63 -2.27
CA CYS C 87 4.69 -28.63 -2.73
C CYS C 87 4.39 -27.52 -1.71
N PRO C 88 4.68 -26.25 -2.05
CA PRO C 88 4.39 -25.16 -1.12
C PRO C 88 2.90 -24.86 -0.94
N ARG C 89 2.02 -25.46 -1.77
CA ARG C 89 0.57 -25.21 -1.68
C ARG C 89 -0.18 -26.37 -1.01
N ASP C 90 0.53 -27.37 -0.49
CA ASP C 90 -0.06 -28.54 0.19
C ASP C 90 -0.88 -29.39 -0.74
N VAL C 91 -0.54 -29.40 -2.03
CA VAL C 91 -1.24 -30.22 -2.98
C VAL C 91 -0.75 -31.63 -2.67
N LYS C 92 -1.64 -32.62 -2.65
CA LYS C 92 -1.28 -33.99 -2.36
C LYS C 92 -1.15 -34.62 -3.72
N VAL C 93 -0.14 -34.13 -4.45
CA VAL C 93 0.16 -34.50 -5.83
C VAL C 93 0.10 -36.01 -6.10
N THR C 94 0.89 -36.82 -5.38
CA THR C 94 0.93 -38.26 -5.57
C THR C 94 -0.45 -38.90 -5.46
N GLU C 95 -1.26 -38.46 -4.49
CA GLU C 95 -2.60 -39.01 -4.33
C GLU C 95 -3.51 -38.60 -5.49
N ILE C 96 -3.35 -37.37 -6.01
CA ILE C 96 -4.16 -36.90 -7.14
C ILE C 96 -3.83 -37.72 -8.38
N ILE C 97 -2.54 -38.05 -8.59
CA ILE C 97 -2.13 -38.86 -9.75
C ILE C 97 -2.82 -40.21 -9.67
N LYS C 98 -2.75 -40.87 -8.51
CA LYS C 98 -3.37 -42.18 -8.30
C LYS C 98 -4.88 -42.12 -8.55
N THR C 99 -5.55 -41.04 -8.13
CA THR C 99 -7.00 -40.88 -8.33
C THR C 99 -7.30 -40.61 -9.81
N ILE C 100 -6.41 -39.90 -10.51
CA ILE C 100 -6.60 -39.65 -11.94
C ILE C 100 -6.49 -41.00 -12.64
N ARG C 101 -5.53 -41.84 -12.21
CA ARG C 101 -5.33 -43.18 -12.77
C ARG C 101 -6.59 -44.01 -12.57
N ASN C 102 -7.36 -43.76 -11.49
CA ASN C 102 -8.60 -44.48 -11.23
C ASN C 102 -9.58 -44.14 -12.35
N LEU C 103 -9.68 -42.86 -12.70
CA LEU C 103 -10.56 -42.45 -13.79
C LEU C 103 -10.04 -43.03 -15.11
N ALA C 104 -8.71 -43.11 -15.27
CA ALA C 104 -8.11 -43.67 -16.49
C ALA C 104 -8.48 -45.15 -16.60
N ALA C 105 -8.42 -45.88 -15.47
CA ALA C 105 -8.78 -47.30 -15.44
C ALA C 105 -10.24 -47.49 -15.85
N GLN C 106 -11.14 -46.62 -15.35
CA GLN C 106 -12.57 -46.69 -15.66
C GLN C 106 -12.86 -46.45 -17.15
N LYS C 107 -11.99 -45.72 -17.84
CA LYS C 107 -12.11 -45.41 -19.27
C LYS C 107 -11.56 -46.57 -20.12
N GLY C 108 -10.85 -47.50 -19.49
CA GLY C 108 -10.24 -48.64 -20.15
C GLY C 108 -8.76 -48.46 -20.36
N ASN C 109 -8.17 -47.38 -19.80
CA ASN C 109 -6.74 -47.13 -19.95
C ASN C 109 -5.97 -47.76 -18.81
N MET C 110 -5.78 -49.08 -18.95
CA MET C 110 -5.08 -49.94 -18.02
C MET C 110 -4.17 -50.82 -18.83
N ALA C 111 -2.91 -50.94 -18.45
CA ALA C 111 -2.01 -51.81 -19.20
C ALA C 111 -2.39 -53.24 -18.94
N LYS C 112 -2.14 -54.11 -19.92
CA LYS C 112 -2.47 -55.53 -19.79
C LYS C 112 -1.69 -56.16 -18.63
N ALA C 113 -0.42 -55.77 -18.43
CA ALA C 113 0.40 -56.32 -17.34
C ALA C 113 -0.22 -55.96 -15.99
N HIS C 114 -0.75 -54.75 -15.86
CA HIS C 114 -1.38 -54.30 -14.63
C HIS C 114 -2.67 -55.07 -14.40
N LYS C 115 -3.43 -55.34 -15.45
CA LYS C 115 -4.67 -56.10 -15.31
C LYS C 115 -4.30 -57.53 -14.90
N MET C 116 -3.19 -58.05 -15.44
CA MET C 116 -2.73 -59.39 -15.10
C MET C 116 -2.41 -59.43 -13.63
N THR C 117 -1.73 -58.38 -13.12
CA THR C 117 -1.38 -58.31 -11.72
C THR C 117 -2.64 -58.38 -10.89
N ALA C 118 -3.65 -57.59 -11.26
CA ALA C 118 -4.94 -57.55 -10.57
C ALA C 118 -5.64 -58.91 -10.63
N MET C 119 -5.54 -59.60 -11.77
CA MET C 119 -6.16 -60.92 -11.95
C MET C 119 -5.50 -61.96 -11.03
N TYR C 120 -4.19 -61.86 -10.82
CA TYR C 120 -3.49 -62.81 -9.96
C TYR C 120 -3.96 -62.70 -8.52
N VAL C 121 -4.22 -61.49 -8.05
CA VAL C 121 -4.69 -61.28 -6.69
C VAL C 121 -6.13 -61.77 -6.59
N LEU C 122 -6.90 -61.61 -7.65
CA LEU C 122 -8.30 -62.05 -7.69
C LEU C 122 -8.37 -63.59 -7.69
N LYS C 123 -7.54 -64.25 -8.51
CA LYS C 123 -7.52 -65.71 -8.61
C LYS C 123 -6.73 -66.43 -7.52
N TYR C 124 -5.55 -65.93 -7.14
CA TYR C 124 -4.72 -66.59 -6.13
C TYR C 124 -4.47 -65.73 -4.88
N GLY C 125 -5.14 -64.58 -4.77
CA GLY C 125 -4.99 -63.70 -3.62
C GLY C 125 -3.64 -62.99 -3.57
N HIS C 126 -2.76 -63.26 -4.56
CA HIS C 126 -1.42 -62.67 -4.58
C HIS C 126 -0.99 -62.20 -5.96
N ALA C 127 -0.31 -61.05 -6.01
CA ALA C 127 0.18 -60.44 -7.23
C ALA C 127 1.34 -61.27 -7.79
N VAL C 128 2.14 -61.87 -6.90
CA VAL C 128 3.28 -62.72 -7.28
C VAL C 128 3.03 -64.03 -6.55
N PRO C 129 2.24 -64.93 -7.14
CA PRO C 129 1.95 -66.19 -6.45
C PRO C 129 3.07 -67.20 -6.45
N ALA C 130 2.95 -68.16 -5.55
CA ALA C 130 3.91 -69.24 -5.38
C ALA C 130 3.80 -70.24 -6.55
N ASN C 131 4.94 -70.78 -6.99
CA ASN C 131 4.95 -71.77 -8.08
C ASN C 131 5.63 -73.05 -7.56
N LYS C 132 6.00 -73.98 -8.45
CA LYS C 132 6.65 -75.23 -8.02
C LYS C 132 8.04 -74.95 -7.46
N ASN C 133 8.76 -74.00 -8.06
CA ASN C 133 10.11 -73.63 -7.64
C ASN C 133 10.11 -72.91 -6.27
N THR C 134 9.00 -72.26 -5.93
CA THR C 134 8.87 -71.57 -4.64
C THR C 134 8.91 -72.61 -3.54
N ALA C 135 8.06 -73.62 -3.66
CA ALA C 135 7.97 -74.71 -2.69
C ALA C 135 9.34 -75.36 -2.49
N GLU C 136 10.04 -75.67 -3.57
CA GLU C 136 11.37 -76.28 -3.50
C GLU C 136 12.39 -75.35 -2.85
N LEU C 137 12.36 -74.04 -3.16
CA LEU C 137 13.31 -73.09 -2.56
C LEU C 137 13.03 -73.00 -1.06
N ARG C 138 11.78 -72.71 -0.68
CA ARG C 138 11.38 -72.59 0.73
C ARG C 138 11.79 -73.82 1.54
N LYS C 139 11.61 -75.01 0.97
CA LYS C 139 11.96 -76.28 1.61
C LYS C 139 13.46 -76.31 1.96
N SER C 140 14.32 -76.04 0.96
CA SER C 140 15.78 -76.04 1.12
C SER C 140 16.32 -74.93 2.04
N ILE C 141 15.53 -73.88 2.24
CA ILE C 141 15.89 -72.74 3.06
C ILE C 141 15.51 -72.95 4.57
N GLY C 142 14.62 -73.90 4.85
CA GLY C 142 14.19 -74.21 6.21
C GLY C 142 12.85 -73.59 6.58
N LEU C 143 12.15 -73.03 5.59
CA LEU C 143 10.86 -72.40 5.80
C LEU C 143 9.76 -73.38 5.46
N SER C 144 8.53 -73.10 5.90
CA SER C 144 7.39 -73.95 5.60
C SER C 144 7.23 -73.97 4.09
N GLU C 145 7.02 -75.15 3.48
CA GLU C 145 6.88 -75.29 2.03
C GLU C 145 5.89 -74.29 1.42
N LYS C 146 4.77 -74.05 2.11
CA LYS C 146 3.75 -73.11 1.67
C LYS C 146 3.58 -72.08 2.76
N ALA C 147 3.79 -70.80 2.43
CA ALA C 147 3.66 -69.72 3.42
C ALA C 147 2.23 -69.65 3.94
N PRO C 148 2.01 -69.17 5.17
CA PRO C 148 0.62 -69.07 5.68
C PRO C 148 -0.06 -67.85 5.08
N ILE C 149 -0.35 -67.93 3.76
CA ILE C 149 -0.99 -66.85 3.01
C ILE C 149 -2.26 -67.30 2.32
N ALA C 150 -3.09 -66.33 1.93
CA ALA C 150 -4.37 -66.51 1.24
C ALA C 150 -4.32 -67.48 0.06
N GLN C 151 -3.16 -67.61 -0.62
CA GLN C 151 -3.04 -68.50 -1.77
C GLN C 151 -3.45 -69.93 -1.44
N PHE C 152 -3.16 -70.40 -0.23
CA PHE C 152 -3.49 -71.75 0.21
C PHE C 152 -4.66 -71.80 1.20
N SER C 153 -5.45 -70.73 1.30
CA SER C 153 -6.60 -70.68 2.20
C SER C 153 -7.85 -70.32 1.40
N GLU C 154 -8.72 -71.31 1.12
CA GLU C 154 -9.94 -71.05 0.36
C GLU C 154 -10.89 -70.06 1.08
N LYS C 155 -10.93 -70.09 2.44
CA LYS C 155 -11.75 -69.18 3.24
C LYS C 155 -11.37 -67.75 2.87
N ASP C 156 -10.09 -67.45 2.96
CA ASP C 156 -9.55 -66.13 2.65
C ASP C 156 -9.71 -65.77 1.17
N LEU C 157 -9.49 -66.72 0.26
CA LEU C 157 -9.66 -66.44 -1.17
C LEU C 157 -11.11 -66.08 -1.44
N ASN C 158 -12.06 -66.82 -0.85
CA ASN C 158 -13.48 -66.55 -1.03
C ASN C 158 -13.88 -65.21 -0.43
N GLU C 159 -13.27 -64.85 0.73
CA GLU C 159 -13.56 -63.56 1.36
C GLU C 159 -13.21 -62.46 0.38
N MET C 160 -12.01 -62.55 -0.22
CA MET C 160 -11.53 -61.57 -1.17
C MET C 160 -12.45 -61.47 -2.38
N ASN C 161 -12.85 -62.63 -2.94
CA ASN C 161 -13.75 -62.64 -4.10
C ASN C 161 -15.07 -61.94 -3.82
N THR C 162 -15.57 -62.02 -2.56
CA THR C 162 -16.82 -61.38 -2.18
C THR C 162 -16.63 -59.86 -2.17
N LEU C 163 -15.51 -59.40 -1.59
CA LEU C 163 -15.20 -57.97 -1.52
C LEU C 163 -14.95 -57.42 -2.93
N ILE C 164 -14.20 -58.16 -3.76
CA ILE C 164 -13.91 -57.75 -5.14
C ILE C 164 -15.21 -57.54 -5.92
N LYS C 165 -16.15 -58.49 -5.81
CA LYS C 165 -17.45 -58.40 -6.49
C LYS C 165 -18.24 -57.20 -5.95
N GLU C 166 -18.22 -56.99 -4.63
CA GLU C 166 -18.93 -55.88 -4.00
C GLU C 166 -18.35 -54.52 -4.41
N LEU C 167 -17.04 -54.45 -4.65
CA LEU C 167 -16.36 -53.23 -5.05
C LEU C 167 -16.43 -53.01 -6.56
N GLY C 168 -16.85 -54.03 -7.31
CA GLY C 168 -16.95 -53.98 -8.76
C GLY C 168 -15.60 -53.96 -9.43
N PHE C 169 -14.56 -54.38 -8.69
CA PHE C 169 -13.19 -54.41 -9.20
C PHE C 169 -13.06 -55.44 -10.32
N ASP C 170 -13.85 -56.51 -10.26
CA ASP C 170 -13.83 -57.56 -11.28
C ASP C 170 -14.31 -56.96 -12.61
N GLU C 171 -15.38 -56.12 -12.57
CA GLU C 171 -15.92 -55.49 -13.77
C GLU C 171 -14.93 -54.44 -14.29
N LEU C 172 -14.25 -53.72 -13.36
CA LEU C 172 -13.28 -52.69 -13.71
C LEU C 172 -12.15 -53.31 -14.55
N ILE C 173 -11.58 -54.44 -14.11
CA ILE C 173 -10.49 -55.10 -14.85
C ILE C 173 -11.01 -55.90 -16.04
N GLY C 174 -12.31 -56.22 -16.04
CA GLY C 174 -12.93 -56.99 -17.11
C GLY C 174 -12.69 -58.46 -16.94
N PHE C 175 -12.91 -58.97 -15.72
CA PHE C 175 -12.70 -60.38 -15.41
C PHE C 175 -13.98 -61.18 -15.51
N ASP C 176 -13.92 -62.34 -16.17
CA ASP C 176 -15.06 -63.22 -16.33
C ASP C 176 -14.85 -64.37 -15.35
N TRP C 177 -15.76 -64.52 -14.39
CA TRP C 177 -15.64 -65.58 -13.39
C TRP C 177 -15.86 -66.96 -13.97
N GLU C 178 -16.76 -67.08 -14.95
CA GLU C 178 -17.10 -68.36 -15.59
C GLU C 178 -15.88 -68.91 -16.36
N LYS C 179 -15.23 -68.06 -17.15
CA LYS C 179 -14.06 -68.40 -17.97
C LYS C 179 -12.76 -68.38 -17.15
N GLY C 180 -12.75 -67.64 -16.04
CA GLY C 180 -11.58 -67.53 -15.18
C GLY C 180 -10.46 -66.75 -15.83
N ALA C 181 -10.81 -65.77 -16.68
CA ALA C 181 -9.82 -64.94 -17.39
C ALA C 181 -10.37 -63.56 -17.71
N LEU C 182 -9.47 -62.65 -18.11
CA LEU C 182 -9.82 -61.28 -18.46
C LEU C 182 -10.34 -61.15 -19.88
N LYS C 183 -11.11 -60.09 -20.14
CA LYS C 183 -11.70 -59.78 -21.43
C LYS C 183 -11.05 -58.51 -21.97
N GLU C 184 -10.52 -58.59 -23.20
CA GLU C 184 -9.83 -57.49 -23.89
C GLU C 184 -8.56 -57.05 -23.18
N TRP D 4 36.30 17.43 -30.43
CA TRP D 4 35.48 18.56 -29.98
C TRP D 4 34.12 18.06 -29.52
N GLU D 5 33.67 18.59 -28.37
CA GLU D 5 32.38 18.24 -27.81
C GLU D 5 31.61 19.52 -27.57
N PRO D 6 30.35 19.58 -27.99
CA PRO D 6 29.58 20.80 -27.80
C PRO D 6 29.43 21.27 -26.36
N LYS D 7 29.41 22.58 -26.17
CA LYS D 7 29.23 23.18 -24.88
C LYS D 7 27.84 23.69 -24.87
N ILE D 8 26.98 23.08 -24.06
CA ILE D 8 25.59 23.49 -24.01
C ILE D 8 25.21 23.91 -22.63
N ILE D 9 24.56 25.06 -22.52
CA ILE D 9 24.13 25.53 -21.22
C ILE D 9 22.65 25.39 -21.19
N GLY D 10 22.12 25.05 -20.02
CA GLY D 10 20.69 24.88 -19.84
C GLY D 10 20.16 25.78 -18.75
N PHE D 11 18.87 26.07 -18.83
CA PHE D 11 18.17 26.91 -17.86
C PHE D 11 16.89 26.16 -17.60
N CYS D 12 16.71 25.64 -16.38
CA CYS D 12 15.52 24.88 -16.08
C CYS D 12 14.82 25.41 -14.86
N CYS D 13 13.49 25.57 -14.94
CA CYS D 13 12.76 26.04 -13.79
C CYS D 13 12.76 24.92 -12.75
N ASN D 14 12.70 25.31 -11.49
CA ASN D 14 12.73 24.43 -10.32
C ASN D 14 11.53 23.50 -10.14
N TRP D 15 10.38 23.82 -10.69
CA TRP D 15 9.21 22.98 -10.48
C TRP D 15 9.07 21.78 -11.44
N CYS D 16 8.17 21.85 -12.43
CA CYS D 16 7.97 20.72 -13.35
C CYS D 16 9.22 20.30 -14.13
N THR D 17 9.95 21.23 -14.73
CA THR D 17 11.13 20.91 -15.52
C THR D 17 12.26 20.27 -14.73
N TYR D 18 12.61 20.86 -13.58
CA TYR D 18 13.69 20.32 -12.76
C TYR D 18 13.33 18.94 -12.39
N GLY D 19 12.05 18.74 -12.18
CA GLY D 19 11.53 17.45 -11.83
C GLY D 19 11.65 16.47 -12.96
N GLY D 20 11.45 16.95 -14.19
CA GLY D 20 11.56 16.11 -15.37
C GLY D 20 12.98 15.61 -15.51
N ALA D 21 13.97 16.53 -15.40
CA ALA D 21 15.39 16.20 -15.50
C ALA D 21 15.78 15.25 -14.38
N ASP D 22 15.20 15.44 -13.18
CA ASP D 22 15.51 14.58 -12.05
C ASP D 22 14.97 13.16 -12.31
N THR D 23 13.73 13.08 -12.82
CA THR D 23 13.06 11.82 -13.13
C THR D 23 13.86 11.02 -14.16
N ALA D 24 14.55 11.71 -15.09
CA ALA D 24 15.36 11.02 -16.09
C ALA D 24 16.49 10.32 -15.36
N GLY D 25 17.04 10.99 -14.35
CA GLY D 25 18.11 10.45 -13.53
C GLY D 25 17.62 9.31 -12.67
N VAL D 26 16.45 9.47 -12.02
CA VAL D 26 15.91 8.39 -11.19
C VAL D 26 15.75 7.14 -12.07
N GLY D 27 15.23 7.33 -13.29
CA GLY D 27 15.02 6.24 -14.24
C GLY D 27 16.26 5.79 -14.98
N ARG D 28 17.43 6.35 -14.64
CA ARG D 28 18.70 5.99 -15.27
C ARG D 28 18.62 6.21 -16.81
N MET D 29 17.91 7.27 -17.25
CA MET D 29 17.74 7.61 -18.67
C MET D 29 18.97 8.36 -19.15
N GLN D 30 19.91 7.62 -19.75
CA GLN D 30 21.15 8.18 -20.26
C GLN D 30 20.97 9.16 -21.39
N TYR D 31 21.72 10.28 -21.33
CA TYR D 31 21.70 11.30 -22.37
C TYR D 31 23.11 11.92 -22.48
N PRO D 32 23.45 12.59 -23.60
CA PRO D 32 24.82 13.14 -23.75
C PRO D 32 25.26 14.12 -22.64
N PRO D 33 26.56 14.09 -22.27
CA PRO D 33 27.05 14.98 -21.19
C PRO D 33 27.49 16.38 -21.61
N SER D 34 26.86 16.98 -22.62
CA SER D 34 27.26 18.33 -23.05
C SER D 34 26.61 19.40 -22.20
N ILE D 35 25.33 19.25 -21.88
CA ILE D 35 24.61 20.24 -21.10
C ILE D 35 25.07 20.38 -19.65
N ARG D 36 24.85 21.59 -19.12
CA ARG D 36 25.11 21.97 -17.74
C ARG D 36 23.91 22.84 -17.46
N ILE D 37 23.06 22.42 -16.51
CA ILE D 37 21.84 23.15 -16.18
C ILE D 37 21.96 24.17 -15.08
N ILE D 38 21.35 25.35 -15.30
CA ILE D 38 21.32 26.41 -14.30
C ILE D 38 19.90 26.41 -13.83
N ARG D 39 19.73 26.45 -12.54
CA ARG D 39 18.41 26.42 -11.96
C ARG D 39 17.88 27.81 -11.66
N VAL D 40 16.61 28.03 -12.01
CA VAL D 40 15.90 29.28 -11.75
C VAL D 40 14.57 28.79 -11.18
N MET D 41 13.80 29.66 -10.52
CA MET D 41 12.54 29.21 -9.94
C MET D 41 11.47 29.03 -10.99
N CYS D 42 11.49 29.87 -12.01
CA CYS D 42 10.49 29.86 -13.07
C CYS D 42 11.17 30.17 -14.39
N SER D 43 10.58 29.74 -15.52
CA SER D 43 11.20 30.07 -16.80
C SER D 43 10.99 31.58 -17.05
N GLY D 44 10.02 32.18 -16.36
CA GLY D 44 9.74 33.60 -16.45
C GLY D 44 10.96 34.41 -16.05
N ARG D 45 11.91 33.81 -15.30
CA ARG D 45 13.15 34.45 -14.88
C ARG D 45 14.07 34.59 -16.08
N ILE D 46 13.90 33.73 -17.09
CA ILE D 46 14.73 33.76 -18.28
C ILE D 46 14.37 34.91 -19.21
N GLU D 47 15.41 35.67 -19.60
CA GLU D 47 15.29 36.84 -20.48
C GLU D 47 16.43 36.83 -21.51
N PRO D 48 16.31 37.61 -22.59
CA PRO D 48 17.36 37.65 -23.62
C PRO D 48 18.82 37.80 -23.16
N SER D 49 19.08 38.65 -22.16
CA SER D 49 20.46 38.86 -21.71
C SER D 49 21.15 37.61 -21.16
N LEU D 50 20.42 36.70 -20.52
CA LEU D 50 21.05 35.49 -20.00
C LEU D 50 21.49 34.59 -21.17
N ILE D 51 20.65 34.50 -22.23
CA ILE D 51 20.96 33.69 -23.41
C ILE D 51 22.09 34.34 -24.19
N LEU D 52 22.03 35.66 -24.41
CA LEU D 52 23.07 36.35 -25.15
C LEU D 52 24.40 36.29 -24.38
N LYS D 53 24.35 36.37 -23.03
CA LYS D 53 25.55 36.29 -22.19
C LYS D 53 26.21 34.92 -22.39
N ALA D 54 25.40 33.85 -22.49
CA ALA D 54 25.91 32.48 -22.69
C ALA D 54 26.65 32.35 -24.01
N PHE D 55 26.11 32.91 -25.10
CA PHE D 55 26.79 32.84 -26.39
C PHE D 55 28.09 33.61 -26.31
N LYS D 56 28.06 34.79 -25.67
CA LYS D 56 29.26 35.62 -25.50
C LYS D 56 30.35 34.77 -24.84
N GLU D 57 29.99 34.04 -23.78
CA GLU D 57 30.94 33.19 -23.05
C GLU D 57 31.48 32.01 -23.86
N GLY D 58 30.81 31.65 -24.96
CA GLY D 58 31.25 30.57 -25.82
C GLY D 58 30.32 29.36 -25.91
N ALA D 59 29.02 29.55 -25.69
CA ALA D 59 28.07 28.44 -25.76
C ALA D 59 27.83 28.02 -27.21
N ASP D 60 27.85 26.71 -27.46
CA ASP D 60 27.59 26.19 -28.80
C ASP D 60 26.08 26.07 -28.96
N GLY D 61 25.40 25.81 -27.84
CA GLY D 61 23.96 25.68 -27.80
C GLY D 61 23.40 26.15 -26.48
N VAL D 62 22.16 26.62 -26.47
CA VAL D 62 21.52 27.08 -25.24
C VAL D 62 20.17 26.42 -25.15
N PHE D 63 19.88 25.81 -24.00
CA PHE D 63 18.61 25.14 -23.78
C PHE D 63 17.83 25.80 -22.68
N VAL D 64 16.50 25.86 -22.82
CA VAL D 64 15.64 26.44 -21.80
C VAL D 64 14.45 25.53 -21.64
N GLY D 65 14.14 25.19 -20.39
CA GLY D 65 13.03 24.33 -20.08
C GLY D 65 12.17 24.93 -18.99
N GLY D 66 10.86 24.94 -19.23
CA GLY D 66 9.90 25.48 -18.29
C GLY D 66 8.69 24.57 -18.21
N CYS D 67 7.69 24.94 -17.41
CA CYS D 67 6.48 24.14 -17.28
C CYS D 67 5.64 24.24 -18.54
N HIS D 68 4.72 23.28 -18.73
CA HIS D 68 3.83 23.31 -19.89
C HIS D 68 3.00 24.56 -19.81
N LEU D 69 2.68 25.17 -20.95
CA LEU D 69 1.88 26.40 -20.91
C LEU D 69 0.56 26.11 -20.22
N GLY D 70 0.32 26.86 -19.14
CA GLY D 70 -0.87 26.72 -18.32
C GLY D 70 -0.56 26.04 -16.98
N ASP D 71 0.60 25.32 -16.90
CA ASP D 71 1.02 24.60 -15.69
C ASP D 71 2.19 25.26 -14.94
N CYS D 72 2.46 26.55 -15.18
CA CYS D 72 3.56 27.22 -14.49
C CYS D 72 3.23 27.27 -13.00
N HIS D 73 4.21 26.91 -12.14
CA HIS D 73 3.99 26.93 -10.69
C HIS D 73 3.55 28.33 -10.27
N TYR D 74 3.99 29.35 -11.02
CA TYR D 74 3.65 30.74 -10.76
C TYR D 74 2.61 31.27 -11.74
N ASP D 75 1.70 30.39 -12.20
CA ASP D 75 0.59 30.70 -13.10
C ASP D 75 0.94 31.14 -14.54
N SER D 76 1.63 32.27 -14.75
CA SER D 76 1.90 32.71 -16.12
C SER D 76 3.34 33.15 -16.44
N GLY D 77 4.32 32.73 -15.65
CA GLY D 77 5.70 33.10 -15.90
C GLY D 77 6.21 32.66 -17.28
N ASN D 78 5.87 31.43 -17.70
CA ASN D 78 6.30 30.89 -18.99
C ASN D 78 5.70 31.62 -20.21
N TYR D 79 4.52 32.24 -20.05
CA TYR D 79 3.89 32.95 -21.16
C TYR D 79 4.75 34.16 -21.54
N LYS D 80 5.39 34.80 -20.56
CA LYS D 80 6.25 35.95 -20.81
C LYS D 80 7.49 35.44 -21.52
N TRP D 81 8.12 34.36 -20.97
CA TRP D 81 9.31 33.77 -21.58
C TRP D 81 9.02 33.35 -23.01
N GLN D 82 7.81 32.83 -23.30
CA GLN D 82 7.50 32.42 -24.67
C GLN D 82 7.54 33.60 -25.63
N ARG D 83 7.10 34.78 -25.20
CA ARG D 83 7.14 35.95 -26.08
C ARG D 83 8.57 36.41 -26.24
N ARG D 84 9.37 36.28 -25.18
CA ARG D 84 10.77 36.67 -25.20
C ARG D 84 11.61 35.78 -26.11
N VAL D 85 11.43 34.46 -26.04
CA VAL D 85 12.21 33.53 -26.86
C VAL D 85 11.93 33.63 -28.36
N MET D 86 10.69 33.94 -28.77
CA MET D 86 10.37 34.04 -30.19
C MET D 86 11.13 35.20 -30.84
N MET D 87 11.25 36.33 -30.13
CA MET D 87 11.98 37.48 -30.66
C MET D 87 13.46 37.16 -30.67
N LEU D 88 13.91 36.45 -29.65
CA LEU D 88 15.29 36.04 -29.49
C LEU D 88 15.77 35.12 -30.62
N TYR D 89 14.90 34.23 -31.12
CA TYR D 89 15.26 33.34 -32.22
C TYR D 89 15.63 34.17 -33.44
N GLU D 90 14.79 35.15 -33.75
CA GLU D 90 15.00 36.04 -34.89
C GLU D 90 16.19 36.97 -34.67
N LEU D 91 16.39 37.47 -33.44
CA LEU D 91 17.52 38.36 -33.14
C LEU D 91 18.82 37.59 -33.36
N LEU D 92 18.86 36.31 -32.98
CA LEU D 92 20.06 35.50 -33.16
C LEU D 92 20.37 35.35 -34.65
N GLU D 93 19.35 35.15 -35.51
CA GLU D 93 19.59 35.03 -36.95
C GLU D 93 20.16 36.33 -37.47
N GLU D 94 19.66 37.47 -36.98
CA GLU D 94 20.15 38.77 -37.40
C GLU D 94 21.62 38.94 -37.01
N LEU D 95 22.03 38.30 -35.90
CA LEU D 95 23.41 38.37 -35.41
C LEU D 95 24.30 37.26 -36.00
N GLY D 96 23.76 36.46 -36.92
CA GLY D 96 24.51 35.39 -37.56
C GLY D 96 24.59 34.12 -36.75
N ILE D 97 23.76 34.00 -35.70
CA ILE D 97 23.75 32.80 -34.87
C ILE D 97 22.60 31.95 -35.33
N GLU D 98 22.87 30.71 -35.74
CA GLU D 98 21.82 29.83 -36.23
C GLU D 98 20.72 29.72 -35.20
N LYS D 99 19.50 29.94 -35.66
CA LYS D 99 18.28 29.86 -34.88
C LYS D 99 18.30 28.58 -34.03
N GLU D 100 18.69 27.48 -34.68
CA GLU D 100 18.78 26.14 -34.10
C GLU D 100 19.73 26.03 -32.87
N ARG D 101 20.67 26.97 -32.68
CA ARG D 101 21.57 26.93 -31.53
C ARG D 101 20.81 27.22 -30.23
N LEU D 102 19.57 27.72 -30.35
CA LEU D 102 18.72 28.01 -29.19
C LEU D 102 17.60 26.99 -29.19
N ASN D 103 17.31 26.38 -28.05
CA ASN D 103 16.24 25.40 -27.97
C ASN D 103 15.45 25.60 -26.71
N HIS D 104 14.14 25.72 -26.84
CA HIS D 104 13.27 25.93 -25.69
C HIS D 104 12.20 24.87 -25.74
N GLU D 105 11.88 24.25 -24.60
CA GLU D 105 10.87 23.20 -24.56
C GLU D 105 10.08 23.25 -23.28
N TRP D 106 8.89 22.66 -23.31
CA TRP D 106 8.01 22.59 -22.17
C TRP D 106 8.02 21.17 -21.66
N ILE D 107 8.46 20.99 -20.40
CA ILE D 107 8.57 19.66 -19.82
C ILE D 107 8.00 19.56 -18.41
N SER D 108 7.10 18.59 -18.20
CA SER D 108 6.49 18.35 -16.90
C SER D 108 7.42 17.47 -16.09
N ALA D 109 7.17 17.36 -14.78
CA ALA D 109 8.02 16.54 -13.90
C ALA D 109 7.90 15.07 -14.28
N SER D 110 6.74 14.71 -14.93
CA SER D 110 6.34 13.38 -15.43
C SER D 110 6.96 13.05 -16.78
N GLU D 111 7.80 13.92 -17.34
CA GLU D 111 8.36 13.66 -18.66
C GLU D 111 9.87 13.51 -18.65
N GLY D 112 10.36 12.46 -17.99
CA GLY D 112 11.79 12.18 -17.95
C GLY D 112 12.24 11.73 -19.31
N GLU D 113 11.44 10.86 -19.96
CA GLU D 113 11.73 10.33 -21.29
C GLU D 113 11.81 11.48 -22.29
N LYS D 114 10.89 12.46 -22.19
CA LYS D 114 10.88 13.61 -23.09
C LYS D 114 12.17 14.39 -22.90
N PHE D 115 12.56 14.62 -21.63
CA PHE D 115 13.79 15.36 -21.33
C PHE D 115 14.98 14.62 -21.92
N GLN D 116 15.09 13.33 -21.65
CA GLN D 116 16.19 12.50 -22.18
C GLN D 116 16.29 12.68 -23.70
N ASN D 117 15.16 12.51 -24.40
CA ASN D 117 15.10 12.64 -25.86
C ASN D 117 15.37 14.07 -26.34
N THR D 118 14.94 15.08 -25.57
CA THR D 118 15.16 16.46 -25.95
C THR D 118 16.67 16.73 -25.84
N MET D 119 17.32 16.18 -24.80
CA MET D 119 18.77 16.34 -24.61
C MET D 119 19.48 15.63 -25.76
N LYS D 120 19.05 14.39 -26.08
CA LYS D 120 19.65 13.61 -27.17
C LYS D 120 19.54 14.38 -28.49
N ASP D 121 18.32 14.83 -28.84
CA ASP D 121 18.07 15.56 -30.08
C ASP D 121 18.84 16.87 -30.14
N PHE D 122 18.88 17.63 -29.04
CA PHE D 122 19.58 18.92 -29.04
C PHE D 122 21.08 18.69 -29.20
N TYR D 123 21.65 17.72 -28.49
CA TYR D 123 23.08 17.43 -28.61
C TYR D 123 23.43 17.14 -30.07
N ASN D 124 22.66 16.26 -30.72
CA ASN D 124 22.90 15.91 -32.12
C ASN D 124 22.82 17.12 -33.03
N LYS D 125 21.86 18.01 -32.78
CA LYS D 125 21.66 19.23 -33.57
C LYS D 125 22.91 20.11 -33.52
N ILE D 126 23.37 20.43 -32.31
CA ILE D 126 24.56 21.27 -32.13
C ILE D 126 25.81 20.59 -32.64
N GLU D 127 25.97 19.28 -32.41
CA GLU D 127 27.14 18.56 -32.88
C GLU D 127 27.22 18.67 -34.41
N ALA D 128 26.07 18.58 -35.09
CA ALA D 128 26.00 18.68 -36.55
C ALA D 128 26.36 20.09 -37.04
N LEU D 129 25.96 21.12 -36.29
CA LEU D 129 26.24 22.51 -36.66
C LEU D 129 27.71 22.85 -36.45
N GLY D 130 28.36 22.14 -35.54
CA GLY D 130 29.76 22.39 -35.22
C GLY D 130 29.87 23.50 -34.20
N PRO D 131 31.09 23.87 -33.79
CA PRO D 131 31.22 24.94 -32.78
C PRO D 131 30.78 26.32 -33.24
N CYS D 132 30.13 27.10 -32.33
CA CYS D 132 29.70 28.47 -32.65
C CYS D 132 30.98 29.28 -32.49
N LYS D 133 31.46 29.90 -33.57
CA LYS D 133 32.71 30.67 -33.57
C LYS D 133 32.62 32.14 -33.11
N LEU D 134 31.72 32.47 -32.18
CA LEU D 134 31.60 33.85 -31.71
C LEU D 134 32.74 34.27 -30.80
N LYS D 135 33.06 33.49 -29.78
CA LYS D 135 34.14 33.85 -28.86
C LYS D 135 35.47 34.02 -29.59
N GLU D 136 35.80 33.11 -30.51
CA GLU D 136 37.04 33.20 -31.28
C GLU D 136 37.07 34.49 -32.11
N GLU D 137 35.90 34.88 -32.66
CA GLU D 137 35.78 36.10 -33.46
C GLU D 137 35.98 37.33 -32.58
N LEU D 138 35.46 37.31 -31.35
CA LEU D 138 35.58 38.42 -30.42
C LEU D 138 36.97 38.52 -29.82
N ASP D 139 37.62 37.37 -29.54
CA ASP D 139 38.97 37.37 -28.96
C ASP D 139 40.06 37.90 -29.92
N LYS D 140 39.67 38.36 -31.13
CA LYS D 140 40.61 38.92 -32.10
C LYS D 140 40.87 40.39 -31.79
N VAL E 2 43.58 74.55 -13.99
CA VAL E 2 43.20 73.17 -14.23
C VAL E 2 43.37 72.86 -15.71
N LYS E 3 44.41 72.09 -16.05
CA LYS E 3 44.67 71.71 -17.45
C LYS E 3 43.69 70.68 -17.96
N ILE E 4 42.82 71.10 -18.89
CA ILE E 4 41.81 70.24 -19.48
C ILE E 4 42.09 70.09 -20.96
N ALA E 5 41.68 68.96 -21.54
CA ALA E 5 41.92 68.70 -22.96
C ALA E 5 40.82 67.86 -23.54
N THR E 6 40.60 67.97 -24.84
CA THR E 6 39.60 67.17 -25.52
C THR E 6 40.15 66.63 -26.81
N THR E 7 39.59 65.52 -27.28
CA THR E 7 39.99 64.91 -28.54
C THR E 7 38.77 64.19 -29.07
N TRP E 8 38.80 63.79 -30.32
CA TRP E 8 37.66 63.12 -30.91
C TRP E 8 38.11 61.94 -31.74
N LEU E 9 37.35 60.86 -31.70
CA LEU E 9 37.68 59.63 -32.40
C LEU E 9 36.59 59.25 -33.43
N GLY E 10 36.02 58.04 -33.36
CA GLY E 10 35.00 57.58 -34.29
C GLY E 10 33.60 58.15 -34.11
N GLY E 11 33.50 59.44 -33.74
CA GLY E 11 32.20 60.11 -33.54
C GLY E 11 31.83 61.06 -34.67
N CYS E 12 31.06 62.13 -34.35
CA CYS E 12 30.60 63.10 -35.35
C CYS E 12 30.84 64.59 -34.98
N SER E 13 31.42 64.89 -33.80
CA SER E 13 31.68 66.26 -33.29
C SER E 13 30.49 66.80 -32.48
N GLY E 14 29.36 66.08 -32.49
CA GLY E 14 28.15 66.48 -31.77
C GLY E 14 28.34 66.74 -30.29
N CYS E 15 29.21 65.97 -29.63
CA CYS E 15 29.47 66.16 -28.21
C CYS E 15 30.22 67.48 -28.05
N HIS E 16 31.17 67.76 -28.96
CA HIS E 16 31.92 69.02 -28.91
C HIS E 16 30.96 70.17 -29.14
N ILE E 17 30.02 70.03 -30.10
CA ILE E 17 29.05 71.10 -30.36
C ILE E 17 28.17 71.30 -29.14
N SER E 18 27.82 70.21 -28.41
CA SER E 18 26.99 70.36 -27.22
C SER E 18 27.76 71.16 -26.16
N LEU E 19 29.09 70.96 -26.08
CA LEU E 19 29.93 71.70 -25.14
C LEU E 19 29.84 73.18 -25.54
N LEU E 20 29.86 73.49 -26.86
CA LEU E 20 29.75 74.86 -27.34
C LEU E 20 28.32 75.40 -27.13
N ASP E 21 27.30 74.49 -26.97
CA ASP E 21 25.92 74.92 -26.73
C ASP E 21 25.73 75.39 -25.28
N LEU E 22 26.85 75.57 -24.55
CA LEU E 22 26.85 76.09 -23.18
C LEU E 22 26.66 77.59 -23.40
N HIS E 23 27.05 78.05 -24.61
CA HIS E 23 26.96 79.41 -25.09
C HIS E 23 27.72 80.42 -24.21
N GLU E 24 27.00 81.29 -23.49
CA GLU E 24 27.60 82.29 -22.63
C GLU E 24 28.40 81.63 -21.50
N GLU E 25 27.90 80.48 -21.00
CA GLU E 25 28.55 79.74 -19.92
C GLU E 25 29.89 79.13 -20.36
N LEU E 26 30.09 78.89 -21.67
CA LEU E 26 31.34 78.33 -22.17
C LEU E 26 32.49 79.28 -21.80
N LEU E 27 32.30 80.60 -22.02
CA LEU E 27 33.32 81.58 -21.69
C LEU E 27 33.66 81.56 -20.19
N ASN E 28 32.63 81.38 -19.32
CA ASN E 28 32.84 81.33 -17.87
C ASN E 28 33.67 80.10 -17.51
N LEU E 29 33.43 78.98 -18.21
CA LEU E 29 34.15 77.73 -18.00
C LEU E 29 35.59 77.89 -18.43
N LEU E 30 35.80 78.38 -19.66
CA LEU E 30 37.13 78.59 -20.23
C LEU E 30 38.00 79.59 -19.46
N GLU E 31 37.40 80.45 -18.61
CA GLU E 31 38.17 81.41 -17.82
C GLU E 31 38.69 80.70 -16.58
N ASN E 32 37.95 79.68 -16.09
CA ASN E 32 38.32 78.90 -14.92
C ASN E 32 39.33 77.83 -15.32
N VAL E 33 39.05 77.08 -16.40
CA VAL E 33 39.94 76.02 -16.87
C VAL E 33 41.00 76.54 -17.82
N GLU E 34 42.03 75.71 -18.06
CA GLU E 34 43.12 76.01 -18.97
C GLU E 34 43.00 74.97 -20.08
N LEU E 35 42.42 75.36 -21.23
CA LEU E 35 42.26 74.42 -22.32
C LEU E 35 43.61 74.33 -23.01
N VAL E 36 44.26 73.15 -22.97
CA VAL E 36 45.59 72.96 -23.55
C VAL E 36 45.59 72.24 -24.89
N HIS E 37 44.49 71.60 -25.26
CA HIS E 37 44.41 70.87 -26.53
C HIS E 37 42.97 70.64 -26.86
N CYS E 38 42.56 71.01 -28.07
CA CYS E 38 41.20 70.86 -28.54
C CYS E 38 41.25 71.11 -30.04
N PRO E 39 41.36 70.03 -30.84
CA PRO E 39 41.47 70.22 -32.30
C PRO E 39 40.47 71.17 -32.97
N VAL E 40 39.18 71.11 -32.60
CA VAL E 40 38.16 71.96 -33.22
C VAL E 40 38.30 73.47 -32.87
N LEU E 41 38.86 73.82 -31.71
CA LEU E 41 39.00 75.24 -31.34
C LEU E 41 40.41 75.80 -31.35
N MET E 42 41.46 74.98 -31.16
CA MET E 42 42.81 75.53 -31.15
C MET E 42 43.81 74.73 -31.94
N ASP E 43 44.98 75.34 -32.19
CA ASP E 43 46.05 74.78 -32.98
C ASP E 43 47.14 73.98 -32.24
N VAL E 44 46.98 73.65 -30.94
CA VAL E 44 48.01 72.86 -30.26
C VAL E 44 47.87 71.46 -30.89
N LYS E 45 48.85 71.07 -31.71
CA LYS E 45 48.83 69.80 -32.44
C LYS E 45 49.01 68.52 -31.63
N GLU E 46 49.93 68.50 -30.68
CA GLU E 46 50.19 67.32 -29.88
C GLU E 46 49.55 67.40 -28.52
N ILE E 47 49.17 66.23 -27.94
CA ILE E 47 48.57 66.20 -26.61
C ILE E 47 49.70 66.49 -25.64
N PRO E 48 49.56 67.49 -24.77
CA PRO E 48 50.65 67.78 -23.84
C PRO E 48 50.66 66.87 -22.66
N ASP E 49 51.75 66.91 -21.90
CA ASP E 49 51.86 66.10 -20.71
C ASP E 49 51.17 66.89 -19.61
N GLU E 50 50.86 66.23 -18.50
CA GLU E 50 50.20 66.86 -17.37
C GLU E 50 48.83 67.46 -17.72
N VAL E 51 47.89 66.59 -18.12
CA VAL E 51 46.52 66.97 -18.43
C VAL E 51 45.75 66.46 -17.24
N GLU E 52 45.04 67.33 -16.53
CA GLU E 52 44.32 66.91 -15.36
C GLU E 52 43.07 66.14 -15.75
N VAL E 53 42.28 66.70 -16.68
CA VAL E 53 41.04 66.09 -17.13
C VAL E 53 41.00 66.00 -18.65
N ALA E 54 40.53 64.87 -19.19
CA ALA E 54 40.45 64.66 -20.64
C ALA E 54 39.07 64.21 -21.07
N LEU E 55 38.47 64.90 -22.06
CA LEU E 55 37.17 64.55 -22.62
C LEU E 55 37.45 63.89 -23.95
N ILE E 56 37.17 62.58 -24.09
CA ILE E 56 37.43 61.89 -25.34
C ILE E 56 36.12 61.53 -25.99
N GLU E 57 35.83 62.14 -27.14
CA GLU E 57 34.61 61.91 -27.88
C GLU E 57 34.83 60.77 -28.87
N GLY E 58 33.76 60.01 -29.15
CA GLY E 58 33.82 58.92 -30.11
C GLY E 58 34.39 57.61 -29.60
N GLY E 59 34.08 56.55 -30.32
CA GLY E 59 34.54 55.20 -30.03
C GLY E 59 35.74 54.83 -30.87
N ILE E 60 36.22 53.60 -30.74
CA ILE E 60 37.38 53.13 -31.50
C ILE E 60 36.96 52.55 -32.85
N ARG E 61 37.12 53.32 -33.94
CA ARG E 61 36.77 52.88 -35.30
C ARG E 61 38.02 52.52 -36.12
N ASN E 62 39.18 53.15 -35.83
CA ASN E 62 40.41 52.83 -36.59
C ASN E 62 41.67 52.85 -35.74
N GLU E 63 42.79 52.36 -36.31
CA GLU E 63 44.08 52.28 -35.62
C GLU E 63 44.57 53.60 -35.05
N GLU E 64 44.22 54.72 -35.69
CA GLU E 64 44.64 56.04 -35.18
C GLU E 64 43.88 56.34 -33.91
N ASN E 65 42.58 56.03 -33.88
CA ASN E 65 41.76 56.27 -32.70
C ASN E 65 42.38 55.59 -31.51
N LEU E 66 42.83 54.36 -31.73
CA LEU E 66 43.44 53.55 -30.70
C LEU E 66 44.71 54.21 -30.17
N GLU E 67 45.57 54.71 -31.07
CA GLU E 67 46.82 55.37 -30.68
C GLU E 67 46.54 56.65 -29.87
N ILE E 68 45.56 57.46 -30.32
CA ILE E 68 45.21 58.71 -29.64
C ILE E 68 44.64 58.40 -28.27
N ALA E 69 43.73 57.43 -28.17
CA ALA E 69 43.13 57.03 -26.90
C ALA E 69 44.24 56.64 -25.92
N LYS E 70 45.14 55.76 -26.34
CA LYS E 70 46.26 55.30 -25.51
C LYS E 70 47.16 56.48 -25.11
N GLU E 71 47.42 57.40 -26.03
CA GLU E 71 48.26 58.55 -25.73
C GLU E 71 47.57 59.47 -24.72
N MET E 72 46.28 59.78 -24.92
CA MET E 72 45.55 60.63 -24.00
C MET E 72 45.49 60.01 -22.60
N ARG E 73 45.32 58.67 -22.52
CA ARG E 73 45.27 57.94 -21.26
C ARG E 73 46.58 58.12 -20.47
N GLU E 74 47.71 58.07 -21.17
CA GLU E 74 49.03 58.22 -20.57
C GLU E 74 49.29 59.63 -20.06
N ARG E 75 48.84 60.65 -20.79
CA ARG E 75 49.06 62.06 -20.43
C ARG E 75 48.02 62.61 -19.44
N ALA E 76 46.79 62.09 -19.45
CA ALA E 76 45.74 62.60 -18.57
C ALA E 76 45.54 61.83 -17.27
N LYS E 77 45.28 62.58 -16.18
CA LYS E 77 45.04 62.00 -14.86
C LYS E 77 43.65 61.38 -14.86
N ILE E 78 42.66 62.12 -15.38
CA ILE E 78 41.27 61.65 -15.45
C ILE E 78 40.83 61.60 -16.92
N VAL E 79 40.33 60.44 -17.38
CA VAL E 79 39.86 60.25 -18.75
C VAL E 79 38.35 60.13 -18.69
N ILE E 80 37.64 60.85 -19.57
CA ILE E 80 36.18 60.82 -19.60
C ILE E 80 35.68 60.37 -20.93
N ALA E 81 34.80 59.35 -20.95
CA ALA E 81 34.23 58.89 -22.20
C ALA E 81 33.17 59.94 -22.45
N PHE E 82 33.43 60.83 -23.41
CA PHE E 82 32.54 61.93 -23.72
C PHE E 82 31.51 61.58 -24.76
N GLY E 83 30.32 61.21 -24.29
CA GLY E 83 29.23 60.86 -25.17
C GLY E 83 29.05 59.39 -25.42
N THR E 84 27.86 59.04 -25.91
CA THR E 84 27.43 57.68 -26.22
C THR E 84 28.39 56.93 -27.13
N CYS E 85 28.99 57.58 -28.12
CA CYS E 85 29.91 56.87 -28.98
C CYS E 85 31.08 56.33 -28.14
N ALA E 86 31.73 57.19 -27.37
CA ALA E 86 32.85 56.78 -26.51
C ALA E 86 32.43 55.78 -25.44
N ALA E 87 31.27 56.01 -24.83
CA ALA E 87 30.74 55.16 -23.76
C ALA E 87 30.21 53.79 -24.22
N PHE E 88 29.27 53.77 -25.18
CA PHE E 88 28.63 52.53 -25.64
C PHE E 88 28.94 52.12 -27.09
N GLY E 89 29.63 52.97 -27.85
CA GLY E 89 29.96 52.66 -29.23
C GLY E 89 29.25 53.55 -30.24
N GLY E 90 27.99 53.89 -29.96
CA GLY E 90 27.19 54.76 -30.81
C GLY E 90 26.72 54.21 -32.15
N VAL E 91 26.06 55.07 -32.94
CA VAL E 91 25.51 54.75 -34.28
C VAL E 91 26.56 54.13 -35.21
N PRO E 92 27.81 54.63 -35.26
CA PRO E 92 28.80 54.00 -36.15
C PRO E 92 28.97 52.51 -35.85
N GLY E 93 28.64 52.13 -34.61
CA GLY E 93 28.70 50.75 -34.15
C GLY E 93 27.89 49.79 -34.99
N LEU E 94 26.88 50.30 -35.73
CA LEU E 94 26.06 49.43 -36.59
C LEU E 94 26.92 48.83 -37.70
N GLY E 95 28.11 49.42 -37.92
CA GLY E 95 29.05 48.93 -38.92
C GLY E 95 29.50 47.53 -38.58
N ASN E 96 29.30 47.10 -37.32
CA ASN E 96 29.67 45.78 -36.85
C ASN E 96 28.77 44.70 -37.47
N LEU E 97 27.67 45.10 -38.14
CA LEU E 97 26.78 44.14 -38.79
C LEU E 97 27.37 43.70 -40.12
N TYR E 98 28.49 44.32 -40.57
CA TYR E 98 29.17 43.96 -41.82
C TYR E 98 30.66 43.92 -41.59
N SER E 99 31.38 43.26 -42.49
CA SER E 99 32.83 43.18 -42.39
C SER E 99 33.40 44.52 -42.79
N ASN E 100 34.58 44.89 -42.30
CA ASN E 100 35.18 46.17 -42.67
C ASN E 100 35.30 46.27 -44.20
N ASP E 101 35.57 45.14 -44.88
CA ASP E 101 35.68 45.10 -46.35
C ASP E 101 34.37 45.52 -47.01
N GLU E 102 33.23 45.09 -46.45
CA GLU E 102 31.92 45.43 -47.00
C GLU E 102 31.63 46.92 -46.84
N LEU E 103 32.05 47.53 -45.71
CA LEU E 103 31.83 48.96 -45.47
C LEU E 103 32.66 49.78 -46.43
N LEU E 104 33.91 49.37 -46.64
CA LEU E 104 34.82 50.07 -47.54
C LEU E 104 34.49 49.84 -49.00
N ASP E 105 34.10 48.61 -49.39
CA ASP E 105 33.76 48.34 -50.78
C ASP E 105 32.55 49.18 -51.22
N LYS E 106 31.58 49.44 -50.31
CA LYS E 106 30.42 50.25 -50.67
C LYS E 106 30.84 51.69 -50.92
N ALA E 107 31.52 52.29 -49.94
CA ALA E 107 31.98 53.67 -50.01
C ALA E 107 32.96 53.97 -51.14
N TYR E 108 33.90 53.07 -51.44
CA TYR E 108 34.89 53.34 -52.48
C TYR E 108 34.76 52.53 -53.76
N LYS E 109 33.70 51.73 -53.94
CA LYS E 109 33.57 50.98 -55.18
C LYS E 109 32.16 50.93 -55.74
N THR E 110 31.24 50.28 -55.02
CA THR E 110 29.86 50.08 -55.48
C THR E 110 28.83 51.19 -55.26
N THR E 111 29.19 52.37 -54.72
CA THR E 111 28.16 53.40 -54.58
C THR E 111 27.90 53.90 -55.99
N ILE E 112 26.63 54.09 -56.36
CA ILE E 112 26.25 54.53 -57.71
C ILE E 112 27.13 55.63 -58.34
N THR E 113 27.44 56.72 -57.61
CA THR E 113 28.26 57.80 -58.19
C THR E 113 29.75 57.51 -58.24
N THR E 114 30.23 56.55 -57.46
CA THR E 114 31.66 56.21 -57.42
C THR E 114 32.22 55.66 -58.71
N LYS E 115 33.31 56.26 -59.17
CA LYS E 115 33.97 55.84 -60.39
C LYS E 115 35.38 55.53 -60.01
N ASN E 116 35.59 54.32 -59.48
CA ASN E 116 36.91 53.86 -59.06
C ASN E 116 37.43 52.96 -60.17
N ASP E 117 38.30 53.50 -61.01
CA ASP E 117 38.89 52.79 -62.12
C ASP E 117 39.80 51.64 -61.67
N ASP E 118 40.64 51.90 -60.66
CA ASP E 118 41.59 50.93 -60.14
C ASP E 118 40.93 49.86 -59.31
N GLY E 119 39.88 50.23 -58.61
CA GLY E 119 39.19 49.30 -57.73
C GLY E 119 40.01 49.14 -56.48
N ILE E 120 40.61 50.26 -56.02
CA ILE E 120 41.45 50.29 -54.81
C ILE E 120 40.74 50.97 -53.67
N ILE E 121 41.15 50.59 -52.47
CA ILE E 121 40.61 51.12 -51.24
C ILE E 121 41.69 52.04 -50.69
N PRO E 122 41.39 53.30 -50.37
CA PRO E 122 42.44 54.20 -49.84
C PRO E 122 43.23 53.52 -48.73
N ASN E 123 44.55 53.42 -48.88
CA ASN E 123 45.41 52.76 -47.91
C ASN E 123 46.74 53.48 -47.67
N GLU E 124 46.94 54.65 -48.25
CA GLU E 124 48.18 55.39 -48.11
C GLU E 124 47.94 56.61 -47.22
N GLU E 125 48.72 56.73 -46.13
CA GLU E 125 48.62 57.83 -45.17
C GLU E 125 47.28 57.86 -44.43
N VAL E 126 46.45 56.79 -44.55
CA VAL E 126 45.16 56.72 -43.87
C VAL E 126 45.22 55.51 -42.94
N PRO E 127 44.56 55.54 -41.78
CA PRO E 127 44.64 54.39 -40.88
C PRO E 127 43.71 53.26 -41.23
N GLU E 128 44.08 52.05 -40.84
CA GLU E 128 43.26 50.88 -41.10
C GLU E 128 42.16 50.85 -40.09
N LEU E 129 41.02 50.26 -40.45
CA LEU E 129 39.89 50.17 -39.55
C LEU E 129 40.16 49.05 -38.56
N VAL E 130 39.69 49.17 -37.32
CA VAL E 130 39.88 48.10 -36.35
C VAL E 130 38.78 47.08 -36.62
N SER E 131 39.03 45.80 -36.31
CA SER E 131 38.08 44.71 -36.55
C SER E 131 36.62 45.08 -36.34
N ARG E 132 36.30 45.74 -35.22
CA ARG E 132 34.92 46.14 -34.91
C ARG E 132 34.94 47.43 -34.12
N VAL E 133 33.83 48.19 -34.13
CA VAL E 133 33.77 49.44 -33.38
C VAL E 133 33.76 49.04 -31.91
N LYS E 134 34.55 49.70 -31.06
CA LYS E 134 34.56 49.34 -29.64
C LYS E 134 34.38 50.56 -28.75
N PRO E 135 33.71 50.41 -27.59
CA PRO E 135 33.59 51.57 -26.70
C PRO E 135 34.98 51.87 -26.17
N LEU E 136 35.23 53.11 -25.81
CA LEU E 136 36.54 53.55 -25.31
C LEU E 136 37.07 52.67 -24.16
N SER E 137 36.20 52.22 -23.27
CA SER E 137 36.58 51.39 -22.12
C SER E 137 37.17 50.02 -22.51
N GLU E 138 36.93 49.55 -23.74
CA GLU E 138 37.44 48.25 -24.18
C GLU E 138 38.94 48.31 -24.51
N VAL E 139 39.49 49.51 -24.77
CA VAL E 139 40.91 49.65 -25.11
C VAL E 139 41.70 50.39 -24.04
N ILE E 140 41.08 51.33 -23.30
CA ILE E 140 41.77 52.06 -22.26
C ILE E 140 40.92 52.16 -21.02
N GLU E 141 41.55 52.44 -19.89
CA GLU E 141 40.83 52.57 -18.65
C GLU E 141 40.16 53.94 -18.62
N VAL E 142 38.82 53.96 -18.51
CA VAL E 142 38.01 55.17 -18.48
C VAL E 142 37.60 55.43 -17.03
N ASP E 143 37.85 56.64 -16.51
CA ASP E 143 37.50 56.98 -15.13
C ASP E 143 36.03 57.34 -14.96
N TYR E 144 35.46 58.11 -15.91
CA TYR E 144 34.05 58.51 -15.84
C TYR E 144 33.49 58.58 -17.24
N PHE E 145 32.19 58.84 -17.37
CA PHE E 145 31.57 58.93 -18.69
C PHE E 145 30.35 59.82 -18.67
N ILE E 146 30.12 60.51 -19.78
CA ILE E 146 28.97 61.40 -19.92
C ILE E 146 28.10 60.82 -21.02
N PRO E 147 27.04 60.09 -20.65
CA PRO E 147 26.19 59.50 -21.68
C PRO E 147 25.33 60.53 -22.38
N GLY E 148 24.90 60.20 -23.59
CA GLY E 148 24.08 61.08 -24.40
C GLY E 148 24.60 61.23 -25.81
N CYS E 149 23.70 61.36 -26.78
CA CYS E 149 24.07 61.51 -28.18
C CYS E 149 23.43 62.77 -28.75
N PRO E 150 23.95 63.96 -28.39
CA PRO E 150 25.07 64.19 -27.49
C PRO E 150 24.57 64.48 -26.09
N PRO E 151 25.44 64.52 -25.09
CA PRO E 151 24.96 64.83 -23.74
C PRO E 151 24.48 66.26 -23.65
N ASN E 152 23.44 66.51 -22.87
CA ASN E 152 22.89 67.85 -22.70
C ASN E 152 23.99 68.81 -22.20
N PRO E 153 24.06 70.06 -22.69
CA PRO E 153 25.12 70.98 -22.23
C PRO E 153 25.20 71.15 -20.71
N GLU E 154 24.05 71.11 -20.00
CA GLU E 154 24.02 71.27 -18.54
C GLU E 154 24.71 70.11 -17.85
N MET E 155 24.53 68.89 -18.37
CA MET E 155 25.15 67.68 -17.81
C MET E 155 26.66 67.74 -17.97
N ILE E 156 27.14 68.22 -19.12
CA ILE E 156 28.57 68.30 -19.35
C ILE E 156 29.18 69.28 -18.37
N ALA E 157 28.53 70.44 -18.18
CA ALA E 157 29.01 71.45 -17.24
C ALA E 157 29.01 70.89 -15.81
N GLU E 158 27.92 70.23 -15.41
CA GLU E 158 27.78 69.63 -14.07
C GLU E 158 28.93 68.67 -13.76
N VAL E 159 29.28 67.81 -14.73
CA VAL E 159 30.35 66.82 -14.57
C VAL E 159 31.71 67.50 -14.50
N VAL E 160 32.00 68.39 -15.45
CA VAL E 160 33.28 69.09 -15.48
C VAL E 160 33.47 69.89 -14.18
N LYS E 161 32.49 70.75 -13.80
CA LYS E 161 32.65 71.54 -12.58
C LYS E 161 32.78 70.66 -11.32
N ALA E 162 32.12 69.49 -11.29
CA ALA E 162 32.23 68.58 -10.15
C ALA E 162 33.70 68.19 -10.00
N LEU E 163 34.33 67.82 -11.11
CA LEU E 163 35.73 67.42 -11.16
C LEU E 163 36.67 68.57 -10.82
N LEU E 164 36.33 69.82 -11.22
CA LEU E 164 37.17 70.97 -10.90
C LEU E 164 37.13 71.22 -9.39
N GLU E 165 35.97 70.97 -8.75
CA GLU E 165 35.79 71.15 -7.31
C GLU E 165 36.47 70.03 -6.50
N GLY E 166 36.76 68.91 -7.15
CA GLY E 166 37.38 67.75 -6.51
C GLY E 166 36.36 66.69 -6.20
N LYS E 167 35.05 67.04 -6.32
CA LYS E 167 33.95 66.12 -6.06
C LYS E 167 33.85 65.07 -7.15
N GLU E 168 33.24 63.92 -6.82
CA GLU E 168 33.07 62.85 -7.78
C GLU E 168 31.75 63.06 -8.51
N PRO E 169 31.73 63.01 -9.85
CA PRO E 169 30.45 63.24 -10.56
C PRO E 169 29.49 62.07 -10.44
N GLU E 170 28.20 62.40 -10.30
CA GLU E 170 27.16 61.39 -10.18
C GLU E 170 26.13 61.62 -11.26
N LEU E 171 25.89 60.61 -12.09
CA LEU E 171 24.94 60.66 -13.18
C LEU E 171 23.56 60.28 -12.70
N PRO E 172 22.49 60.72 -13.38
CA PRO E 172 21.15 60.31 -12.95
C PRO E 172 21.03 58.80 -13.08
N LYS E 173 20.29 58.17 -12.17
CA LYS E 173 20.15 56.71 -12.14
C LYS E 173 18.87 56.14 -12.77
N LYS E 174 17.74 56.84 -12.70
CA LYS E 174 16.47 56.32 -13.23
C LYS E 174 16.34 56.23 -14.73
N ASN E 175 15.23 55.63 -15.21
CA ASN E 175 14.98 55.53 -16.62
C ASN E 175 14.16 56.76 -17.04
N LEU E 176 14.01 56.99 -18.33
CA LEU E 176 13.35 58.16 -18.91
C LEU E 176 11.88 58.46 -18.57
N CYS E 177 11.04 57.46 -18.30
CA CYS E 177 9.62 57.74 -18.01
C CYS E 177 9.43 58.72 -16.85
N GLU E 178 10.41 58.78 -15.93
CA GLU E 178 10.39 59.69 -14.79
C GLU E 178 10.32 61.12 -15.33
N GLU E 179 11.20 61.45 -16.28
CA GLU E 179 11.27 62.77 -16.91
C GLU E 179 10.19 62.97 -17.98
N CYS E 180 9.75 61.92 -18.66
CA CYS E 180 8.74 62.06 -19.71
C CYS E 180 7.43 62.60 -19.12
N ALA E 181 6.83 63.58 -19.82
CA ALA E 181 5.59 64.21 -19.37
C ALA E 181 4.34 63.46 -19.85
N ARG E 182 4.53 62.37 -20.62
CA ARG E 182 3.39 61.60 -21.12
C ARG E 182 2.67 60.89 -19.99
N LYS E 183 1.34 60.77 -20.11
CA LYS E 183 0.51 60.12 -19.11
C LYS E 183 0.56 58.60 -19.23
N LYS E 184 0.74 57.92 -18.08
CA LYS E 184 0.82 56.47 -18.03
C LYS E 184 -0.42 55.92 -17.33
N SER E 185 -0.85 54.72 -17.73
CA SER E 185 -2.02 54.07 -17.16
C SER E 185 -1.65 53.57 -15.78
N GLU E 186 -2.50 53.86 -14.78
CA GLU E 186 -2.24 53.46 -13.41
C GLU E 186 -2.20 51.92 -13.30
N GLU E 187 -3.03 51.23 -14.11
CA GLU E 187 -3.11 49.77 -14.12
C GLU E 187 -1.82 49.09 -14.59
N GLY E 188 -0.93 49.84 -15.24
CA GLY E 188 0.33 49.29 -15.75
C GLY E 188 0.34 49.31 -17.26
N VAL E 189 1.50 49.01 -17.86
CA VAL E 189 1.62 49.01 -19.31
C VAL E 189 1.09 47.73 -19.93
N ALA E 190 0.37 47.88 -21.06
CA ALA E 190 -0.21 46.78 -21.82
C ALA E 190 -0.08 47.17 -23.30
N ILE E 191 0.56 46.32 -24.12
CA ILE E 191 0.74 46.62 -25.55
C ILE E 191 -0.15 45.67 -26.36
N GLU E 192 -1.07 46.23 -27.17
CA GLU E 192 -1.99 45.45 -27.99
C GLU E 192 -1.43 45.14 -29.36
N THR E 193 -0.72 46.09 -29.97
CA THR E 193 -0.13 45.93 -31.29
C THR E 193 1.17 46.70 -31.37
N ILE E 194 2.01 46.41 -32.37
CA ILE E 194 3.28 47.12 -32.54
C ILE E 194 3.25 47.82 -33.87
N LYS E 195 3.50 49.12 -33.85
CA LYS E 195 3.48 49.98 -35.02
C LYS E 195 4.82 50.57 -35.32
N ARG E 196 5.10 50.78 -36.61
CA ARG E 196 6.33 51.43 -36.99
C ARG E 196 6.02 52.91 -36.80
N ASN E 197 7.01 53.73 -36.48
CA ASN E 197 6.81 55.15 -36.22
C ASN E 197 5.90 55.93 -37.19
N TYR E 198 5.83 55.53 -38.46
CA TYR E 198 4.98 56.23 -39.42
C TYR E 198 3.53 55.75 -39.41
N GLU E 199 3.26 54.59 -38.78
CA GLU E 199 1.91 54.05 -38.73
C GLU E 199 1.00 54.78 -37.76
N GLY E 200 -0.12 55.28 -38.29
CA GLY E 200 -1.12 56.00 -37.51
C GLY E 200 -0.73 57.42 -37.16
N ASN E 201 -1.47 58.00 -36.22
CA ASN E 201 -1.24 59.36 -35.72
C ASN E 201 -1.25 59.26 -34.20
N PRO E 202 -0.08 59.41 -33.56
CA PRO E 202 -0.04 59.26 -32.10
C PRO E 202 -0.66 60.35 -31.25
N ASP E 203 -1.31 59.92 -30.14
CA ASP E 203 -1.94 60.83 -29.19
C ASP E 203 -0.78 61.58 -28.52
N PRO E 204 -0.89 62.90 -28.34
CA PRO E 204 0.24 63.63 -27.73
C PRO E 204 0.40 63.49 -26.21
N GLU E 205 -0.63 63.02 -25.50
CA GLU E 205 -0.62 62.87 -24.04
C GLU E 205 -0.30 61.46 -23.55
N LYS E 206 -0.73 60.42 -24.24
CA LYS E 206 -0.51 59.05 -23.82
C LYS E 206 0.89 58.51 -24.14
N CYS E 207 1.48 57.74 -23.20
CA CYS E 207 2.80 57.12 -23.37
C CYS E 207 2.85 56.40 -24.71
N LEU E 208 3.87 56.69 -25.52
CA LEU E 208 3.99 56.08 -26.86
C LEU E 208 4.15 54.56 -26.83
N LEU E 209 4.72 54.00 -25.75
CA LEU E 209 4.89 52.55 -25.64
C LEU E 209 3.52 51.88 -25.47
N GLU E 210 2.59 52.50 -24.72
CA GLU E 210 1.26 51.94 -24.51
C GLU E 210 0.44 52.08 -25.82
N GLN E 211 0.87 52.98 -26.73
CA GLN E 211 0.20 53.22 -28.02
C GLN E 211 0.67 52.25 -29.12
N GLY E 212 1.69 51.45 -28.83
CA GLY E 212 2.21 50.48 -29.79
C GLY E 212 3.51 50.84 -30.47
N TYR E 213 4.14 51.95 -30.10
CA TYR E 213 5.40 52.34 -30.72
C TYR E 213 6.57 51.83 -29.89
N ILE E 214 7.67 51.39 -30.53
CA ILE E 214 8.82 50.90 -29.77
C ILE E 214 9.55 52.12 -29.22
N CYS E 215 9.24 52.52 -27.98
CA CYS E 215 9.87 53.66 -27.34
C CYS E 215 10.92 53.09 -26.40
N LEU E 216 12.17 53.52 -26.54
CA LEU E 216 13.26 53.02 -25.71
C LEU E 216 13.43 53.75 -24.39
N GLY E 217 12.56 54.69 -24.08
CA GLY E 217 12.64 55.44 -22.83
C GLY E 217 12.69 54.55 -21.62
N ILE E 218 11.95 53.43 -21.65
CA ILE E 218 11.90 52.48 -20.53
C ILE E 218 13.27 51.86 -20.24
N ALA E 219 14.08 51.65 -21.28
CA ALA E 219 15.42 51.07 -21.13
C ALA E 219 16.49 52.12 -21.35
N THR E 220 16.18 53.40 -21.13
CA THR E 220 17.17 54.45 -21.36
C THR E 220 17.30 55.37 -20.17
N ARG E 221 18.55 55.71 -19.85
CA ARG E 221 18.89 56.57 -18.73
C ARG E 221 18.33 57.96 -18.95
N GLU E 222 17.80 58.57 -17.88
CA GLU E 222 17.24 59.91 -17.92
C GLU E 222 18.38 60.93 -17.94
N GLY E 223 18.03 62.21 -17.97
CA GLY E 223 18.98 63.31 -17.98
C GLY E 223 18.77 64.28 -19.14
N CYS E 224 18.40 63.74 -20.31
CA CYS E 224 18.17 64.54 -21.51
C CYS E 224 16.95 65.46 -21.37
N GLY E 225 15.97 65.03 -20.59
CA GLY E 225 14.74 65.78 -20.39
C GLY E 225 13.63 65.24 -21.26
N ALA E 226 13.88 64.09 -21.93
CA ALA E 226 12.93 63.42 -22.81
C ALA E 226 12.40 64.35 -23.89
N PRO E 227 13.28 64.94 -24.72
CA PRO E 227 12.80 65.85 -25.77
C PRO E 227 12.07 65.16 -26.91
N CYS E 228 12.44 63.90 -27.19
CA CYS E 228 11.83 63.15 -28.28
C CYS E 228 10.36 62.82 -28.02
N PRO E 229 9.97 62.13 -26.94
CA PRO E 229 8.54 61.88 -26.74
C PRO E 229 7.73 63.18 -26.65
N SER E 230 8.27 64.22 -26.02
CA SER E 230 7.56 65.49 -25.93
C SER E 230 7.36 66.10 -27.31
N SER E 231 8.30 65.84 -28.23
CA SER E 231 8.24 66.38 -29.59
C SER E 231 7.34 65.55 -30.52
N GLY E 232 6.82 64.43 -30.03
CA GLY E 232 5.93 63.57 -30.80
C GLY E 232 6.54 62.33 -31.41
N VAL E 233 7.78 61.97 -31.07
CA VAL E 233 8.41 60.76 -31.62
C VAL E 233 8.92 59.90 -30.48
N PRO E 234 9.03 58.58 -30.65
CA PRO E 234 9.52 57.75 -29.55
C PRO E 234 10.99 57.98 -29.23
N CYS E 235 11.43 57.59 -28.02
CA CYS E 235 12.83 57.73 -27.64
C CYS E 235 13.56 56.66 -28.41
N SER E 236 14.73 56.97 -28.95
CA SER E 236 15.51 56.00 -29.72
C SER E 236 16.58 55.32 -28.84
N GLY E 237 16.65 55.70 -27.56
CA GLY E 237 17.59 55.14 -26.59
C GLY E 237 19.00 55.67 -26.71
N CYS E 238 19.15 56.91 -27.19
CA CYS E 238 20.45 57.53 -27.40
C CYS E 238 21.30 57.77 -26.11
N SER E 239 20.72 57.84 -24.92
CA SER E 239 21.53 58.06 -23.71
C SER E 239 22.13 56.75 -23.17
N GLY E 240 21.69 55.62 -23.70
CA GLY E 240 22.20 54.31 -23.28
C GLY E 240 21.49 53.79 -22.06
N PRO E 241 21.88 52.59 -21.59
CA PRO E 241 21.21 52.01 -20.42
C PRO E 241 21.60 52.59 -19.08
N THR E 242 20.85 52.18 -18.06
CA THR E 242 21.07 52.60 -16.69
C THR E 242 22.31 51.88 -16.18
N ASP E 243 22.70 52.15 -14.93
CA ASP E 243 23.87 51.50 -14.35
C ASP E 243 23.64 50.02 -14.04
N ALA E 244 22.37 49.61 -13.90
CA ALA E 244 22.02 48.21 -13.57
C ALA E 244 21.72 47.37 -14.82
N VAL E 245 21.96 47.88 -16.03
CA VAL E 245 21.69 47.14 -17.27
C VAL E 245 22.93 47.18 -18.17
N VAL E 246 23.49 46.00 -18.46
CA VAL E 246 24.67 45.89 -19.30
C VAL E 246 24.26 46.01 -20.77
N ASP E 247 23.30 45.18 -21.19
CA ASP E 247 22.80 45.15 -22.56
C ASP E 247 21.41 45.79 -22.62
N GLN E 248 21.35 47.02 -23.14
CA GLN E 248 20.13 47.81 -23.27
C GLN E 248 19.10 47.15 -24.18
N GLY E 249 19.56 46.67 -25.33
CA GLY E 249 18.70 46.05 -26.32
C GLY E 249 18.01 44.81 -25.79
N ALA E 250 18.76 43.98 -25.11
CA ALA E 250 18.26 42.74 -24.52
C ALA E 250 17.17 43.03 -23.50
N LYS E 251 17.39 44.04 -22.64
CA LYS E 251 16.41 44.40 -21.63
C LYS E 251 15.17 45.02 -22.25
N MET E 252 15.35 45.76 -23.35
CA MET E 252 14.25 46.40 -24.05
C MET E 252 13.36 45.33 -24.67
N ILE E 253 13.98 44.30 -25.27
CA ILE E 253 13.24 43.20 -25.89
C ILE E 253 12.49 42.45 -24.80
N SER E 254 13.17 42.15 -23.68
CA SER E 254 12.54 41.45 -22.56
C SER E 254 11.29 42.18 -22.12
N ALA E 255 11.41 43.49 -21.83
CA ALA E 255 10.28 44.31 -21.40
C ALA E 255 9.17 44.33 -22.43
N LEU E 256 9.53 44.57 -23.69
CA LEU E 256 8.56 44.63 -24.78
C LEU E 256 7.81 43.32 -24.96
N CYS E 257 8.51 42.18 -24.91
CA CYS E 257 7.89 40.86 -25.06
C CYS E 257 7.00 40.55 -23.87
N SER E 258 7.43 40.96 -22.69
CA SER E 258 6.68 40.73 -21.46
C SER E 258 5.31 41.37 -21.47
N ASP E 259 5.25 42.66 -21.82
CA ASP E 259 3.99 43.40 -21.85
C ASP E 259 3.20 43.27 -23.13
N PHE E 260 3.74 42.65 -24.18
CA PHE E 260 2.97 42.52 -25.41
C PHE E 260 1.84 41.53 -25.19
N GLY E 261 0.60 42.01 -25.32
CA GLY E 261 -0.59 41.20 -25.13
C GLY E 261 -0.74 40.67 -23.72
N ILE E 262 -0.33 41.47 -22.71
CA ILE E 262 -0.42 41.05 -21.31
C ILE E 262 -1.89 40.97 -20.83
N ASP E 263 -2.81 41.73 -21.44
CA ASP E 263 -4.23 41.68 -21.04
C ASP E 263 -4.87 40.37 -21.54
N ASN E 264 -4.24 39.70 -22.52
CA ASN E 264 -4.67 38.44 -23.12
C ASN E 264 -3.43 37.52 -23.07
N ASP E 265 -2.68 37.63 -21.97
CA ASP E 265 -1.42 36.92 -21.67
C ASP E 265 -1.35 35.46 -22.09
N ARG E 266 -2.34 34.66 -21.73
CA ARG E 266 -2.35 33.23 -22.02
C ARG E 266 -2.69 32.83 -23.45
N ASP E 267 -3.34 33.69 -24.23
CA ASP E 267 -3.72 33.32 -25.59
C ASP E 267 -3.06 34.14 -26.69
N VAL E 268 -2.51 35.31 -26.36
CA VAL E 268 -1.86 36.13 -27.38
C VAL E 268 -0.82 35.31 -28.13
N ASP E 269 -0.75 35.48 -29.45
CA ASP E 269 0.18 34.76 -30.31
C ASP E 269 1.60 35.27 -30.07
N PRO E 270 2.53 34.38 -29.67
CA PRO E 270 3.91 34.82 -29.45
C PRO E 270 4.71 35.12 -30.73
N MET E 271 4.09 34.91 -31.93
CA MET E 271 4.74 35.14 -33.21
C MET E 271 4.35 36.52 -33.82
N ILE E 272 3.36 37.23 -33.25
CA ILE E 272 2.97 38.54 -33.80
C ILE E 272 4.15 39.50 -33.71
N LEU E 273 4.77 39.60 -32.53
CA LEU E 273 5.90 40.50 -32.29
C LEU E 273 7.11 40.24 -33.23
N PRO E 274 7.70 39.03 -33.31
CA PRO E 274 8.83 38.84 -34.25
C PRO E 274 8.45 39.02 -35.72
N LYS E 275 7.19 38.76 -36.08
CA LYS E 275 6.74 38.90 -37.46
C LYS E 275 6.58 40.41 -37.79
N SER E 276 6.22 41.22 -36.77
CA SER E 276 6.02 42.66 -36.93
C SER E 276 7.32 43.45 -37.00
N ILE E 277 8.32 43.11 -36.16
CA ILE E 277 9.59 43.84 -36.16
C ILE E 277 10.50 43.22 -37.21
N LYS E 278 10.67 43.90 -38.35
CA LYS E 278 11.49 43.42 -39.47
C LYS E 278 12.96 43.87 -39.39
N ASP E 279 13.31 44.72 -38.41
CA ASP E 279 14.68 45.18 -38.22
C ASP E 279 14.87 45.24 -36.71
N LYS E 280 15.18 44.09 -36.11
CA LYS E 280 15.37 43.96 -34.68
C LYS E 280 16.60 44.66 -34.14
N ILE E 281 17.77 44.46 -34.76
CA ILE E 281 18.98 45.12 -34.26
C ILE E 281 18.88 46.64 -34.35
N GLY E 282 18.36 47.14 -35.47
CA GLY E 282 18.18 48.57 -35.66
C GLY E 282 17.10 49.15 -34.77
N SER E 283 16.18 48.30 -34.26
CA SER E 283 15.12 48.75 -33.38
C SER E 283 15.59 48.79 -31.93
N PHE E 284 16.53 47.92 -31.54
CA PHE E 284 17.00 47.84 -30.15
C PHE E 284 18.49 48.15 -29.89
N TYR E 285 19.32 48.33 -30.92
CA TYR E 285 20.75 48.60 -30.69
C TYR E 285 21.25 49.75 -31.57
N LYS E 286 20.42 50.79 -31.79
CA LYS E 286 20.81 51.92 -32.61
C LYS E 286 22.13 52.56 -32.14
N PHE E 287 22.23 52.83 -30.85
CA PHE E 287 23.39 53.49 -30.25
C PHE E 287 24.27 52.65 -29.35
N THR E 288 23.97 51.36 -29.15
CA THR E 288 24.77 50.56 -28.22
C THR E 288 25.28 49.20 -28.70
N LEU E 289 25.18 48.86 -29.98
CA LEU E 289 25.67 47.55 -30.41
C LEU E 289 27.10 47.18 -29.93
N PRO E 290 28.12 48.05 -29.98
CA PRO E 290 29.47 47.65 -29.52
C PRO E 290 29.60 47.26 -28.04
N SER E 291 28.65 47.64 -27.19
CA SER E 291 28.70 47.29 -25.77
C SER E 291 27.77 46.11 -25.47
N ALA E 292 27.06 45.59 -26.51
CA ALA E 292 26.14 44.45 -26.33
C ALA E 292 26.92 43.16 -26.10
N PHE E 293 26.23 42.11 -25.60
CA PHE E 293 26.88 40.82 -25.35
C PHE E 293 27.36 40.24 -26.67
N VAL E 294 26.55 40.39 -27.73
CA VAL E 294 26.88 39.96 -29.07
C VAL E 294 26.95 41.28 -29.81
N PRO E 295 28.16 41.87 -29.93
CA PRO E 295 28.28 43.18 -30.56
C PRO E 295 28.60 43.18 -32.05
N ILE E 296 28.53 42.02 -32.69
CA ILE E 296 28.83 41.91 -34.13
C ILE E 296 27.91 40.89 -34.73
N ARG E 297 27.95 40.75 -36.05
CA ARG E 297 27.16 39.77 -36.76
C ARG E 297 28.17 38.76 -37.25
N LEU E 298 27.95 37.46 -37.02
CA LEU E 298 28.89 36.46 -37.50
C LEU E 298 28.79 36.30 -38.98
N LYS E 299 29.95 36.20 -39.66
CA LYS E 299 30.01 36.03 -41.12
C LYS E 299 30.34 34.57 -41.44
N VAL F 2 62.78 67.46 -45.13
CA VAL F 2 62.50 66.50 -46.19
C VAL F 2 60.99 66.18 -46.21
N LYS F 3 60.39 65.58 -45.15
CA LYS F 3 58.94 65.33 -45.16
C LYS F 3 58.34 65.98 -43.94
N LEU F 4 57.41 66.94 -44.16
CA LEU F 4 56.75 67.64 -43.08
C LEU F 4 55.31 67.25 -43.06
N SER F 5 54.69 67.31 -41.89
CA SER F 5 53.30 66.95 -41.78
C SER F 5 52.57 67.86 -40.82
N VAL F 6 51.41 68.35 -41.26
CA VAL F 6 50.57 69.22 -40.46
C VAL F 6 49.46 68.31 -39.99
N GLU F 7 49.52 67.83 -38.74
CA GLU F 7 48.49 66.94 -38.24
C GLU F 7 48.29 67.07 -36.74
N PRO F 8 47.04 67.25 -36.31
CA PRO F 8 45.82 67.34 -37.12
C PRO F 8 45.60 68.74 -37.65
N VAL F 9 44.80 68.86 -38.71
CA VAL F 9 44.49 70.18 -39.23
C VAL F 9 43.51 70.66 -38.19
N THR F 10 43.75 71.83 -37.60
CA THR F 10 42.90 72.35 -36.55
C THR F 10 41.94 73.43 -37.01
N ARG F 11 40.87 73.61 -36.22
CA ARG F 11 39.80 74.57 -36.46
C ARG F 11 39.00 74.21 -37.70
N VAL F 12 38.76 72.90 -37.85
CA VAL F 12 37.98 72.27 -38.92
C VAL F 12 37.27 71.12 -38.26
N GLU F 13 36.12 70.71 -38.80
CA GLU F 13 35.42 69.59 -38.21
C GLU F 13 35.98 68.35 -38.86
N GLY F 14 36.35 67.36 -38.05
CA GLY F 14 36.88 66.10 -38.58
C GLY F 14 38.38 65.89 -38.53
N HIS F 15 38.79 64.80 -39.17
CA HIS F 15 40.18 64.36 -39.22
C HIS F 15 40.86 64.55 -40.56
N GLY F 16 41.69 65.58 -40.62
CA GLY F 16 42.45 65.90 -41.83
C GLY F 16 43.90 66.18 -41.54
N LYS F 17 44.76 66.04 -42.55
CA LYS F 17 46.18 66.29 -42.40
C LYS F 17 46.79 66.72 -43.72
N ILE F 18 47.91 67.45 -43.65
CA ILE F 18 48.62 67.92 -44.85
C ILE F 18 50.04 67.42 -44.80
N SER F 19 50.52 66.88 -45.91
CA SER F 19 51.89 66.39 -46.01
C SER F 19 52.59 67.35 -46.97
N VAL F 20 53.87 67.68 -46.69
CA VAL F 20 54.66 68.60 -47.53
C VAL F 20 56.05 67.98 -47.68
N SER F 21 56.29 67.25 -48.80
CA SER F 21 57.57 66.58 -49.04
C SER F 21 58.53 67.37 -49.94
N PHE F 22 59.85 67.16 -49.74
CA PHE F 22 60.91 67.82 -50.49
C PHE F 22 61.88 66.82 -51.04
N ASP F 23 62.52 67.16 -52.16
CA ASP F 23 63.51 66.27 -52.76
C ASP F 23 64.88 66.47 -52.08
N ASP F 24 65.86 65.67 -52.47
CA ASP F 24 67.21 65.73 -51.88
C ASP F 24 67.88 67.10 -52.04
N SER F 25 67.55 67.84 -53.11
CA SER F 25 68.13 69.16 -53.35
C SER F 25 67.54 70.20 -52.38
N GLY F 26 66.35 69.90 -51.85
CA GLY F 26 65.66 70.78 -50.92
C GLY F 26 64.50 71.49 -51.60
N ASN F 27 64.12 71.05 -52.82
CA ASN F 27 63.03 71.69 -53.53
C ASN F 27 61.70 71.03 -53.23
N LEU F 28 60.63 71.84 -53.18
CA LEU F 28 59.27 71.39 -52.93
C LEU F 28 58.96 70.28 -53.93
N ASP F 29 58.47 69.13 -53.44
CA ASP F 29 58.19 67.99 -54.29
C ASP F 29 56.68 67.67 -54.37
N LYS F 30 56.06 67.28 -53.26
CA LYS F 30 54.64 66.95 -53.27
C LYS F 30 53.92 67.49 -52.06
N VAL F 31 52.72 68.02 -52.28
CA VAL F 31 51.89 68.56 -51.21
C VAL F 31 50.53 67.94 -51.36
N ARG F 32 50.02 67.28 -50.31
CA ARG F 32 48.71 66.64 -50.38
C ARG F 32 47.88 66.87 -49.17
N PHE F 33 46.55 66.77 -49.33
CA PHE F 33 45.59 66.92 -48.26
C PHE F 33 44.98 65.55 -48.04
N HIS F 34 45.10 65.01 -46.83
CA HIS F 34 44.58 63.69 -46.52
C HIS F 34 43.51 63.72 -45.47
N VAL F 35 42.46 62.91 -45.66
CA VAL F 35 41.37 62.78 -44.72
C VAL F 35 41.56 61.38 -44.16
N VAL F 36 41.70 61.28 -42.85
CA VAL F 36 42.01 60.02 -42.17
C VAL F 36 40.86 59.38 -41.38
N GLU F 37 39.62 59.51 -41.85
CA GLU F 37 38.47 58.91 -41.14
C GLU F 37 37.45 58.36 -42.13
N VAL F 38 36.67 57.38 -41.69
CA VAL F 38 35.58 56.78 -42.46
C VAL F 38 34.79 55.86 -41.52
N ARG F 39 33.43 55.93 -41.57
CA ARG F 39 32.56 55.13 -40.72
C ARG F 39 31.71 54.11 -41.51
N GLY F 40 31.46 54.38 -42.80
CA GLY F 40 30.71 53.48 -43.67
C GLY F 40 29.20 53.48 -43.50
N PHE F 41 28.60 54.66 -43.35
CA PHE F 41 27.14 54.81 -43.18
C PHE F 41 26.36 54.27 -44.36
N GLU F 42 26.90 54.40 -45.57
CA GLU F 42 26.20 53.95 -46.75
C GLU F 42 25.87 52.47 -46.71
N LYS F 43 26.79 51.65 -46.21
CA LYS F 43 26.57 50.20 -46.13
C LYS F 43 25.81 49.80 -44.89
N PHE F 44 26.16 50.32 -43.71
CA PHE F 44 25.45 49.88 -42.52
C PHE F 44 23.97 50.32 -42.49
N LEU F 45 23.56 51.30 -43.32
CA LEU F 45 22.16 51.69 -43.36
C LEU F 45 21.36 50.54 -44.04
N GLU F 46 22.04 49.66 -44.81
CA GLU F 46 21.35 48.53 -45.46
C GLU F 46 20.81 47.64 -44.37
N GLY F 47 19.56 47.21 -44.50
CA GLY F 47 18.94 46.37 -43.49
C GLY F 47 18.15 47.18 -42.47
N ARG F 48 18.30 48.51 -42.46
CA ARG F 48 17.59 49.36 -41.51
C ARG F 48 16.25 49.77 -42.06
N TYR F 49 15.39 50.30 -41.18
CA TYR F 49 14.08 50.79 -41.60
C TYR F 49 14.33 52.11 -42.30
N VAL F 50 13.69 52.35 -43.44
CA VAL F 50 13.88 53.59 -44.17
C VAL F 50 13.41 54.80 -43.36
N GLU F 51 12.30 54.68 -42.61
CA GLU F 51 11.78 55.79 -41.79
C GLU F 51 12.73 56.11 -40.62
N ASP F 52 13.75 55.26 -40.38
CA ASP F 52 14.74 55.44 -39.32
C ASP F 52 15.99 56.13 -39.90
N ALA F 53 16.04 56.35 -41.23
CA ALA F 53 17.19 57.01 -41.84
C ALA F 53 17.35 58.43 -41.24
N PRO F 54 16.27 59.23 -41.10
CA PRO F 54 16.42 60.55 -40.48
C PRO F 54 16.88 60.52 -39.02
N ILE F 55 17.02 59.33 -38.41
CA ILE F 55 17.49 59.18 -37.04
C ILE F 55 18.98 58.88 -37.09
N TYR F 56 19.43 58.10 -38.08
CA TYR F 56 20.85 57.74 -38.24
C TYR F 56 21.71 58.76 -38.95
N THR F 57 21.25 59.34 -40.08
CA THR F 57 22.08 60.30 -40.80
C THR F 57 22.46 61.53 -40.00
N PRO F 58 21.61 62.13 -39.16
CA PRO F 58 22.07 63.30 -38.41
C PRO F 58 23.38 62.97 -37.68
N ARG F 59 23.57 61.70 -37.26
CA ARG F 59 24.80 61.28 -36.58
C ARG F 59 26.03 61.26 -37.52
N ILE F 60 25.88 61.72 -38.78
CA ILE F 60 27.01 61.77 -39.71
C ILE F 60 27.82 62.99 -39.26
N CYS F 61 27.13 64.01 -38.73
CA CYS F 61 27.81 65.22 -38.26
C CYS F 61 26.97 65.99 -37.25
N GLY F 62 27.63 66.45 -36.19
CA GLY F 62 27.01 67.20 -35.10
C GLY F 62 26.81 68.67 -35.40
N ILE F 63 27.36 69.18 -36.51
CA ILE F 63 27.20 70.59 -36.89
C ILE F 63 26.03 70.73 -37.85
N CYS F 64 26.02 69.90 -38.91
CA CYS F 64 24.98 69.93 -39.94
C CYS F 64 23.99 68.78 -39.81
N GLN F 65 23.68 68.34 -38.59
CA GLN F 65 22.74 67.23 -38.41
C GLN F 65 21.37 67.57 -38.98
N VAL F 66 20.96 68.85 -38.92
CA VAL F 66 19.66 69.26 -39.45
C VAL F 66 19.59 68.98 -40.94
N ALA F 67 20.66 69.32 -41.67
CA ALA F 67 20.70 69.10 -43.12
C ALA F 67 20.47 67.63 -43.47
N HIS F 68 21.11 66.72 -42.73
CA HIS F 68 20.97 65.28 -42.95
C HIS F 68 19.56 64.82 -42.58
N HIS F 69 19.03 65.30 -41.44
CA HIS F 69 17.69 64.96 -40.97
C HIS F 69 16.68 65.25 -42.09
N LEU F 70 16.75 66.44 -42.68
CA LEU F 70 15.85 66.86 -43.74
C LEU F 70 16.13 66.16 -45.07
N ALA F 71 17.41 65.96 -45.45
CA ALA F 71 17.72 65.27 -46.69
C ALA F 71 17.16 63.85 -46.61
N SER F 72 17.33 63.20 -45.46
CA SER F 72 16.81 61.85 -45.29
C SER F 72 15.30 61.87 -45.30
N ALA F 73 14.67 62.83 -44.59
CA ALA F 73 13.21 62.94 -44.53
C ALA F 73 12.65 63.04 -45.94
N LYS F 74 13.24 63.90 -46.76
CA LYS F 74 12.83 64.11 -48.13
C LYS F 74 12.98 62.85 -48.97
N ALA F 75 14.12 62.15 -48.82
CA ALA F 75 14.33 60.92 -49.57
C ALA F 75 13.27 59.92 -49.17
N VAL F 76 13.08 59.78 -47.85
CA VAL F 76 12.09 58.88 -47.26
C VAL F 76 10.69 59.23 -47.77
N ASP F 77 10.39 60.53 -47.89
CA ASP F 77 9.10 60.99 -48.39
C ASP F 77 8.89 60.50 -49.81
N ASN F 78 9.95 60.48 -50.62
CA ASN F 78 9.87 60.02 -52.01
C ASN F 78 9.76 58.51 -52.03
N VAL F 79 10.32 57.82 -51.03
CA VAL F 79 10.23 56.36 -50.98
C VAL F 79 8.76 55.96 -50.80
N PHE F 80 7.97 56.74 -50.03
CA PHE F 80 6.57 56.42 -49.77
C PHE F 80 5.52 56.99 -50.75
N GLY F 81 5.93 57.77 -51.75
CA GLY F 81 5.01 58.39 -52.71
C GLY F 81 4.16 59.45 -52.06
N VAL F 82 4.67 60.08 -50.98
CA VAL F 82 3.92 61.11 -50.27
C VAL F 82 4.50 62.51 -50.45
N LYS F 83 3.59 63.47 -50.70
CA LYS F 83 3.91 64.88 -50.86
C LYS F 83 3.46 65.47 -49.53
N ILE F 84 4.38 66.05 -48.78
CA ILE F 84 4.06 66.60 -47.46
C ILE F 84 3.27 67.90 -47.56
N PRO F 85 2.48 68.26 -46.53
CA PRO F 85 1.70 69.51 -46.61
C PRO F 85 2.57 70.76 -46.56
N GLU F 86 2.01 71.89 -47.01
CA GLU F 86 2.75 73.15 -47.04
C GLU F 86 3.31 73.54 -45.67
N THR F 87 2.50 73.48 -44.62
CA THR F 87 2.97 73.85 -43.28
C THR F 87 4.22 73.04 -42.92
N ALA F 88 4.24 71.76 -43.28
CA ALA F 88 5.39 70.91 -43.00
C ALA F 88 6.62 71.40 -43.77
N GLU F 89 6.45 71.74 -45.07
CA GLU F 89 7.55 72.24 -45.91
C GLU F 89 8.14 73.49 -45.29
N LEU F 90 7.28 74.35 -44.74
CA LEU F 90 7.70 75.61 -44.12
C LEU F 90 8.44 75.35 -42.80
N LEU F 91 7.94 74.42 -41.96
CA LEU F 91 8.59 74.10 -40.69
C LEU F 91 9.97 73.50 -40.98
N ARG F 92 10.06 72.60 -41.98
CA ARG F 92 11.33 71.99 -42.34
C ARG F 92 12.31 73.01 -42.80
N ASN F 93 11.85 73.96 -43.62
CA ASN F 93 12.72 75.01 -44.12
C ASN F 93 13.13 75.92 -42.98
N LEU F 94 12.20 76.25 -42.07
CA LEU F 94 12.55 77.11 -40.95
C LEU F 94 13.69 76.50 -40.15
N MET F 95 13.61 75.19 -39.92
CA MET F 95 14.62 74.43 -39.18
C MET F 95 15.94 74.52 -39.94
N HIS F 96 15.86 74.38 -41.27
CA HIS F 96 17.02 74.43 -42.16
C HIS F 96 17.71 75.80 -42.11
N GLN F 97 16.95 76.89 -42.07
CA GLN F 97 17.53 78.23 -42.03
C GLN F 97 18.13 78.51 -40.66
N GLY F 98 17.44 78.09 -39.60
CA GLY F 98 17.93 78.27 -38.24
C GLY F 98 19.27 77.58 -38.06
N ALA F 99 19.37 76.38 -38.64
CA ALA F 99 20.58 75.55 -38.59
C ALA F 99 21.74 76.23 -39.35
N THR F 100 21.44 76.83 -40.49
CA THR F 100 22.45 77.49 -41.31
C THR F 100 23.03 78.72 -40.60
N VAL F 101 22.21 79.44 -39.82
CA VAL F 101 22.68 80.61 -39.10
C VAL F 101 23.75 80.16 -38.11
N HIS F 102 23.44 79.10 -37.34
CA HIS F 102 24.34 78.53 -36.33
C HIS F 102 25.64 77.98 -36.93
N SER F 103 25.55 77.25 -38.03
CA SER F 103 26.71 76.66 -38.69
C SER F 103 27.63 77.75 -39.28
N HIS F 104 27.06 78.74 -39.96
CA HIS F 104 27.85 79.82 -40.56
C HIS F 104 28.50 80.68 -39.49
N ALA F 105 27.76 81.01 -38.42
CA ALA F 105 28.27 81.81 -37.31
C ALA F 105 29.40 81.04 -36.62
N LEU F 106 29.20 79.72 -36.46
CA LEU F 106 30.19 78.85 -35.83
C LEU F 106 31.48 78.88 -36.60
N HIS F 107 31.40 78.65 -37.91
CA HIS F 107 32.61 78.62 -38.72
C HIS F 107 33.30 79.95 -38.80
N PHE F 108 32.59 81.00 -39.23
CA PHE F 108 33.23 82.30 -39.35
C PHE F 108 33.89 82.77 -38.08
N TYR F 109 33.15 82.83 -36.99
CA TYR F 109 33.68 83.32 -35.73
C TYR F 109 34.61 82.42 -34.93
N MET F 110 34.26 81.15 -34.76
CA MET F 110 35.10 80.28 -33.94
C MET F 110 36.17 79.49 -34.70
N LEU F 111 36.08 79.35 -36.02
CA LEU F 111 37.09 78.60 -36.75
C LEU F 111 37.90 79.44 -37.72
N ALA F 112 37.25 80.35 -38.47
CA ALA F 112 37.93 81.19 -39.46
C ALA F 112 38.53 82.48 -38.91
N ALA F 113 37.74 83.28 -38.19
CA ALA F 113 38.18 84.57 -37.63
C ALA F 113 39.57 84.60 -36.97
N PRO F 114 40.00 83.61 -36.17
CA PRO F 114 41.34 83.72 -35.55
C PRO F 114 42.47 83.97 -36.56
N ASP F 115 42.35 83.43 -37.78
CA ASP F 115 43.36 83.62 -38.81
C ASP F 115 43.17 84.96 -39.47
N LEU F 116 41.91 85.32 -39.74
CA LEU F 116 41.58 86.58 -40.37
C LEU F 116 42.00 87.74 -39.46
N MET F 117 41.92 87.55 -38.14
CA MET F 117 42.30 88.57 -37.16
C MET F 117 43.81 88.54 -36.91
N PHE F 118 44.40 87.34 -36.77
CA PHE F 118 45.83 87.20 -36.52
C PHE F 118 46.49 86.35 -37.61
N PRO F 119 46.60 86.88 -38.84
CA PRO F 119 47.21 86.09 -39.92
C PRO F 119 48.72 85.88 -39.84
N THR F 120 49.47 86.77 -39.18
CA THR F 120 50.92 86.61 -39.09
C THR F 120 51.46 86.47 -37.67
N THR F 121 50.67 85.89 -36.76
CA THR F 121 51.15 85.74 -35.39
C THR F 121 52.01 84.50 -35.15
N ASP F 122 53.00 84.66 -34.26
CA ASP F 122 53.92 83.61 -33.84
C ASP F 122 53.20 82.77 -32.80
N ASP F 123 52.50 83.46 -31.88
CA ASP F 123 51.76 82.85 -30.77
C ASP F 123 50.53 82.09 -31.25
N VAL F 124 50.56 80.76 -31.13
CA VAL F 124 49.44 79.92 -31.53
C VAL F 124 48.31 79.96 -30.50
N LEU F 125 48.64 80.15 -29.20
CA LEU F 125 47.63 80.20 -28.14
C LEU F 125 46.67 81.42 -28.28
N LYS F 126 47.00 82.37 -29.16
CA LYS F 126 46.18 83.55 -29.41
C LYS F 126 45.21 83.26 -30.57
N ARG F 127 45.60 82.37 -31.50
CA ARG F 127 44.79 82.01 -32.68
C ARG F 127 43.59 81.09 -32.36
N ASN F 128 42.63 81.61 -31.58
CA ASN F 128 41.41 80.88 -31.20
C ASN F 128 40.37 81.88 -30.67
N LEU F 129 39.13 81.42 -30.37
CA LEU F 129 38.08 82.31 -29.85
C LEU F 129 38.44 82.94 -28.52
N MET F 130 39.22 82.24 -27.70
CA MET F 130 39.63 82.74 -26.39
C MET F 130 40.51 83.98 -26.60
N GLY F 131 41.39 83.92 -27.61
CA GLY F 131 42.28 85.01 -27.96
C GLY F 131 41.53 86.19 -28.53
N ILE F 132 40.48 85.92 -29.31
CA ILE F 132 39.64 86.97 -29.90
C ILE F 132 38.83 87.62 -28.79
N ALA F 133 38.28 86.80 -27.89
CA ALA F 133 37.48 87.29 -26.77
C ALA F 133 38.29 88.17 -25.82
N LYS F 134 39.59 87.90 -25.66
CA LYS F 134 40.45 88.68 -24.77
C LYS F 134 40.66 90.13 -25.24
N GLU F 135 40.75 90.36 -26.57
CA GLU F 135 40.94 91.72 -27.09
C GLU F 135 39.65 92.31 -27.70
N HIS F 136 38.74 91.46 -28.20
CA HIS F 136 37.47 91.88 -28.79
C HIS F 136 36.37 90.95 -28.29
N PRO F 137 35.88 91.16 -27.07
CA PRO F 137 34.83 90.28 -26.52
C PRO F 137 33.47 90.40 -27.23
N GLU F 138 33.15 91.61 -27.69
CA GLU F 138 31.92 91.94 -28.41
C GLU F 138 31.72 91.00 -29.63
N ILE F 139 32.82 90.61 -30.29
CA ILE F 139 32.82 89.73 -31.46
C ILE F 139 32.39 88.31 -31.08
N ILE F 140 32.98 87.75 -30.02
CA ILE F 140 32.65 86.40 -29.56
C ILE F 140 31.28 86.36 -28.90
N LYS F 141 30.86 87.45 -28.24
CA LYS F 141 29.55 87.51 -27.62
C LYS F 141 28.47 87.47 -28.70
N ASP F 142 28.71 88.16 -29.83
CA ASP F 142 27.77 88.19 -30.95
C ASP F 142 27.71 86.82 -31.60
N ALA F 143 28.88 86.19 -31.75
CA ALA F 143 29.00 84.87 -32.35
C ALA F 143 28.04 83.94 -31.60
N ILE F 144 28.21 83.89 -30.28
CA ILE F 144 27.42 83.08 -29.36
C ILE F 144 25.92 83.41 -29.47
N GLU F 145 25.57 84.70 -29.52
CA GLU F 145 24.18 85.11 -29.63
C GLU F 145 23.53 84.64 -30.95
N LEU F 146 24.32 84.59 -32.05
CA LEU F 146 23.80 84.12 -33.34
C LEU F 146 23.57 82.63 -33.27
N ARG F 147 24.58 81.90 -32.77
CA ARG F 147 24.51 80.46 -32.63
C ARG F 147 23.33 80.06 -31.76
N LYS F 148 23.18 80.72 -30.62
CA LYS F 148 22.08 80.46 -29.68
C LYS F 148 20.73 80.70 -30.35
N ALA F 149 20.61 81.75 -31.18
CA ALA F 149 19.36 82.06 -31.88
C ALA F 149 19.01 81.01 -32.91
N GLY F 150 20.01 80.55 -33.66
CA GLY F 150 19.81 79.53 -34.69
C GLY F 150 19.43 78.21 -34.08
N GLN F 151 20.17 77.79 -33.04
CA GLN F 151 19.91 76.53 -32.35
C GLN F 151 18.56 76.56 -31.65
N ASN F 152 18.11 77.74 -31.23
CA ASN F 152 16.81 77.91 -30.57
C ASN F 152 15.72 77.54 -31.57
N VAL F 153 15.84 78.06 -32.81
CA VAL F 153 14.87 77.77 -33.86
C VAL F 153 14.84 76.26 -34.09
N VAL F 154 16.03 75.64 -34.22
CA VAL F 154 16.15 74.19 -34.43
C VAL F 154 15.52 73.43 -33.27
N ARG F 155 15.78 73.83 -32.03
CA ARG F 155 15.22 73.16 -30.85
C ARG F 155 13.69 73.24 -30.83
N VAL F 156 13.13 74.44 -31.07
CA VAL F 156 11.69 74.66 -31.06
C VAL F 156 10.97 73.87 -32.18
N VAL F 157 11.47 73.97 -33.42
CA VAL F 157 10.86 73.30 -34.57
C VAL F 157 11.28 71.83 -34.70
N GLY F 158 12.52 71.51 -34.33
CA GLY F 158 13.09 70.17 -34.46
C GLY F 158 13.06 69.30 -33.22
N GLY F 159 12.73 69.87 -32.06
CA GLY F 159 12.68 69.11 -30.81
C GLY F 159 14.01 69.07 -30.08
N ARG F 160 15.12 69.02 -30.82
CA ARG F 160 16.48 69.00 -30.25
C ARG F 160 17.38 69.93 -31.06
N ALA F 161 18.24 70.70 -30.37
CA ALA F 161 19.17 71.63 -31.02
C ALA F 161 20.22 70.90 -31.85
N ILE F 162 20.57 69.67 -31.45
CA ILE F 162 21.55 68.84 -32.15
C ILE F 162 20.84 67.50 -32.34
N HIS F 163 20.68 67.07 -33.60
CA HIS F 163 19.99 65.85 -33.99
C HIS F 163 18.49 66.02 -33.83
N PRO F 164 17.86 66.86 -34.69
CA PRO F 164 16.41 67.07 -34.59
C PRO F 164 15.63 65.81 -34.90
N VAL F 165 14.36 65.76 -34.50
CA VAL F 165 13.54 64.55 -34.69
C VAL F 165 12.13 64.75 -35.27
N THR F 166 11.71 65.98 -35.58
CA THR F 166 10.35 66.17 -36.08
C THR F 166 10.09 65.83 -37.54
N ALA F 167 11.09 65.83 -38.42
CA ALA F 167 10.81 65.50 -39.81
C ALA F 167 10.59 64.01 -39.94
N VAL F 168 9.30 63.62 -39.95
CA VAL F 168 8.87 62.22 -40.04
C VAL F 168 8.28 61.93 -41.41
N VAL F 169 7.80 60.70 -41.62
CA VAL F 169 7.23 60.31 -42.91
C VAL F 169 5.94 61.07 -43.13
N GLY F 170 5.86 61.77 -44.26
CA GLY F 170 4.68 62.55 -44.62
C GLY F 170 4.65 63.95 -44.04
N GLY F 171 5.70 64.36 -43.32
CA GLY F 171 5.74 65.71 -42.76
C GLY F 171 6.40 65.84 -41.40
N GLN F 172 5.73 66.56 -40.48
CA GLN F 172 6.26 66.80 -39.13
C GLN F 172 5.45 66.08 -38.05
N SER F 173 6.12 65.70 -36.96
CA SER F 173 5.49 65.01 -35.84
C SER F 173 4.76 66.00 -34.92
N LYS F 174 5.09 67.29 -35.01
CA LYS F 174 4.43 68.31 -34.19
C LYS F 174 4.36 69.61 -34.93
N SER F 175 3.40 70.44 -34.53
CA SER F 175 3.16 71.74 -35.13
C SER F 175 3.78 72.83 -34.29
N LEU F 176 3.91 74.02 -34.88
CA LEU F 176 4.46 75.16 -34.18
C LEU F 176 3.30 75.92 -33.61
N LYS F 177 3.30 76.16 -32.30
CA LYS F 177 2.22 76.87 -31.66
C LYS F 177 2.36 78.37 -31.88
N GLU F 178 1.22 79.08 -31.99
CA GLU F 178 1.22 80.53 -32.21
C GLU F 178 2.11 81.25 -31.20
N GLU F 179 2.12 80.80 -29.94
CA GLU F 179 2.94 81.39 -28.90
C GLU F 179 4.45 81.17 -29.17
N GLU F 180 4.83 79.96 -29.66
CA GLU F 180 6.23 79.64 -29.98
C GLU F 180 6.67 80.51 -31.15
N ARG F 181 5.84 80.58 -32.19
CA ARG F 181 6.09 81.40 -33.40
C ARG F 181 6.30 82.85 -33.02
N ASP F 182 5.42 83.40 -32.18
CA ASP F 182 5.48 84.78 -31.75
C ASP F 182 6.80 85.11 -31.08
N GLU F 183 7.27 84.24 -30.21
CA GLU F 183 8.52 84.45 -29.52
C GLU F 183 9.70 84.38 -30.48
N LEU F 184 9.72 83.36 -31.37
CA LEU F 184 10.82 83.23 -32.33
C LEU F 184 10.87 84.45 -33.26
N LEU F 185 9.71 84.92 -33.74
CA LEU F 185 9.64 86.07 -34.64
C LEU F 185 10.16 87.34 -33.96
N LYS F 186 9.91 87.47 -32.64
CA LYS F 186 10.37 88.61 -31.88
C LYS F 186 11.89 88.58 -31.80
N LEU F 187 12.47 87.39 -31.63
CA LEU F 187 13.93 87.21 -31.54
C LEU F 187 14.61 87.29 -32.91
N SER F 188 13.87 87.06 -34.00
CA SER F 188 14.43 87.09 -35.35
C SER F 188 15.11 88.39 -35.75
N GLU F 189 14.55 89.54 -35.39
CA GLU F 189 15.11 90.84 -35.74
C GLU F 189 16.57 91.03 -35.23
N ARG F 190 16.87 90.52 -34.04
CA ARG F 190 18.22 90.63 -33.46
C ARG F 190 19.21 89.76 -34.23
N THR F 191 18.76 88.59 -34.72
CA THR F 191 19.62 87.69 -35.49
C THR F 191 20.03 88.36 -36.80
N ILE F 192 19.10 89.12 -37.41
CA ILE F 192 19.39 89.80 -38.66
C ILE F 192 20.38 90.93 -38.39
N GLU F 193 20.20 91.66 -37.29
CA GLU F 193 21.11 92.74 -36.92
C GLU F 193 22.53 92.19 -36.71
N LEU F 194 22.64 91.11 -35.95
CA LEU F 194 23.94 90.49 -35.68
C LEU F 194 24.55 89.92 -36.95
N SER F 195 23.70 89.49 -37.88
CA SER F 195 24.16 88.95 -39.15
C SER F 195 24.65 90.09 -40.05
N GLU F 196 23.99 91.26 -40.01
CA GLU F 196 24.39 92.42 -40.81
C GLU F 196 25.73 92.92 -40.28
N LYS F 197 25.84 92.99 -38.95
CA LYS F 197 27.05 93.44 -38.27
C LYS F 197 28.21 92.51 -38.63
N SER F 198 27.95 91.19 -38.66
CA SER F 198 28.94 90.18 -38.99
C SER F 198 29.57 90.41 -40.36
N ILE F 199 28.76 90.82 -41.35
CA ILE F 199 29.28 91.08 -42.69
C ILE F 199 30.35 92.16 -42.64
N GLU F 200 30.18 93.16 -41.78
CA GLU F 200 31.13 94.25 -41.64
C GLU F 200 32.42 93.79 -40.94
N VAL F 201 32.29 92.88 -39.97
CA VAL F 201 33.46 92.35 -39.28
C VAL F 201 34.31 91.62 -40.32
N GLY F 202 33.63 90.93 -41.24
CA GLY F 202 34.28 90.20 -42.32
C GLY F 202 34.97 91.13 -43.30
N LYS F 203 34.30 92.24 -43.65
CA LYS F 203 34.87 93.23 -44.57
C LYS F 203 36.21 93.69 -43.98
N LYS F 204 36.17 94.13 -42.72
CA LYS F 204 37.35 94.62 -42.01
C LYS F 204 38.45 93.58 -41.98
N LEU F 205 38.13 92.35 -41.58
CA LEU F 205 39.13 91.29 -41.50
C LEU F 205 39.65 90.85 -42.86
N LEU F 206 38.81 90.82 -43.91
CA LEU F 206 39.29 90.43 -45.23
C LEU F 206 40.18 91.55 -45.82
N GLU F 207 40.03 92.78 -45.31
CA GLU F 207 40.84 93.92 -45.75
C GLU F 207 42.25 93.71 -45.18
N ASN F 208 42.33 93.17 -43.95
CA ASN F 208 43.58 92.89 -43.25
C ASN F 208 44.31 91.75 -43.99
N ILE F 209 43.54 90.78 -44.50
CA ILE F 209 44.06 89.64 -45.25
C ILE F 209 44.62 90.16 -46.57
N LYS F 210 43.90 91.10 -47.21
CA LYS F 210 44.31 91.72 -48.47
C LYS F 210 45.62 92.52 -48.26
N ASP F 211 45.76 93.19 -47.11
CA ASP F 211 46.96 93.97 -46.80
C ASP F 211 48.21 93.08 -46.69
N GLU F 212 48.04 91.81 -46.29
CA GLU F 212 49.15 90.85 -46.15
C GLU F 212 49.32 89.98 -47.42
N ASP F 213 48.65 90.32 -48.53
CA ASP F 213 48.71 89.57 -49.80
C ASP F 213 48.32 88.09 -49.56
N LEU F 214 47.25 87.88 -48.77
CA LEU F 214 46.74 86.55 -48.45
C LEU F 214 45.35 86.31 -49.04
N LEU F 215 44.74 87.29 -49.69
CA LEU F 215 43.39 87.10 -50.25
C LEU F 215 43.38 86.17 -51.48
N ASP F 216 44.54 85.97 -52.14
CA ASP F 216 44.60 85.10 -53.33
C ASP F 216 45.16 83.71 -53.01
N ILE F 217 45.24 83.30 -51.72
CA ILE F 217 45.80 81.99 -51.41
C ILE F 217 44.93 80.83 -51.91
N GLY F 218 45.60 79.84 -52.50
CA GLY F 218 44.98 78.64 -53.04
C GLY F 218 44.10 78.90 -54.26
N TYR F 219 44.30 80.03 -54.94
CA TYR F 219 43.51 80.39 -56.10
C TYR F 219 43.64 79.48 -57.30
N PHE F 220 42.50 79.17 -57.89
CA PHE F 220 42.35 78.36 -59.09
C PHE F 220 40.92 78.55 -59.54
N GLU F 221 40.65 78.36 -60.83
CA GLU F 221 39.31 78.53 -61.37
C GLU F 221 38.68 77.18 -61.60
N SER F 222 37.39 77.04 -61.28
CA SER F 222 36.66 75.79 -61.42
C SER F 222 35.21 76.07 -61.74
N ALA F 223 34.41 75.02 -61.88
CA ALA F 223 32.98 75.17 -62.13
C ALA F 223 32.39 75.41 -60.74
N HIS F 224 31.10 75.73 -60.65
CA HIS F 224 30.47 75.97 -59.35
C HIS F 224 29.08 75.43 -59.37
N MET F 225 28.68 74.71 -58.31
CA MET F 225 27.36 74.12 -58.25
C MET F 225 26.55 74.59 -57.05
N GLY F 226 25.24 74.77 -57.26
CA GLY F 226 24.33 75.22 -56.21
C GLY F 226 22.89 75.08 -56.61
N MET F 227 22.00 74.99 -55.61
CA MET F 227 20.56 74.85 -55.83
C MET F 227 19.91 76.19 -56.08
N VAL F 228 19.04 76.27 -57.10
CA VAL F 228 18.32 77.49 -57.42
C VAL F 228 16.87 77.19 -57.66
N ASN F 229 16.01 78.13 -57.26
CA ASN F 229 14.56 78.01 -57.40
C ASN F 229 14.17 79.13 -58.33
N ASN F 230 14.00 78.81 -59.64
CA ASN F 230 13.68 79.78 -60.69
C ASN F 230 14.86 80.75 -60.83
N GLY F 231 16.08 80.22 -60.68
CA GLY F 231 17.31 81.00 -60.78
C GLY F 231 17.65 81.75 -59.51
N VAL F 232 16.76 81.76 -58.51
CA VAL F 232 16.99 82.46 -57.25
C VAL F 232 17.66 81.55 -56.23
N HIS F 233 18.60 82.11 -55.45
CA HIS F 233 19.33 81.40 -54.41
C HIS F 233 18.35 80.72 -53.47
N ASP F 234 18.54 79.43 -53.24
CA ASP F 234 17.65 78.67 -52.36
C ASP F 234 18.43 77.54 -51.75
N LEU F 235 18.30 77.33 -50.44
CA LEU F 235 18.99 76.26 -49.76
C LEU F 235 18.11 75.05 -49.50
N TYR F 236 16.78 75.21 -49.65
CA TYR F 236 15.85 74.11 -49.37
C TYR F 236 15.23 73.45 -50.61
N ASP F 237 14.75 74.22 -51.59
CA ASP F 237 14.13 73.61 -52.78
C ASP F 237 14.59 74.27 -54.07
N GLY F 238 14.38 73.56 -55.17
CA GLY F 238 14.74 74.02 -56.49
C GLY F 238 15.57 72.99 -57.21
N LYS F 239 16.22 73.39 -58.31
CA LYS F 239 17.05 72.48 -59.09
C LYS F 239 18.53 72.81 -58.92
N LEU F 240 19.40 71.84 -59.23
CA LEU F 240 20.84 72.04 -59.11
C LEU F 240 21.39 72.60 -60.38
N ARG F 241 22.11 73.73 -60.27
CA ARG F 241 22.69 74.43 -61.41
C ARG F 241 24.20 74.43 -61.34
N VAL F 242 24.84 74.26 -62.51
CA VAL F 242 26.30 74.28 -62.59
C VAL F 242 26.72 75.33 -63.59
N VAL F 243 27.61 76.26 -63.17
CA VAL F 243 28.11 77.30 -64.07
C VAL F 243 29.58 76.97 -64.25
N ASN F 244 30.14 77.28 -65.42
CA ASN F 244 31.55 77.00 -65.65
C ASN F 244 32.43 78.12 -65.12
N SER F 245 33.75 77.99 -65.25
CA SER F 245 34.69 79.00 -64.78
C SER F 245 34.42 80.42 -65.33
N GLU F 246 33.67 80.55 -66.43
CA GLU F 246 33.36 81.85 -67.04
C GLU F 246 31.94 82.35 -66.67
N GLY F 247 31.18 81.56 -65.90
CA GLY F 247 29.84 81.93 -65.50
C GLY F 247 28.75 81.41 -66.43
N LYS F 248 29.11 80.53 -67.41
CA LYS F 248 28.13 79.99 -68.35
C LYS F 248 27.40 78.81 -67.72
N VAL F 249 26.06 78.81 -67.76
CA VAL F 249 25.30 77.71 -67.19
C VAL F 249 25.52 76.47 -68.06
N GLU F 250 26.18 75.44 -67.50
CA GLU F 250 26.47 74.18 -68.18
C GLU F 250 25.29 73.24 -68.06
N TYR F 251 24.86 73.00 -66.83
CA TYR F 251 23.74 72.11 -66.56
C TYR F 251 22.79 72.72 -65.54
N GLU F 252 21.56 72.21 -65.55
CA GLU F 252 20.49 72.58 -64.64
C GLU F 252 19.67 71.32 -64.56
N PHE F 253 19.68 70.65 -63.40
CA PHE F 253 18.96 69.39 -63.29
C PHE F 253 18.34 69.13 -61.95
N ASP F 254 17.40 68.21 -61.94
CA ASP F 254 16.71 67.83 -60.72
C ASP F 254 17.64 66.98 -59.88
N PRO F 255 17.70 67.21 -58.56
CA PRO F 255 18.58 66.39 -57.72
C PRO F 255 18.45 64.87 -57.91
N SER F 256 17.27 64.38 -58.31
CA SER F 256 17.05 62.94 -58.54
C SER F 256 17.87 62.37 -59.70
N GLU F 257 18.35 63.24 -60.61
CA GLU F 257 19.15 62.83 -61.77
C GLU F 257 20.64 63.11 -61.52
N TYR F 258 21.03 63.41 -60.26
CA TYR F 258 22.40 63.71 -59.86
C TYR F 258 23.45 62.69 -60.36
N MET F 259 23.11 61.40 -60.37
CA MET F 259 24.04 60.35 -60.81
C MET F 259 24.47 60.51 -62.28
N ASN F 260 23.70 61.26 -63.09
CA ASN F 260 24.03 61.48 -64.51
C ASN F 260 24.94 62.70 -64.70
N TYR F 261 25.23 63.46 -63.63
CA TYR F 261 26.07 64.65 -63.71
C TYR F 261 27.30 64.58 -62.81
N ILE F 262 27.17 63.97 -61.62
CA ILE F 262 28.28 63.85 -60.66
C ILE F 262 28.90 62.47 -60.61
N ALA F 263 30.24 62.44 -60.45
CA ALA F 263 31.01 61.20 -60.31
C ALA F 263 32.00 61.45 -59.20
N GLU F 264 32.40 60.39 -58.48
CA GLU F 264 33.34 60.52 -57.38
C GLU F 264 34.53 59.61 -57.56
N GLY F 265 35.69 60.20 -57.80
CA GLY F 265 36.92 59.45 -57.98
C GLY F 265 37.52 59.05 -56.64
N VAL F 266 38.39 58.05 -56.66
CA VAL F 266 39.04 57.56 -55.45
C VAL F 266 40.55 57.60 -55.64
N LYS F 267 41.25 58.28 -54.72
CA LYS F 267 42.71 58.38 -54.75
C LYS F 267 43.22 57.57 -53.57
N PRO F 268 44.37 56.91 -53.69
CA PRO F 268 44.87 56.09 -52.58
C PRO F 268 45.34 56.80 -51.31
N TYR F 269 45.60 58.10 -51.36
CA TYR F 269 46.11 58.80 -50.18
C TYR F 269 45.07 59.48 -49.29
N SER F 270 43.78 59.27 -49.52
CA SER F 270 42.78 59.92 -48.66
C SER F 270 41.47 59.15 -48.62
N TYR F 271 40.81 59.12 -47.45
CA TYR F 271 39.52 58.45 -47.33
C TYR F 271 38.45 59.35 -47.90
N LEU F 272 38.83 60.55 -48.40
CA LEU F 272 37.88 61.47 -48.97
C LEU F 272 37.90 61.32 -50.47
N LYS F 273 36.74 61.15 -51.09
CA LYS F 273 36.65 61.00 -52.53
C LYS F 273 36.89 62.33 -53.25
N PHE F 274 37.12 62.25 -54.56
CA PHE F 274 37.39 63.41 -55.39
C PHE F 274 36.33 63.54 -56.48
N PRO F 275 35.21 64.25 -56.22
CA PRO F 275 34.17 64.35 -57.24
C PRO F 275 34.48 65.27 -58.40
N TYR F 276 33.73 65.11 -59.48
CA TYR F 276 33.90 65.90 -60.68
C TYR F 276 32.68 65.77 -61.59
N LEU F 277 32.55 66.69 -62.54
CA LEU F 277 31.46 66.67 -63.50
C LEU F 277 31.76 65.53 -64.47
N LYS F 278 30.98 64.45 -64.34
CA LYS F 278 31.09 63.22 -65.12
C LYS F 278 31.33 63.48 -66.63
N ASP F 279 30.62 64.44 -67.21
CA ASP F 279 30.75 64.77 -68.63
C ASP F 279 32.12 65.35 -69.00
N LYS F 280 32.66 66.22 -68.15
CA LYS F 280 33.94 66.89 -68.39
C LYS F 280 35.16 66.08 -67.98
N GLY F 281 34.98 65.11 -67.09
CA GLY F 281 36.08 64.28 -66.63
C GLY F 281 36.77 64.87 -65.43
N GLU F 282 37.75 64.16 -64.89
CA GLU F 282 38.51 64.58 -63.72
C GLU F 282 39.34 65.85 -63.93
N GLU F 283 40.04 65.95 -65.07
CA GLU F 283 40.88 67.11 -65.33
C GLU F 283 40.06 68.39 -65.52
N ASP F 284 39.03 68.34 -66.37
CA ASP F 284 38.19 69.51 -66.68
C ASP F 284 36.88 69.70 -65.90
N GLY F 285 36.41 68.69 -65.18
CA GLY F 285 35.15 68.76 -64.45
C GLY F 285 35.21 69.15 -62.99
N ILE F 286 36.29 69.78 -62.53
CA ILE F 286 36.36 70.16 -61.13
C ILE F 286 35.37 71.26 -60.83
N TYR F 287 34.60 71.10 -59.75
CA TYR F 287 33.60 72.08 -59.35
C TYR F 287 33.64 72.26 -57.86
N ARG F 288 33.12 73.38 -57.38
CA ARG F 288 33.09 73.68 -55.95
C ARG F 288 31.67 73.85 -55.48
N VAL F 289 31.46 73.74 -54.17
CA VAL F 289 30.13 73.88 -53.61
C VAL F 289 30.14 74.78 -52.40
N ASN F 290 28.95 75.30 -52.09
CA ASN F 290 28.64 76.17 -50.98
C ASN F 290 29.04 77.62 -51.14
N THR F 291 28.45 78.45 -50.26
CA THR F 291 28.59 79.88 -50.15
C THR F 291 28.88 80.56 -51.50
N LEU F 292 30.15 80.84 -51.80
CA LEU F 292 30.51 81.50 -53.05
C LEU F 292 30.02 80.74 -54.28
N SER F 293 30.12 79.40 -54.30
CA SER F 293 29.64 78.63 -55.45
C SER F 293 28.15 78.87 -55.63
N ARG F 294 27.39 78.93 -54.52
CA ARG F 294 25.95 79.17 -54.61
C ARG F 294 25.68 80.61 -55.08
N LEU F 295 26.42 81.60 -54.55
CA LEU F 295 26.23 82.98 -54.98
C LEU F 295 26.50 83.07 -56.47
N ASN F 296 27.58 82.41 -56.91
CA ASN F 296 28.00 82.37 -58.32
C ASN F 296 26.91 81.83 -59.26
N VAL F 297 26.25 80.72 -58.90
CA VAL F 297 25.22 80.14 -59.77
C VAL F 297 23.91 80.90 -59.71
N SER F 298 23.61 81.54 -58.58
CA SER F 298 22.35 82.26 -58.41
C SER F 298 22.24 83.57 -59.18
N ASP F 299 21.03 83.88 -59.65
CA ASP F 299 20.75 85.12 -60.38
C ASP F 299 20.70 86.20 -59.34
N LYS F 300 20.02 85.90 -58.22
CA LYS F 300 19.86 86.83 -57.12
C LYS F 300 19.55 86.09 -55.83
N MET F 301 19.60 86.81 -54.71
CA MET F 301 19.30 86.26 -53.39
C MET F 301 17.79 86.29 -53.22
N ALA F 302 17.26 85.45 -52.34
CA ALA F 302 15.83 85.39 -52.08
C ALA F 302 15.35 86.46 -51.11
N THR F 303 16.28 87.05 -50.31
CA THR F 303 15.94 88.07 -49.33
C THR F 303 16.53 89.44 -49.72
N PRO F 304 15.89 90.55 -49.32
CA PRO F 304 16.37 91.88 -49.72
C PRO F 304 17.69 92.40 -49.12
N LEU F 305 17.92 92.26 -47.81
CA LEU F 305 19.16 92.78 -47.24
C LEU F 305 20.37 92.01 -47.80
N ALA F 306 20.25 90.69 -47.92
CA ALA F 306 21.31 89.85 -48.47
C ALA F 306 21.62 90.24 -49.91
N GLN F 307 20.57 90.51 -50.70
CA GLN F 307 20.67 90.89 -52.11
C GLN F 307 21.52 92.15 -52.28
N LYS F 308 21.37 93.12 -51.37
CA LYS F 308 22.12 94.39 -51.41
C LYS F 308 23.62 94.17 -51.26
N TYR F 309 24.04 93.31 -50.31
CA TYR F 309 25.45 93.03 -50.10
C TYR F 309 25.99 92.19 -51.25
N TYR F 310 25.16 91.30 -51.80
CA TYR F 310 25.53 90.45 -52.91
C TYR F 310 25.74 91.33 -54.14
N ASP F 311 24.86 92.30 -54.34
CA ASP F 311 24.97 93.22 -55.47
C ASP F 311 26.29 94.00 -55.36
N GLU F 312 26.58 94.52 -54.16
CA GLU F 312 27.80 95.28 -53.86
C GLU F 312 29.06 94.41 -54.06
N PHE F 313 28.97 93.13 -53.71
CA PHE F 313 30.09 92.20 -53.85
C PHE F 313 30.32 91.85 -55.32
N VAL F 314 29.25 91.55 -56.04
CA VAL F 314 29.30 91.19 -57.46
C VAL F 314 29.91 92.32 -58.31
N LYS F 315 29.64 93.60 -57.99
CA LYS F 315 30.21 94.71 -58.76
C LYS F 315 31.70 94.88 -58.48
N GLU F 316 32.11 94.58 -57.25
CA GLU F 316 33.51 94.70 -56.86
C GLU F 316 34.37 93.49 -57.29
N PHE F 317 33.85 92.23 -57.17
CA PHE F 317 34.63 91.05 -57.51
C PHE F 317 34.18 90.27 -58.74
N GLY F 318 33.05 90.65 -59.34
CA GLY F 318 32.55 89.98 -60.53
C GLY F 318 31.89 88.64 -60.33
N LYS F 319 31.49 88.03 -61.44
CA LYS F 319 30.83 86.74 -61.46
C LYS F 319 31.35 85.89 -62.62
N PRO F 320 31.86 84.69 -62.36
CA PRO F 320 32.04 84.06 -61.05
C PRO F 320 33.33 84.45 -60.34
N CYS F 321 33.31 84.43 -59.02
CA CYS F 321 34.47 84.74 -58.20
C CYS F 321 35.01 83.38 -57.79
N HIS F 322 36.30 83.14 -58.05
CA HIS F 322 36.96 81.87 -57.76
C HIS F 322 37.89 81.91 -56.55
N HIS F 323 37.91 83.03 -55.82
CA HIS F 323 38.77 83.20 -54.65
C HIS F 323 38.39 82.36 -53.45
N PRO F 324 39.20 81.36 -53.08
CA PRO F 324 38.85 80.56 -51.89
C PRO F 324 38.56 81.42 -50.66
N MET F 325 39.45 82.38 -50.35
CA MET F 325 39.25 83.25 -49.19
C MET F 325 37.95 84.07 -49.21
N LEU F 326 37.33 84.31 -50.37
CA LEU F 326 36.08 85.08 -50.38
C LEU F 326 34.89 84.19 -50.07
N PHE F 327 35.12 82.86 -49.90
CA PHE F 327 34.06 81.94 -49.51
C PHE F 327 33.65 82.40 -48.11
N HIS F 328 34.61 83.00 -47.35
CA HIS F 328 34.33 83.54 -46.02
C HIS F 328 33.29 84.64 -46.16
N TYR F 329 33.49 85.56 -47.13
CA TYR F 329 32.56 86.67 -47.35
C TYR F 329 31.18 86.18 -47.75
N ALA F 330 31.09 85.28 -48.73
CA ALA F 330 29.81 84.74 -49.18
C ALA F 330 29.08 84.07 -48.02
N ARG F 331 29.84 83.41 -47.13
CA ARG F 331 29.29 82.73 -45.95
C ARG F 331 28.56 83.76 -45.09
N LEU F 332 29.10 84.98 -44.96
CA LEU F 332 28.46 86.03 -44.18
C LEU F 332 27.19 86.52 -44.87
N ILE F 333 27.19 86.62 -46.22
CA ILE F 333 25.99 87.06 -46.92
C ILE F 333 24.90 85.98 -46.67
N GLU F 334 25.27 84.69 -46.68
CA GLU F 334 24.32 83.58 -46.44
C GLU F 334 23.86 83.57 -45.00
N LEU F 335 24.74 83.94 -44.06
CA LEU F 335 24.38 84.00 -42.65
C LEU F 335 23.23 85.00 -42.52
N LEU F 336 23.30 86.11 -43.27
CA LEU F 336 22.27 87.14 -43.27
C LEU F 336 21.01 86.69 -44.00
N SER F 337 21.14 86.04 -45.16
CA SER F 337 19.96 85.59 -45.91
C SER F 337 19.14 84.58 -45.11
N SER F 338 19.82 83.65 -44.42
CA SER F 338 19.14 82.66 -43.61
C SER F 338 18.43 83.34 -42.44
N ALA F 339 19.10 84.29 -41.78
CA ALA F 339 18.52 85.04 -40.68
C ALA F 339 17.28 85.79 -41.18
N GLU F 340 17.34 86.34 -42.39
CA GLU F 340 16.21 87.05 -42.98
C GLU F 340 15.09 86.09 -43.30
N MET F 341 15.45 84.87 -43.74
CA MET F 341 14.48 83.86 -44.11
C MET F 341 13.79 83.29 -42.87
N VAL F 342 14.50 83.19 -41.73
CA VAL F 342 13.91 82.70 -40.49
C VAL F 342 12.73 83.62 -40.16
N LYS F 343 12.95 84.94 -40.26
CA LYS F 343 11.92 85.94 -40.01
C LYS F 343 10.80 85.81 -41.03
N GLU F 344 11.16 85.73 -42.33
CA GLU F 344 10.19 85.60 -43.42
C GLU F 344 9.25 84.42 -43.20
N LEU F 345 9.81 83.24 -42.92
CA LEU F 345 9.01 82.04 -42.70
C LEU F 345 8.14 82.16 -41.46
N LEU F 346 8.64 82.78 -40.39
CA LEU F 346 7.88 82.97 -39.17
C LEU F 346 6.71 83.96 -39.39
N GLU F 347 6.81 84.82 -40.42
CA GLU F 347 5.75 85.80 -40.75
C GLU F 347 4.68 85.18 -41.63
N ASN F 348 4.95 84.00 -42.20
CA ASN F 348 4.01 83.28 -43.05
C ASN F 348 3.04 82.54 -42.13
N ASP F 349 1.78 83.01 -42.07
CA ASP F 349 0.75 82.41 -41.21
C ASP F 349 0.55 80.89 -41.36
N LYS F 350 0.98 80.28 -42.48
CA LYS F 350 0.83 78.83 -42.65
C LYS F 350 1.82 78.06 -41.75
N ILE F 351 2.89 78.72 -41.24
CA ILE F 351 3.89 78.07 -40.37
C ILE F 351 3.25 77.48 -39.08
N VAL F 352 2.14 78.06 -38.59
CA VAL F 352 1.47 77.56 -37.37
C VAL F 352 0.28 76.65 -37.66
N GLY F 353 0.19 76.11 -38.87
CA GLY F 353 -0.91 75.22 -39.24
C GLY F 353 -0.85 73.88 -38.56
N GLU F 354 -2.00 73.19 -38.52
CA GLU F 354 -2.12 71.86 -37.90
C GLU F 354 -2.11 70.75 -38.95
N ASP F 355 -2.20 71.11 -40.25
CA ASP F 355 -2.15 70.12 -41.34
C ASP F 355 -0.66 69.97 -41.58
N ILE F 356 0.00 69.21 -40.70
CA ILE F 356 1.44 69.00 -40.73
C ILE F 356 1.83 67.65 -41.28
N ARG F 357 0.87 66.71 -41.48
CA ARG F 357 1.24 65.40 -41.99
C ARG F 357 0.25 64.81 -42.98
N ALA F 358 0.79 64.14 -44.01
CA ALA F 358 0.02 63.48 -45.05
C ALA F 358 0.27 61.98 -44.87
N GLU F 359 -0.77 61.16 -44.97
CA GLU F 359 -0.60 59.73 -44.79
C GLU F 359 0.26 59.09 -45.88
N PRO F 360 1.31 58.32 -45.53
CA PRO F 360 2.14 57.71 -46.58
C PRO F 360 1.38 56.77 -47.50
N GLU F 361 1.87 56.67 -48.74
CA GLU F 361 1.30 55.85 -49.79
C GLU F 361 2.15 54.60 -50.08
N GLU F 362 1.79 53.82 -51.12
CA GLU F 362 2.50 52.62 -51.54
C GLU F 362 4.01 52.87 -51.64
N VAL F 363 4.82 51.92 -51.19
CA VAL F 363 6.27 52.03 -51.20
C VAL F 363 6.89 51.89 -52.58
N VAL F 364 7.64 52.92 -52.98
CA VAL F 364 8.36 53.00 -54.23
C VAL F 364 9.78 52.86 -53.72
N GLY F 365 10.46 51.77 -54.07
CA GLY F 365 11.81 51.50 -53.57
C GLY F 365 12.95 52.40 -54.00
N ASP F 366 12.68 53.68 -54.31
CA ASP F 366 13.73 54.62 -54.74
C ASP F 366 13.36 56.00 -54.26
N GLY F 367 14.29 56.69 -53.60
CA GLY F 367 14.02 58.02 -53.09
C GLY F 367 15.26 58.86 -52.94
N VAL F 368 15.26 60.05 -53.56
CA VAL F 368 16.39 60.95 -53.48
C VAL F 368 15.98 62.18 -52.70
N GLY F 369 16.80 62.56 -51.71
CA GLY F 369 16.56 63.72 -50.88
C GLY F 369 17.67 64.70 -51.05
N CYS F 370 17.34 65.96 -51.36
CA CYS F 370 18.37 66.96 -51.57
C CYS F 370 18.06 68.30 -50.94
N VAL F 371 19.07 68.88 -50.31
CA VAL F 371 19.04 70.19 -49.68
C VAL F 371 20.44 70.73 -49.80
N GLU F 372 20.61 72.02 -49.62
CA GLU F 372 21.93 72.62 -49.64
C GLU F 372 22.33 72.72 -48.19
N ALA F 373 23.29 71.90 -47.76
CA ALA F 373 23.74 71.96 -46.39
C ALA F 373 24.61 73.19 -46.29
N PRO F 374 24.93 73.71 -45.09
CA PRO F 374 25.80 74.90 -45.04
C PRO F 374 27.14 74.72 -45.76
N ARG F 375 27.58 73.48 -46.02
CA ARG F 375 28.87 73.23 -46.68
C ARG F 375 28.75 72.75 -48.11
N GLY F 376 27.52 72.72 -48.65
CA GLY F 376 27.33 72.30 -50.03
C GLY F 376 26.15 71.40 -50.27
N THR F 377 25.94 71.07 -51.54
CA THR F 377 24.85 70.21 -51.97
C THR F 377 24.88 68.91 -51.21
N LEU F 378 23.74 68.53 -50.64
CA LEU F 378 23.64 67.31 -49.88
C LEU F 378 22.62 66.42 -50.53
N ILE F 379 23.03 65.22 -50.93
CA ILE F 379 22.13 64.28 -51.58
C ILE F 379 22.14 62.96 -50.83
N HIS F 380 20.96 62.50 -50.41
CA HIS F 380 20.78 61.23 -49.73
C HIS F 380 19.95 60.41 -50.70
N HIS F 381 20.42 59.24 -51.11
CA HIS F 381 19.70 58.40 -52.06
C HIS F 381 19.51 57.04 -51.44
N PHE F 382 18.25 56.59 -51.27
CA PHE F 382 17.96 55.30 -50.67
C PHE F 382 17.14 54.40 -51.57
N LYS F 383 17.43 53.11 -51.53
CA LYS F 383 16.69 52.10 -52.29
C LYS F 383 16.22 51.08 -51.27
N THR F 384 14.94 50.66 -51.35
CA THR F 384 14.36 49.73 -50.38
C THR F 384 13.54 48.63 -51.04
N ASP F 385 13.11 47.65 -50.24
CA ASP F 385 12.26 46.57 -50.71
C ASP F 385 10.81 46.98 -50.49
N ASP F 386 9.84 46.10 -50.79
CA ASP F 386 8.42 46.42 -50.63
C ASP F 386 8.05 46.74 -49.17
N ASP F 387 8.84 46.24 -48.20
CA ASP F 387 8.59 46.47 -46.78
C ASP F 387 9.15 47.80 -46.28
N GLY F 388 10.04 48.42 -47.05
CA GLY F 388 10.63 49.68 -46.66
C GLY F 388 11.92 49.50 -45.89
N ILE F 389 12.62 48.37 -46.14
CA ILE F 389 13.90 48.08 -45.51
C ILE F 389 14.93 48.49 -46.52
N ILE F 390 15.91 49.29 -46.12
CA ILE F 390 16.95 49.76 -47.03
C ILE F 390 17.77 48.61 -47.61
N THR F 391 17.97 48.61 -48.93
CA THR F 391 18.76 47.60 -49.64
C THR F 391 20.06 48.19 -50.19
N ASP F 392 20.07 49.50 -50.51
CA ASP F 392 21.26 50.19 -51.05
C ASP F 392 21.15 51.69 -50.79
N THR F 393 22.27 52.38 -50.53
CA THR F 393 22.23 53.84 -50.31
C THR F 393 23.44 54.51 -50.90
N ASN F 394 23.32 55.81 -51.12
CA ASN F 394 24.40 56.63 -51.65
C ASN F 394 24.27 58.02 -51.10
N LEU F 395 25.36 58.56 -50.56
CA LEU F 395 25.36 59.88 -49.99
C LEU F 395 26.47 60.70 -50.59
N VAL F 396 26.11 61.81 -51.22
CA VAL F 396 27.06 62.73 -51.80
C VAL F 396 26.94 63.87 -50.82
N VAL F 397 27.88 63.92 -49.86
CA VAL F 397 27.84 64.92 -48.79
C VAL F 397 28.74 66.11 -48.96
N ALA F 398 28.11 67.26 -49.16
CA ALA F 398 28.69 68.59 -49.31
C ALA F 398 30.21 68.71 -49.48
N THR F 399 30.97 68.72 -48.37
CA THR F 399 32.43 68.91 -48.43
C THR F 399 33.19 67.99 -49.37
N VAL F 400 32.78 66.74 -49.56
CA VAL F 400 33.52 65.85 -50.45
C VAL F 400 33.76 66.54 -51.81
N GLN F 401 32.81 67.38 -52.25
CA GLN F 401 32.89 68.10 -53.52
C GLN F 401 33.94 69.23 -53.54
N ASN F 402 34.47 69.63 -52.38
CA ASN F 402 35.51 70.67 -52.30
C ASN F 402 36.85 70.01 -52.01
N ASN F 403 36.90 68.66 -51.97
CA ASN F 403 38.12 67.94 -51.71
C ASN F 403 39.15 68.27 -52.80
N PRO F 404 38.77 68.17 -54.09
CA PRO F 404 39.74 68.52 -55.14
C PRO F 404 40.26 69.94 -54.93
N ALA F 405 39.36 70.88 -54.62
CA ALA F 405 39.73 72.28 -54.38
C ALA F 405 40.69 72.40 -53.20
N MET F 406 40.41 71.70 -52.09
CA MET F 406 41.26 71.73 -50.91
C MET F 406 42.65 71.13 -51.18
N ASP F 407 42.71 70.05 -52.00
CA ASP F 407 43.95 69.36 -52.35
C ASP F 407 44.78 70.23 -53.34
N ILE F 408 44.11 70.93 -54.26
CA ILE F 408 44.77 71.82 -55.23
C ILE F 408 45.26 73.05 -54.48
N GLY F 409 44.35 73.66 -53.72
CA GLY F 409 44.61 74.86 -52.95
C GLY F 409 45.81 74.76 -52.04
N VAL F 410 45.91 73.68 -51.27
CA VAL F 410 47.03 73.51 -50.36
C VAL F 410 48.36 73.48 -51.14
N ARG F 411 48.36 72.86 -52.33
CA ARG F 411 49.52 72.77 -53.21
C ARG F 411 49.91 74.17 -53.69
N LYS F 412 48.91 75.00 -54.05
CA LYS F 412 49.11 76.38 -54.53
C LYS F 412 49.66 77.30 -53.44
N VAL F 413 49.35 77.04 -52.16
CA VAL F 413 49.85 77.88 -51.08
C VAL F 413 51.34 77.57 -50.97
N ALA F 414 51.69 76.28 -50.94
CA ALA F 414 53.09 75.85 -50.85
C ALA F 414 53.87 76.35 -52.05
N GLU F 415 53.30 76.32 -53.25
CA GLU F 415 54.00 76.79 -54.44
C GLU F 415 54.29 78.29 -54.29
N LYS F 416 53.35 79.04 -53.72
CA LYS F 416 53.49 80.47 -53.52
C LYS F 416 54.48 80.86 -52.40
N TYR F 417 54.47 80.16 -51.25
CA TYR F 417 55.35 80.51 -50.13
C TYR F 417 56.51 79.58 -49.84
N ILE F 418 56.51 78.34 -50.35
CA ILE F 418 57.61 77.42 -50.05
C ILE F 418 58.44 77.00 -51.26
N LYS F 419 59.74 77.30 -51.20
CA LYS F 419 60.71 76.94 -52.21
C LYS F 419 61.58 75.85 -51.54
N ALA F 420 62.09 76.16 -50.31
CA ALA F 420 62.93 75.26 -49.51
C ALA F 420 62.26 74.95 -48.13
N PRO F 421 62.66 73.87 -47.41
CA PRO F 421 62.03 73.55 -46.11
C PRO F 421 62.07 74.67 -45.06
N GLU F 422 63.05 75.58 -45.16
CA GLU F 422 63.19 76.69 -44.22
C GLU F 422 62.02 77.65 -44.36
N ASP F 423 61.42 77.73 -45.57
CA ASP F 423 60.29 78.61 -45.82
C ASP F 423 59.04 78.11 -45.12
N ALA F 424 58.97 76.80 -44.80
CA ALA F 424 57.81 76.25 -44.12
C ALA F 424 57.87 76.60 -42.64
N THR F 425 57.57 77.86 -42.33
CA THR F 425 57.55 78.39 -40.98
C THR F 425 56.18 78.15 -40.39
N PRO F 426 56.01 78.27 -39.07
CA PRO F 426 54.68 78.04 -38.48
C PRO F 426 53.57 78.88 -39.13
N GLN F 427 53.86 80.14 -39.47
CA GLN F 427 52.87 81.02 -40.09
C GLN F 427 52.55 80.58 -41.52
N VAL F 428 53.56 80.15 -42.28
CA VAL F 428 53.35 79.69 -43.65
C VAL F 428 52.54 78.40 -43.61
N LEU F 429 52.84 77.49 -42.68
CA LEU F 429 52.10 76.24 -42.54
C LEU F 429 50.67 76.54 -42.17
N ASN F 430 50.44 77.57 -41.35
CA ASN F 430 49.08 77.93 -40.97
C ASN F 430 48.36 78.51 -42.21
N TYR F 431 49.10 79.18 -43.15
CA TYR F 431 48.49 79.71 -44.38
C TYR F 431 47.84 78.56 -45.15
N MET F 432 48.45 77.36 -45.12
CA MET F 432 47.94 76.18 -45.80
C MET F 432 46.62 75.77 -45.15
N GLU F 433 46.55 75.82 -43.81
CA GLU F 433 45.34 75.47 -43.07
C GLU F 433 44.26 76.55 -43.25
N MET F 434 44.67 77.80 -43.59
CA MET F 434 43.73 78.90 -43.80
C MET F 434 42.97 78.63 -45.09
N LEU F 435 43.67 78.07 -46.09
CA LEU F 435 43.06 77.76 -47.37
C LEU F 435 42.01 76.67 -47.11
N ILE F 436 42.37 75.66 -46.30
CA ILE F 436 41.46 74.56 -45.95
C ILE F 436 40.23 75.14 -45.27
N ARG F 437 40.43 75.89 -44.19
CA ARG F 437 39.34 76.51 -43.42
C ARG F 437 38.42 77.38 -44.28
N ALA F 438 38.93 78.04 -45.33
CA ALA F 438 38.09 78.89 -46.19
C ALA F 438 36.87 78.12 -46.70
N TYR F 439 37.06 76.85 -47.06
CA TYR F 439 35.99 75.99 -47.58
C TYR F 439 35.06 75.46 -46.47
N ASP F 440 35.35 75.78 -45.19
CA ASP F 440 34.55 75.33 -44.05
C ASP F 440 34.33 73.83 -44.14
N PRO F 441 35.40 73.03 -44.13
CA PRO F 441 35.23 71.59 -44.24
C PRO F 441 34.73 70.87 -43.00
N CYS F 442 33.94 69.84 -43.23
CA CYS F 442 33.36 68.97 -42.22
C CYS F 442 33.74 67.59 -42.74
N LEU F 443 34.92 67.13 -42.31
CA LEU F 443 35.52 65.87 -42.74
C LEU F 443 34.79 64.61 -42.25
N SER F 444 34.02 64.68 -41.17
CA SER F 444 33.26 63.52 -40.71
C SER F 444 32.08 63.37 -41.68
N CYS F 445 31.54 64.51 -42.09
CA CYS F 445 30.42 64.64 -43.03
C CYS F 445 30.82 64.16 -44.42
N ALA F 446 31.94 64.66 -44.91
CA ALA F 446 32.48 64.35 -46.24
C ALA F 446 32.76 62.87 -46.49
N THR F 447 33.14 62.13 -45.44
CA THR F 447 33.46 60.71 -45.57
C THR F 447 32.29 59.81 -45.21
N HIS F 448 31.51 60.19 -44.19
CA HIS F 448 30.35 59.40 -43.75
C HIS F 448 30.66 57.90 -43.74
N GLU G 2 -39.03 0.50 36.11
CA GLU G 2 -39.74 0.86 34.89
C GLU G 2 -39.95 -0.39 34.03
N GLU G 3 -41.17 -0.59 33.51
CA GLU G 3 -41.49 -1.77 32.70
C GLU G 3 -40.90 -1.68 31.30
N PRO G 4 -40.17 -2.72 30.84
CA PRO G 4 -39.61 -2.67 29.49
C PRO G 4 -40.65 -2.48 28.40
N ARG G 5 -40.32 -1.62 27.43
CA ARG G 5 -41.11 -1.26 26.26
C ARG G 5 -40.12 -1.53 25.15
N ILE G 6 -40.29 -2.65 24.45
CA ILE G 6 -39.33 -3.02 23.42
C ILE G 6 -39.80 -2.85 22.00
N GLY G 7 -38.83 -2.50 21.16
CA GLY G 7 -39.00 -2.33 19.75
C GLY G 7 -38.09 -3.32 19.06
N VAL G 8 -38.65 -4.26 18.30
CA VAL G 8 -37.85 -5.26 17.61
C VAL G 8 -37.83 -4.95 16.13
N TYR G 9 -36.63 -4.85 15.55
CA TYR G 9 -36.51 -4.55 14.12
C TYR G 9 -35.81 -5.69 13.40
N VAL G 10 -36.50 -6.29 12.41
CA VAL G 10 -35.95 -7.41 11.65
C VAL G 10 -35.48 -6.95 10.30
N CYS G 11 -34.19 -7.08 10.04
CA CYS G 11 -33.63 -6.67 8.77
C CYS G 11 -33.62 -7.79 7.74
N HIS G 12 -33.86 -7.44 6.48
CA HIS G 12 -33.84 -8.37 5.36
C HIS G 12 -32.47 -8.32 4.73
N CYS G 13 -31.79 -7.18 4.84
CA CYS G 13 -30.48 -6.96 4.22
C CYS G 13 -30.62 -7.32 2.76
N GLY G 14 -31.57 -6.66 2.11
CA GLY G 14 -31.84 -6.92 0.71
C GLY G 14 -32.51 -8.27 0.69
N VAL G 15 -31.75 -9.30 0.34
CA VAL G 15 -32.19 -10.69 0.35
C VAL G 15 -31.16 -11.53 1.11
N ASN G 16 -30.09 -10.91 1.65
CA ASN G 16 -29.06 -11.64 2.40
C ASN G 16 -29.68 -12.38 3.57
N ILE G 17 -30.68 -11.77 4.21
CA ILE G 17 -31.38 -12.40 5.32
C ILE G 17 -32.72 -12.90 4.81
N GLY G 18 -33.53 -11.98 4.28
CA GLY G 18 -34.86 -12.25 3.74
C GLY G 18 -34.98 -13.43 2.79
N GLY G 19 -33.93 -13.67 2.00
CA GLY G 19 -33.91 -14.77 1.05
C GLY G 19 -33.88 -16.14 1.69
N THR G 20 -33.42 -16.22 2.94
CA THR G 20 -33.33 -17.48 3.68
C THR G 20 -34.31 -17.47 4.87
N VAL G 21 -34.27 -16.41 5.67
CA VAL G 21 -35.14 -16.24 6.84
C VAL G 21 -36.43 -15.55 6.43
N ASP G 22 -37.57 -16.05 6.92
CA ASP G 22 -38.86 -15.45 6.63
C ASP G 22 -38.99 -14.32 7.63
N CYS G 23 -38.41 -13.17 7.28
CA CYS G 23 -38.40 -11.99 8.14
C CYS G 23 -39.79 -11.53 8.58
N PRO G 24 -40.80 -11.42 7.68
CA PRO G 24 -42.13 -11.01 8.16
C PRO G 24 -42.65 -11.95 9.24
N ASP G 25 -42.34 -13.26 9.12
CA ASP G 25 -42.78 -14.26 10.09
C ASP G 25 -42.04 -14.07 11.43
N VAL G 26 -40.74 -13.72 11.39
CA VAL G 26 -39.97 -13.49 12.60
C VAL G 26 -40.57 -12.28 13.33
N THR G 27 -40.93 -11.24 12.58
CA THR G 27 -41.53 -10.01 13.13
C THR G 27 -42.84 -10.36 13.84
N GLU G 28 -43.69 -11.17 13.20
CA GLU G 28 -44.96 -11.58 13.82
C GLU G 28 -44.65 -12.30 15.13
N PHE G 29 -43.70 -13.25 15.10
CA PHE G 29 -43.32 -14.01 16.29
C PHE G 29 -42.81 -13.08 17.39
N ALA G 30 -41.99 -12.08 17.03
CA ALA G 30 -41.43 -11.12 17.98
C ALA G 30 -42.51 -10.42 18.79
N LYS G 31 -43.64 -10.11 18.16
CA LYS G 31 -44.75 -9.44 18.83
C LYS G 31 -45.39 -10.31 19.92
N THR G 32 -45.24 -11.64 19.84
CA THR G 32 -45.84 -12.53 20.85
C THR G 32 -45.02 -12.55 22.14
N LEU G 33 -43.84 -11.90 22.17
CA LEU G 33 -42.99 -11.87 23.37
C LEU G 33 -43.39 -10.72 24.28
N LYS G 34 -43.28 -10.95 25.61
CA LYS G 34 -43.60 -9.96 26.62
C LYS G 34 -42.78 -8.67 26.43
N ASN G 35 -43.42 -7.51 26.68
CA ASN G 35 -42.79 -6.18 26.57
C ASN G 35 -42.57 -5.69 25.15
N VAL G 36 -42.91 -6.46 24.13
CA VAL G 36 -42.69 -5.98 22.77
C VAL G 36 -43.88 -5.11 22.37
N VAL G 37 -43.64 -3.81 22.24
CA VAL G 37 -44.67 -2.85 21.88
C VAL G 37 -44.65 -2.64 20.39
N VAL G 38 -43.46 -2.69 19.79
CA VAL G 38 -43.33 -2.50 18.36
C VAL G 38 -42.44 -3.56 17.76
N ALA G 39 -42.75 -3.98 16.54
CA ALA G 39 -41.98 -4.97 15.81
C ALA G 39 -42.15 -4.64 14.34
N ARG G 40 -41.04 -4.40 13.62
CA ARG G 40 -41.08 -4.05 12.21
C ARG G 40 -39.98 -4.68 11.42
N ASP G 41 -40.28 -5.02 10.16
CA ASP G 41 -39.29 -5.61 9.29
C ASP G 41 -38.97 -4.58 8.22
N TYR G 42 -37.69 -4.45 7.85
CA TYR G 42 -37.29 -3.47 6.84
C TYR G 42 -36.12 -4.00 6.03
N LYS G 43 -36.05 -3.59 4.75
CA LYS G 43 -35.00 -4.04 3.82
C LYS G 43 -33.58 -3.75 4.29
N TYR G 44 -33.31 -2.53 4.78
CA TYR G 44 -31.96 -2.16 5.24
C TYR G 44 -32.10 -1.34 6.53
N MET G 45 -31.94 -1.98 7.70
CA MET G 45 -32.07 -1.27 8.98
C MET G 45 -30.98 -0.23 9.22
N CYS G 46 -29.74 -0.48 8.76
CA CYS G 46 -28.64 0.46 8.95
C CYS G 46 -28.75 1.70 8.02
N ALA G 47 -29.69 1.69 7.03
CA ALA G 47 -29.87 2.83 6.13
C ALA G 47 -30.63 3.96 6.82
N ASP G 48 -30.57 5.18 6.25
CA ASP G 48 -31.24 6.35 6.81
C ASP G 48 -32.72 6.08 7.15
N PRO G 49 -33.49 5.49 6.25
CA PRO G 49 -34.90 5.20 6.57
C PRO G 49 -35.08 4.30 7.79
N GLY G 50 -34.23 3.27 7.90
CA GLY G 50 -34.29 2.33 9.01
C GLY G 50 -33.95 2.99 10.32
N GLN G 51 -32.87 3.79 10.33
CA GLN G 51 -32.45 4.50 11.53
C GLN G 51 -33.51 5.52 11.96
N GLU G 52 -34.12 6.23 10.99
CA GLU G 52 -35.16 7.21 11.29
C GLU G 52 -36.40 6.51 11.84
N MET G 53 -36.67 5.28 11.36
CA MET G 53 -37.81 4.47 11.77
C MET G 53 -37.68 4.15 13.26
N ILE G 54 -36.47 3.77 13.71
CA ILE G 54 -36.23 3.45 15.12
C ILE G 54 -36.36 4.73 15.95
N LYS G 55 -35.63 5.80 15.55
CA LYS G 55 -35.65 7.08 16.25
C LYS G 55 -37.07 7.60 16.42
N LYS G 56 -37.89 7.52 15.36
CA LYS G 56 -39.30 7.97 15.42
C LYS G 56 -40.11 7.11 16.38
N ASP G 57 -39.96 5.77 16.29
CA ASP G 57 -40.68 4.83 17.16
C ASP G 57 -40.29 4.99 18.62
N ILE G 58 -39.00 5.24 18.92
CA ILE G 58 -38.53 5.40 20.30
C ILE G 58 -39.32 6.52 20.96
N LYS G 59 -39.53 7.61 20.23
CA LYS G 59 -40.28 8.77 20.72
C LYS G 59 -41.78 8.55 20.72
N GLU G 60 -42.34 8.08 19.59
CA GLU G 60 -43.78 7.87 19.44
C GLU G 60 -44.35 6.72 20.29
N HIS G 61 -43.56 5.68 20.59
CA HIS G 61 -44.04 4.56 21.40
C HIS G 61 -43.34 4.51 22.76
N ASN G 62 -42.68 5.62 23.15
CA ASN G 62 -41.95 5.74 24.43
C ASN G 62 -41.25 4.42 24.78
N LEU G 63 -40.35 4.00 23.91
CA LEU G 63 -39.59 2.77 24.08
C LEU G 63 -38.38 2.99 24.98
N ASN G 64 -37.95 1.94 25.68
CA ASN G 64 -36.80 2.00 26.56
C ASN G 64 -35.83 0.84 26.27
N ARG G 65 -36.10 0.06 25.21
CA ARG G 65 -35.26 -1.07 24.79
C ARG G 65 -35.44 -1.23 23.28
N VAL G 66 -34.35 -1.46 22.54
CA VAL G 66 -34.45 -1.67 21.10
C VAL G 66 -33.68 -2.93 20.76
N VAL G 67 -34.25 -3.77 19.88
CA VAL G 67 -33.60 -5.01 19.47
C VAL G 67 -33.51 -4.99 17.98
N VAL G 68 -32.29 -5.10 17.43
CA VAL G 68 -32.12 -5.11 16.00
C VAL G 68 -31.68 -6.50 15.61
N ALA G 69 -32.54 -7.21 14.87
CA ALA G 69 -32.28 -8.55 14.41
C ALA G 69 -31.72 -8.40 13.03
N ALA G 70 -30.40 -8.40 12.90
CA ALA G 70 -29.80 -8.21 11.59
C ALA G 70 -28.42 -8.91 11.46
N CYS G 71 -27.35 -8.14 11.21
CA CYS G 71 -26.00 -8.64 11.03
C CYS G 71 -25.26 -8.76 12.38
N SER G 72 -23.93 -8.57 12.39
CA SER G 72 -23.14 -8.70 13.61
C SER G 72 -22.91 -7.40 14.38
N PRO G 73 -22.95 -7.44 15.72
CA PRO G 73 -22.65 -6.22 16.49
C PRO G 73 -21.21 -5.77 16.17
N ARG G 74 -20.31 -6.71 15.80
CA ARG G 74 -18.92 -6.37 15.45
C ARG G 74 -18.86 -5.40 14.23
N LEU G 75 -19.96 -5.29 13.44
CA LEU G 75 -20.03 -4.43 12.25
C LEU G 75 -20.81 -3.13 12.51
N HIS G 76 -22.08 -3.25 12.96
CA HIS G 76 -22.95 -2.09 13.19
C HIS G 76 -23.35 -1.77 14.66
N GLU G 77 -22.74 -2.38 15.68
CA GLU G 77 -23.14 -2.04 17.07
C GLU G 77 -23.00 -0.52 17.27
N PRO G 78 -21.86 0.08 16.89
CA PRO G 78 -21.71 1.54 17.06
C PRO G 78 -22.74 2.35 16.29
N THR G 79 -23.09 1.93 15.07
CA THR G 79 -24.07 2.64 14.27
C THR G 79 -25.40 2.71 14.98
N PHE G 80 -25.90 1.57 15.45
CA PHE G 80 -27.18 1.54 16.13
C PHE G 80 -27.11 2.20 17.51
N ARG G 81 -25.93 2.19 18.16
CA ARG G 81 -25.75 2.83 19.47
C ARG G 81 -25.99 4.33 19.30
N ARG G 82 -25.35 4.93 18.29
CA ARG G 82 -25.50 6.34 17.99
C ARG G 82 -26.95 6.63 17.64
N CYS G 83 -27.55 5.79 16.79
CA CYS G 83 -28.93 5.95 16.32
C CYS G 83 -29.91 6.05 17.48
N VAL G 84 -29.84 5.13 18.44
CA VAL G 84 -30.76 5.17 19.59
C VAL G 84 -30.40 6.32 20.54
N ALA G 85 -29.11 6.58 20.77
CA ALA G 85 -28.68 7.67 21.64
C ALA G 85 -29.16 9.01 21.10
N GLU G 86 -29.25 9.15 19.76
CA GLU G 86 -29.73 10.38 19.12
C GLU G 86 -31.22 10.61 19.42
N ALA G 87 -31.96 9.53 19.71
CA ALA G 87 -33.39 9.60 20.03
C ALA G 87 -33.59 9.70 21.55
N GLY G 88 -32.49 9.73 22.31
CA GLY G 88 -32.53 9.84 23.76
C GLY G 88 -32.38 8.53 24.50
N LEU G 89 -32.45 7.38 23.80
CA LEU G 89 -32.32 6.09 24.47
C LEU G 89 -30.86 5.77 24.79
N ASN G 90 -30.57 5.38 26.04
CA ASN G 90 -29.21 5.06 26.44
C ASN G 90 -28.69 3.97 25.49
N PRO G 91 -27.46 4.07 24.97
CA PRO G 91 -26.97 3.04 24.04
C PRO G 91 -26.83 1.63 24.61
N PHE G 92 -26.82 1.48 25.93
CA PHE G 92 -26.69 0.17 26.53
C PHE G 92 -28.05 -0.49 26.78
N LEU G 93 -29.12 0.06 26.22
CA LEU G 93 -30.45 -0.49 26.34
C LEU G 93 -30.81 -1.01 24.95
N PHE G 94 -29.78 -1.18 24.11
CA PHE G 94 -29.90 -1.66 22.74
C PHE G 94 -29.28 -3.05 22.72
N GLU G 95 -29.89 -3.99 21.96
CA GLU G 95 -29.37 -5.37 21.90
C GLU G 95 -29.41 -5.89 20.47
N PHE G 96 -28.27 -6.40 20.00
CA PHE G 96 -28.11 -6.93 18.65
C PHE G 96 -28.37 -8.44 18.57
N ALA G 97 -29.10 -8.88 17.52
CA ALA G 97 -29.36 -10.30 17.30
C ALA G 97 -28.80 -10.62 15.92
N ASN G 98 -27.75 -11.45 15.88
CA ASN G 98 -27.07 -11.84 14.66
C ASN G 98 -27.81 -12.97 13.96
N ILE G 99 -28.61 -12.60 12.94
CA ILE G 99 -29.39 -13.55 12.16
C ILE G 99 -28.89 -13.64 10.71
N ARG G 100 -27.71 -13.02 10.40
CA ARG G 100 -27.16 -13.06 9.05
C ARG G 100 -25.92 -13.95 9.04
N GLU G 101 -24.78 -13.45 9.54
CA GLU G 101 -23.54 -14.23 9.59
C GLU G 101 -23.77 -15.55 10.31
N HIS G 102 -24.50 -15.49 11.43
CA HIS G 102 -24.79 -16.65 12.27
C HIS G 102 -26.04 -17.46 11.89
N CYS G 103 -26.81 -17.08 10.87
CA CYS G 103 -28.00 -17.88 10.54
C CYS G 103 -28.32 -17.96 9.02
N SER G 104 -28.79 -16.88 8.40
CA SER G 104 -29.15 -16.86 6.97
C SER G 104 -28.02 -17.22 6.02
N TRP G 105 -26.79 -16.82 6.33
CA TRP G 105 -25.63 -17.09 5.46
C TRP G 105 -25.05 -18.50 5.64
N VAL G 106 -25.38 -19.18 6.73
CA VAL G 106 -24.87 -20.54 7.01
C VAL G 106 -25.96 -21.60 6.96
N HIS G 107 -27.24 -21.21 6.77
CA HIS G 107 -28.35 -22.16 6.69
C HIS G 107 -29.20 -21.88 5.44
N MET G 108 -28.54 -21.48 4.35
CA MET G 108 -29.18 -21.16 3.07
C MET G 108 -30.07 -22.27 2.50
N HIS G 109 -29.70 -23.54 2.71
CA HIS G 109 -30.49 -24.66 2.17
C HIS G 109 -31.48 -25.25 3.21
N GLU G 110 -31.66 -24.57 4.35
CA GLU G 110 -32.57 -25.01 5.42
C GLU G 110 -33.29 -23.76 5.92
N LYS G 111 -34.14 -23.19 5.03
CA LYS G 111 -34.91 -21.97 5.29
C LYS G 111 -35.86 -22.05 6.47
N GLU G 112 -36.62 -23.15 6.58
CA GLU G 112 -37.56 -23.31 7.69
C GLU G 112 -36.83 -23.30 9.02
N LYS G 113 -35.77 -24.10 9.14
CA LYS G 113 -34.98 -24.19 10.36
C LYS G 113 -34.24 -22.87 10.64
N ALA G 114 -33.85 -22.15 9.58
CA ALA G 114 -33.15 -20.88 9.76
C ALA G 114 -34.13 -19.82 10.25
N THR G 115 -35.42 -19.95 9.89
CA THR G 115 -36.44 -19.02 10.34
C THR G 115 -36.69 -19.31 11.80
N GLU G 116 -36.75 -20.61 12.14
CA GLU G 116 -36.98 -21.01 13.53
C GLU G 116 -35.82 -20.54 14.39
N LYS G 117 -34.60 -20.64 13.87
CA LYS G 117 -33.41 -20.21 14.59
C LYS G 117 -33.43 -18.70 14.77
N ALA G 118 -33.86 -17.97 13.75
CA ALA G 118 -33.91 -16.51 13.84
C ALA G 118 -34.87 -16.11 14.97
N LYS G 119 -36.03 -16.77 15.05
CA LYS G 119 -37.03 -16.48 16.10
C LYS G 119 -36.40 -16.65 17.48
N ASP G 120 -35.67 -17.75 17.71
CA ASP G 120 -35.02 -18.00 18.99
C ASP G 120 -33.97 -16.94 19.32
N LEU G 121 -33.19 -16.52 18.31
CA LEU G 121 -32.16 -15.50 18.53
C LEU G 121 -32.81 -14.17 18.89
N VAL G 122 -33.96 -13.86 18.29
CA VAL G 122 -34.68 -12.63 18.60
C VAL G 122 -35.15 -12.76 20.06
N ARG G 123 -35.72 -13.93 20.41
CA ARG G 123 -36.22 -14.18 21.77
C ARG G 123 -35.07 -14.13 22.79
N MET G 124 -33.89 -14.63 22.42
CA MET G 124 -32.73 -14.60 23.31
C MET G 124 -32.32 -13.16 23.56
N ALA G 125 -32.34 -12.35 22.51
CA ALA G 125 -31.99 -10.93 22.59
C ALA G 125 -33.00 -10.20 23.43
N VAL G 126 -34.27 -10.41 23.14
CA VAL G 126 -35.35 -9.77 23.88
C VAL G 126 -35.21 -10.16 25.35
N ALA G 127 -34.89 -11.43 25.64
CA ALA G 127 -34.73 -11.90 27.01
C ALA G 127 -33.63 -11.12 27.75
N LYS G 128 -32.49 -10.85 27.08
CA LYS G 128 -31.42 -10.09 27.73
C LYS G 128 -31.79 -8.62 27.79
N ALA G 129 -32.42 -8.12 26.72
CA ALA G 129 -32.82 -6.72 26.62
C ALA G 129 -33.59 -6.24 27.83
N ARG G 130 -34.59 -7.01 28.25
CA ARG G 130 -35.41 -6.64 29.40
C ARG G 130 -34.60 -6.28 30.63
N LEU G 131 -33.54 -7.05 30.92
CA LEU G 131 -32.74 -6.80 32.10
C LEU G 131 -31.51 -5.91 31.82
N LEU G 132 -31.43 -5.27 30.65
CA LEU G 132 -30.28 -4.39 30.38
C LEU G 132 -30.46 -3.12 31.20
N GLU G 133 -29.37 -2.41 31.49
CA GLU G 133 -29.42 -1.21 32.30
C GLU G 133 -28.74 -0.05 31.60
N PRO G 134 -29.14 1.19 31.91
CA PRO G 134 -28.48 2.34 31.29
C PRO G 134 -27.10 2.56 31.91
N LEU G 135 -26.08 2.62 31.07
CA LEU G 135 -24.70 2.82 31.51
C LEU G 135 -24.11 4.07 30.92
N GLU G 136 -23.13 4.68 31.64
CA GLU G 136 -22.45 5.90 31.22
C GLU G 136 -20.94 5.65 31.07
N PHE G 137 -20.36 6.04 29.92
CA PHE G 137 -18.93 5.89 29.62
C PHE G 137 -18.06 6.58 30.67
N ILE G 138 -16.83 6.07 30.89
CA ILE G 138 -15.91 6.66 31.87
C ILE G 138 -14.96 7.63 31.18
N LYS G 139 -14.80 8.83 31.75
CA LYS G 139 -13.92 9.86 31.20
C LYS G 139 -12.59 9.91 31.94
N VAL G 140 -11.48 9.69 31.21
CA VAL G 140 -10.15 9.73 31.81
C VAL G 140 -9.30 10.72 31.06
N GLY G 141 -8.35 11.31 31.78
CA GLY G 141 -7.44 12.27 31.20
C GLY G 141 -6.35 11.61 30.40
N VAL G 142 -5.70 12.36 29.51
CA VAL G 142 -4.64 11.81 28.69
C VAL G 142 -3.32 12.52 28.96
N THR G 143 -2.32 11.74 29.40
CA THR G 143 -0.99 12.26 29.68
C THR G 143 -0.44 12.72 28.35
N GLN G 144 0.00 13.98 28.26
CA GLN G 144 0.53 14.52 27.01
C GLN G 144 1.91 14.00 26.69
N ARG G 145 2.02 12.70 26.41
CA ARG G 145 3.30 12.10 26.08
C ARG G 145 3.07 10.81 25.33
N ALA G 146 3.89 10.55 24.31
CA ALA G 146 3.78 9.35 23.51
C ALA G 146 5.01 8.50 23.69
N LEU G 147 4.90 7.20 23.43
CA LEU G 147 6.02 6.27 23.54
C LEU G 147 6.11 5.49 22.26
N VAL G 148 7.27 5.53 21.61
CA VAL G 148 7.46 4.79 20.38
C VAL G 148 8.46 3.69 20.69
N ILE G 149 8.09 2.44 20.41
CA ILE G 149 8.95 1.29 20.67
C ILE G 149 9.44 0.78 19.33
N GLY G 150 10.74 0.97 19.06
CA GLY G 150 11.36 0.55 17.82
C GLY G 150 11.87 1.75 17.08
N GLY G 151 13.18 1.79 16.84
CA GLY G 151 13.83 2.91 16.17
C GLY G 151 14.15 2.73 14.71
N GLY G 152 13.30 2.02 13.97
CA GLY G 152 13.50 1.82 12.55
C GLY G 152 12.95 3.02 11.82
N VAL G 153 12.82 2.95 10.50
CA VAL G 153 12.31 4.08 9.74
C VAL G 153 10.86 4.44 10.16
N ALA G 154 10.06 3.43 10.50
CA ALA G 154 8.66 3.60 10.93
C ALA G 154 8.58 4.37 12.25
N GLY G 155 9.28 3.88 13.27
CA GLY G 155 9.29 4.50 14.58
C GLY G 155 9.88 5.88 14.57
N ILE G 156 10.95 6.06 13.79
CA ILE G 156 11.60 7.36 13.68
C ILE G 156 10.59 8.34 13.10
N GLN G 157 9.86 7.93 12.04
CA GLN G 157 8.87 8.79 11.41
C GLN G 157 7.77 9.20 12.40
N THR G 158 7.29 8.25 13.22
CA THR G 158 6.24 8.53 14.21
C THR G 158 6.73 9.54 15.23
N ALA G 159 7.96 9.34 15.72
CA ALA G 159 8.57 10.20 16.71
C ALA G 159 8.82 11.59 16.17
N LEU G 160 9.21 11.69 14.91
CA LEU G 160 9.48 12.99 14.30
C LEU G 160 8.19 13.77 14.12
N ASP G 161 7.15 13.14 13.57
CA ASP G 161 5.88 13.81 13.38
C ASP G 161 5.29 14.26 14.72
N LEU G 162 5.27 13.36 15.70
CA LEU G 162 4.74 13.71 17.02
C LEU G 162 5.52 14.85 17.66
N GLY G 163 6.84 14.79 17.60
CA GLY G 163 7.69 15.83 18.16
C GLY G 163 7.51 17.13 17.40
N ASP G 164 7.33 17.04 16.08
CA ASP G 164 7.11 18.22 15.24
C ASP G 164 5.76 18.86 15.58
N MET G 165 4.79 18.06 16.05
CA MET G 165 3.47 18.56 16.45
C MET G 165 3.56 19.24 17.83
N GLY G 166 4.69 19.05 18.54
CA GLY G 166 4.90 19.62 19.85
C GLY G 166 4.63 18.66 21.00
N PHE G 167 4.45 17.37 20.70
CA PHE G 167 4.18 16.39 21.75
C PHE G 167 5.45 15.77 22.28
N GLU G 168 5.58 15.69 23.61
CA GLU G 168 6.76 15.05 24.20
C GLU G 168 6.70 13.62 23.77
N THR G 169 7.76 13.11 23.17
CA THR G 169 7.77 11.74 22.71
C THR G 169 9.00 11.02 23.19
N ILE G 170 8.85 9.74 23.52
CA ILE G 170 9.95 8.91 23.98
C ILE G 170 10.15 7.84 22.94
N LEU G 171 11.39 7.66 22.46
CA LEU G 171 11.69 6.64 21.46
C LEU G 171 12.66 5.65 22.05
N VAL G 172 12.21 4.40 22.22
CA VAL G 172 13.03 3.32 22.78
C VAL G 172 13.52 2.42 21.66
N GLU G 173 14.85 2.20 21.60
CA GLU G 173 15.48 1.38 20.57
C GLU G 173 16.31 0.29 21.27
N LYS G 174 16.06 -0.99 20.91
CA LYS G 174 16.72 -2.15 21.48
C LYS G 174 18.23 -2.20 21.27
N THR G 175 18.68 -2.05 20.02
CA THR G 175 20.12 -2.11 19.71
C THR G 175 20.82 -0.78 20.01
N PRO G 176 22.17 -0.72 19.97
CA PRO G 176 22.85 0.55 20.27
C PRO G 176 22.62 1.68 19.27
N SER G 177 21.97 1.43 18.15
CA SER G 177 21.72 2.50 17.18
C SER G 177 20.36 2.38 16.55
N VAL G 178 19.81 3.51 16.11
CA VAL G 178 18.52 3.53 15.44
C VAL G 178 18.82 3.29 13.97
N GLY G 179 17.80 3.16 13.14
CA GLY G 179 17.99 2.92 11.71
C GLY G 179 17.34 1.66 11.19
N GLY G 180 17.23 0.64 12.04
CA GLY G 180 16.61 -0.64 11.68
C GLY G 180 17.24 -1.35 10.50
N ARG G 181 16.45 -2.18 9.81
CA ARG G 181 16.92 -2.95 8.66
C ARG G 181 17.27 -2.06 7.49
N MET G 182 16.60 -0.92 7.34
CA MET G 182 16.91 -0.01 6.26
C MET G 182 18.38 0.38 6.35
N ALA G 183 18.89 0.65 7.56
CA ALA G 183 20.29 1.01 7.76
C ALA G 183 21.22 -0.07 7.17
N GLN G 184 20.77 -1.33 7.15
CA GLN G 184 21.55 -2.45 6.64
C GLN G 184 21.53 -2.55 5.12
N LEU G 185 20.59 -1.88 4.44
CA LEU G 185 20.52 -1.98 2.97
C LEU G 185 21.49 -1.01 2.31
N ASP G 186 21.93 -1.31 1.08
CA ASP G 186 22.82 -0.41 0.38
C ASP G 186 21.93 0.60 -0.31
N LYS G 187 21.14 0.14 -1.29
CA LYS G 187 20.21 0.99 -2.01
C LYS G 187 18.79 0.56 -1.71
N THR G 188 17.80 1.38 -2.08
CA THR G 188 16.40 1.06 -1.84
C THR G 188 15.59 1.26 -3.11
N PHE G 189 14.71 0.32 -3.45
CA PHE G 189 13.88 0.42 -4.65
C PHE G 189 12.74 1.36 -4.41
N PRO G 190 12.13 1.94 -5.45
CA PRO G 190 12.39 1.81 -6.89
C PRO G 190 13.27 2.94 -7.44
N THR G 191 13.70 3.87 -6.57
CA THR G 191 14.52 5.02 -6.94
C THR G 191 16.00 4.70 -6.94
N ASN G 192 16.37 3.59 -6.32
CA ASN G 192 17.76 3.16 -6.20
C ASN G 192 18.60 4.18 -5.48
N ASP G 193 17.98 4.84 -4.50
CA ASP G 193 18.62 5.80 -3.63
C ASP G 193 19.41 5.02 -2.64
N CYS G 194 20.39 5.63 -1.97
CA CYS G 194 21.11 4.88 -0.95
C CYS G 194 20.15 4.80 0.22
N SER G 195 20.22 3.76 1.03
CA SER G 195 19.33 3.68 2.17
C SER G 195 19.59 4.91 3.02
N ILE G 196 20.88 5.22 3.19
CA ILE G 196 21.37 6.36 3.96
C ILE G 196 20.76 7.68 3.46
N CYS G 197 20.54 7.81 2.14
CA CYS G 197 19.96 9.02 1.54
C CYS G 197 18.74 9.49 2.32
N ILE G 198 17.79 8.59 2.57
CA ILE G 198 16.55 8.89 3.27
C ILE G 198 16.58 8.69 4.75
N LEU G 199 17.24 7.65 5.21
CA LEU G 199 17.28 7.30 6.61
C LEU G 199 18.21 8.11 7.50
N ALA G 200 19.42 8.37 7.06
CA ALA G 200 20.36 9.10 7.91
C ALA G 200 19.89 10.48 8.36
N PRO G 201 19.40 11.35 7.47
CA PRO G 201 18.94 12.67 7.93
C PRO G 201 17.86 12.56 9.01
N LYS G 202 16.99 11.54 8.87
CA LYS G 202 15.90 11.26 9.81
C LYS G 202 16.49 10.80 11.16
N MET G 203 17.57 10.00 11.15
CA MET G 203 18.21 9.51 12.38
C MET G 203 18.83 10.71 13.10
N VAL G 204 19.46 11.59 12.33
CA VAL G 204 20.10 12.81 12.79
C VAL G 204 19.09 13.71 13.49
N ASP G 205 17.98 14.00 12.80
CA ASP G 205 16.90 14.86 13.31
C ASP G 205 16.29 14.34 14.59
N VAL G 206 16.01 13.04 14.63
CA VAL G 206 15.39 12.42 15.78
C VAL G 206 16.28 12.47 17.02
N ALA G 207 17.59 12.28 16.85
CA ALA G 207 18.54 12.32 17.96
C ALA G 207 18.66 13.70 18.60
N LYS G 208 18.45 14.78 17.84
CA LYS G 208 18.57 16.13 18.37
C LYS G 208 17.23 16.87 18.40
N HIS G 209 16.11 16.13 18.38
CA HIS G 209 14.81 16.77 18.41
C HIS G 209 14.47 17.27 19.83
N PRO G 210 14.13 18.55 20.01
CA PRO G 210 13.80 19.05 21.37
C PRO G 210 12.61 18.38 22.05
N ASN G 211 11.71 17.71 21.30
CA ASN G 211 10.55 17.05 21.90
C ASN G 211 10.66 15.54 21.90
N VAL G 212 11.82 14.99 21.51
CA VAL G 212 11.98 13.54 21.49
C VAL G 212 13.13 13.12 22.37
N LYS G 213 12.87 12.18 23.29
CA LYS G 213 13.88 11.66 24.19
C LYS G 213 14.24 10.30 23.66
N LEU G 214 15.42 10.16 23.06
CA LEU G 214 15.84 8.88 22.49
C LEU G 214 16.56 8.05 23.52
N TYR G 215 16.11 6.80 23.71
CA TYR G 215 16.73 5.87 24.64
C TYR G 215 17.22 4.71 23.80
N ALA G 216 18.47 4.80 23.31
CA ALA G 216 19.04 3.74 22.50
C ALA G 216 19.58 2.67 23.43
N TYR G 217 19.82 1.46 22.92
CA TYR G 217 20.31 0.36 23.73
C TYR G 217 19.46 0.25 24.99
N SER G 218 18.13 0.29 24.81
CA SER G 218 17.17 0.21 25.91
C SER G 218 15.97 -0.60 25.49
N GLU G 219 15.24 -1.13 26.48
CA GLU G 219 14.06 -1.93 26.21
C GLU G 219 12.95 -1.63 27.20
N VAL G 220 11.69 -1.68 26.72
CA VAL G 220 10.53 -1.45 27.56
C VAL G 220 10.35 -2.79 28.26
N VAL G 221 10.40 -2.80 29.60
CA VAL G 221 10.27 -4.04 30.36
C VAL G 221 8.92 -4.19 31.05
N ASP G 222 8.12 -3.12 31.13
CA ASP G 222 6.79 -3.21 31.76
C ASP G 222 5.93 -2.03 31.37
N VAL G 223 4.63 -2.32 31.12
CA VAL G 223 3.64 -1.32 30.75
C VAL G 223 2.40 -1.63 31.57
N GLN G 224 1.94 -0.67 32.36
CA GLN G 224 0.74 -0.86 33.18
C GLN G 224 -0.15 0.33 32.98
N GLY G 225 -1.44 0.13 33.18
CA GLY G 225 -2.42 1.19 33.00
C GLY G 225 -3.28 0.97 31.78
N TYR G 226 -3.87 2.06 31.29
CA TYR G 226 -4.77 2.05 30.14
C TYR G 226 -4.59 3.33 29.35
N VAL G 227 -5.29 3.45 28.20
CA VAL G 227 -5.21 4.62 27.34
C VAL G 227 -5.21 5.93 28.13
N GLY G 228 -4.23 6.79 27.82
CA GLY G 228 -4.09 8.09 28.45
C GLY G 228 -3.42 8.05 29.81
N ASN G 229 -3.30 6.86 30.41
CA ASN G 229 -2.71 6.72 31.74
C ASN G 229 -1.78 5.52 31.83
N PHE G 230 -0.81 5.39 30.91
CA PHE G 230 0.10 4.26 30.97
C PHE G 230 1.29 4.62 31.81
N LYS G 231 1.77 3.67 32.60
CA LYS G 231 2.95 3.83 33.43
C LYS G 231 3.95 2.87 32.79
N VAL G 232 5.07 3.38 32.23
CA VAL G 232 6.02 2.49 31.57
C VAL G 232 7.38 2.45 32.22
N LYS G 233 8.01 1.25 32.20
CA LYS G 233 9.33 1.02 32.75
C LYS G 233 10.29 0.73 31.61
N ILE G 234 11.34 1.56 31.47
CA ILE G 234 12.34 1.37 30.42
C ILE G 234 13.64 0.99 31.07
N MET G 235 14.28 -0.08 30.58
CA MET G 235 15.56 -0.51 31.13
C MET G 235 16.66 0.05 30.25
N LYS G 236 17.44 0.99 30.76
CA LYS G 236 18.52 1.58 30.00
C LYS G 236 19.70 0.65 30.19
N LYS G 237 19.88 -0.28 29.26
CA LYS G 237 20.95 -1.29 29.33
C LYS G 237 22.34 -0.68 29.44
N ALA G 238 23.24 -1.35 30.15
CA ALA G 238 24.61 -0.86 30.34
C ALA G 238 25.51 -1.04 29.11
N ARG G 239 26.03 0.09 28.57
CA ARG G 239 26.95 0.10 27.42
C ARG G 239 28.36 -0.05 27.92
N TYR G 240 28.57 0.34 29.19
CA TYR G 240 29.86 0.33 29.86
C TYR G 240 30.78 1.46 29.34
N ILE G 241 30.18 2.51 28.81
CA ILE G 241 30.87 3.69 28.30
C ILE G 241 30.00 4.87 28.69
N ASP G 242 30.62 6.02 29.01
CA ASP G 242 29.88 7.21 29.38
C ASP G 242 29.52 7.96 28.09
N GLU G 243 28.24 7.88 27.67
CA GLU G 243 27.74 8.51 26.43
C GLU G 243 28.01 10.01 26.36
N THR G 244 27.83 10.76 27.46
CA THR G 244 28.08 12.21 27.44
C THR G 244 29.56 12.53 27.22
N LYS G 245 30.46 11.66 27.72
CA LYS G 245 31.90 11.85 27.55
C LYS G 245 32.41 11.28 26.21
N CYS G 246 31.82 10.15 25.75
CA CYS G 246 32.22 9.48 24.50
C CYS G 246 32.18 10.40 23.28
N THR G 247 33.25 10.34 22.47
CA THR G 247 33.43 11.13 21.26
C THR G 247 32.96 10.33 20.03
N GLY G 248 33.15 9.02 20.08
CA GLY G 248 32.78 8.12 18.99
C GLY G 248 33.84 8.10 17.93
N CYS G 249 35.12 8.28 18.34
CA CYS G 249 36.26 8.28 17.43
C CYS G 249 36.66 6.86 17.01
N GLY G 250 36.61 5.92 17.95
CA GLY G 250 36.94 4.52 17.71
C GLY G 250 38.41 4.17 17.74
N GLN G 251 39.20 4.81 18.60
CA GLN G 251 40.62 4.49 18.72
C GLN G 251 40.65 3.16 19.47
N CYS G 252 39.65 2.96 20.32
CA CYS G 252 39.43 1.76 21.13
C CYS G 252 39.22 0.53 20.26
N SER G 253 38.45 0.67 19.17
CA SER G 253 38.16 -0.46 18.28
C SER G 253 39.44 -1.01 17.66
N GLU G 254 40.43 -0.14 17.39
CA GLU G 254 41.68 -0.59 16.81
C GLU G 254 42.53 -1.39 17.80
N VAL G 255 42.41 -1.10 19.11
CA VAL G 255 43.20 -1.75 20.16
C VAL G 255 42.56 -3.06 20.72
N CYS G 256 41.24 -3.16 20.80
CA CYS G 256 40.58 -4.37 21.30
C CYS G 256 41.08 -5.67 20.60
N PRO G 257 41.52 -6.69 21.39
CA PRO G 257 42.00 -7.93 20.79
C PRO G 257 40.98 -9.06 20.59
N ILE G 258 39.75 -8.91 21.08
CA ILE G 258 38.78 -9.99 20.91
C ILE G 258 37.84 -9.66 19.75
N ASP G 259 37.58 -10.67 18.91
CA ASP G 259 36.72 -10.56 17.74
C ASP G 259 35.36 -11.24 17.98
N VAL G 260 34.26 -10.51 17.73
CA VAL G 260 32.90 -11.01 17.91
C VAL G 260 32.17 -10.95 16.56
N PRO G 261 31.35 -11.94 16.16
CA PRO G 261 30.68 -11.82 14.85
C PRO G 261 29.69 -10.66 14.87
N ASN G 262 29.75 -9.79 13.85
CA ASN G 262 28.89 -8.62 13.77
C ASN G 262 27.46 -8.97 13.39
N GLU G 263 26.53 -8.74 14.32
CA GLU G 263 25.10 -9.00 14.13
C GLU G 263 24.56 -8.17 12.96
N PHE G 264 24.97 -6.91 12.88
CA PHE G 264 24.55 -6.00 11.80
C PHE G 264 24.95 -6.56 10.44
N ASP G 265 26.10 -7.25 10.36
CA ASP G 265 26.56 -7.84 9.10
C ASP G 265 26.05 -9.29 8.94
N MET G 266 25.09 -9.70 9.79
CA MET G 266 24.49 -11.04 9.74
C MET G 266 25.49 -12.20 9.90
N GLY G 267 26.55 -11.99 10.66
CA GLY G 267 27.57 -12.99 10.92
C GLY G 267 28.62 -13.08 9.82
N ILE G 268 28.50 -12.21 8.77
CA ILE G 268 29.42 -12.15 7.61
C ILE G 268 30.52 -11.10 7.87
N GLY G 269 30.47 -10.47 9.05
CA GLY G 269 31.44 -9.46 9.47
C GLY G 269 31.95 -9.77 10.86
N MET G 270 33.13 -9.25 11.21
CA MET G 270 33.70 -9.49 12.54
C MET G 270 33.95 -8.15 13.19
N ARG G 271 33.32 -7.93 14.34
CA ARG G 271 33.45 -6.69 15.10
C ARG G 271 34.26 -6.95 16.33
N LYS G 272 34.48 -5.92 17.14
CA LYS G 272 35.25 -6.03 18.36
C LYS G 272 34.32 -5.99 19.55
N ALA G 273 34.87 -6.22 20.75
CA ALA G 273 34.05 -6.19 21.94
C ALA G 273 33.54 -4.78 22.16
N ILE G 274 34.36 -3.77 21.85
CA ILE G 274 33.96 -2.36 21.96
C ILE G 274 33.60 -1.95 20.53
N TYR G 275 32.34 -1.52 20.28
CA TYR G 275 31.93 -1.20 18.90
C TYR G 275 30.79 -0.21 18.69
N LYS G 276 30.65 0.18 17.41
CA LYS G 276 29.63 1.06 16.85
C LYS G 276 28.98 0.17 15.74
N PRO G 277 27.67 -0.18 15.85
CA PRO G 277 27.05 -1.08 14.84
C PRO G 277 27.47 -0.87 13.39
N PHE G 278 27.43 0.37 12.92
CA PHE G 278 27.82 0.70 11.56
C PHE G 278 28.39 2.11 11.57
N PRO G 279 29.19 2.47 10.57
CA PRO G 279 29.82 3.81 10.56
C PRO G 279 28.90 5.03 10.69
N GLN G 280 27.67 4.96 10.18
CA GLN G 280 26.74 6.09 10.26
C GLN G 280 25.78 5.97 11.46
N ALA G 281 26.07 5.08 12.41
CA ALA G 281 25.23 4.87 13.59
C ALA G 281 24.95 6.14 14.42
N VAL G 282 23.70 6.22 14.93
CA VAL G 282 23.21 7.30 15.77
C VAL G 282 22.51 6.65 16.97
N PRO G 283 22.95 6.90 18.21
CA PRO G 283 24.06 7.78 18.61
C PRO G 283 25.40 7.23 18.20
N ALA G 284 26.26 8.14 17.75
CA ALA G 284 27.61 7.87 17.29
C ALA G 284 28.41 7.72 18.55
N LYS G 285 28.19 6.58 19.21
CA LYS G 285 28.82 6.22 20.46
C LYS G 285 29.19 4.76 20.38
N TYR G 286 30.09 4.35 21.26
CA TYR G 286 30.55 2.97 21.32
C TYR G 286 29.90 2.18 22.44
N THR G 287 29.93 0.85 22.32
CA THR G 287 29.32 -0.07 23.27
C THR G 287 30.27 -1.24 23.57
N ILE G 288 30.23 -1.78 24.80
CA ILE G 288 31.09 -2.92 25.19
C ILE G 288 30.23 -4.16 25.42
N ASP G 289 30.50 -5.23 24.67
CA ASP G 289 29.76 -6.47 24.83
C ASP G 289 30.47 -7.26 25.93
N LYS G 290 29.91 -7.22 27.15
CA LYS G 290 30.48 -7.91 28.31
C LYS G 290 30.44 -9.44 28.14
N GLU G 291 29.62 -9.93 27.21
CA GLU G 291 29.49 -11.35 26.92
C GLU G 291 30.79 -11.88 26.30
N HIS G 292 31.57 -10.99 25.65
CA HIS G 292 32.82 -11.37 25.01
C HIS G 292 34.05 -10.55 25.48
N CYS G 293 33.84 -9.46 26.26
CA CYS G 293 34.94 -8.63 26.74
C CYS G 293 35.80 -9.39 27.76
N ILE G 294 37.14 -9.28 27.64
CA ILE G 294 38.08 -9.96 28.54
C ILE G 294 38.57 -9.03 29.67
N GLU G 295 38.12 -7.75 29.66
CA GLU G 295 38.47 -6.75 30.67
C GLU G 295 39.99 -6.48 30.75
N CYS G 296 40.67 -6.48 29.60
CA CYS G 296 42.11 -6.23 29.54
C CYS G 296 42.40 -4.74 29.78
N GLY G 297 41.43 -3.87 29.47
CA GLY G 297 41.56 -2.43 29.66
C GLY G 297 42.44 -1.75 28.64
N LEU G 298 42.68 -2.38 27.48
CA LEU G 298 43.50 -1.79 26.44
C LEU G 298 42.77 -0.60 25.79
N CYS G 299 41.45 -0.73 25.60
CA CYS G 299 40.63 0.33 25.00
C CYS G 299 40.65 1.60 25.86
N ALA G 300 40.67 1.43 27.20
CA ALA G 300 40.68 2.55 28.15
C ALA G 300 41.96 3.40 28.04
N LYS G 301 43.10 2.77 27.73
CA LYS G 301 44.38 3.48 27.60
C LYS G 301 44.38 4.48 26.44
N VAL G 302 43.61 4.22 25.37
CA VAL G 302 43.56 5.12 24.21
C VAL G 302 42.38 6.12 24.27
N CYS G 303 41.38 5.87 25.12
CA CYS G 303 40.23 6.77 25.23
C CYS G 303 40.63 8.03 25.99
N GLY G 304 40.67 9.15 25.28
CA GLY G 304 41.03 10.44 25.84
C GLY G 304 40.08 10.95 26.91
N PRO G 305 38.77 11.06 26.60
CA PRO G 305 37.83 11.56 27.62
C PRO G 305 37.59 10.65 28.85
N ASN G 306 38.21 9.44 28.91
CA ASN G 306 38.07 8.50 30.04
C ASN G 306 36.61 8.05 30.23
N ALA G 307 35.97 7.69 29.12
CA ALA G 307 34.57 7.26 29.08
C ALA G 307 34.31 5.79 29.51
N ILE G 308 35.26 4.88 29.25
CA ILE G 308 35.06 3.47 29.60
C ILE G 308 34.90 3.26 31.11
N ASP G 309 33.74 2.66 31.51
CA ASP G 309 33.43 2.39 32.92
C ASP G 309 32.80 1.00 33.00
N PHE G 310 33.57 0.01 33.50
CA PHE G 310 33.11 -1.37 33.62
C PHE G 310 32.14 -1.54 34.80
N ASP G 311 32.06 -0.54 35.71
CA ASP G 311 31.15 -0.59 36.86
C ASP G 311 29.73 -0.04 36.51
N GLN G 312 29.42 0.15 35.20
CA GLN G 312 28.10 0.67 34.76
C GLN G 312 26.97 -0.35 35.07
N GLU G 313 25.86 0.14 35.64
CA GLU G 313 24.68 -0.67 36.02
C GLU G 313 23.45 -0.20 35.22
N PRO G 314 22.59 -1.11 34.74
CA PRO G 314 21.40 -0.66 33.99
C PRO G 314 20.45 0.16 34.85
N GLU G 315 19.88 1.22 34.28
CA GLU G 315 18.97 2.13 34.97
C GLU G 315 17.52 1.90 34.55
N ILE G 316 16.60 1.77 35.52
CA ILE G 316 15.18 1.57 35.23
C ILE G 316 14.54 2.96 35.26
N ILE G 317 14.02 3.41 34.12
CA ILE G 317 13.37 4.72 34.01
C ILE G 317 11.88 4.56 34.04
N GLU G 318 11.20 5.32 34.91
CA GLU G 318 9.75 5.26 34.99
C GLU G 318 9.22 6.47 34.24
N ALA G 319 8.32 6.25 33.28
CA ALA G 319 7.77 7.32 32.47
C ALA G 319 6.27 7.15 32.32
N GLU G 320 5.53 8.25 32.20
CA GLU G 320 4.08 8.21 32.04
C GLU G 320 3.73 8.66 30.65
N VAL G 321 3.02 7.80 29.89
CA VAL G 321 2.62 8.12 28.53
C VAL G 321 1.13 7.91 28.33
N GLY G 322 0.57 8.66 27.38
CA GLY G 322 -0.84 8.59 27.06
C GLY G 322 -1.11 7.59 25.97
N THR G 323 -0.21 7.51 24.97
CA THR G 323 -0.34 6.59 23.85
C THR G 323 0.96 5.86 23.59
N ILE G 324 0.87 4.70 22.93
CA ILE G 324 2.05 3.90 22.62
C ILE G 324 2.02 3.43 21.18
N ILE G 325 3.15 3.57 20.46
CA ILE G 325 3.23 3.12 19.07
C ILE G 325 4.27 2.02 18.99
N CYS G 326 3.84 0.83 18.55
CA CYS G 326 4.71 -0.32 18.42
C CYS G 326 5.26 -0.38 16.99
N ALA G 327 6.57 -0.21 16.84
CA ALA G 327 7.23 -0.23 15.53
C ALA G 327 8.54 -1.02 15.61
N ILE G 328 8.46 -2.23 16.18
CA ILE G 328 9.61 -3.12 16.38
C ILE G 328 10.11 -3.86 15.12
N GLY G 329 9.48 -3.62 13.97
CA GLY G 329 9.91 -4.20 12.72
C GLY G 329 9.77 -5.69 12.48
N TYR G 330 10.82 -6.28 11.91
CA TYR G 330 10.81 -7.68 11.54
C TYR G 330 12.20 -8.29 11.48
N ASP G 331 12.22 -9.61 11.22
CA ASP G 331 13.43 -10.40 11.07
C ASP G 331 13.34 -11.15 9.77
N ALA G 332 14.49 -11.49 9.20
CA ALA G 332 14.54 -12.23 7.95
C ALA G 332 14.32 -13.69 8.25
N PHE G 333 13.55 -14.37 7.40
CA PHE G 333 13.26 -15.79 7.53
C PHE G 333 14.56 -16.59 7.51
N ASP G 334 14.62 -17.68 8.28
CA ASP G 334 15.80 -18.54 8.34
C ASP G 334 15.52 -19.69 7.36
N PRO G 335 16.22 -19.72 6.21
CA PRO G 335 15.95 -20.78 5.22
C PRO G 335 16.60 -22.14 5.43
N THR G 336 17.19 -22.40 6.61
CA THR G 336 17.81 -23.71 6.87
C THR G 336 16.78 -24.83 6.73
N VAL G 337 15.54 -24.54 7.16
CA VAL G 337 14.43 -25.49 7.13
C VAL G 337 14.21 -26.03 5.72
N ARG G 338 14.33 -25.18 4.67
CA ARG G 338 14.14 -25.65 3.30
C ARG G 338 15.47 -26.32 2.93
N GLU G 339 15.66 -27.53 3.48
CA GLU G 339 16.87 -28.35 3.31
C GLU G 339 17.32 -28.56 1.87
N GLU G 340 16.39 -28.54 0.92
CA GLU G 340 16.71 -28.75 -0.49
C GLU G 340 17.51 -27.59 -1.08
N TYR G 341 17.44 -26.39 -0.47
CA TYR G 341 18.16 -25.22 -0.97
C TYR G 341 19.57 -25.15 -0.37
N GLY G 342 19.85 -26.01 0.62
CA GLY G 342 21.14 -26.12 1.28
C GLY G 342 21.70 -24.96 2.06
N TYR G 343 20.87 -24.03 2.54
CA TYR G 343 21.41 -22.92 3.32
C TYR G 343 21.94 -23.46 4.66
N GLY G 344 23.17 -23.09 5.00
CA GLY G 344 23.80 -23.54 6.23
C GLY G 344 24.62 -24.80 6.02
N VAL G 345 24.54 -25.35 4.79
CA VAL G 345 25.28 -26.55 4.41
C VAL G 345 26.26 -26.14 3.31
N TYR G 346 25.76 -25.50 2.25
CA TYR G 346 26.60 -25.04 1.15
C TYR G 346 27.07 -23.61 1.46
N ASP G 347 28.36 -23.35 1.28
CA ASP G 347 28.99 -22.06 1.56
C ASP G 347 28.50 -20.92 0.66
N ASN G 348 28.25 -21.21 -0.61
CA ASN G 348 27.84 -20.19 -1.57
C ASN G 348 26.34 -19.96 -1.70
N VAL G 349 25.54 -20.42 -0.73
CA VAL G 349 24.10 -20.18 -0.74
C VAL G 349 23.93 -19.13 0.33
N VAL G 350 23.40 -17.95 -0.03
CA VAL G 350 23.23 -16.88 0.95
C VAL G 350 21.84 -16.32 0.91
N THR G 351 21.47 -15.55 1.93
CA THR G 351 20.17 -14.91 1.99
C THR G 351 20.33 -13.54 1.36
N ALA G 352 19.25 -12.94 0.91
CA ALA G 352 19.33 -11.61 0.31
C ALA G 352 19.79 -10.55 1.31
N LEU G 353 19.47 -10.71 2.62
CA LEU G 353 19.88 -9.73 3.61
C LEU G 353 21.40 -9.81 3.80
N GLU G 354 21.97 -11.00 3.67
CA GLU G 354 23.42 -11.18 3.78
C GLU G 354 24.05 -10.47 2.57
N LEU G 355 23.41 -10.65 1.39
CA LEU G 355 23.86 -10.03 0.15
C LEU G 355 23.86 -8.51 0.28
N GLU G 356 22.83 -7.93 0.95
CA GLU G 356 22.75 -6.49 1.14
C GLU G 356 24.00 -6.02 1.85
N ARG G 357 24.39 -6.72 2.93
CA ARG G 357 25.58 -6.38 3.69
C ARG G 357 26.84 -6.56 2.83
N MET G 358 26.83 -7.57 1.94
CA MET G 358 27.97 -7.84 1.05
C MET G 358 28.12 -6.71 0.01
N ILE G 359 26.99 -6.29 -0.57
CA ILE G 359 26.94 -5.26 -1.60
C ILE G 359 27.04 -3.83 -1.03
N ASN G 360 26.90 -3.65 0.30
CA ASN G 360 27.00 -2.31 0.90
C ASN G 360 28.46 -1.92 1.01
N ALA G 361 28.80 -0.71 0.57
CA ALA G 361 30.18 -0.20 0.61
C ALA G 361 30.80 -0.31 1.99
N SER G 362 30.02 0.01 3.03
CA SER G 362 30.50 -0.04 4.41
C SER G 362 30.34 -1.42 5.04
N GLY G 363 30.16 -2.46 4.22
CA GLY G 363 30.00 -3.82 4.69
C GLY G 363 31.31 -4.53 4.97
N PRO G 364 31.23 -5.81 5.34
CA PRO G 364 32.45 -6.58 5.65
C PRO G 364 33.36 -6.86 4.45
N THR G 365 32.80 -7.09 3.27
CA THR G 365 33.58 -7.37 2.07
C THR G 365 33.95 -6.10 1.29
N GLY G 366 33.68 -4.92 1.88
CA GLY G 366 33.98 -3.64 1.25
C GLY G 366 33.16 -3.40 0.00
N GLY G 367 31.88 -3.79 0.04
CA GLY G 367 30.97 -3.62 -1.07
C GLY G 367 31.24 -4.56 -2.22
N LYS G 368 31.99 -5.65 -1.99
CA LYS G 368 32.30 -6.60 -3.04
C LYS G 368 31.53 -7.90 -2.85
N VAL G 369 30.74 -8.26 -3.84
CA VAL G 369 29.96 -9.49 -3.81
C VAL G 369 30.93 -10.62 -4.11
N ILE G 370 31.21 -11.46 -3.11
CA ILE G 370 32.13 -12.57 -3.27
C ILE G 370 31.59 -13.86 -2.68
N ARG G 371 32.09 -14.98 -3.20
CA ARG G 371 31.72 -16.31 -2.73
C ARG G 371 32.37 -16.52 -1.37
N LEU G 372 31.60 -17.02 -0.39
CA LEU G 372 32.15 -17.24 0.95
C LEU G 372 33.07 -18.47 1.02
N SER G 373 33.11 -19.30 -0.03
CA SER G 373 33.96 -20.49 -0.04
C SER G 373 35.41 -20.19 -0.44
N ASP G 374 35.61 -19.35 -1.46
CA ASP G 374 36.96 -19.03 -1.95
C ASP G 374 37.28 -17.53 -2.04
N GLY G 375 36.31 -16.65 -1.75
CA GLY G 375 36.52 -15.21 -1.82
C GLY G 375 36.46 -14.64 -3.22
N GLN G 376 36.15 -15.50 -4.21
CA GLN G 376 36.08 -15.07 -5.61
C GLN G 376 34.74 -14.43 -5.95
N LYS G 377 34.75 -13.49 -6.89
CA LYS G 377 33.57 -12.78 -7.34
C LYS G 377 32.74 -13.73 -8.22
N PRO G 378 31.42 -13.84 -8.00
CA PRO G 378 30.63 -14.75 -8.82
C PRO G 378 30.30 -14.20 -10.20
N LYS G 379 30.53 -15.01 -11.22
CA LYS G 379 30.26 -14.63 -12.60
C LYS G 379 28.80 -14.97 -12.96
N ARG G 380 28.21 -15.96 -12.28
CA ARG G 380 26.84 -16.39 -12.51
C ARG G 380 26.09 -16.39 -11.19
N ILE G 381 24.92 -15.71 -11.12
CA ILE G 381 24.14 -15.66 -9.89
C ILE G 381 22.69 -16.02 -10.12
N ALA G 382 22.08 -16.73 -9.16
CA ALA G 382 20.68 -17.13 -9.24
C ALA G 382 19.96 -16.64 -8.02
N PHE G 383 18.83 -15.97 -8.23
CA PHE G 383 18.02 -15.50 -7.14
C PHE G 383 16.84 -16.44 -7.09
N ILE G 384 16.48 -16.90 -5.90
CA ILE G 384 15.34 -17.81 -5.76
C ILE G 384 14.31 -17.03 -5.02
N GLN G 385 13.17 -16.78 -5.66
CA GLN G 385 12.11 -16.01 -5.05
C GLN G 385 11.24 -16.83 -4.14
N CYS G 386 10.46 -16.13 -3.30
CA CYS G 386 9.52 -16.71 -2.35
C CYS G 386 10.13 -17.67 -1.35
N VAL G 387 11.36 -17.43 -0.89
CA VAL G 387 11.98 -18.34 0.08
C VAL G 387 11.44 -18.01 1.48
N GLY G 388 10.61 -18.91 2.02
CA GLY G 388 9.99 -18.75 3.33
C GLY G 388 8.68 -18.02 3.27
N SER G 389 8.11 -17.89 2.05
CA SER G 389 6.84 -17.21 1.83
C SER G 389 6.02 -18.00 0.84
N ARG G 390 4.68 -17.83 0.87
CA ARG G 390 3.81 -18.57 -0.05
C ARG G 390 4.15 -20.03 0.01
N ASP G 391 4.40 -20.53 1.23
CA ASP G 391 4.79 -21.92 1.41
C ASP G 391 4.20 -22.49 2.69
N ALA G 392 3.31 -23.46 2.54
CA ALA G 392 2.64 -24.12 3.65
C ALA G 392 3.57 -25.07 4.42
N LYS G 393 4.59 -25.63 3.76
CA LYS G 393 5.51 -26.56 4.42
C LYS G 393 6.31 -25.89 5.55
N VAL G 394 6.54 -24.57 5.47
CA VAL G 394 7.28 -23.83 6.51
C VAL G 394 6.31 -22.99 7.34
N GLY G 395 5.00 -23.10 7.06
CA GLY G 395 3.95 -22.39 7.78
C GLY G 395 3.75 -20.93 7.44
N ASN G 396 4.31 -20.47 6.32
CA ASN G 396 4.18 -19.06 5.91
C ASN G 396 3.44 -19.02 4.58
N LYS G 397 2.09 -18.97 4.65
CA LYS G 397 1.22 -18.96 3.48
C LYS G 397 0.93 -17.55 2.97
N TYR G 398 1.77 -16.57 3.34
CA TYR G 398 1.59 -15.18 2.93
C TYR G 398 2.70 -14.73 2.02
N CYS G 399 2.49 -13.60 1.35
CA CYS G 399 3.46 -12.99 0.46
C CYS G 399 4.26 -12.05 1.36
N SER G 400 5.61 -12.07 1.28
CA SER G 400 6.44 -11.20 2.13
C SER G 400 6.58 -9.80 1.51
N ASN G 401 5.78 -9.52 0.48
CA ASN G 401 5.69 -8.23 -0.20
C ASN G 401 6.91 -7.59 -0.92
N VAL G 402 8.09 -7.54 -0.30
CA VAL G 402 9.28 -6.86 -0.85
C VAL G 402 10.30 -7.68 -1.62
N CYS G 403 10.23 -9.00 -1.54
CA CYS G 403 11.21 -9.89 -2.16
C CYS G 403 11.36 -9.80 -3.67
N CYS G 404 10.27 -9.60 -4.43
CA CYS G 404 10.40 -9.51 -5.89
C CYS G 404 11.19 -8.26 -6.22
N MET G 405 10.84 -7.14 -5.58
CA MET G 405 11.51 -5.87 -5.82
C MET G 405 12.98 -5.83 -5.36
N TYR G 406 13.31 -6.26 -4.12
CA TYR G 406 14.73 -6.21 -3.72
C TYR G 406 15.59 -7.15 -4.54
N ALA G 407 15.03 -8.25 -5.06
CA ALA G 407 15.80 -9.19 -5.88
C ALA G 407 16.19 -8.51 -7.18
N MET G 408 15.24 -7.78 -7.81
CA MET G 408 15.51 -7.07 -9.06
C MET G 408 16.44 -5.88 -8.81
N LYS G 409 16.29 -5.19 -7.66
CA LYS G 409 17.14 -4.06 -7.30
C LYS G 409 18.59 -4.48 -7.14
N ASN G 410 18.85 -5.51 -6.32
CA ASN G 410 20.21 -5.99 -6.12
C ASN G 410 20.79 -6.57 -7.40
N SER G 411 19.96 -7.10 -8.31
CA SER G 411 20.46 -7.61 -9.55
C SER G 411 20.98 -6.42 -10.39
N GLN G 412 20.24 -5.27 -10.38
CA GLN G 412 20.64 -4.04 -11.09
C GLN G 412 21.97 -3.54 -10.55
N LEU G 413 22.09 -3.54 -9.22
CA LEU G 413 23.27 -3.10 -8.48
C LEU G 413 24.49 -3.96 -8.84
N ILE G 414 24.31 -5.29 -8.92
CA ILE G 414 25.41 -6.20 -9.28
C ILE G 414 25.84 -5.93 -10.72
N LYS G 415 24.88 -5.68 -11.63
CA LYS G 415 25.18 -5.41 -13.05
C LYS G 415 25.95 -4.09 -13.20
N GLU G 416 25.62 -3.07 -12.39
CA GLU G 416 26.31 -1.77 -12.48
C GLU G 416 27.76 -1.94 -12.07
N LYS G 417 28.00 -2.77 -11.05
CA LYS G 417 29.34 -3.04 -10.55
C LYS G 417 30.09 -4.06 -11.42
N SER G 418 29.37 -5.01 -12.05
CA SER G 418 29.97 -6.03 -12.91
C SER G 418 28.99 -6.37 -14.04
N PRO G 419 29.04 -5.62 -15.15
CA PRO G 419 28.12 -5.89 -16.27
C PRO G 419 28.21 -7.31 -16.86
N ASP G 420 29.39 -7.92 -16.82
CA ASP G 420 29.58 -9.28 -17.34
C ASP G 420 28.86 -10.35 -16.53
N THR G 421 28.37 -10.01 -15.33
CA THR G 421 27.69 -10.98 -14.48
C THR G 421 26.32 -11.36 -15.03
N GLU G 422 26.07 -12.66 -15.15
CA GLU G 422 24.83 -13.20 -15.66
C GLU G 422 23.92 -13.43 -14.46
N ILE G 423 22.72 -12.84 -14.46
CA ILE G 423 21.80 -13.01 -13.33
C ILE G 423 20.47 -13.57 -13.77
N ASP G 424 20.04 -14.66 -13.10
CA ASP G 424 18.76 -15.31 -13.38
C ASP G 424 17.91 -15.29 -12.13
N ILE G 425 16.65 -14.85 -12.26
CA ILE G 425 15.73 -14.81 -11.13
C ILE G 425 14.69 -15.90 -11.32
N TYR G 426 14.60 -16.84 -10.35
CA TYR G 426 13.64 -17.94 -10.40
C TYR G 426 12.42 -17.50 -9.62
N TYR G 427 11.30 -17.26 -10.32
CA TYR G 427 10.08 -16.75 -9.71
C TYR G 427 8.80 -17.49 -10.13
N MET G 428 7.67 -17.08 -9.50
CA MET G 428 6.31 -17.60 -9.75
C MET G 428 5.50 -16.43 -10.29
N ASP G 429 5.51 -15.31 -9.54
CA ASP G 429 4.85 -14.06 -9.92
C ASP G 429 5.77 -12.92 -9.58
N ILE G 430 5.88 -11.94 -10.47
CA ILE G 430 6.70 -10.78 -10.21
C ILE G 430 5.73 -9.77 -9.67
N ARG G 431 5.88 -9.41 -8.41
CA ARG G 431 4.98 -8.47 -7.77
C ARG G 431 5.61 -7.10 -7.63
N ALA G 432 5.42 -6.32 -8.71
CA ALA G 432 5.88 -4.95 -8.89
C ALA G 432 4.56 -4.21 -9.01
N PHE G 433 3.90 -4.09 -7.87
CA PHE G 433 2.56 -3.54 -7.70
C PHE G 433 2.39 -2.06 -7.36
N SER G 434 3.43 -1.32 -7.02
CA SER G 434 3.26 0.09 -6.66
C SER G 434 3.88 1.06 -7.65
N LYS G 435 3.76 2.36 -7.36
CA LYS G 435 4.28 3.41 -8.22
C LYS G 435 5.74 3.22 -8.59
N GLY G 436 5.99 3.13 -9.89
CA GLY G 436 7.33 2.93 -10.43
C GLY G 436 7.86 1.52 -10.30
N TYR G 437 7.09 0.59 -9.71
CA TYR G 437 7.57 -0.79 -9.54
C TYR G 437 7.57 -1.56 -10.86
N GLU G 438 6.45 -1.56 -11.59
CA GLU G 438 6.38 -2.28 -12.87
C GLU G 438 7.44 -1.69 -13.80
N GLU G 439 7.63 -0.36 -13.72
CA GLU G 439 8.63 0.34 -14.53
C GLU G 439 10.03 -0.17 -14.15
N PHE G 440 10.28 -0.37 -12.85
CA PHE G 440 11.54 -0.88 -12.31
C PHE G 440 11.80 -2.30 -12.83
N TYR G 441 10.73 -3.09 -12.90
CA TYR G 441 10.76 -4.47 -13.38
C TYR G 441 11.11 -4.46 -14.88
N GLU G 442 10.43 -3.60 -15.66
CA GLU G 442 10.67 -3.47 -17.10
C GLU G 442 12.14 -3.12 -17.34
N ARG G 443 12.65 -2.18 -16.55
CA ARG G 443 14.01 -1.66 -16.59
C ARG G 443 15.08 -2.73 -16.33
N SER G 444 14.86 -3.56 -15.31
CA SER G 444 15.79 -4.62 -14.95
C SER G 444 16.08 -5.53 -16.13
N ALA G 445 15.06 -5.83 -16.92
CA ALA G 445 15.18 -6.70 -18.08
C ALA G 445 15.66 -5.96 -19.33
N LYS G 446 15.04 -4.82 -19.69
CA LYS G 446 15.41 -4.08 -20.89
C LYS G 446 16.75 -3.35 -20.78
N GLN G 447 17.02 -2.70 -19.65
CA GLN G 447 18.26 -1.97 -19.46
C GLN G 447 19.42 -2.82 -18.96
N TYR G 448 19.21 -3.59 -17.88
CA TYR G 448 20.27 -4.40 -17.28
C TYR G 448 20.39 -5.84 -17.79
N GLY G 449 19.44 -6.31 -18.58
CA GLY G 449 19.51 -7.67 -19.11
C GLY G 449 19.41 -8.74 -18.05
N ILE G 450 18.64 -8.49 -16.99
CA ILE G 450 18.45 -9.47 -15.93
C ILE G 450 17.44 -10.44 -16.48
N LYS G 451 17.72 -11.75 -16.34
CA LYS G 451 16.83 -12.77 -16.87
C LYS G 451 15.88 -13.31 -15.81
N PHE G 452 14.68 -13.72 -16.24
CA PHE G 452 13.67 -14.24 -15.36
C PHE G 452 13.23 -15.63 -15.80
N MET G 453 13.15 -16.58 -14.85
CA MET G 453 12.74 -17.96 -15.12
C MET G 453 11.49 -18.22 -14.33
N ARG G 454 10.36 -18.54 -14.98
CA ARG G 454 9.17 -18.81 -14.20
C ARG G 454 9.23 -20.24 -13.76
N GLY G 455 9.65 -20.45 -12.53
CA GLY G 455 9.76 -21.78 -11.98
C GLY G 455 10.31 -21.78 -10.59
N ARG G 456 9.52 -22.22 -9.62
CA ARG G 456 10.00 -22.25 -8.26
C ARG G 456 10.96 -23.43 -8.19
N PRO G 457 12.25 -23.20 -7.90
CA PRO G 457 13.20 -24.31 -7.86
C PRO G 457 12.85 -25.43 -6.90
N SER G 458 13.18 -26.64 -7.31
CA SER G 458 12.94 -27.84 -6.55
C SER G 458 14.08 -28.08 -5.57
N GLN G 459 15.33 -27.84 -5.99
CA GLN G 459 16.48 -28.03 -5.12
C GLN G 459 17.74 -27.38 -5.67
N VAL G 460 18.72 -27.20 -4.78
CA VAL G 460 20.01 -26.64 -5.11
C VAL G 460 21.00 -27.75 -4.77
N ILE G 461 22.00 -28.00 -5.64
CA ILE G 461 22.99 -29.06 -5.40
C ILE G 461 24.37 -28.48 -5.57
N GLU G 462 25.21 -28.65 -4.55
CA GLU G 462 26.57 -28.14 -4.57
C GLU G 462 27.54 -29.14 -5.14
N ASP G 463 28.54 -28.63 -5.85
CA ASP G 463 29.60 -29.45 -6.41
C ASP G 463 30.62 -29.36 -5.29
N PRO G 464 30.92 -30.46 -4.59
CA PRO G 464 31.88 -30.36 -3.46
C PRO G 464 33.29 -29.97 -3.83
N GLU G 465 33.63 -30.14 -5.06
CA GLU G 465 34.96 -29.82 -5.51
C GLU G 465 35.17 -28.36 -5.87
N THR G 466 34.16 -27.70 -6.49
CA THR G 466 34.29 -26.29 -6.88
C THR G 466 33.59 -25.33 -5.94
N GLY G 467 32.49 -25.77 -5.35
CA GLY G 467 31.69 -24.93 -4.47
C GLY G 467 30.54 -24.34 -5.26
N ASN G 468 30.50 -24.62 -6.58
CA ASN G 468 29.44 -24.11 -7.46
C ASN G 468 28.17 -24.81 -7.17
N LEU G 469 27.06 -24.13 -7.43
CA LEU G 469 25.75 -24.66 -7.18
C LEU G 469 24.98 -24.85 -8.45
N VAL G 470 24.07 -25.82 -8.43
CA VAL G 470 23.22 -26.15 -9.55
C VAL G 470 21.81 -25.95 -9.09
N VAL G 471 20.99 -25.24 -9.87
CA VAL G 471 19.60 -24.99 -9.51
C VAL G 471 18.73 -25.87 -10.37
N ARG G 472 17.92 -26.73 -9.73
CA ARG G 472 17.01 -27.61 -10.46
C ARG G 472 15.66 -26.97 -10.43
N ALA G 473 15.10 -26.71 -11.61
CA ALA G 473 13.83 -26.05 -11.71
C ALA G 473 13.23 -26.26 -13.07
N GLU G 474 11.92 -26.12 -13.17
CA GLU G 474 11.23 -26.28 -14.44
C GLU G 474 10.99 -24.91 -15.02
N ASP G 475 11.34 -24.73 -16.29
CA ASP G 475 11.08 -23.47 -16.96
C ASP G 475 9.63 -23.68 -17.35
N THR G 476 8.69 -23.25 -16.50
CA THR G 476 7.27 -23.47 -16.78
C THR G 476 6.80 -22.86 -18.09
N LEU G 477 7.47 -21.80 -18.57
CA LEU G 477 7.07 -21.18 -19.82
C LEU G 477 7.56 -21.95 -21.05
N LEU G 478 8.30 -23.05 -20.86
CA LEU G 478 8.78 -23.91 -21.94
C LEU G 478 8.40 -25.37 -21.71
N GLY G 479 8.00 -25.71 -20.50
CA GLY G 479 7.64 -27.08 -20.17
C GLY G 479 8.86 -27.97 -20.22
N GLU G 480 10.02 -27.43 -19.77
CA GLU G 480 11.29 -28.16 -19.77
C GLU G 480 12.01 -27.96 -18.45
N ILE G 481 12.82 -28.95 -18.05
CA ILE G 481 13.57 -28.90 -16.81
C ILE G 481 14.95 -28.30 -17.04
N LEU G 482 15.30 -27.29 -16.23
CA LEU G 482 16.59 -26.62 -16.32
C LEU G 482 17.47 -27.10 -15.20
N GLU G 483 18.77 -27.13 -15.44
CA GLU G 483 19.75 -27.55 -14.45
C GLU G 483 20.97 -26.67 -14.68
N LYS G 484 20.79 -25.34 -14.48
CA LYS G 484 21.83 -24.33 -14.68
C LYS G 484 22.78 -24.22 -13.50
N GLU G 485 24.07 -24.06 -13.81
CA GLU G 485 25.12 -23.92 -12.80
C GLU G 485 25.35 -22.45 -12.45
N TYR G 486 25.67 -22.17 -11.18
CA TYR G 486 25.92 -20.82 -10.71
C TYR G 486 27.09 -20.77 -9.76
N ASP G 487 27.67 -19.58 -9.63
CA ASP G 487 28.79 -19.36 -8.75
C ASP G 487 28.30 -18.94 -7.37
N LEU G 488 27.07 -18.38 -7.30
CA LEU G 488 26.47 -17.94 -6.03
C LEU G 488 24.96 -18.03 -6.15
N VAL G 489 24.28 -18.53 -5.11
CA VAL G 489 22.81 -18.63 -5.11
C VAL G 489 22.32 -17.71 -4.01
N VAL G 490 21.37 -16.82 -4.33
CA VAL G 490 20.82 -15.90 -3.36
C VAL G 490 19.39 -16.28 -3.09
N LEU G 491 19.06 -16.46 -1.82
CA LEU G 491 17.71 -16.84 -1.44
C LEU G 491 16.97 -15.61 -0.99
N SER G 492 15.89 -15.27 -1.70
CA SER G 492 15.09 -14.11 -1.37
C SER G 492 14.18 -14.47 -0.21
N VAL G 493 14.74 -14.41 0.99
CA VAL G 493 14.06 -14.74 2.23
C VAL G 493 12.93 -13.78 2.54
N GLY G 494 11.83 -14.33 3.05
CA GLY G 494 10.67 -13.54 3.42
C GLY G 494 10.86 -12.84 4.74
N MET G 495 9.79 -12.20 5.22
CA MET G 495 9.81 -11.47 6.48
C MET G 495 9.03 -12.26 7.51
N VAL G 496 9.53 -12.30 8.75
CA VAL G 496 8.87 -12.98 9.85
C VAL G 496 8.90 -11.99 11.01
N PRO G 497 8.07 -12.15 12.05
CA PRO G 497 8.11 -11.19 13.16
C PRO G 497 9.47 -11.22 13.85
N THR G 498 9.89 -10.08 14.44
CA THR G 498 11.18 -10.03 15.12
C THR G 498 11.13 -10.93 16.35
N LYS G 499 12.28 -11.46 16.76
CA LYS G 499 12.37 -12.37 17.92
C LYS G 499 11.71 -11.82 19.19
N SER G 500 11.90 -10.53 19.49
CA SER G 500 11.31 -9.92 20.70
C SER G 500 9.78 -9.75 20.64
N ALA G 501 9.16 -9.90 19.46
CA ALA G 501 7.70 -9.74 19.29
C ALA G 501 6.89 -10.43 20.39
N ASP G 502 7.30 -11.62 20.82
CA ASP G 502 6.60 -12.36 21.88
C ASP G 502 6.60 -11.55 23.18
N GLU G 503 7.77 -10.98 23.55
CA GLU G 503 7.93 -10.19 24.77
C GLU G 503 7.11 -8.90 24.70
N VAL G 504 7.09 -8.25 23.53
CA VAL G 504 6.35 -6.99 23.34
C VAL G 504 4.85 -7.23 23.35
N GLN G 505 4.40 -8.34 22.78
CA GLN G 505 2.98 -8.69 22.71
C GLN G 505 2.42 -8.80 24.13
N LYS G 506 3.14 -9.51 24.99
CA LYS G 506 2.77 -9.73 26.38
C LYS G 506 2.78 -8.44 27.20
N ILE G 507 3.68 -7.50 26.87
CA ILE G 507 3.77 -6.23 27.58
C ILE G 507 2.65 -5.28 27.17
N LEU G 508 2.32 -5.21 25.88
CA LEU G 508 1.27 -4.30 25.41
C LEU G 508 -0.13 -4.87 25.43
N GLY G 509 -0.25 -6.19 25.35
CA GLY G 509 -1.56 -6.82 25.35
C GLY G 509 -2.23 -6.67 24.01
N ILE G 510 -1.49 -7.01 22.95
CA ILE G 510 -1.98 -6.92 21.60
C ILE G 510 -2.03 -8.29 20.99
N SER G 511 -2.75 -8.42 19.90
CA SER G 511 -2.91 -9.71 19.25
C SER G 511 -2.14 -9.82 17.97
N ARG G 512 -2.10 -11.04 17.45
CA ARG G 512 -1.39 -11.35 16.22
C ARG G 512 -2.32 -11.95 15.21
N THR G 513 -2.08 -11.63 13.93
CA THR G 513 -2.87 -12.15 12.83
C THR G 513 -2.32 -13.53 12.47
N PRO G 514 -2.94 -14.28 11.56
CA PRO G 514 -2.43 -15.61 11.21
C PRO G 514 -0.97 -15.63 10.74
N ASP G 515 -0.50 -14.54 10.12
CA ASP G 515 0.89 -14.44 9.63
C ASP G 515 1.88 -14.17 10.79
N GLN G 516 1.38 -14.16 12.05
CA GLN G 516 2.19 -13.92 13.25
C GLN G 516 2.60 -12.47 13.46
N PHE G 517 2.21 -11.57 12.56
CA PHE G 517 2.55 -10.17 12.73
C PHE G 517 1.46 -9.56 13.60
N PHE G 518 1.66 -8.35 14.11
CA PHE G 518 0.65 -7.74 14.97
C PHE G 518 -0.63 -7.43 14.23
N MET G 519 -1.75 -7.55 14.95
CA MET G 519 -3.10 -7.35 14.43
C MET G 519 -3.65 -5.95 14.58
N GLU G 520 -4.06 -5.39 13.44
CA GLU G 520 -4.66 -4.07 13.38
C GLU G 520 -6.14 -4.15 13.76
N ALA G 521 -6.71 -3.05 14.29
CA ALA G 521 -8.10 -3.00 14.73
C ALA G 521 -9.02 -3.47 13.61
N HIS G 522 -8.83 -2.94 12.41
CA HIS G 522 -9.60 -3.33 11.24
C HIS G 522 -8.72 -3.11 10.03
N PRO G 523 -8.61 -4.10 9.14
CA PRO G 523 -7.74 -3.94 7.97
C PRO G 523 -7.98 -2.74 7.08
N LYS G 524 -9.25 -2.51 6.75
CA LYS G 524 -9.64 -1.46 5.83
C LYS G 524 -9.72 -0.06 6.41
N LEU G 525 -10.39 0.09 7.57
CA LEU G 525 -10.61 1.42 8.15
C LEU G 525 -9.73 1.85 9.34
N ARG G 526 -9.10 0.92 10.08
CA ARG G 526 -8.21 1.33 11.16
C ARG G 526 -6.91 0.53 10.96
N PRO G 527 -6.16 0.84 9.89
CA PRO G 527 -4.92 0.08 9.61
C PRO G 527 -3.76 0.23 10.59
N VAL G 528 -3.75 1.24 11.47
CA VAL G 528 -2.64 1.38 12.41
C VAL G 528 -3.07 1.33 13.87
N ASP G 529 -4.38 1.25 14.13
CA ASP G 529 -4.85 1.17 15.50
C ASP G 529 -4.90 -0.30 15.88
N THR G 530 -4.92 -0.61 17.18
CA THR G 530 -5.05 -2.00 17.63
C THR G 530 -6.32 -2.01 18.42
N ALA G 531 -6.87 -3.19 18.70
CA ALA G 531 -8.10 -3.26 19.47
C ALA G 531 -7.89 -2.73 20.91
N THR G 532 -6.62 -2.65 21.36
CA THR G 532 -6.24 -2.15 22.67
C THR G 532 -6.15 -0.63 22.53
N ASP G 533 -7.06 0.12 23.18
CA ASP G 533 -7.06 1.57 23.09
C ASP G 533 -5.73 2.20 23.51
N GLY G 534 -5.29 3.20 22.75
CA GLY G 534 -4.05 3.92 23.01
C GLY G 534 -2.81 3.20 22.57
N VAL G 535 -2.96 2.06 21.86
CA VAL G 535 -1.83 1.29 21.38
C VAL G 535 -2.00 1.17 19.88
N TYR G 536 -0.98 1.63 19.14
CA TYR G 536 -0.97 1.67 17.68
C TYR G 536 0.22 0.93 17.12
N LEU G 537 0.22 0.69 15.79
CA LEU G 537 1.30 -0.01 15.09
C LEU G 537 1.85 0.82 13.95
N ALA G 538 3.12 0.58 13.60
CA ALA G 538 3.74 1.27 12.47
C ALA G 538 4.87 0.46 11.91
N GLY G 539 4.82 0.19 10.60
CA GLY G 539 5.88 -0.56 9.93
C GLY G 539 5.65 -2.03 9.77
N ALA G 540 6.75 -2.76 9.54
CA ALA G 540 6.79 -4.20 9.30
C ALA G 540 6.30 -5.09 10.44
N CYS G 541 6.17 -4.59 11.69
CA CYS G 541 5.69 -5.47 12.76
C CYS G 541 4.19 -5.72 12.57
N GLN G 542 3.52 -4.90 11.76
CA GLN G 542 2.10 -5.03 11.47
C GLN G 542 1.90 -5.93 10.25
N GLY G 543 2.95 -6.13 9.45
CA GLY G 543 2.87 -6.97 8.26
C GLY G 543 3.95 -6.63 7.26
N PRO G 544 4.37 -7.60 6.42
CA PRO G 544 5.42 -7.32 5.44
C PRO G 544 5.11 -6.16 4.53
N LYS G 545 6.02 -5.20 4.45
CA LYS G 545 5.84 -4.03 3.60
C LYS G 545 7.16 -3.33 3.39
N ASP G 546 7.20 -2.42 2.41
CA ASP G 546 8.41 -1.69 2.07
C ASP G 546 8.55 -0.35 2.80
N ILE G 547 9.66 0.36 2.56
CA ILE G 547 9.94 1.65 3.19
C ILE G 547 8.83 2.69 2.89
N PRO G 548 8.43 2.91 1.63
CA PRO G 548 7.35 3.90 1.36
C PRO G 548 6.13 3.71 2.28
N ALA G 549 5.64 2.47 2.40
CA ALA G 549 4.49 2.11 3.23
C ALA G 549 4.77 2.24 4.73
N SER G 550 5.97 1.88 5.17
CA SER G 550 6.35 1.93 6.57
C SER G 550 6.43 3.37 7.06
N VAL G 551 6.93 4.27 6.20
CA VAL G 551 7.05 5.68 6.53
C VAL G 551 5.63 6.27 6.60
N ALA G 552 4.75 5.86 5.67
CA ALA G 552 3.36 6.30 5.63
C ALA G 552 2.64 5.84 6.89
N GLN G 553 2.92 4.61 7.35
CA GLN G 553 2.29 4.09 8.56
C GLN G 553 2.79 4.82 9.77
N GLY G 554 4.08 5.18 9.77
CA GLY G 554 4.66 5.91 10.87
C GLY G 554 3.93 7.23 11.04
N SER G 555 3.67 7.91 9.90
CA SER G 555 2.96 9.18 9.90
C SER G 555 1.50 8.95 10.30
N ALA G 556 0.88 7.88 9.79
CA ALA G 556 -0.50 7.56 10.11
C ALA G 556 -0.65 7.29 11.61
N ALA G 557 0.27 6.50 12.18
CA ALA G 557 0.24 6.18 13.61
C ALA G 557 0.37 7.45 14.44
N ALA G 558 1.21 8.39 14.00
CA ALA G 558 1.40 9.66 14.71
C ALA G 558 0.09 10.43 14.76
N SER G 559 -0.69 10.41 13.65
CA SER G 559 -1.96 11.11 13.59
C SER G 559 -2.95 10.46 14.53
N ARG G 560 -3.11 9.15 14.39
CA ARG G 560 -4.03 8.40 15.23
C ARG G 560 -3.65 8.52 16.70
N ALA G 561 -2.37 8.37 17.02
CA ALA G 561 -1.90 8.50 18.40
C ALA G 561 -2.01 9.94 18.92
N ALA G 562 -2.04 10.96 18.04
CA ALA G 562 -2.16 12.36 18.48
C ALA G 562 -3.60 12.76 18.79
N ILE G 563 -4.59 11.97 18.35
CA ILE G 563 -5.99 12.29 18.62
C ILE G 563 -6.28 12.32 20.13
N PRO G 564 -6.00 11.25 20.89
CA PRO G 564 -6.25 11.30 22.34
C PRO G 564 -5.42 12.38 23.02
N LEU G 565 -4.16 12.55 22.58
CA LEU G 565 -3.27 13.55 23.15
C LEU G 565 -3.83 14.95 22.94
N ALA G 566 -4.30 15.25 21.72
CA ALA G 566 -4.87 16.56 21.40
C ALA G 566 -6.17 16.82 22.17
N LYS G 567 -7.03 15.79 22.27
CA LYS G 567 -8.30 15.92 23.00
C LYS G 567 -8.04 16.11 24.49
N GLY G 568 -7.03 15.39 25.00
CA GLY G 568 -6.65 15.45 26.41
C GLY G 568 -7.64 14.73 27.29
N GLU G 569 -8.57 13.98 26.69
CA GLU G 569 -9.59 13.25 27.42
C GLU G 569 -10.15 12.17 26.53
N VAL G 570 -10.31 10.97 27.06
CA VAL G 570 -10.85 9.88 26.26
C VAL G 570 -11.88 9.17 27.11
N GLU G 571 -12.76 8.42 26.46
CA GLU G 571 -13.81 7.68 27.12
C GLU G 571 -13.49 6.20 27.10
N VAL G 572 -14.03 5.45 28.06
CA VAL G 572 -13.83 4.01 28.15
C VAL G 572 -15.18 3.33 28.31
N GLU G 573 -15.36 2.16 27.67
CA GLU G 573 -16.60 1.37 27.76
C GLU G 573 -16.96 1.06 29.22
N PRO G 574 -18.24 1.19 29.67
CA PRO G 574 -18.50 0.87 31.08
C PRO G 574 -18.95 -0.58 31.31
N ILE G 575 -18.64 -1.51 30.37
CA ILE G 575 -19.01 -2.92 30.52
C ILE G 575 -17.97 -3.53 31.48
N ILE G 576 -17.86 -2.93 32.69
CA ILE G 576 -16.89 -3.31 33.72
C ILE G 576 -17.47 -3.95 34.96
N ALA G 577 -16.57 -4.51 35.80
CA ALA G 577 -16.92 -5.18 37.03
C ALA G 577 -16.99 -4.25 38.23
N SER G 578 -17.87 -4.57 39.18
CA SER G 578 -18.04 -3.80 40.41
C SER G 578 -18.62 -4.71 41.47
N VAL G 579 -18.26 -4.46 42.73
CA VAL G 579 -18.70 -5.28 43.85
C VAL G 579 -19.88 -4.71 44.62
N ASP G 580 -20.87 -5.58 44.94
CA ASP G 580 -22.00 -5.16 45.74
C ASP G 580 -21.49 -5.38 47.17
N ALA G 581 -21.13 -4.28 47.84
CA ALA G 581 -20.58 -4.34 49.20
C ALA G 581 -21.50 -5.01 50.22
N GLU G 582 -22.83 -4.94 50.01
CA GLU G 582 -23.78 -5.55 50.94
C GLU G 582 -23.74 -7.08 50.85
N ILE G 583 -23.20 -7.65 49.75
CA ILE G 583 -23.11 -9.10 49.56
C ILE G 583 -21.67 -9.63 49.73
N CYS G 584 -20.65 -8.83 49.38
CA CYS G 584 -19.27 -9.29 49.52
C CYS G 584 -18.81 -9.41 50.97
N GLY G 585 -18.36 -10.61 51.33
CA GLY G 585 -17.87 -10.89 52.68
C GLY G 585 -16.36 -10.96 52.70
N GLY G 586 -15.72 -10.48 51.62
CA GLY G 586 -14.27 -10.45 51.46
C GLY G 586 -13.60 -11.80 51.42
N CYS G 587 -14.12 -12.74 50.61
CA CYS G 587 -13.52 -14.07 50.52
C CYS G 587 -12.15 -14.09 49.81
N GLY G 588 -11.84 -13.07 49.02
CA GLY G 588 -10.56 -12.93 48.33
C GLY G 588 -10.32 -13.79 47.10
N VAL G 589 -11.35 -14.43 46.54
CA VAL G 589 -11.16 -15.26 45.36
C VAL G 589 -10.90 -14.44 44.07
N CYS G 590 -11.58 -13.30 43.94
CA CYS G 590 -11.49 -12.41 42.77
C CYS G 590 -10.14 -11.73 42.55
N VAL G 591 -9.48 -11.33 43.62
CA VAL G 591 -8.21 -10.60 43.55
C VAL G 591 -7.20 -11.11 42.51
N LYS G 592 -6.70 -12.34 42.68
CA LYS G 592 -5.70 -12.91 41.77
C LYS G 592 -6.21 -13.29 40.36
N GLN G 593 -7.51 -13.23 40.10
CA GLN G 593 -8.05 -13.60 38.78
C GLN G 593 -7.82 -12.51 37.73
N CYS G 594 -7.78 -11.24 38.14
CA CYS G 594 -7.61 -10.12 37.22
C CYS G 594 -6.15 -9.90 36.82
N PRO G 595 -5.81 -10.04 35.53
CA PRO G 595 -4.42 -9.80 35.10
C PRO G 595 -3.97 -8.33 35.21
N TYR G 596 -4.92 -7.42 35.48
CA TYR G 596 -4.64 -5.99 35.61
C TYR G 596 -4.71 -5.50 37.07
N GLY G 597 -4.96 -6.43 38.00
CA GLY G 597 -5.04 -6.12 39.43
C GLY G 597 -6.10 -5.11 39.83
N ALA G 598 -7.26 -5.10 39.15
CA ALA G 598 -8.33 -4.14 39.49
C ALA G 598 -9.05 -4.54 40.80
N PRO G 599 -9.52 -5.79 40.97
CA PRO G 599 -10.21 -6.15 42.23
C PRO G 599 -9.23 -6.19 43.41
N ARG G 600 -9.49 -5.39 44.47
CA ARG G 600 -8.61 -5.35 45.63
C ARG G 600 -9.39 -5.41 46.93
N LEU G 601 -8.83 -6.07 47.95
CA LEU G 601 -9.48 -6.17 49.25
C LEU G 601 -9.27 -4.88 50.00
N VAL G 602 -10.30 -4.43 50.72
CA VAL G 602 -10.22 -3.19 51.48
C VAL G 602 -11.09 -3.23 52.73
N GLU G 603 -10.79 -2.33 53.68
CA GLU G 603 -11.53 -2.18 54.92
C GLU G 603 -12.59 -1.11 54.71
N LYS G 604 -13.85 -1.42 55.00
CA LYS G 604 -14.94 -0.46 54.84
C LYS G 604 -15.91 -0.66 55.99
N ASP G 605 -16.15 0.42 56.75
CA ASP G 605 -17.02 0.45 57.93
C ASP G 605 -16.73 -0.70 58.92
N GLY G 606 -15.43 -0.87 59.22
CA GLY G 606 -14.94 -1.87 60.15
C GLY G 606 -14.79 -3.29 59.63
N LYS G 607 -15.27 -3.57 58.39
CA LYS G 607 -15.23 -4.93 57.79
C LYS G 607 -14.44 -5.01 56.47
N VAL G 608 -14.02 -6.24 56.05
CA VAL G 608 -13.29 -6.42 54.80
C VAL G 608 -14.26 -6.75 53.66
N VAL G 609 -14.10 -6.03 52.54
CA VAL G 609 -14.93 -6.19 51.36
C VAL G 609 -14.03 -5.96 50.13
N ALA G 610 -14.42 -6.45 48.95
CA ALA G 610 -13.60 -6.24 47.75
C ALA G 610 -14.08 -5.00 47.03
N GLU G 611 -13.20 -4.36 46.26
CA GLU G 611 -13.53 -3.15 45.52
C GLU G 611 -12.75 -3.10 44.21
N VAL G 612 -13.45 -3.05 43.08
CA VAL G 612 -12.79 -2.99 41.77
C VAL G 612 -12.38 -1.57 41.47
N ILE G 613 -11.13 -1.38 40.98
CA ILE G 613 -10.64 -0.06 40.60
C ILE G 613 -11.08 0.02 39.14
N SER G 614 -12.26 0.63 38.91
CA SER G 614 -12.90 0.78 37.61
C SER G 614 -11.98 1.02 36.40
N ALA G 615 -11.01 1.91 36.54
CA ALA G 615 -10.09 2.26 35.47
C ALA G 615 -9.19 1.10 35.01
N LEU G 616 -8.87 0.16 35.90
CA LEU G 616 -8.01 -0.96 35.57
C LEU G 616 -8.79 -2.14 34.97
N CYS G 617 -10.13 -2.10 35.05
CA CYS G 617 -10.94 -3.18 34.52
C CYS G 617 -11.15 -3.01 33.02
N LYS G 618 -10.78 -4.03 32.24
CA LYS G 618 -10.91 -3.99 30.79
C LYS G 618 -12.25 -4.57 30.34
N GLY G 619 -12.99 -5.22 31.25
CA GLY G 619 -14.29 -5.80 30.97
C GLY G 619 -14.28 -7.21 30.40
N CYS G 620 -13.52 -8.14 31.00
CA CYS G 620 -13.49 -9.52 30.52
C CYS G 620 -14.64 -10.35 31.08
N GLY G 621 -14.94 -10.17 32.37
CA GLY G 621 -16.00 -10.89 33.05
C GLY G 621 -15.53 -12.16 33.72
N THR G 622 -14.21 -12.32 33.91
CA THR G 622 -13.65 -13.50 34.55
C THR G 622 -13.89 -13.52 36.06
N CYS G 623 -13.55 -12.44 36.77
CA CYS G 623 -13.74 -12.45 38.22
C CYS G 623 -15.22 -12.50 38.63
N PRO G 624 -16.18 -11.84 37.94
CA PRO G 624 -17.58 -12.00 38.36
C PRO G 624 -18.02 -13.46 38.16
N ALA G 625 -17.53 -14.10 37.08
CA ALA G 625 -17.85 -15.49 36.80
C ALA G 625 -17.29 -16.40 37.92
N GLY G 626 -16.16 -16.01 38.49
CA GLY G 626 -15.51 -16.76 39.56
C GLY G 626 -15.99 -16.39 40.96
N CYS G 627 -16.79 -15.32 41.11
CA CYS G 627 -17.28 -14.88 42.42
C CYS G 627 -18.35 -15.82 42.99
N PRO G 628 -18.05 -16.47 44.13
CA PRO G 628 -19.02 -17.41 44.71
C PRO G 628 -20.22 -16.79 45.45
N SER G 629 -20.19 -15.48 45.74
CA SER G 629 -21.29 -14.82 46.44
C SER G 629 -22.23 -14.10 45.48
N GLY G 630 -21.78 -13.85 44.26
CA GLY G 630 -22.58 -13.16 43.26
C GLY G 630 -22.55 -11.66 43.47
N ALA G 631 -21.69 -11.19 44.40
CA ALA G 631 -21.53 -9.78 44.72
C ALA G 631 -20.86 -9.05 43.58
N LEU G 632 -19.98 -9.74 42.84
CA LEU G 632 -19.27 -9.15 41.72
C LEU G 632 -20.04 -9.37 40.45
N GLU G 633 -20.26 -8.31 39.66
CA GLU G 633 -21.00 -8.42 38.41
C GLU G 633 -20.37 -7.53 37.37
N GLN G 634 -20.41 -7.97 36.11
CA GLN G 634 -19.90 -7.20 34.99
C GLN G 634 -21.09 -6.55 34.39
N ASP G 635 -21.15 -5.23 34.39
CA ASP G 635 -22.29 -4.55 33.82
C ASP G 635 -22.40 -4.93 32.36
N HIS G 636 -23.65 -5.20 31.91
CA HIS G 636 -23.95 -5.59 30.55
C HIS G 636 -23.79 -7.11 30.29
N PHE G 637 -23.21 -7.85 31.26
CA PHE G 637 -23.04 -9.30 31.13
C PHE G 637 -23.21 -9.87 32.52
N LYS G 638 -24.29 -9.47 33.19
CA LYS G 638 -24.60 -9.93 34.53
C LYS G 638 -25.09 -11.35 34.44
N THR G 639 -24.84 -12.15 35.48
CA THR G 639 -25.27 -13.53 35.48
C THR G 639 -26.76 -13.64 35.19
N ILE G 640 -27.59 -12.80 35.84
CA ILE G 640 -29.03 -12.83 35.61
C ILE G 640 -29.35 -12.50 34.14
N GLN G 641 -28.64 -11.52 33.55
CA GLN G 641 -28.84 -11.13 32.14
C GLN G 641 -28.54 -12.34 31.24
N LEU G 642 -27.42 -13.05 31.48
CA LEU G 642 -27.04 -14.22 30.71
C LEU G 642 -27.98 -15.39 30.99
N PHE G 643 -28.49 -15.51 32.23
CA PHE G 643 -29.41 -16.59 32.58
C PHE G 643 -30.67 -16.48 31.76
N LYS G 644 -31.21 -15.26 31.64
CA LYS G 644 -32.42 -15.02 30.86
C LYS G 644 -32.16 -15.30 29.40
N GLN G 645 -30.96 -14.99 28.92
CA GLN G 645 -30.60 -15.23 27.54
C GLN G 645 -30.61 -16.73 27.25
N ILE G 646 -30.14 -17.54 28.20
CA ILE G 646 -30.13 -19.00 28.04
C ILE G 646 -31.57 -19.52 28.02
N GLU G 647 -32.46 -18.98 28.89
CA GLU G 647 -33.87 -19.40 28.94
C GLU G 647 -34.56 -19.06 27.62
N GLY G 648 -34.21 -17.90 27.05
CA GLY G 648 -34.76 -17.40 25.80
C GLY G 648 -34.68 -18.34 24.62
N MET G 649 -33.65 -19.19 24.57
CA MET G 649 -33.49 -20.14 23.47
C MET G 649 -34.62 -21.17 23.47
N PHE G 650 -35.11 -21.51 24.64
CA PHE G 650 -36.16 -22.51 24.80
C PHE G 650 -37.54 -21.94 25.08
N ARG G 651 -37.62 -20.81 25.80
CA ARG G 651 -38.93 -20.23 26.13
C ARG G 651 -38.87 -18.73 26.33
N ASP G 652 -40.04 -18.08 26.47
CA ASP G 652 -40.09 -16.65 26.70
C ASP G 652 -39.95 -16.40 28.18
N THR G 653 -39.19 -15.37 28.55
CA THR G 653 -38.94 -15.03 29.95
C THR G 653 -39.97 -14.02 30.45
N MET H 1 -2.46 15.93 -59.43
CA MET H 1 -1.53 15.11 -58.68
C MET H 1 -0.64 14.38 -59.65
N LYS H 2 0.66 14.40 -59.39
CA LYS H 2 1.64 13.74 -60.24
C LYS H 2 2.41 12.77 -59.34
N TYR H 3 2.48 11.49 -59.73
CA TYR H 3 3.18 10.48 -58.92
C TYR H 3 3.91 9.47 -59.78
N ALA H 4 5.12 9.05 -59.33
CA ALA H 4 5.90 8.04 -60.05
C ALA H 4 5.19 6.74 -59.72
N PHE H 5 4.64 6.08 -60.73
CA PHE H 5 3.89 4.85 -60.51
C PHE H 5 4.78 3.62 -60.40
N PHE H 6 5.02 3.15 -59.15
CA PHE H 6 5.84 1.96 -58.92
C PHE H 6 4.95 0.79 -59.33
N LEU H 7 5.48 -0.13 -60.14
CA LEU H 7 4.69 -1.26 -60.63
C LEU H 7 4.85 -2.55 -59.85
N GLY H 8 6.04 -2.81 -59.32
CA GLY H 8 6.28 -4.04 -58.59
C GLY H 8 6.68 -5.16 -59.52
N CYS H 9 6.16 -6.37 -59.29
CA CYS H 9 6.48 -7.54 -60.11
C CYS H 9 5.25 -8.24 -60.66
N ILE H 10 4.40 -8.73 -59.75
CA ILE H 10 3.20 -9.48 -60.06
C ILE H 10 2.19 -8.73 -60.93
N MET H 11 1.91 -7.46 -60.63
CA MET H 11 0.95 -6.71 -61.44
C MET H 11 1.45 -6.55 -62.89
N PRO H 12 2.63 -5.95 -63.13
CA PRO H 12 3.07 -5.79 -64.52
C PRO H 12 3.44 -7.06 -65.28
N ASN H 13 3.91 -8.10 -64.60
CA ASN H 13 4.33 -9.31 -65.29
C ASN H 13 3.35 -10.50 -65.23
N ARG H 14 2.31 -10.45 -64.39
CA ARG H 14 1.34 -11.56 -64.30
C ARG H 14 -0.08 -11.02 -64.46
N TYR H 15 -0.60 -10.33 -63.44
CA TYR H 15 -1.94 -9.77 -63.50
C TYR H 15 -1.85 -8.35 -64.06
N ALA H 16 -1.51 -8.25 -65.34
CA ALA H 16 -1.35 -6.98 -66.04
C ALA H 16 -2.65 -6.17 -66.13
N GLY H 17 -3.80 -6.83 -66.02
CA GLY H 17 -5.09 -6.16 -66.07
C GLY H 17 -5.25 -5.17 -64.94
N VAL H 18 -4.56 -5.40 -63.82
CA VAL H 18 -4.62 -4.51 -62.66
C VAL H 18 -3.90 -3.22 -63.04
N GLU H 19 -2.80 -3.32 -63.79
CA GLU H 19 -2.05 -2.14 -64.23
C GLU H 19 -2.96 -1.29 -65.12
N ALA H 20 -3.53 -1.89 -66.18
CA ALA H 20 -4.43 -1.19 -67.10
C ALA H 20 -5.58 -0.56 -66.36
N ALA H 21 -6.18 -1.31 -65.44
CA ALA H 21 -7.30 -0.84 -64.63
C ALA H 21 -6.90 0.38 -63.81
N THR H 22 -5.72 0.35 -63.20
CA THR H 22 -5.23 1.45 -62.39
C THR H 22 -5.01 2.71 -63.21
N ARG H 23 -4.29 2.57 -64.34
CA ARG H 23 -3.98 3.71 -65.20
C ARG H 23 -5.21 4.52 -65.61
N THR H 24 -6.29 3.86 -66.02
CA THR H 24 -7.49 4.58 -66.41
C THR H 24 -8.21 5.12 -65.19
N VAL H 25 -8.42 4.27 -64.17
CA VAL H 25 -9.10 4.69 -62.93
C VAL H 25 -8.43 5.94 -62.34
N MET H 26 -7.10 5.94 -62.23
CA MET H 26 -6.37 7.07 -61.67
C MET H 26 -6.45 8.29 -62.61
N GLU H 27 -6.47 8.06 -63.93
CA GLU H 27 -6.58 9.15 -64.91
C GLU H 27 -7.96 9.79 -64.75
N LYS H 28 -9.00 8.96 -64.52
CA LYS H 28 -10.37 9.45 -64.34
C LYS H 28 -10.47 10.28 -63.05
N LEU H 29 -9.65 9.98 -62.04
CA LEU H 29 -9.64 10.71 -60.78
C LEU H 29 -8.72 11.94 -60.80
N GLY H 30 -7.99 12.13 -61.91
CA GLY H 30 -7.10 13.27 -62.07
C GLY H 30 -5.69 13.07 -61.54
N VAL H 31 -5.12 11.87 -61.70
CA VAL H 31 -3.77 11.59 -61.22
C VAL H 31 -2.86 11.27 -62.40
N GLU H 32 -1.79 12.05 -62.57
CA GLU H 32 -0.84 11.83 -63.66
C GLU H 32 0.18 10.80 -63.19
N LEU H 33 0.12 9.60 -63.79
CA LEU H 33 1.04 8.53 -63.42
C LEU H 33 2.26 8.53 -64.35
N VAL H 34 3.45 8.88 -63.82
CA VAL H 34 4.67 8.91 -64.62
C VAL H 34 5.51 7.66 -64.43
N ASP H 35 6.19 7.22 -65.50
CA ASP H 35 7.01 6.02 -65.46
C ASP H 35 8.28 6.14 -64.63
N MET H 36 8.45 5.21 -63.68
CA MET H 36 9.60 5.12 -62.79
C MET H 36 10.52 4.14 -63.51
N THR H 37 11.18 4.62 -64.57
CA THR H 37 12.05 3.82 -65.41
C THR H 37 13.18 3.10 -64.67
N GLY H 38 13.29 1.80 -64.97
CA GLY H 38 14.32 0.94 -64.41
C GLY H 38 14.05 0.45 -63.00
N ALA H 39 12.84 0.68 -62.46
CA ALA H 39 12.52 0.22 -61.11
C ALA H 39 12.51 -1.31 -61.08
N SER H 40 13.00 -1.88 -59.98
CA SER H 40 13.10 -3.33 -59.77
C SER H 40 12.10 -3.82 -58.73
N CYS H 41 12.30 -5.06 -58.20
CA CYS H 41 11.44 -5.61 -57.15
C CYS H 41 11.57 -4.58 -56.03
N CYS H 42 10.54 -4.35 -55.21
CA CYS H 42 10.64 -3.32 -54.17
C CYS H 42 11.94 -3.32 -53.31
N PRO H 43 12.52 -4.43 -52.82
CA PRO H 43 12.11 -5.84 -52.98
C PRO H 43 11.17 -6.34 -51.92
N ALA H 44 10.44 -7.42 -52.25
CA ALA H 44 9.49 -8.07 -51.35
C ALA H 44 10.01 -7.90 -49.92
N PRO H 45 9.30 -7.14 -49.05
CA PRO H 45 9.82 -6.88 -47.69
C PRO H 45 9.91 -8.05 -46.74
N GLY H 46 8.92 -8.91 -46.75
CA GLY H 46 8.91 -10.06 -45.87
C GLY H 46 9.92 -11.09 -46.31
N VAL H 47 9.96 -11.38 -47.61
CA VAL H 47 10.89 -12.36 -48.16
C VAL H 47 12.35 -11.88 -48.05
N PHE H 48 12.68 -10.75 -48.69
CA PHE H 48 14.05 -10.21 -48.66
C PHE H 48 14.50 -9.70 -47.30
N GLY H 49 13.61 -9.06 -46.56
CA GLY H 49 13.94 -8.55 -45.24
C GLY H 49 14.33 -9.67 -44.30
N SER H 50 13.82 -10.88 -44.56
CA SER H 50 14.11 -12.06 -43.76
C SER H 50 15.49 -12.65 -44.11
N PHE H 51 15.92 -12.45 -45.36
CA PHE H 51 17.20 -12.95 -45.85
C PHE H 51 18.34 -12.05 -45.41
N ASP H 52 18.19 -10.74 -45.57
CA ASP H 52 19.21 -9.78 -45.17
C ASP H 52 18.58 -8.41 -45.17
N GLN H 53 18.42 -7.83 -43.98
CA GLN H 53 17.81 -6.51 -43.83
C GLN H 53 18.58 -5.46 -44.62
N LYS H 54 19.91 -5.53 -44.60
CA LYS H 54 20.76 -4.58 -45.31
C LYS H 54 20.48 -4.62 -46.81
N THR H 55 20.23 -5.81 -47.37
CA THR H 55 19.96 -5.94 -48.79
C THR H 55 18.57 -5.38 -49.09
N TRP H 56 17.61 -5.62 -48.23
CA TRP H 56 16.26 -5.13 -48.44
C TRP H 56 16.22 -3.60 -48.53
N LEU H 57 16.83 -2.91 -47.55
CA LEU H 57 16.85 -1.46 -47.50
C LEU H 57 17.66 -0.82 -48.62
N THR H 58 18.87 -1.34 -48.89
CA THR H 58 19.72 -0.79 -49.95
C THR H 58 18.99 -0.81 -51.30
N LEU H 59 18.42 -1.96 -51.68
CA LEU H 59 17.70 -2.08 -52.94
C LEU H 59 16.42 -1.24 -52.94
N ALA H 60 15.76 -1.08 -51.79
CA ALA H 60 14.55 -0.27 -51.71
C ALA H 60 14.94 1.19 -51.92
N ALA H 61 16.02 1.64 -51.26
CA ALA H 61 16.51 3.01 -51.40
C ALA H 61 16.87 3.29 -52.86
N ARG H 62 17.47 2.31 -53.55
CA ARG H 62 17.84 2.44 -54.95
C ARG H 62 16.59 2.78 -55.76
N ASN H 63 15.44 2.17 -55.42
CA ASN H 63 14.18 2.46 -56.11
C ASN H 63 13.70 3.84 -55.68
N LEU H 64 13.78 4.16 -54.37
CA LEU H 64 13.36 5.47 -53.88
C LEU H 64 14.14 6.56 -54.64
N CYS H 65 15.44 6.32 -54.89
CA CYS H 65 16.29 7.27 -55.61
C CYS H 65 15.76 7.58 -57.01
N ILE H 66 15.14 6.60 -57.71
CA ILE H 66 14.61 6.82 -59.05
C ILE H 66 13.56 7.93 -59.03
N ALA H 67 12.62 7.86 -58.09
CA ALA H 67 11.57 8.87 -57.97
C ALA H 67 12.15 10.19 -57.47
N GLU H 68 13.15 10.14 -56.58
CA GLU H 68 13.79 11.36 -56.04
C GLU H 68 14.46 12.12 -57.18
N GLU H 69 15.16 11.39 -58.06
CA GLU H 69 15.83 11.99 -59.21
C GLU H 69 14.78 12.65 -60.11
N MET H 70 13.57 12.04 -60.20
CA MET H 70 12.47 12.56 -61.00
C MET H 70 11.80 13.77 -60.33
N GLY H 71 12.11 14.03 -59.06
CA GLY H 71 11.54 15.14 -58.31
C GLY H 71 10.06 14.96 -58.03
N VAL H 72 9.62 13.72 -57.78
CA VAL H 72 8.21 13.41 -57.50
C VAL H 72 8.09 12.33 -56.43
N ASP H 73 6.88 12.14 -55.89
CA ASP H 73 6.60 11.12 -54.86
C ASP H 73 6.11 9.83 -55.54
N ILE H 74 6.09 8.70 -54.80
CA ILE H 74 5.66 7.42 -55.35
C ILE H 74 4.22 7.02 -54.98
N VAL H 75 3.57 6.27 -55.89
CA VAL H 75 2.23 5.72 -55.69
C VAL H 75 2.31 4.25 -56.07
N THR H 76 1.61 3.39 -55.33
CA THR H 76 1.62 1.96 -55.60
C THR H 76 0.28 1.36 -55.29
N VAL H 77 -0.05 0.27 -55.97
CA VAL H 77 -1.31 -0.43 -55.76
C VAL H 77 -1.06 -1.77 -55.09
N CYS H 78 0.17 -1.98 -54.59
CA CYS H 78 0.52 -3.21 -53.91
C CYS H 78 0.90 -2.92 -52.48
N ASN H 79 0.35 -3.70 -51.54
CA ASN H 79 0.64 -3.54 -50.12
C ASN H 79 2.08 -3.91 -49.86
N GLY H 80 2.54 -4.95 -50.55
CA GLY H 80 3.89 -5.45 -50.42
C GLY H 80 4.91 -4.40 -50.76
N CYS H 81 4.73 -3.79 -51.93
CA CYS H 81 5.61 -2.75 -52.40
C CYS H 81 5.42 -1.48 -51.56
N TYR H 82 4.18 -1.20 -51.13
CA TYR H 82 3.90 -0.03 -50.30
C TYR H 82 4.65 -0.15 -49.00
N GLY H 83 4.48 -1.27 -48.33
CA GLY H 83 5.14 -1.53 -47.06
C GLY H 83 6.65 -1.45 -47.16
N SER H 84 7.22 -2.12 -48.17
CA SER H 84 8.67 -2.14 -48.39
C SER H 84 9.27 -0.78 -48.66
N LEU H 85 8.67 0.00 -49.57
CA LEU H 85 9.21 1.32 -49.88
C LEU H 85 8.87 2.34 -48.80
N PHE H 86 7.67 2.25 -48.20
CA PHE H 86 7.27 3.18 -47.16
C PHE H 86 8.15 2.99 -45.92
N GLU H 87 8.28 1.74 -45.45
CA GLU H 87 9.12 1.45 -44.28
C GLU H 87 10.57 1.84 -44.56
N ALA H 88 11.04 1.62 -45.80
CA ALA H 88 12.40 1.97 -46.17
C ALA H 88 12.58 3.48 -46.05
N ALA H 89 11.65 4.26 -46.62
CA ALA H 89 11.70 5.71 -46.58
C ALA H 89 11.70 6.22 -45.13
N HIS H 90 10.81 5.69 -44.29
CA HIS H 90 10.75 6.12 -42.89
C HIS H 90 12.05 5.84 -42.14
N LEU H 91 12.61 4.62 -42.32
CA LEU H 91 13.85 4.18 -41.67
C LEU H 91 15.04 5.05 -42.07
N LEU H 92 15.09 5.46 -43.33
CA LEU H 92 16.18 6.29 -43.84
C LEU H 92 16.07 7.73 -43.29
N HIS H 93 14.84 8.21 -43.04
CA HIS H 93 14.62 9.56 -42.50
C HIS H 93 14.92 9.55 -40.99
N ASP H 94 14.43 8.52 -40.28
CA ASP H 94 14.58 8.39 -38.84
C ASP H 94 15.94 7.85 -38.35
N ASN H 95 16.59 6.96 -39.10
CA ASN H 95 17.88 6.38 -38.66
C ASN H 95 19.04 6.86 -39.54
N LYS H 96 19.96 7.69 -38.99
CA LYS H 96 21.09 8.20 -39.78
C LYS H 96 22.15 7.12 -40.00
N GLU H 97 22.34 6.20 -39.04
CA GLU H 97 23.31 5.12 -39.18
C GLU H 97 22.92 4.25 -40.39
N ALA H 98 21.61 3.98 -40.53
CA ALA H 98 21.08 3.16 -41.64
C ALA H 98 21.24 3.93 -42.94
N LEU H 99 20.92 5.22 -42.93
CA LEU H 99 21.03 6.07 -44.11
C LEU H 99 22.48 6.10 -44.56
N ASN H 100 23.42 6.31 -43.63
CA ASN H 100 24.84 6.34 -43.92
C ASN H 100 25.32 5.04 -44.55
N PHE H 101 24.85 3.90 -44.02
CA PHE H 101 25.23 2.59 -44.55
C PHE H 101 24.77 2.44 -45.98
N VAL H 102 23.49 2.72 -46.22
CA VAL H 102 22.85 2.63 -47.53
C VAL H 102 23.46 3.57 -48.55
N ASN H 103 23.73 4.83 -48.18
CA ASN H 103 24.33 5.77 -49.12
C ASN H 103 25.77 5.39 -49.45
N GLU H 104 26.47 4.68 -48.53
CA GLU H 104 27.85 4.26 -48.77
C GLU H 104 27.82 3.15 -49.83
N LYS H 105 26.70 2.40 -49.91
CA LYS H 105 26.52 1.33 -50.88
C LYS H 105 26.04 1.95 -52.19
N LEU H 106 25.08 2.89 -52.11
CA LEU H 106 24.55 3.57 -53.30
C LEU H 106 25.62 4.42 -54.00
N ASP H 107 26.68 4.83 -53.28
CA ASP H 107 27.75 5.63 -53.88
C ASP H 107 28.48 4.81 -54.95
N LYS H 108 28.52 3.48 -54.77
CA LYS H 108 29.17 2.56 -55.72
C LYS H 108 28.43 2.54 -57.07
N VAL H 109 27.13 2.92 -57.11
CA VAL H 109 26.36 2.95 -58.35
C VAL H 109 26.01 4.40 -58.74
N GLY H 110 26.65 5.36 -58.08
CA GLY H 110 26.45 6.79 -58.33
C GLY H 110 25.09 7.30 -57.92
N LYS H 111 24.61 6.91 -56.73
CA LYS H 111 23.31 7.33 -56.22
C LYS H 111 23.42 7.84 -54.79
N GLU H 112 22.42 8.59 -54.33
CA GLU H 112 22.40 9.13 -52.98
C GLU H 112 20.98 9.55 -52.60
N TYR H 113 20.38 8.86 -51.62
CA TYR H 113 19.03 9.20 -51.18
C TYR H 113 19.07 10.40 -50.22
N LYS H 114 18.22 11.40 -50.46
CA LYS H 114 18.16 12.64 -49.68
C LYS H 114 16.88 12.80 -48.81
N GLY H 115 16.03 11.76 -48.74
CA GLY H 115 14.81 11.78 -47.92
C GLY H 115 13.62 12.60 -48.39
N ASN H 116 13.54 12.98 -49.67
CA ASN H 116 12.41 13.79 -50.16
C ASN H 116 11.26 12.97 -50.72
N VAL H 117 11.39 11.64 -50.80
CA VAL H 117 10.33 10.81 -51.36
C VAL H 117 9.29 10.38 -50.36
N LYS H 118 8.01 10.54 -50.74
CA LYS H 118 6.87 10.13 -49.93
C LYS H 118 6.29 8.95 -50.68
N VAL H 119 5.93 7.90 -49.97
CA VAL H 119 5.37 6.71 -50.59
C VAL H 119 3.89 6.71 -50.26
N ARG H 120 3.03 6.49 -51.27
CA ARG H 120 1.59 6.49 -51.06
C ARG H 120 0.96 5.24 -51.58
N HIS H 121 -0.10 4.80 -50.92
CA HIS H 121 -0.87 3.65 -51.33
C HIS H 121 -2.06 4.26 -52.04
N PHE H 122 -2.45 3.76 -53.21
CA PHE H 122 -3.56 4.36 -53.95
C PHE H 122 -4.89 4.39 -53.21
N ALA H 123 -5.19 3.38 -52.38
CA ALA H 123 -6.45 3.35 -51.65
C ALA H 123 -6.52 4.49 -50.60
N GLU H 124 -5.43 4.76 -49.89
CA GLU H 124 -5.43 5.84 -48.89
C GLU H 124 -5.26 7.18 -49.60
N LEU H 125 -4.64 7.19 -50.79
CA LEU H 125 -4.47 8.41 -51.56
C LEU H 125 -5.86 8.83 -52.04
N ILE H 126 -6.66 7.85 -52.46
CA ILE H 126 -8.03 8.07 -52.92
C ILE H 126 -8.87 8.58 -51.76
N TYR H 127 -8.68 7.99 -50.58
CA TYR H 127 -9.41 8.35 -49.38
C TYR H 127 -9.04 9.71 -48.77
N ASN H 128 -7.73 10.01 -48.63
CA ASN H 128 -7.29 11.26 -48.01
C ASN H 128 -7.05 12.45 -48.94
N ASP H 129 -6.61 12.24 -50.20
CA ASP H 129 -6.32 13.37 -51.11
C ASP H 129 -7.37 13.62 -52.19
N ILE H 130 -8.00 12.57 -52.73
CA ILE H 130 -9.00 12.73 -53.79
C ILE H 130 -10.40 12.85 -53.20
N GLY H 131 -10.80 11.84 -52.43
CA GLY H 131 -12.10 11.79 -51.80
C GLY H 131 -12.96 10.68 -52.35
N VAL H 132 -13.69 9.98 -51.48
CA VAL H 132 -14.57 8.88 -51.87
C VAL H 132 -15.72 9.42 -52.74
N ASP H 133 -16.14 10.68 -52.51
CA ASP H 133 -17.22 11.31 -53.27
C ASP H 133 -16.91 11.27 -54.77
N LYS H 134 -15.63 11.44 -55.15
CA LYS H 134 -15.20 11.42 -56.56
C LYS H 134 -15.35 10.03 -57.19
N ILE H 135 -15.27 8.96 -56.39
CA ILE H 135 -15.40 7.60 -56.92
C ILE H 135 -16.83 7.43 -57.44
N ALA H 136 -17.83 7.75 -56.59
CA ALA H 136 -19.26 7.65 -56.95
C ALA H 136 -19.62 8.53 -58.15
N GLU H 137 -19.02 9.73 -58.27
CA GLU H 137 -19.29 10.65 -59.39
C GLU H 137 -18.91 10.04 -60.74
N LYS H 138 -17.92 9.14 -60.73
CA LYS H 138 -17.42 8.51 -61.95
C LYS H 138 -18.00 7.09 -62.16
N VAL H 139 -18.93 6.62 -61.30
CA VAL H 139 -19.51 5.28 -61.45
C VAL H 139 -20.50 5.26 -62.62
N GLU H 140 -20.15 4.51 -63.68
CA GLU H 140 -20.96 4.36 -64.88
C GLU H 140 -21.85 3.12 -64.73
N ARG H 141 -21.29 2.05 -64.14
CA ARG H 141 -21.98 0.78 -63.94
C ARG H 141 -21.98 0.44 -62.44
N PRO H 142 -23.05 0.76 -61.69
CA PRO H 142 -23.06 0.43 -60.25
C PRO H 142 -22.97 -1.07 -60.01
N LEU H 143 -22.03 -1.49 -59.16
CA LEU H 143 -21.81 -2.90 -58.87
C LEU H 143 -22.57 -3.32 -57.61
N ASN H 144 -23.83 -3.71 -57.78
CA ASN H 144 -24.66 -4.13 -56.65
C ASN H 144 -24.45 -5.61 -56.35
N ILE H 145 -23.36 -5.89 -55.63
CA ILE H 145 -22.95 -7.24 -55.22
C ILE H 145 -22.27 -7.18 -53.86
N ASN H 146 -22.13 -8.34 -53.20
CA ASN H 146 -21.49 -8.42 -51.88
C ASN H 146 -20.01 -8.69 -52.03
N VAL H 147 -19.18 -7.92 -51.30
CA VAL H 147 -17.74 -8.04 -51.38
C VAL H 147 -17.06 -8.41 -50.07
N GLY H 148 -16.19 -9.40 -50.12
CA GLY H 148 -15.40 -9.83 -48.98
C GLY H 148 -14.15 -9.01 -49.03
N VAL H 149 -14.14 -7.87 -48.32
CA VAL H 149 -12.99 -6.97 -48.35
C VAL H 149 -11.79 -7.49 -47.60
N HIS H 150 -10.65 -7.64 -48.30
CA HIS H 150 -9.42 -8.11 -47.71
C HIS H 150 -8.43 -6.94 -47.71
N TYR H 151 -8.16 -6.36 -46.53
CA TYR H 151 -7.25 -5.22 -46.41
C TYR H 151 -5.80 -5.61 -46.54
N GLY H 152 -5.46 -6.84 -46.17
CA GLY H 152 -4.07 -7.28 -46.20
C GLY H 152 -3.41 -6.78 -44.94
N CYS H 153 -2.14 -7.10 -44.72
CA CYS H 153 -1.45 -6.67 -43.50
C CYS H 153 -0.56 -5.46 -43.70
N HIS H 154 0.18 -5.40 -44.80
CA HIS H 154 1.10 -4.30 -45.06
C HIS H 154 0.44 -3.00 -45.54
N PHE H 155 -0.89 -2.94 -45.58
CA PHE H 155 -1.56 -1.72 -46.01
C PHE H 155 -1.62 -0.72 -44.82
N LEU H 156 -2.21 -1.13 -43.69
CA LEU H 156 -2.34 -0.27 -42.50
C LEU H 156 -1.27 -0.48 -41.44
N LYS H 157 -0.62 -1.65 -41.41
CA LYS H 157 0.38 -1.92 -40.40
C LYS H 157 1.79 -1.78 -40.97
N PRO H 158 2.78 -1.36 -40.16
CA PRO H 158 2.70 -0.99 -38.74
C PRO H 158 2.11 0.42 -38.60
N THR H 159 1.07 0.55 -37.78
CA THR H 159 0.39 1.83 -37.55
C THR H 159 1.28 2.94 -36.99
N ASP H 160 2.31 2.57 -36.21
CA ASP H 160 3.19 3.57 -35.61
C ASP H 160 3.90 4.44 -36.65
N VAL H 161 4.05 3.94 -37.89
CA VAL H 161 4.69 4.71 -38.97
C VAL H 161 3.70 5.01 -40.09
N LYS H 162 2.70 4.13 -40.32
CA LYS H 162 1.73 4.36 -41.39
C LYS H 162 0.79 5.52 -41.10
N HIS H 163 0.26 5.59 -39.86
CA HIS H 163 -0.66 6.65 -39.45
C HIS H 163 -1.89 6.72 -40.36
N LEU H 164 -2.47 5.56 -40.69
CA LEU H 164 -3.66 5.44 -41.54
C LEU H 164 -4.84 4.99 -40.68
N GLY H 165 -4.77 5.27 -39.38
CA GLY H 165 -5.83 4.91 -38.45
C GLY H 165 -5.77 3.50 -37.94
N SER H 166 -6.91 3.02 -37.44
CA SER H 166 -7.05 1.68 -36.88
C SER H 166 -6.81 0.54 -37.85
N ALA H 167 -6.05 -0.45 -37.38
CA ALA H 167 -5.74 -1.66 -38.13
C ALA H 167 -6.70 -2.76 -37.67
N GLU H 168 -7.37 -2.55 -36.51
CA GLU H 168 -8.32 -3.52 -35.94
C GLU H 168 -9.71 -3.36 -36.52
N ARG H 169 -10.18 -2.10 -36.65
CA ARG H 169 -11.51 -1.82 -37.18
C ARG H 169 -11.48 -0.70 -38.22
N PRO H 170 -10.87 -0.96 -39.39
CA PRO H 170 -10.80 0.08 -40.42
C PRO H 170 -12.07 0.19 -41.27
N VAL H 171 -12.26 1.35 -41.89
CA VAL H 171 -13.42 1.65 -42.76
C VAL H 171 -12.97 2.05 -44.18
N MET H 172 -11.75 2.61 -44.30
CA MET H 172 -11.12 3.07 -45.54
C MET H 172 -11.52 2.30 -46.81
N LEU H 173 -11.20 1.00 -46.91
CA LEU H 173 -11.53 0.21 -48.10
C LEU H 173 -13.00 -0.05 -48.22
N ASP H 174 -13.66 -0.30 -47.11
CA ASP H 174 -15.09 -0.58 -47.11
C ASP H 174 -15.86 0.58 -47.71
N GLU H 175 -15.47 1.81 -47.37
CA GLU H 175 -16.12 3.00 -47.89
C GLU H 175 -15.82 3.20 -49.38
N ILE H 176 -14.62 2.79 -49.84
CA ILE H 176 -14.23 2.92 -51.24
C ILE H 176 -15.00 1.90 -52.09
N VAL H 177 -15.12 0.63 -51.62
CA VAL H 177 -15.85 -0.38 -52.39
C VAL H 177 -17.34 -0.07 -52.38
N GLU H 178 -17.88 0.39 -51.24
CA GLU H 178 -19.30 0.72 -51.13
C GLU H 178 -19.71 1.88 -52.05
N ALA H 179 -18.76 2.76 -52.39
CA ALA H 179 -19.02 3.90 -53.28
C ALA H 179 -19.36 3.44 -54.70
N THR H 180 -19.02 2.19 -55.06
CA THR H 180 -19.30 1.63 -56.39
C THR H 180 -20.71 1.04 -56.45
N GLY H 181 -21.42 1.07 -55.31
CA GLY H 181 -22.76 0.52 -55.21
C GLY H 181 -22.76 -0.85 -54.58
N ALA H 182 -21.57 -1.35 -54.19
CA ALA H 182 -21.40 -2.66 -53.58
C ALA H 182 -21.64 -2.63 -52.08
N LYS H 183 -21.55 -3.80 -51.43
CA LYS H 183 -21.75 -3.92 -49.99
C LYS H 183 -20.59 -4.72 -49.39
N SER H 184 -19.85 -4.10 -48.46
CA SER H 184 -18.74 -4.79 -47.81
C SER H 184 -19.35 -5.65 -46.71
N VAL H 185 -19.41 -6.97 -46.92
CA VAL H 185 -20.01 -7.85 -45.91
C VAL H 185 -19.10 -8.10 -44.73
N PRO H 186 -19.63 -8.02 -43.49
CA PRO H 186 -18.79 -8.30 -42.33
C PRO H 186 -18.57 -9.79 -42.20
N TYR H 187 -17.32 -10.25 -42.04
CA TYR H 187 -17.04 -11.67 -41.91
C TYR H 187 -16.05 -11.94 -40.78
N ALA H 188 -15.99 -13.20 -40.33
CA ALA H 188 -15.11 -13.64 -39.24
C ALA H 188 -13.64 -13.41 -39.50
N ASP H 189 -12.92 -12.90 -38.47
CA ASP H 189 -11.48 -12.62 -38.54
C ASP H 189 -11.13 -11.88 -39.82
N LYS H 190 -11.89 -10.81 -40.09
CA LYS H 190 -11.74 -9.97 -41.28
C LYS H 190 -10.32 -9.43 -41.46
N MET H 191 -9.70 -8.96 -40.39
CA MET H 191 -8.37 -8.38 -40.47
C MET H 191 -7.23 -9.41 -40.44
N MET H 192 -7.55 -10.72 -40.51
CA MET H 192 -6.53 -11.75 -40.50
C MET H 192 -5.75 -11.81 -41.82
N CYS H 193 -4.50 -12.29 -41.73
CA CYS H 193 -3.59 -12.43 -42.87
C CYS H 193 -4.08 -13.48 -43.87
N CYS H 194 -3.79 -13.29 -45.17
CA CYS H 194 -4.19 -14.23 -46.20
C CYS H 194 -3.33 -15.51 -46.10
N GLY H 195 -2.12 -15.37 -45.54
CA GLY H 195 -1.20 -16.48 -45.35
C GLY H 195 0.02 -16.51 -46.26
N ALA H 196 0.06 -15.66 -47.30
CA ALA H 196 1.18 -15.64 -48.27
C ALA H 196 2.43 -14.87 -47.83
N GLY H 197 2.26 -13.81 -47.03
CA GLY H 197 3.35 -12.96 -46.58
C GLY H 197 4.55 -13.63 -45.94
N GLY H 198 5.60 -12.81 -45.73
CA GLY H 198 6.85 -13.23 -45.10
C GLY H 198 7.54 -14.43 -45.70
N GLY H 199 7.31 -14.70 -46.98
CA GLY H 199 7.92 -15.84 -47.66
C GLY H 199 7.25 -17.14 -47.33
N VAL H 200 6.07 -17.10 -46.70
CA VAL H 200 5.36 -18.31 -46.32
C VAL H 200 4.78 -19.01 -47.55
N ARG H 201 4.24 -18.28 -48.53
CA ARG H 201 3.67 -18.91 -49.72
C ARG H 201 4.70 -19.83 -50.40
N ALA H 202 5.93 -19.35 -50.56
CA ALA H 202 7.01 -20.09 -51.23
C ALA H 202 7.59 -21.26 -50.42
N ARG H 203 7.95 -21.03 -49.15
CA ARG H 203 8.56 -22.06 -48.31
C ARG H 203 7.52 -23.00 -47.63
N GLU H 204 6.40 -22.45 -47.14
CA GLU H 204 5.35 -23.26 -46.48
C GLU H 204 4.01 -23.05 -47.18
N LEU H 205 3.87 -23.62 -48.39
CA LEU H 205 2.66 -23.48 -49.20
C LEU H 205 1.38 -24.01 -48.52
N GLU H 206 1.35 -25.29 -48.07
CA GLU H 206 0.13 -25.81 -47.43
C GLU H 206 -0.33 -24.95 -46.24
N LEU H 207 0.60 -24.42 -45.44
CA LEU H 207 0.27 -23.56 -44.29
C LEU H 207 -0.38 -22.26 -44.79
N SER H 208 0.13 -21.69 -45.89
CA SER H 208 -0.42 -20.46 -46.44
C SER H 208 -1.84 -20.69 -46.94
N LEU H 209 -2.05 -21.80 -47.64
CA LEU H 209 -3.33 -22.18 -48.20
C LEU H 209 -4.39 -22.41 -47.12
N ASP H 210 -3.97 -22.94 -45.95
CA ASP H 210 -4.87 -23.19 -44.84
C ASP H 210 -5.49 -21.86 -44.36
N MET H 211 -4.68 -20.81 -44.27
CA MET H 211 -5.16 -19.49 -43.84
C MET H 211 -6.05 -18.86 -44.91
N THR H 212 -5.67 -18.99 -46.19
CA THR H 212 -6.45 -18.44 -47.31
C THR H 212 -7.84 -19.09 -47.32
N ASN H 213 -7.86 -20.42 -47.15
CA ASN H 213 -9.09 -21.21 -47.13
C ASN H 213 -10.01 -20.73 -46.00
N GLU H 214 -9.45 -20.46 -44.80
CA GLU H 214 -10.24 -19.98 -43.67
C GLU H 214 -10.89 -18.67 -44.06
N LYS H 215 -10.12 -17.76 -44.68
CA LYS H 215 -10.64 -16.46 -45.11
C LYS H 215 -11.75 -16.62 -46.15
N ILE H 216 -11.56 -17.49 -47.16
CA ILE H 216 -12.58 -17.70 -48.20
C ILE H 216 -13.86 -18.27 -47.59
N GLU H 217 -13.72 -19.29 -46.73
CA GLU H 217 -14.87 -19.91 -46.05
C GLU H 217 -15.67 -18.86 -45.29
N ASN H 218 -14.98 -18.01 -44.53
CA ASN H 218 -15.61 -16.96 -43.73
C ASN H 218 -16.34 -15.96 -44.63
N MET H 219 -15.72 -15.57 -45.75
CA MET H 219 -16.35 -14.63 -46.68
C MET H 219 -17.59 -15.25 -47.30
N ILE H 220 -17.50 -16.53 -47.72
CA ILE H 220 -18.64 -17.23 -48.34
C ILE H 220 -19.78 -17.38 -47.32
N LYS H 221 -19.47 -17.66 -46.05
CA LYS H 221 -20.48 -17.80 -45.00
C LYS H 221 -21.16 -16.44 -44.75
N ALA H 222 -20.43 -15.32 -44.97
CA ALA H 222 -20.97 -13.97 -44.78
C ALA H 222 -21.84 -13.53 -45.96
N GLY H 223 -21.87 -14.32 -47.03
CA GLY H 223 -22.67 -14.05 -48.22
C GLY H 223 -21.97 -13.22 -49.28
N ALA H 224 -20.65 -13.33 -49.37
CA ALA H 224 -19.89 -12.56 -50.37
C ALA H 224 -20.00 -13.18 -51.75
N ASP H 225 -20.01 -12.34 -52.78
CA ASP H 225 -20.07 -12.79 -54.16
C ASP H 225 -18.64 -12.85 -54.70
N CYS H 226 -17.70 -12.14 -54.04
CA CYS H 226 -16.30 -12.10 -54.46
C CYS H 226 -15.44 -11.53 -53.33
N THR H 227 -14.14 -11.40 -53.59
CA THR H 227 -13.21 -10.82 -52.62
C THR H 227 -12.44 -9.72 -53.31
N VAL H 228 -12.25 -8.59 -52.62
CA VAL H 228 -11.53 -7.46 -53.18
C VAL H 228 -10.34 -7.18 -52.31
N ASN H 229 -9.18 -6.98 -52.95
CA ASN H 229 -7.93 -6.73 -52.27
C ASN H 229 -7.25 -5.50 -52.81
N VAL H 230 -6.13 -5.16 -52.20
CA VAL H 230 -5.29 -4.05 -52.61
C VAL H 230 -3.88 -4.59 -52.59
N CYS H 231 -3.69 -5.83 -53.09
CA CYS H 231 -2.37 -6.44 -53.07
C CYS H 231 -2.22 -7.60 -54.05
N PRO H 232 -1.41 -7.42 -55.11
CA PRO H 232 -1.17 -8.52 -56.06
C PRO H 232 -0.76 -9.85 -55.40
N PHE H 233 -0.07 -9.79 -54.24
CA PHE H 233 0.37 -11.00 -53.52
C PHE H 233 -0.87 -11.68 -52.96
N CYS H 234 -1.75 -10.90 -52.33
CA CYS H 234 -3.00 -11.40 -51.77
C CYS H 234 -3.83 -11.92 -52.93
N HIS H 235 -3.84 -11.14 -54.03
CA HIS H 235 -4.57 -11.49 -55.24
C HIS H 235 -4.17 -12.89 -55.73
N LEU H 236 -2.86 -13.12 -55.90
CA LEU H 236 -2.32 -14.41 -56.35
C LEU H 236 -2.69 -15.52 -55.35
N GLN H 237 -2.52 -15.26 -54.06
CA GLN H 237 -2.82 -16.24 -53.02
C GLN H 237 -4.29 -16.63 -53.06
N PHE H 238 -5.19 -15.66 -53.17
CA PHE H 238 -6.62 -15.95 -53.21
C PHE H 238 -7.00 -16.64 -54.53
N ASP H 239 -6.50 -16.12 -55.65
CA ASP H 239 -6.80 -16.67 -56.97
C ASP H 239 -6.10 -18.02 -57.27
N ARG H 240 -4.76 -18.04 -57.37
CA ARG H 240 -4.00 -19.27 -57.65
C ARG H 240 -4.11 -20.26 -56.50
N GLY H 241 -4.22 -19.75 -55.28
CA GLY H 241 -4.34 -20.58 -54.10
C GLY H 241 -5.57 -21.45 -54.11
N GLN H 242 -6.64 -21.01 -54.79
CA GLN H 242 -7.86 -21.82 -54.85
C GLN H 242 -7.61 -23.09 -55.66
N ILE H 243 -6.80 -22.99 -56.74
CA ILE H 243 -6.48 -24.16 -57.56
C ILE H 243 -5.66 -25.10 -56.66
N GLU H 244 -4.72 -24.54 -55.88
CA GLU H 244 -3.87 -25.30 -54.97
C GLU H 244 -4.69 -25.92 -53.85
N ILE H 245 -5.69 -25.19 -53.34
CA ILE H 245 -6.56 -25.68 -52.26
C ILE H 245 -7.38 -26.87 -52.79
N LYS H 246 -7.81 -26.79 -54.05
CA LYS H 246 -8.57 -27.86 -54.70
C LYS H 246 -7.65 -29.08 -54.90
N GLU H 247 -6.39 -28.85 -55.34
CA GLU H 247 -5.43 -29.93 -55.56
C GLU H 247 -4.84 -30.53 -54.25
N LYS H 248 -4.79 -29.74 -53.13
CA LYS H 248 -4.23 -30.22 -51.85
C LYS H 248 -5.27 -30.54 -50.76
N PHE H 249 -6.43 -29.89 -50.76
CA PHE H 249 -7.46 -30.15 -49.75
C PHE H 249 -8.72 -30.80 -50.34
N GLY H 250 -8.96 -30.58 -51.64
CA GLY H 250 -10.10 -31.14 -52.35
C GLY H 250 -11.29 -30.22 -52.25
N LYS H 251 -11.06 -28.99 -51.78
CA LYS H 251 -12.10 -27.99 -51.60
C LYS H 251 -12.21 -27.06 -52.79
N GLU H 252 -13.41 -27.00 -53.39
CA GLU H 252 -13.66 -26.14 -54.53
C GLU H 252 -14.65 -25.05 -54.12
N TYR H 253 -14.39 -23.81 -54.54
CA TYR H 253 -15.26 -22.67 -54.22
C TYR H 253 -15.59 -21.85 -55.46
N ASN H 254 -14.62 -21.68 -56.39
CA ASN H 254 -14.81 -20.89 -57.61
C ASN H 254 -15.29 -19.51 -57.20
N PHE H 255 -14.60 -18.94 -56.20
CA PHE H 255 -14.88 -17.65 -55.61
C PHE H 255 -14.11 -16.55 -56.34
N PRO H 256 -14.80 -15.68 -57.09
CA PRO H 256 -14.09 -14.62 -57.84
C PRO H 256 -13.22 -13.71 -56.98
N VAL H 257 -12.02 -13.40 -57.50
CA VAL H 257 -11.04 -12.56 -56.82
C VAL H 257 -10.79 -11.34 -57.69
N LEU H 258 -10.81 -10.14 -57.09
CA LEU H 258 -10.58 -8.90 -57.83
C LEU H 258 -9.67 -7.99 -57.04
N HIS H 259 -8.89 -7.19 -57.75
CA HIS H 259 -8.03 -6.21 -57.12
C HIS H 259 -8.90 -4.96 -57.14
N LEU H 260 -8.78 -4.09 -56.14
CA LEU H 260 -9.61 -2.89 -56.09
C LEU H 260 -9.61 -2.09 -57.40
N SER H 261 -8.46 -1.93 -58.05
CA SER H 261 -8.40 -1.19 -59.31
C SER H 261 -9.34 -1.85 -60.36
N GLN H 262 -9.41 -3.19 -60.39
CA GLN H 262 -10.28 -3.91 -61.32
C GLN H 262 -11.75 -3.66 -60.96
N LEU H 263 -12.07 -3.62 -59.66
CA LEU H 263 -13.42 -3.39 -59.17
C LEU H 263 -13.81 -1.95 -59.52
N LEU H 264 -12.91 -0.98 -59.27
CA LEU H 264 -13.18 0.43 -59.60
C LEU H 264 -13.28 0.62 -61.11
N GLY H 265 -12.57 -0.21 -61.88
CA GLY H 265 -12.59 -0.15 -63.34
C GLY H 265 -13.95 -0.55 -63.85
N LEU H 266 -14.49 -1.68 -63.34
CA LEU H 266 -15.82 -2.16 -63.72
C LEU H 266 -16.83 -1.08 -63.42
N ALA H 267 -16.75 -0.51 -62.21
CA ALA H 267 -17.62 0.55 -61.73
C ALA H 267 -17.59 1.75 -62.66
N MET H 268 -16.41 2.10 -63.19
CA MET H 268 -16.24 3.24 -64.09
C MET H 268 -16.52 2.89 -65.58
N GLY H 269 -17.24 1.80 -65.83
CA GLY H 269 -17.62 1.35 -67.16
C GLY H 269 -16.52 0.82 -68.06
N MET H 270 -15.50 0.17 -67.50
CA MET H 270 -14.42 -0.39 -68.33
C MET H 270 -14.82 -1.72 -68.93
N ASP H 271 -14.17 -2.08 -70.03
CA ASP H 271 -14.42 -3.34 -70.72
C ASP H 271 -13.78 -4.45 -69.88
N PRO H 272 -14.54 -5.50 -69.46
CA PRO H 272 -13.91 -6.57 -68.67
C PRO H 272 -12.69 -7.19 -69.35
N LYS H 273 -12.63 -7.14 -70.68
CA LYS H 273 -11.52 -7.68 -71.45
C LYS H 273 -10.24 -6.89 -71.11
N ASP H 274 -10.36 -5.57 -70.96
CA ASP H 274 -9.21 -4.71 -70.63
C ASP H 274 -8.73 -4.93 -69.17
N LEU H 275 -9.59 -5.48 -68.29
CA LEU H 275 -9.22 -5.75 -66.89
C LEU H 275 -8.52 -7.12 -66.77
N ALA H 276 -8.41 -7.86 -67.89
CA ALA H 276 -7.76 -9.18 -67.98
C ALA H 276 -8.22 -10.17 -66.92
N LEU H 277 -9.53 -10.39 -66.84
CA LEU H 277 -10.09 -11.35 -65.90
C LEU H 277 -9.89 -12.76 -66.47
N SER H 278 -9.62 -12.88 -67.79
CA SER H 278 -9.40 -14.16 -68.45
C SER H 278 -8.15 -14.89 -67.91
N VAL H 279 -7.12 -14.14 -67.48
CA VAL H 279 -5.90 -14.76 -66.95
C VAL H 279 -6.15 -15.27 -65.52
N HIS H 280 -7.18 -14.72 -64.83
CA HIS H 280 -7.49 -15.16 -63.47
C HIS H 280 -7.72 -16.66 -63.44
N GLN H 281 -7.04 -17.34 -62.51
CA GLN H 281 -7.13 -18.79 -62.32
C GLN H 281 -8.56 -19.21 -62.04
N ILE H 282 -9.28 -18.37 -61.28
CA ILE H 282 -10.66 -18.63 -60.93
C ILE H 282 -11.49 -17.71 -61.80
N SER H 283 -12.48 -18.27 -62.51
CA SER H 283 -13.31 -17.48 -63.41
C SER H 283 -14.08 -16.40 -62.68
N VAL H 284 -14.09 -15.20 -63.25
CA VAL H 284 -14.79 -14.05 -62.70
C VAL H 284 -16.16 -13.96 -63.38
N ASP H 285 -16.40 -14.83 -64.41
CA ASP H 285 -17.67 -14.86 -65.13
C ASP H 285 -18.88 -14.94 -64.19
N PRO H 286 -18.89 -15.79 -63.15
CA PRO H 286 -20.07 -15.81 -62.25
C PRO H 286 -20.36 -14.43 -61.67
N LEU H 287 -19.31 -13.67 -61.32
CA LEU H 287 -19.50 -12.33 -60.78
C LEU H 287 -19.97 -11.39 -61.89
N LEU H 288 -19.41 -11.53 -63.11
CA LEU H 288 -19.80 -10.69 -64.25
C LEU H 288 -21.28 -10.86 -64.58
N LYS H 289 -21.87 -12.04 -64.28
CA LYS H 289 -23.29 -12.29 -64.55
C LYS H 289 -24.11 -11.51 -63.52
N LYS H 290 -23.60 -11.42 -62.27
CA LYS H 290 -24.28 -10.71 -61.18
C LYS H 290 -24.25 -9.17 -61.39
N ILE H 291 -23.48 -8.66 -62.36
CA ILE H 291 -23.41 -7.22 -62.64
C ILE H 291 -23.60 -6.98 -64.13
N MET I 1 16.16 -31.78 -20.15
CA MET I 1 17.26 -31.35 -19.32
C MET I 1 18.08 -30.37 -20.08
N ILE I 2 18.02 -29.10 -19.67
CA ILE I 2 18.80 -28.06 -20.32
C ILE I 2 19.82 -27.63 -19.30
N TYR I 3 21.10 -27.79 -19.63
CA TYR I 3 22.19 -27.43 -18.75
C TYR I 3 22.79 -26.13 -19.25
N SER I 4 23.53 -25.44 -18.38
CA SER I 4 24.19 -24.18 -18.74
C SER I 4 25.09 -24.37 -19.97
N SER I 5 25.71 -25.56 -20.12
CA SER I 5 26.59 -25.87 -21.24
C SER I 5 25.87 -25.95 -22.59
N ASP I 6 24.54 -26.14 -22.59
CA ASP I 6 23.76 -26.22 -23.83
C ASP I 6 23.27 -24.83 -24.22
N LEU I 7 23.53 -23.80 -23.37
CA LEU I 7 23.08 -22.44 -23.63
C LEU I 7 24.17 -21.44 -24.05
N ASN I 8 23.72 -20.42 -24.78
CA ASN I 8 24.56 -19.34 -25.31
C ASN I 8 24.07 -18.05 -24.72
N LYS I 9 24.79 -17.55 -23.74
CA LYS I 9 24.43 -16.29 -23.08
C LYS I 9 24.33 -15.10 -24.05
N ASN I 10 25.20 -15.08 -25.05
CA ASN I 10 25.29 -14.01 -26.05
C ASN I 10 24.23 -14.04 -27.17
N LEU I 11 23.34 -15.04 -27.25
CA LEU I 11 22.34 -15.06 -28.33
C LEU I 11 21.55 -13.75 -28.47
N ALA I 12 21.01 -13.21 -27.37
CA ALA I 12 20.25 -11.95 -27.44
C ALA I 12 21.14 -10.83 -27.95
N SER I 13 22.38 -10.74 -27.44
CA SER I 13 23.34 -9.72 -27.87
C SER I 13 23.71 -9.89 -29.34
N GLN I 14 23.87 -11.15 -29.80
CA GLN I 14 24.21 -11.45 -31.18
C GLN I 14 23.04 -11.10 -32.11
N ILE I 15 21.80 -11.33 -31.65
CA ILE I 15 20.61 -10.99 -32.45
C ILE I 15 20.53 -9.46 -32.57
N ILE I 16 20.75 -8.75 -31.44
CA ILE I 16 20.73 -7.29 -31.39
C ILE I 16 21.78 -6.66 -32.31
N GLU I 17 22.99 -7.23 -32.41
CA GLU I 17 24.01 -6.64 -33.29
C GLU I 17 23.71 -6.92 -34.75
N ALA I 18 23.14 -8.09 -35.08
CA ALA I 18 22.79 -8.40 -36.47
C ALA I 18 21.74 -7.38 -36.93
N GLY I 19 20.92 -6.92 -35.98
CA GLY I 19 19.88 -5.93 -36.24
C GLY I 19 20.39 -4.50 -36.22
N THR I 20 21.71 -4.33 -36.10
CA THR I 20 22.31 -3.01 -36.07
C THR I 20 23.17 -2.82 -37.32
N PRO I 21 22.99 -1.71 -38.05
CA PRO I 21 22.06 -0.60 -37.81
C PRO I 21 20.69 -0.76 -38.45
N ILE I 22 20.41 -1.88 -39.14
CA ILE I 22 19.12 -2.10 -39.80
C ILE I 22 18.53 -3.41 -39.24
N PRO I 23 17.30 -3.41 -38.68
CA PRO I 23 16.36 -2.29 -38.53
C PRO I 23 16.70 -1.27 -37.44
N GLY I 24 17.74 -1.52 -36.65
CA GLY I 24 18.13 -0.60 -35.60
C GLY I 24 18.37 -1.27 -34.26
N ASP I 25 19.35 -0.74 -33.52
CA ASP I 25 19.71 -1.25 -32.20
C ASP I 25 18.51 -1.15 -31.23
N ASP I 26 17.85 0.03 -31.19
CA ASP I 26 16.69 0.24 -30.31
C ASP I 26 15.53 -0.70 -30.69
N VAL I 27 15.36 -0.97 -31.99
CA VAL I 27 14.29 -1.83 -32.49
C VAL I 27 14.45 -3.26 -31.99
N VAL I 28 15.59 -3.88 -32.30
CA VAL I 28 15.85 -5.26 -31.91
C VAL I 28 16.11 -5.43 -30.41
N SER I 29 16.68 -4.42 -29.72
CA SER I 29 16.92 -4.54 -28.28
C SER I 29 15.62 -4.63 -27.52
N SER I 30 14.49 -4.31 -28.18
CA SER I 30 13.19 -4.37 -27.56
C SER I 30 12.85 -5.81 -27.09
N LEU I 31 13.51 -6.86 -27.65
CA LEU I 31 13.23 -8.23 -27.21
C LEU I 31 13.51 -8.38 -25.71
N LYS I 32 14.44 -7.57 -25.16
CA LYS I 32 14.76 -7.62 -23.74
C LYS I 32 13.60 -7.11 -22.87
N ALA I 33 12.61 -6.42 -23.45
CA ALA I 33 11.46 -5.90 -22.71
C ALA I 33 10.36 -6.96 -22.56
N CYS I 34 10.43 -8.06 -23.32
CA CYS I 34 9.42 -9.12 -23.27
C CYS I 34 9.20 -9.72 -21.90
N TYR I 35 7.92 -9.79 -21.47
CA TYR I 35 7.62 -10.41 -20.18
C TYR I 35 6.78 -11.69 -20.35
N GLN I 36 6.94 -12.35 -21.50
CA GLN I 36 6.27 -13.60 -21.83
C GLN I 36 4.77 -13.64 -21.55
N CYS I 37 4.03 -12.63 -21.97
CA CYS I 37 2.59 -12.58 -21.73
C CYS I 37 1.77 -13.51 -22.63
N GLY I 38 2.23 -13.77 -23.87
CA GLY I 38 1.51 -14.66 -24.78
C GLY I 38 0.63 -13.95 -25.79
N THR I 39 0.42 -12.63 -25.67
CA THR I 39 -0.42 -11.87 -26.59
C THR I 39 0.00 -12.11 -28.04
N CYS I 40 1.32 -12.20 -28.30
CA CYS I 40 1.84 -12.43 -29.64
C CYS I 40 1.39 -13.80 -30.18
N THR I 41 1.50 -14.86 -29.36
CA THR I 41 1.11 -16.21 -29.77
C THR I 41 -0.40 -16.31 -30.03
N GLY I 42 -1.19 -15.68 -29.17
CA GLY I 42 -2.64 -15.69 -29.28
C GLY I 42 -3.13 -14.96 -30.51
N SER I 43 -2.36 -13.99 -30.99
CA SER I 43 -2.68 -13.18 -32.17
C SER I 43 -2.13 -13.78 -33.46
N CYS I 44 -1.29 -14.81 -33.35
CA CYS I 44 -0.66 -15.41 -34.52
C CYS I 44 -1.56 -16.30 -35.36
N PRO I 45 -1.82 -15.91 -36.63
CA PRO I 45 -2.66 -16.77 -37.47
C PRO I 45 -1.95 -18.09 -37.79
N SER I 46 -0.62 -18.05 -37.94
CA SER I 46 0.16 -19.24 -38.23
C SER I 46 0.15 -20.20 -37.05
N GLY I 47 0.20 -19.64 -35.84
CA GLY I 47 0.20 -20.43 -34.61
C GLY I 47 -1.06 -21.25 -34.40
N ARG I 48 -2.17 -20.86 -35.03
CA ARG I 48 -3.44 -21.58 -34.89
C ARG I 48 -3.51 -22.88 -35.70
N ARG I 49 -2.50 -23.16 -36.54
CA ARG I 49 -2.52 -24.38 -37.35
C ARG I 49 -1.17 -25.09 -37.35
N THR I 50 -0.27 -24.70 -36.44
CA THR I 50 1.06 -25.31 -36.33
C THR I 50 1.52 -25.31 -34.88
N SER I 51 2.71 -25.85 -34.66
CA SER I 51 3.35 -25.93 -33.36
C SER I 51 4.08 -24.60 -33.06
N TYR I 52 4.07 -23.65 -34.02
CA TYR I 52 4.73 -22.35 -33.88
C TYR I 52 4.11 -21.50 -32.78
N ARG I 53 4.94 -21.04 -31.84
CA ARG I 53 4.51 -20.21 -30.73
C ARG I 53 5.47 -19.04 -30.68
N THR I 54 5.00 -17.87 -31.12
CA THR I 54 5.78 -16.64 -31.17
C THR I 54 6.53 -16.35 -29.86
N ARG I 55 5.82 -16.42 -28.73
CA ARG I 55 6.43 -16.15 -27.42
C ARG I 55 7.66 -17.03 -27.16
N LYS I 56 7.64 -18.32 -27.56
CA LYS I 56 8.77 -19.22 -27.34
C LYS I 56 10.01 -18.82 -28.11
N VAL I 57 9.84 -18.21 -29.29
CA VAL I 57 10.98 -17.78 -30.09
C VAL I 57 11.74 -16.74 -29.26
N ILE I 58 11.02 -15.76 -28.73
CA ILE I 58 11.60 -14.69 -27.91
C ILE I 58 12.18 -15.28 -26.63
N ARG I 59 11.53 -16.30 -26.04
CA ARG I 59 12.02 -16.94 -24.81
C ARG I 59 13.34 -17.63 -25.09
N LYS I 60 13.38 -18.42 -26.18
CA LYS I 60 14.58 -19.13 -26.56
C LYS I 60 15.72 -18.15 -26.78
N ALA I 61 15.40 -17.00 -27.40
CA ALA I 61 16.38 -15.95 -27.66
C ALA I 61 16.97 -15.41 -26.36
N LEU I 62 16.13 -15.20 -25.34
CA LEU I 62 16.57 -14.68 -24.05
C LEU I 62 17.26 -15.75 -23.19
N LEU I 63 16.81 -17.00 -23.28
CA LEU I 63 17.40 -18.08 -22.51
C LEU I 63 18.79 -18.48 -23.06
N GLY I 64 18.95 -18.40 -24.38
CA GLY I 64 20.22 -18.72 -25.03
C GLY I 64 20.19 -20.00 -25.83
N MET I 65 19.01 -20.41 -26.33
CA MET I 65 18.92 -21.64 -27.12
C MET I 65 19.17 -21.35 -28.59
N ASP I 66 20.41 -21.63 -29.04
CA ASP I 66 20.83 -21.42 -30.42
C ASP I 66 20.02 -22.23 -31.45
N ASP I 67 19.27 -23.28 -31.01
CA ASP I 67 18.47 -24.08 -31.93
C ASP I 67 17.37 -23.26 -32.59
N VAL I 68 17.02 -22.12 -31.98
CA VAL I 68 16.01 -21.26 -32.54
C VAL I 68 16.42 -20.81 -33.98
N LEU I 69 17.75 -20.69 -34.27
CA LEU I 69 18.26 -20.32 -35.60
C LEU I 69 18.13 -21.49 -36.59
N ASP I 70 18.07 -22.73 -36.08
CA ASP I 70 17.96 -23.94 -36.91
C ASP I 70 16.50 -24.37 -37.09
N SER I 71 15.58 -23.74 -36.37
CA SER I 71 14.16 -24.09 -36.41
C SER I 71 13.41 -23.71 -37.69
N ASP I 72 12.42 -24.53 -38.04
CA ASP I 72 11.55 -24.30 -39.20
C ASP I 72 10.42 -23.38 -38.74
N ASP I 73 10.18 -23.33 -37.42
CA ASP I 73 9.13 -22.52 -36.80
C ASP I 73 9.27 -21.01 -37.06
N ILE I 74 10.50 -20.44 -36.97
CA ILE I 74 10.69 -18.99 -37.21
C ILE I 74 10.32 -18.62 -38.63
N TRP I 75 10.35 -19.60 -39.55
CA TRP I 75 10.03 -19.38 -40.96
C TRP I 75 8.53 -19.51 -41.25
N LYS I 76 7.70 -19.78 -40.23
CA LYS I 76 6.26 -19.92 -40.40
C LYS I 76 5.53 -18.59 -40.15
N CYS I 77 6.25 -17.54 -39.74
CA CYS I 77 5.66 -16.23 -39.49
C CYS I 77 5.50 -15.51 -40.84
N THR I 78 4.30 -14.97 -41.12
CA THR I 78 4.01 -14.28 -42.38
C THR I 78 4.33 -12.78 -42.35
N THR I 79 4.73 -12.24 -41.19
CA THR I 79 5.02 -10.82 -41.00
C THR I 79 3.73 -10.02 -41.14
N CYS I 80 2.68 -10.50 -40.47
CA CYS I 80 1.36 -9.87 -40.48
C CYS I 80 1.34 -8.65 -39.54
N TYR I 81 2.36 -8.52 -38.66
CA TYR I 81 2.49 -7.40 -37.70
C TYR I 81 1.40 -7.32 -36.61
N THR I 82 0.55 -8.34 -36.45
CA THR I 82 -0.48 -8.28 -35.41
C THR I 82 0.18 -8.26 -34.04
N CYS I 83 1.11 -9.17 -33.80
CA CYS I 83 1.85 -9.23 -32.52
C CYS I 83 2.54 -7.87 -32.30
N TYR I 84 3.19 -7.34 -33.33
CA TYR I 84 3.89 -6.05 -33.28
C TYR I 84 2.90 -4.95 -32.82
N GLU I 85 1.66 -4.98 -33.33
CA GLU I 85 0.63 -3.99 -32.98
C GLU I 85 0.03 -4.16 -31.60
N ARG I 86 0.00 -5.38 -31.06
CA ARG I 86 -0.63 -5.63 -29.77
C ARG I 86 0.30 -5.81 -28.56
N CYS I 87 1.61 -6.01 -28.75
CA CYS I 87 2.50 -6.21 -27.61
C CYS I 87 2.45 -5.09 -26.58
N PRO I 88 2.04 -5.38 -25.33
CA PRO I 88 1.99 -4.34 -24.31
C PRO I 88 3.38 -3.87 -23.83
N ARG I 89 4.47 -4.57 -24.22
CA ARG I 89 5.81 -4.19 -23.78
C ARG I 89 6.63 -3.49 -24.89
N ASP I 90 5.99 -3.17 -26.03
CA ASP I 90 6.64 -2.50 -27.15
C ASP I 90 7.74 -3.34 -27.81
N VAL I 91 7.62 -4.67 -27.74
CA VAL I 91 8.57 -5.54 -28.38
C VAL I 91 8.23 -5.45 -29.86
N LYS I 92 9.23 -5.23 -30.71
CA LYS I 92 9.04 -5.11 -32.15
C LYS I 92 9.21 -6.52 -32.69
N VAL I 93 8.31 -7.41 -32.27
CA VAL I 93 8.32 -8.84 -32.60
C VAL I 93 8.64 -9.14 -34.03
N THR I 94 7.81 -8.67 -34.96
CA THR I 94 8.02 -8.96 -36.36
C THR I 94 9.44 -8.65 -36.81
N GLU I 95 10.00 -7.53 -36.35
CA GLU I 95 11.35 -7.17 -36.73
C GLU I 95 12.37 -8.11 -36.11
N ILE I 96 12.15 -8.55 -34.86
CA ILE I 96 13.06 -9.48 -34.18
C ILE I 96 13.07 -10.82 -34.93
N ILE I 97 11.90 -11.27 -35.41
CA ILE I 97 11.81 -12.53 -36.16
C ILE I 97 12.66 -12.42 -37.42
N LYS I 98 12.47 -11.34 -38.18
CA LYS I 98 13.23 -11.11 -39.43
C LYS I 98 14.73 -11.07 -39.18
N THR I 99 15.14 -10.49 -38.06
CA THR I 99 16.54 -10.38 -37.69
C THR I 99 17.07 -11.78 -37.33
N ILE I 100 16.27 -12.58 -36.60
CA ILE I 100 16.66 -13.94 -36.22
C ILE I 100 16.83 -14.75 -37.51
N ARG I 101 15.97 -14.49 -38.51
CA ARG I 101 16.04 -15.18 -39.80
C ARG I 101 17.34 -14.82 -40.55
N ASN I 102 17.85 -13.58 -40.35
CA ASN I 102 19.09 -13.16 -40.99
C ASN I 102 20.21 -14.03 -40.45
N LEU I 103 20.24 -14.23 -39.13
CA LEU I 103 21.26 -15.08 -38.53
C LEU I 103 21.06 -16.53 -38.99
N ALA I 104 19.80 -16.95 -39.16
CA ALA I 104 19.48 -18.30 -39.62
C ALA I 104 20.04 -18.48 -41.03
N ALA I 105 19.86 -17.47 -41.90
CA ALA I 105 20.35 -17.51 -43.28
C ALA I 105 21.88 -17.64 -43.30
N GLN I 106 22.56 -16.87 -42.44
CA GLN I 106 24.02 -16.88 -42.36
C GLN I 106 24.56 -18.24 -41.87
N LYS I 107 23.75 -18.99 -41.09
CA LYS I 107 24.14 -20.31 -40.57
C LYS I 107 23.85 -21.42 -41.61
N GLY I 108 23.20 -21.04 -42.73
CA GLY I 108 22.87 -21.97 -43.81
C GLY I 108 21.43 -22.44 -43.78
N ASN I 109 20.62 -21.90 -42.86
CA ASN I 109 19.22 -22.29 -42.75
C ASN I 109 18.34 -21.37 -43.59
N MET I 110 18.41 -21.54 -44.92
CA MET I 110 17.63 -20.77 -45.89
C MET I 110 17.03 -21.80 -46.86
N ALA I 111 15.73 -21.70 -47.18
CA ALA I 111 15.08 -22.67 -48.07
C ALA I 111 15.49 -22.49 -49.50
N LYS I 112 15.48 -23.57 -50.27
CA LYS I 112 15.84 -23.53 -51.67
C LYS I 112 14.88 -22.64 -52.46
N ALA I 113 13.57 -22.69 -52.14
CA ALA I 113 12.57 -21.86 -52.83
C ALA I 113 12.87 -20.38 -52.62
N HIS I 114 13.29 -20.02 -51.42
CA HIS I 114 13.63 -18.64 -51.07
C HIS I 114 14.87 -18.21 -51.80
N LYS I 115 15.87 -19.11 -51.86
CA LYS I 115 17.12 -18.84 -52.56
C LYS I 115 16.79 -18.62 -54.04
N MET I 116 15.81 -19.39 -54.57
CA MET I 116 15.38 -19.26 -55.97
C MET I 116 14.73 -17.89 -56.19
N THR I 117 13.86 -17.45 -55.27
CA THR I 117 13.20 -16.15 -55.36
C THR I 117 14.29 -15.08 -55.39
N ALA I 118 15.24 -15.18 -54.47
CA ALA I 118 16.35 -14.24 -54.38
C ALA I 118 17.22 -14.29 -55.65
N MET I 119 17.34 -15.48 -56.28
CA MET I 119 18.11 -15.67 -57.50
C MET I 119 17.44 -14.92 -58.67
N TYR I 120 16.09 -14.91 -58.72
CA TYR I 120 15.35 -14.22 -59.79
C TYR I 120 15.58 -12.72 -59.73
N VAL I 121 15.63 -12.14 -58.52
CA VAL I 121 15.84 -10.70 -58.35
C VAL I 121 17.26 -10.35 -58.77
N LEU I 122 18.20 -11.23 -58.50
CA LEU I 122 19.59 -11.04 -58.86
C LEU I 122 19.76 -11.21 -60.37
N LYS I 123 19.12 -12.24 -60.95
CA LYS I 123 19.21 -12.53 -62.38
C LYS I 123 18.40 -11.58 -63.27
N TYR I 124 17.13 -11.35 -62.94
CA TYR I 124 16.23 -10.51 -63.73
C TYR I 124 15.80 -9.22 -63.03
N GLY I 125 16.32 -8.93 -61.84
CA GLY I 125 15.91 -7.74 -61.09
C GLY I 125 14.52 -7.89 -60.49
N HIS I 126 13.83 -9.04 -60.73
CA HIS I 126 12.47 -9.25 -60.24
C HIS I 126 12.22 -10.66 -59.69
N ALA I 127 11.46 -10.75 -58.58
CA ALA I 127 11.12 -12.02 -57.93
C ALA I 127 10.14 -12.79 -58.82
N VAL I 128 9.27 -12.07 -59.54
CA VAL I 128 8.28 -12.64 -60.45
C VAL I 128 8.53 -11.96 -61.80
N PRO I 129 9.47 -12.49 -62.60
CA PRO I 129 9.76 -11.84 -63.88
C PRO I 129 8.75 -12.06 -64.98
N ALA I 130 8.83 -11.23 -66.02
CA ALA I 130 7.97 -11.29 -67.19
C ALA I 130 8.34 -12.49 -68.05
N ASN I 131 7.31 -13.07 -68.67
CA ASN I 131 7.36 -14.26 -69.54
C ASN I 131 6.97 -13.91 -70.98
N LYS I 132 6.90 -14.92 -71.86
CA LYS I 132 6.46 -14.74 -73.24
C LYS I 132 4.96 -14.38 -73.20
N ASN I 133 4.23 -15.02 -72.26
CA ASN I 133 2.80 -14.81 -72.05
C ASN I 133 2.51 -13.41 -71.52
N THR I 134 3.45 -12.83 -70.77
CA THR I 134 3.30 -11.48 -70.21
C THR I 134 3.20 -10.50 -71.35
N ALA I 135 4.19 -10.54 -72.25
CA ALA I 135 4.26 -9.67 -73.41
C ALA I 135 2.97 -9.73 -74.22
N GLU I 136 2.49 -10.95 -74.51
CA GLU I 136 1.27 -11.14 -75.29
C GLU I 136 0.04 -10.59 -74.57
N LEU I 137 -0.02 -10.79 -73.26
CA LEU I 137 -1.14 -10.30 -72.48
C LEU I 137 -1.14 -8.77 -72.49
N ARG I 138 -0.03 -8.17 -72.05
CA ARG I 138 0.12 -6.71 -72.00
C ARG I 138 -0.26 -6.06 -73.34
N LYS I 139 0.15 -6.67 -74.47
CA LYS I 139 -0.15 -6.19 -75.82
C LYS I 139 -1.66 -6.11 -76.05
N SER I 140 -2.36 -7.20 -75.77
CA SER I 140 -3.82 -7.29 -75.95
C SER I 140 -4.63 -6.37 -75.03
N ILE I 141 -4.06 -5.94 -73.91
CA ILE I 141 -4.72 -5.07 -72.94
C ILE I 141 -4.56 -3.59 -73.28
N GLY I 142 -3.53 -3.25 -74.06
CA GLY I 142 -3.26 -1.87 -74.45
C GLY I 142 -2.09 -1.26 -73.70
N LEU I 143 -1.33 -2.07 -72.97
CA LEU I 143 -0.17 -1.61 -72.21
C LEU I 143 1.08 -1.84 -73.02
N SER I 144 2.18 -1.17 -72.64
CA SER I 144 3.45 -1.34 -73.33
C SER I 144 3.85 -2.82 -73.19
N GLU I 145 4.29 -3.45 -74.28
CA GLU I 145 4.66 -4.88 -74.27
C GLU I 145 5.60 -5.25 -73.12
N LYS I 146 6.56 -4.38 -72.82
CA LYS I 146 7.52 -4.60 -71.74
C LYS I 146 7.40 -3.42 -70.78
N ALA I 147 7.09 -3.69 -69.51
CA ALA I 147 6.93 -2.63 -68.52
C ALA I 147 8.25 -1.89 -68.33
N PRO I 148 8.23 -0.60 -67.95
CA PRO I 148 9.48 0.12 -67.74
C PRO I 148 10.12 -0.28 -66.41
N ILE I 149 10.61 -1.53 -66.34
CA ILE I 149 11.22 -2.08 -65.14
C ILE I 149 12.63 -2.59 -65.40
N ALA I 150 13.39 -2.75 -64.32
CA ALA I 150 14.78 -3.23 -64.33
C ALA I 150 15.02 -4.46 -65.21
N GLN I 151 14.02 -5.33 -65.37
CA GLN I 151 14.16 -6.55 -66.17
C GLN I 151 14.68 -6.27 -67.57
N PHE I 152 14.25 -5.15 -68.17
CA PHE I 152 14.65 -4.77 -69.53
C PHE I 152 15.62 -3.59 -69.56
N SER I 153 16.26 -3.27 -68.44
CA SER I 153 17.23 -2.17 -68.36
C SER I 153 18.56 -2.71 -67.83
N GLU I 154 19.57 -2.82 -68.71
CA GLU I 154 20.89 -3.34 -68.31
C GLU I 154 21.57 -2.43 -67.30
N LYS I 155 21.37 -1.13 -67.42
CA LYS I 155 21.95 -0.14 -66.50
C LYS I 155 21.50 -0.49 -65.09
N ASP I 156 20.19 -0.61 -64.90
CA ASP I 156 19.58 -0.92 -63.63
C ASP I 156 19.94 -2.33 -63.14
N LEU I 157 19.97 -3.33 -64.03
CA LEU I 157 20.35 -4.68 -63.61
C LEU I 157 21.78 -4.68 -63.10
N ASN I 158 22.68 -3.98 -63.80
CA ASN I 158 24.08 -3.89 -63.41
C ASN I 158 24.23 -3.12 -62.10
N GLU I 159 23.41 -2.08 -61.89
CA GLU I 159 23.46 -1.30 -60.65
C GLU I 159 23.15 -2.25 -59.48
N MET I 160 22.12 -3.08 -59.64
CA MET I 160 21.70 -4.04 -58.61
C MET I 160 22.80 -5.08 -58.35
N ASN I 161 23.40 -5.62 -59.42
CA ASN I 161 24.46 -6.61 -59.29
C ASN I 161 25.66 -6.06 -58.52
N THR I 162 25.95 -4.75 -58.65
CA THR I 162 27.06 -4.11 -57.96
C THR I 162 26.73 -4.03 -56.46
N LEU I 163 25.50 -3.63 -56.14
CA LEU I 163 25.06 -3.52 -54.74
C LEU I 163 25.00 -4.91 -54.10
N ILE I 164 24.48 -5.91 -54.82
CA ILE I 164 24.38 -7.28 -54.32
C ILE I 164 25.77 -7.81 -53.97
N LYS I 165 26.77 -7.60 -54.85
CA LYS I 165 28.13 -8.05 -54.61
C LYS I 165 28.73 -7.30 -53.40
N GLU I 166 28.46 -5.98 -53.30
CA GLU I 166 28.97 -5.16 -52.20
C GLU I 166 28.35 -5.56 -50.85
N LEU I 167 27.09 -6.03 -50.86
CA LEU I 167 26.38 -6.45 -49.66
C LEU I 167 26.69 -7.91 -49.31
N GLY I 168 27.32 -8.64 -50.24
CA GLY I 168 27.67 -10.04 -50.05
C GLY I 168 26.45 -10.93 -50.07
N PHE I 169 25.34 -10.43 -50.63
CA PHE I 169 24.09 -11.18 -50.71
C PHE I 169 24.24 -12.37 -51.64
N ASP I 170 25.08 -12.25 -52.66
CA ASP I 170 25.33 -13.33 -53.60
C ASP I 170 25.99 -14.50 -52.87
N GLU I 171 26.97 -14.21 -51.99
CA GLU I 171 27.66 -15.25 -51.22
C GLU I 171 26.70 -15.86 -50.21
N LEU I 172 25.82 -15.03 -49.61
CA LEU I 172 24.84 -15.48 -48.62
C LEU I 172 23.93 -16.55 -49.24
N ILE I 173 23.39 -16.30 -50.46
CA ILE I 173 22.52 -17.25 -51.13
C ILE I 173 23.31 -18.37 -51.83
N GLY I 174 24.60 -18.15 -52.05
CA GLY I 174 25.46 -19.13 -52.70
C GLY I 174 25.32 -19.10 -54.20
N PHE I 175 25.35 -17.90 -54.79
CA PHE I 175 25.20 -17.72 -56.23
C PHE I 175 26.54 -17.64 -56.96
N ASP I 176 26.66 -18.37 -58.09
CA ASP I 176 27.86 -18.37 -58.90
C ASP I 176 27.55 -17.51 -60.11
N TRP I 177 28.30 -16.41 -60.29
CA TRP I 177 28.08 -15.51 -61.41
C TRP I 177 28.44 -16.07 -62.77
N GLU I 178 29.51 -16.87 -62.89
CA GLU I 178 29.83 -17.39 -64.21
C GLU I 178 28.83 -18.48 -64.62
N LYS I 179 28.42 -19.36 -63.70
CA LYS I 179 27.46 -20.40 -64.02
C LYS I 179 26.04 -19.83 -64.12
N GLY I 180 25.79 -18.72 -63.44
CA GLY I 180 24.48 -18.07 -63.44
C GLY I 180 23.45 -18.86 -62.67
N ALA I 181 23.89 -19.58 -61.63
CA ALA I 181 23.00 -20.41 -60.82
C ALA I 181 23.52 -20.56 -59.40
N LEU I 182 22.69 -21.09 -58.51
CA LEU I 182 23.06 -21.31 -57.12
C LEU I 182 23.95 -22.56 -57.03
N LYS I 183 24.98 -22.53 -56.17
CA LYS I 183 25.92 -23.64 -56.01
C LYS I 183 25.20 -24.92 -55.53
N GLU J 3 -37.68 -35.74 12.51
CA GLU J 3 -38.67 -35.81 13.58
C GLU J 3 -38.12 -35.18 14.87
N TRP J 4 -36.77 -35.12 15.00
CA TRP J 4 -36.09 -34.52 16.15
C TRP J 4 -34.78 -33.91 15.68
N GLU J 5 -34.50 -32.68 16.13
CA GLU J 5 -33.28 -31.98 15.78
C GLU J 5 -32.63 -31.53 17.07
N PRO J 6 -31.32 -31.75 17.24
CA PRO J 6 -30.66 -31.31 18.47
C PRO J 6 -30.81 -29.84 18.80
N LYS J 7 -30.87 -29.54 20.09
CA LYS J 7 -30.95 -28.17 20.57
C LYS J 7 -29.58 -27.92 21.14
N ILE J 8 -28.80 -27.05 20.51
CA ILE J 8 -27.45 -26.78 21.00
C ILE J 8 -27.29 -25.31 21.32
N ILE J 9 -26.70 -25.00 22.48
CA ILE J 9 -26.48 -23.61 22.83
C ILE J 9 -25.00 -23.39 22.78
N GLY J 10 -24.61 -22.20 22.35
CA GLY J 10 -23.21 -21.84 22.23
C GLY J 10 -22.87 -20.62 23.04
N PHE J 11 -21.61 -20.49 23.40
CA PHE J 11 -21.08 -19.36 24.16
C PHE J 11 -19.81 -19.00 23.45
N CYS J 12 -19.75 -17.82 22.81
CA CYS J 12 -18.56 -17.45 22.07
C CYS J 12 -18.02 -16.11 22.49
N CYS J 13 -16.68 -16.02 22.65
CA CYS J 13 -16.05 -14.77 23.03
C CYS J 13 -16.07 -13.81 21.85
N ASN J 14 -16.27 -12.54 22.16
CA ASN J 14 -16.37 -11.47 21.18
C ASN J 14 -15.14 -11.21 20.32
N TRP J 15 -13.96 -11.52 20.81
CA TRP J 15 -12.73 -11.24 20.08
C TRP J 15 -12.31 -12.31 19.10
N CYS J 16 -12.56 -13.58 19.39
CA CYS J 16 -12.15 -14.63 18.48
C CYS J 16 -13.27 -15.48 17.93
N THR J 17 -13.79 -16.42 18.72
CA THR J 17 -14.85 -17.31 18.21
C THR J 17 -16.05 -16.58 17.64
N TYR J 18 -16.53 -15.51 18.26
CA TYR J 18 -17.66 -14.80 17.69
C TYR J 18 -17.25 -14.30 16.26
N GLY J 19 -16.00 -13.81 16.10
CA GLY J 19 -15.42 -13.35 14.83
C GLY J 19 -15.19 -14.52 13.88
N GLY J 20 -14.86 -15.67 14.45
CA GLY J 20 -14.63 -16.91 13.70
C GLY J 20 -15.92 -17.36 13.09
N ALA J 21 -16.97 -17.30 13.89
CA ALA J 21 -18.30 -17.67 13.49
C ALA J 21 -18.82 -16.70 12.42
N ASP J 22 -18.50 -15.41 12.54
CA ASP J 22 -18.93 -14.42 11.57
C ASP J 22 -18.22 -14.69 10.23
N THR J 23 -16.92 -14.99 10.29
CA THR J 23 -16.10 -15.29 9.11
C THR J 23 -16.65 -16.50 8.34
N ALA J 24 -17.22 -17.48 9.06
CA ALA J 24 -17.80 -18.66 8.41
C ALA J 24 -18.99 -18.19 7.59
N GLY J 25 -19.74 -17.23 8.13
CA GLY J 25 -20.89 -16.66 7.46
C GLY J 25 -20.47 -15.82 6.28
N VAL J 26 -19.43 -14.98 6.44
CA VAL J 26 -18.95 -14.16 5.33
C VAL J 26 -18.57 -15.10 4.17
N GLY J 27 -17.88 -16.19 4.50
CA GLY J 27 -17.44 -17.18 3.52
C GLY J 27 -18.52 -18.17 3.08
N ARG J 28 -19.78 -18.00 3.58
CA ARG J 28 -20.93 -18.88 3.26
C ARG J 28 -20.62 -20.34 3.59
N MET J 29 -19.88 -20.54 4.67
CA MET J 29 -19.50 -21.86 5.13
C MET J 29 -20.70 -22.47 5.85
N GLN J 30 -21.48 -23.27 5.12
CA GLN J 30 -22.67 -23.89 5.66
C GLN J 30 -22.38 -24.90 6.76
N TYR J 31 -23.20 -24.86 7.82
CA TYR J 31 -23.09 -25.78 8.93
C TYR J 31 -24.50 -26.03 9.49
N PRO J 32 -24.72 -27.11 10.26
CA PRO J 32 -26.09 -27.40 10.75
C PRO J 32 -26.74 -26.29 11.59
N PRO J 33 -28.08 -26.09 11.47
CA PRO J 33 -28.75 -25.03 12.23
C PRO J 33 -29.21 -25.37 13.64
N SER J 34 -28.49 -26.21 14.37
CA SER J 34 -28.89 -26.58 15.73
C SER J 34 -28.44 -25.55 16.74
N ILE J 35 -27.21 -25.07 16.62
CA ILE J 35 -26.66 -24.09 17.57
C ILE J 35 -27.33 -22.71 17.54
N ARG J 36 -27.24 -22.03 18.69
CA ARG J 36 -27.71 -20.66 18.92
C ARG J 36 -26.61 -20.13 19.82
N ILE J 37 -25.88 -19.11 19.34
CA ILE J 37 -24.74 -18.56 20.08
C ILE J 37 -25.06 -17.38 20.97
N ILE J 38 -24.48 -17.39 22.19
CA ILE J 38 -24.61 -16.31 23.15
C ILE J 38 -23.27 -15.63 23.16
N ARG J 39 -23.25 -14.29 23.06
CA ARG J 39 -21.99 -13.56 23.04
C ARG J 39 -21.57 -13.06 24.40
N VAL J 40 -20.30 -13.26 24.72
CA VAL J 40 -19.69 -12.80 25.95
C VAL J 40 -18.42 -12.12 25.48
N MET J 41 -17.80 -11.29 26.31
CA MET J 41 -16.59 -10.60 25.88
C MET J 41 -15.38 -11.51 25.89
N CYS J 42 -15.34 -12.44 26.83
CA CYS J 42 -14.23 -13.36 27.01
C CYS J 42 -14.77 -14.71 27.42
N SER J 43 -14.03 -15.80 27.15
CA SER J 43 -14.50 -17.10 27.58
C SER J 43 -14.37 -17.18 29.10
N GLY J 44 -13.53 -16.31 29.69
CA GLY J 44 -13.35 -16.21 31.13
C GLY J 44 -14.67 -15.91 31.82
N ARG J 45 -15.64 -15.35 31.07
CA ARG J 45 -16.97 -15.03 31.60
C ARG J 45 -17.75 -16.32 31.81
N ILE J 46 -17.39 -17.38 31.07
CA ILE J 46 -18.08 -18.66 31.18
C ILE J 46 -17.70 -19.42 32.44
N GLU J 47 -18.73 -19.88 33.17
CA GLU J 47 -18.59 -20.60 34.43
C GLU J 47 -19.59 -21.77 34.46
N PRO J 48 -19.36 -22.75 35.35
CA PRO J 48 -20.28 -23.90 35.44
C PRO J 48 -21.79 -23.63 35.43
N SER J 49 -22.25 -22.61 36.18
CA SER J 49 -23.68 -22.34 36.25
C SER J 49 -24.35 -22.01 34.91
N LEU J 50 -23.62 -21.38 33.98
CA LEU J 50 -24.19 -21.05 32.67
C LEU J 50 -24.43 -22.34 31.87
N ILE J 51 -23.50 -23.30 31.98
CA ILE J 51 -23.61 -24.58 31.29
C ILE J 51 -24.67 -25.45 31.93
N LEU J 52 -24.67 -25.52 33.27
CA LEU J 52 -25.67 -26.34 33.97
C LEU J 52 -27.07 -25.76 33.76
N LYS J 53 -27.21 -24.42 33.71
CA LYS J 53 -28.51 -23.77 33.47
C LYS J 53 -29.03 -24.19 32.09
N ALA J 54 -28.14 -24.27 31.09
CA ALA J 54 -28.50 -24.66 29.73
C ALA J 54 -29.05 -26.08 29.68
N PHE J 55 -28.43 -27.03 30.39
CA PHE J 55 -28.93 -28.41 30.39
C PHE J 55 -30.29 -28.44 31.07
N LYS J 56 -30.44 -27.69 32.18
CA LYS J 56 -31.71 -27.61 32.89
C LYS J 56 -32.81 -27.19 31.92
N GLU J 57 -32.53 -26.15 31.11
CA GLU J 57 -33.49 -25.64 30.13
C GLU J 57 -33.82 -26.62 29.00
N GLY J 58 -32.99 -27.65 28.82
CA GLY J 58 -33.23 -28.67 27.79
C GLY J 58 -32.21 -28.75 26.69
N ALA J 59 -30.97 -28.34 26.93
CA ALA J 59 -29.93 -28.40 25.91
C ALA J 59 -29.48 -29.83 25.65
N ASP J 60 -29.38 -30.22 24.38
CA ASP J 60 -28.92 -31.55 24.01
C ASP J 60 -27.40 -31.50 23.98
N GLY J 61 -26.87 -30.32 23.65
CA GLY J 61 -25.44 -30.08 23.60
C GLY J 61 -25.10 -28.66 23.97
N VAL J 62 -23.91 -28.44 24.55
CA VAL J 62 -23.48 -27.10 24.96
C VAL J 62 -22.10 -26.87 24.36
N PHE J 63 -21.92 -25.76 23.63
CA PHE J 63 -20.66 -25.44 22.99
C PHE J 63 -20.07 -24.17 23.58
N VAL J 64 -18.73 -24.13 23.72
CA VAL J 64 -18.04 -22.95 24.24
C VAL J 64 -16.83 -22.72 23.36
N GLY J 65 -16.66 -21.48 22.93
CA GLY J 65 -15.54 -21.09 22.09
C GLY J 65 -14.86 -19.85 22.63
N GLY J 66 -13.54 -19.91 22.76
CA GLY J 66 -12.73 -18.81 23.24
C GLY J 66 -11.48 -18.66 22.43
N CYS J 67 -10.62 -17.70 22.79
CA CYS J 67 -9.36 -17.47 22.07
C CYS J 67 -8.39 -18.60 22.33
N HIS J 68 -7.41 -18.76 21.43
CA HIS J 68 -6.38 -19.78 21.59
C HIS J 68 -5.64 -19.50 22.88
N LEU J 69 -5.23 -20.54 23.62
CA LEU J 69 -4.52 -20.30 24.88
C LEU J 69 -3.28 -19.47 24.61
N GLY J 70 -3.22 -18.31 25.27
CA GLY J 70 -2.12 -17.36 25.12
C GLY J 70 -2.54 -16.15 24.32
N ASP J 71 -3.64 -16.27 23.51
CA ASP J 71 -4.16 -15.19 22.67
C ASP J 71 -5.44 -14.54 23.18
N CYS J 72 -5.78 -14.69 24.47
CA CYS J 72 -6.99 -14.08 25.01
C CYS J 72 -6.84 -12.57 24.92
N HIS J 73 -7.88 -11.88 24.42
CA HIS J 73 -7.85 -10.42 24.30
C HIS J 73 -7.58 -9.82 25.68
N TYR J 74 -8.00 -10.52 26.74
CA TYR J 74 -7.80 -10.09 28.11
C TYR J 74 -6.68 -10.87 28.82
N ASP J 75 -5.67 -11.30 28.04
CA ASP J 75 -4.48 -12.02 28.53
C ASP J 75 -4.67 -13.44 29.06
N SER J 76 -5.42 -13.65 30.16
CA SER J 76 -5.56 -14.98 30.71
C SER J 76 -6.98 -15.44 31.08
N GLY J 77 -8.01 -14.83 30.53
CA GLY J 77 -9.39 -15.22 30.83
C GLY J 77 -9.68 -16.67 30.50
N ASN J 78 -9.20 -17.16 29.35
CA ASN J 78 -9.44 -18.54 28.91
C ASN J 78 -8.75 -19.60 29.79
N TYR J 79 -7.64 -19.24 30.47
CA TYR J 79 -6.94 -20.19 31.34
C TYR J 79 -7.82 -20.55 32.52
N LYS J 80 -8.62 -19.60 33.02
CA LYS J 80 -9.53 -19.84 34.12
C LYS J 80 -10.65 -20.75 33.61
N TRP J 81 -11.24 -20.41 32.46
CA TRP J 81 -12.31 -21.21 31.86
C TRP J 81 -11.82 -22.63 31.60
N GLN J 82 -10.55 -22.81 31.20
CA GLN J 82 -10.04 -24.15 30.95
C GLN J 82 -10.04 -24.99 32.22
N ARG J 83 -9.75 -24.39 33.38
CA ARG J 83 -9.76 -25.15 34.63
C ARG J 83 -11.20 -25.46 35.02
N ARG J 84 -12.10 -24.53 34.73
CA ARG J 84 -13.51 -24.69 35.04
C ARG J 84 -14.17 -25.78 34.20
N VAL J 85 -13.90 -25.82 32.89
CA VAL J 85 -14.49 -26.82 32.00
C VAL J 85 -14.04 -28.26 32.28
N MET J 86 -12.78 -28.46 32.70
CA MET J 86 -12.29 -29.81 32.97
C MET J 86 -13.03 -30.45 34.15
N MET J 87 -13.33 -29.67 35.19
CA MET J 87 -14.07 -30.17 36.35
C MET J 87 -15.51 -30.41 35.94
N LEU J 88 -16.03 -29.53 35.09
CA LEU J 88 -17.40 -29.59 34.59
C LEU J 88 -17.65 -30.86 33.77
N TYR J 89 -16.65 -31.31 32.99
CA TYR J 89 -16.80 -32.53 32.19
C TYR J 89 -17.07 -33.70 33.13
N GLU J 90 -16.27 -33.81 34.20
CA GLU J 90 -16.41 -34.87 35.18
C GLU J 90 -17.68 -34.72 36.01
N LEU J 91 -18.07 -33.49 36.36
CA LEU J 91 -19.30 -33.26 37.13
C LEU J 91 -20.49 -33.74 36.32
N LEU J 92 -20.49 -33.49 35.00
CA LEU J 92 -21.58 -33.91 34.14
C LEU J 92 -21.68 -35.44 34.12
N GLU J 93 -20.55 -36.16 34.08
CA GLU J 93 -20.58 -37.62 34.09
C GLU J 93 -21.17 -38.09 35.40
N GLU J 94 -20.84 -37.43 36.52
CA GLU J 94 -21.38 -37.79 37.83
C GLU J 94 -22.88 -37.58 37.85
N LEU J 95 -23.39 -36.62 37.07
CA LEU J 95 -24.81 -36.32 36.99
C LEU J 95 -25.52 -37.14 35.89
N GLY J 96 -24.80 -38.04 35.23
CA GLY J 96 -25.37 -38.87 34.18
C GLY J 96 -25.45 -38.20 32.83
N ILE J 97 -24.77 -37.07 32.67
CA ILE J 97 -24.77 -36.36 31.39
C ILE J 97 -23.50 -36.72 30.68
N GLU J 98 -23.62 -37.28 29.47
CA GLU J 98 -22.45 -37.68 28.71
C GLU J 98 -21.49 -36.52 28.54
N LYS J 99 -20.18 -36.74 28.84
CA LYS J 99 -19.12 -35.73 28.73
C LYS J 99 -19.12 -35.08 27.36
N GLU J 100 -19.47 -35.87 26.34
CA GLU J 100 -19.53 -35.45 24.95
C GLU J 100 -20.59 -34.40 24.69
N ARG J 101 -21.62 -34.29 25.56
CA ARG J 101 -22.66 -33.29 25.36
C ARG J 101 -22.10 -31.89 25.57
N LEU J 102 -20.89 -31.78 26.14
CA LEU J 102 -20.23 -30.51 26.37
C LEU J 102 -19.05 -30.46 25.42
N ASN J 103 -18.88 -29.35 24.71
CA ASN J 103 -17.76 -29.22 23.78
C ASN J 103 -17.16 -27.84 23.92
N HIS J 104 -15.85 -27.78 24.12
CA HIS J 104 -15.15 -26.52 24.25
C HIS J 104 -14.02 -26.53 23.25
N GLU J 105 -13.81 -25.41 22.54
CA GLU J 105 -12.75 -25.33 21.55
C GLU J 105 -12.13 -23.96 21.52
N TRP J 106 -10.92 -23.88 21.00
CA TRP J 106 -10.19 -22.64 20.88
C TRP J 106 -10.21 -22.28 19.41
N ILE J 107 -10.94 -21.24 19.02
CA ILE J 107 -11.06 -20.84 17.61
C ILE J 107 -10.83 -19.34 17.47
N SER J 108 -9.85 -18.94 16.64
CA SER J 108 -9.52 -17.54 16.40
C SER J 108 -10.56 -16.93 15.44
N ALA J 109 -10.57 -15.60 15.30
CA ALA J 109 -11.51 -14.91 14.42
C ALA J 109 -11.30 -15.27 12.95
N SER J 110 -10.11 -15.55 12.52
CA SER J 110 -9.94 -15.86 11.13
C SER J 110 -10.34 -17.32 10.81
N GLU J 111 -10.29 -18.21 11.81
CA GLU J 111 -10.63 -19.63 11.63
C GLU J 111 -12.12 -19.94 11.45
N GLY J 112 -12.67 -19.56 10.29
CA GLY J 112 -14.06 -19.80 9.94
C GLY J 112 -14.25 -21.25 9.57
N GLU J 113 -13.30 -21.82 8.81
CA GLU J 113 -13.35 -23.23 8.39
C GLU J 113 -13.34 -24.14 9.62
N LYS J 114 -12.51 -23.81 10.63
CA LYS J 114 -12.44 -24.61 11.84
C LYS J 114 -13.80 -24.56 12.55
N PHE J 115 -14.39 -23.36 12.63
CA PHE J 115 -15.69 -23.21 13.28
C PHE J 115 -16.72 -24.03 12.54
N GLN J 116 -16.80 -23.89 11.22
CA GLN J 116 -17.75 -24.65 10.39
C GLN J 116 -17.63 -26.14 10.71
N ASN J 117 -16.40 -26.67 10.66
CA ASN J 117 -16.13 -28.09 10.93
C ASN J 117 -16.42 -28.48 12.38
N THR J 118 -16.17 -27.57 13.34
CA THR J 118 -16.42 -27.85 14.74
C THR J 118 -17.94 -27.95 14.93
N MET J 119 -18.71 -27.08 14.25
CA MET J 119 -20.17 -27.11 14.31
C MET J 119 -20.67 -28.40 13.68
N LYS J 120 -20.11 -28.75 12.50
CA LYS J 120 -20.51 -29.98 11.81
C LYS J 120 -20.26 -31.19 12.69
N ASP J 121 -19.03 -31.31 13.24
CA ASP J 121 -18.66 -32.43 14.10
C ASP J 121 -19.50 -32.48 15.37
N PHE J 122 -19.73 -31.34 16.03
CA PHE J 122 -20.52 -31.33 17.26
C PHE J 122 -21.96 -31.72 16.98
N TYR J 123 -22.55 -31.20 15.90
CA TYR J 123 -23.93 -31.54 15.56
C TYR J 123 -24.05 -33.05 15.40
N ASN J 124 -23.16 -33.66 14.63
CA ASN J 124 -23.18 -35.11 14.40
C ASN J 124 -23.05 -35.88 15.69
N LYS J 125 -22.18 -35.42 16.61
CA LYS J 125 -21.95 -36.05 17.90
C LYS J 125 -23.25 -36.11 18.71
N ILE J 126 -23.90 -34.95 18.89
CA ILE J 126 -25.15 -34.85 19.64
C ILE J 126 -26.28 -35.60 18.94
N GLU J 127 -26.38 -35.52 17.61
CA GLU J 127 -27.42 -36.22 16.87
C GLU J 127 -27.31 -37.73 17.14
N ALA J 128 -26.07 -38.24 17.18
CA ALA J 128 -25.79 -39.66 17.43
C ALA J 128 -26.18 -40.06 18.86
N LEU J 129 -25.94 -39.17 19.84
CA LEU J 129 -26.28 -39.44 21.23
C LEU J 129 -27.78 -39.41 21.47
N GLY J 130 -28.49 -38.68 20.63
CA GLY J 130 -29.94 -38.54 20.77
C GLY J 130 -30.25 -37.44 21.75
N PRO J 131 -31.53 -37.18 22.02
CA PRO J 131 -31.88 -36.11 22.96
C PRO J 131 -31.46 -36.36 24.41
N CYS J 132 -31.01 -35.31 25.11
CA CYS J 132 -30.64 -35.43 26.53
C CYS J 132 -31.98 -35.39 27.24
N LYS J 133 -32.34 -36.47 27.93
CA LYS J 133 -33.63 -36.58 28.61
C LYS J 133 -33.74 -35.94 30.00
N LEU J 134 -33.01 -34.86 30.29
CA LEU J 134 -33.07 -34.24 31.61
C LEU J 134 -34.37 -33.46 31.84
N LYS J 135 -34.74 -32.57 30.92
CA LYS J 135 -35.95 -31.78 31.09
C LYS J 135 -37.19 -32.68 31.22
N GLU J 136 -37.30 -33.72 30.38
CA GLU J 136 -38.43 -34.64 30.44
C GLU J 136 -38.47 -35.33 31.81
N GLU J 137 -37.29 -35.68 32.36
CA GLU J 137 -37.19 -36.34 33.68
C GLU J 137 -37.64 -35.38 34.77
N LEU J 138 -37.28 -34.10 34.66
CA LEU J 138 -37.63 -33.09 35.64
C LEU J 138 -39.10 -32.70 35.56
N ASP J 139 -39.66 -32.62 34.34
CA ASP J 139 -41.07 -32.25 34.15
C ASP J 139 -42.06 -33.31 34.66
N LYS J 140 -41.58 -34.40 35.28
CA LYS J 140 -42.44 -35.45 35.84
C LYS J 140 -42.90 -35.04 37.23
N VAL K 2 -52.65 -14.35 66.65
CA VAL K 2 -52.23 -14.68 65.29
C VAL K 2 -52.11 -16.20 65.15
N LYS K 3 -52.98 -16.80 64.33
CA LYS K 3 -53.00 -18.25 64.11
C LYS K 3 -51.77 -18.69 63.31
N ILE K 4 -50.86 -19.40 64.00
CA ILE K 4 -49.63 -19.92 63.41
C ILE K 4 -49.73 -21.44 63.37
N ALA K 5 -49.07 -22.07 62.40
CA ALA K 5 -49.09 -23.53 62.28
C ALA K 5 -47.81 -24.03 61.70
N THR K 6 -47.45 -25.28 62.00
CA THR K 6 -46.24 -25.87 61.47
C THR K 6 -46.53 -27.28 61.00
N THR K 7 -45.74 -27.78 60.07
CA THR K 7 -45.86 -29.14 59.56
C THR K 7 -44.49 -29.55 59.12
N TRP K 8 -44.29 -30.83 58.88
CA TRP K 8 -42.99 -31.32 58.47
C TRP K 8 -43.13 -32.31 57.36
N LEU K 9 -42.20 -32.28 56.40
CA LEU K 9 -42.22 -33.15 55.24
C LEU K 9 -40.97 -34.04 55.19
N GLY K 10 -40.22 -34.01 54.09
CA GLY K 10 -39.03 -34.85 53.93
C GLY K 10 -37.78 -34.41 54.67
N GLY K 11 -37.94 -33.90 55.90
CA GLY K 11 -36.81 -33.45 56.72
C GLY K 11 -36.47 -34.41 57.85
N CYS K 12 -35.92 -33.87 58.97
CA CYS K 12 -35.50 -34.68 60.11
C CYS K 12 -36.04 -34.20 61.49
N SER K 13 -36.81 -33.09 61.54
CA SER K 13 -37.37 -32.48 62.77
C SER K 13 -36.39 -31.45 63.37
N GLY K 14 -35.17 -31.37 62.84
CA GLY K 14 -34.13 -30.45 63.33
C GLY K 14 -34.55 -28.99 63.37
N CYS K 15 -35.35 -28.55 62.39
CA CYS K 15 -35.81 -27.17 62.36
C CYS K 15 -36.80 -26.98 63.51
N HIS K 16 -37.66 -27.99 63.76
CA HIS K 16 -38.61 -27.91 64.86
C HIS K 16 -37.85 -27.88 66.18
N ILE K 17 -36.79 -28.71 66.31
CA ILE K 17 -36.00 -28.72 67.54
C ILE K 17 -35.31 -27.36 67.71
N SER K 18 -34.88 -26.72 66.61
CA SER K 18 -34.24 -25.40 66.74
C SER K 18 -35.26 -24.39 67.27
N LEU K 19 -36.54 -24.52 66.85
CA LEU K 19 -37.60 -23.65 67.33
C LEU K 19 -37.73 -23.87 68.85
N LEU K 20 -37.64 -25.14 69.29
CA LEU K 20 -37.70 -25.46 70.72
C LEU K 20 -36.42 -24.99 71.45
N ASP K 21 -35.31 -24.78 70.71
CA ASP K 21 -34.06 -24.30 71.32
C ASP K 21 -34.13 -22.79 71.64
N LEU K 22 -35.35 -22.20 71.54
CA LEU K 22 -35.59 -20.81 71.90
C LEU K 22 -35.66 -20.87 73.42
N HIS K 23 -35.96 -22.07 73.95
CA HIS K 23 -36.06 -22.41 75.36
C HIS K 23 -37.08 -21.55 76.12
N GLU K 24 -36.61 -20.65 76.99
CA GLU K 24 -37.49 -19.79 77.77
C GLU K 24 -38.28 -18.86 76.87
N GLU K 25 -37.67 -18.42 75.77
CA GLU K 25 -38.31 -17.51 74.80
C GLU K 25 -39.45 -18.19 74.03
N LEU K 26 -39.45 -19.54 73.93
CA LEU K 26 -40.52 -20.26 73.24
C LEU K 26 -41.84 -19.97 73.94
N LEU K 27 -41.86 -20.02 75.29
CA LEU K 27 -43.07 -19.73 76.05
C LEU K 27 -43.57 -18.31 75.80
N ASN K 28 -42.65 -17.34 75.68
CA ASN K 28 -43.02 -15.93 75.40
C ASN K 28 -43.67 -15.82 74.03
N LEU K 29 -43.15 -16.60 73.06
CA LEU K 29 -43.67 -16.62 71.69
C LEU K 29 -45.06 -17.23 71.68
N LEU K 30 -45.20 -18.43 72.28
CA LEU K 30 -46.46 -19.16 72.35
C LEU K 30 -47.57 -18.41 73.11
N GLU K 31 -47.24 -17.40 73.93
CA GLU K 31 -48.26 -16.64 74.65
C GLU K 31 -48.80 -15.56 73.72
N ASN K 32 -47.96 -15.09 72.77
CA ASN K 32 -48.33 -14.07 71.80
C ASN K 32 -49.09 -14.72 70.64
N VAL K 33 -48.55 -15.82 70.09
CA VAL K 33 -49.19 -16.54 68.97
C VAL K 33 -50.19 -17.56 69.44
N GLU K 34 -51.02 -18.04 68.50
CA GLU K 34 -52.03 -19.05 68.75
C GLU K 34 -51.60 -20.23 67.90
N LEU K 35 -50.96 -21.25 68.51
CA LEU K 35 -50.50 -22.41 67.75
C LEU K 35 -51.73 -23.30 67.52
N VAL K 36 -52.14 -23.49 66.25
CA VAL K 36 -53.33 -24.28 65.91
C VAL K 36 -53.07 -25.67 65.36
N HIS K 37 -51.83 -25.99 65.02
CA HIS K 37 -51.49 -27.29 64.47
C HIS K 37 -49.98 -27.39 64.51
N CYS K 38 -49.47 -28.52 65.00
CA CYS K 38 -48.04 -28.76 65.16
C CYS K 38 -47.95 -30.22 65.59
N PRO K 39 -47.79 -31.11 64.62
CA PRO K 39 -47.76 -32.55 64.95
C PRO K 39 -46.88 -32.96 66.12
N VAL K 40 -45.66 -32.43 66.19
CA VAL K 40 -44.74 -32.77 67.27
C VAL K 40 -45.21 -32.35 68.67
N LEU K 41 -45.89 -31.21 68.80
CA LEU K 41 -46.30 -30.72 70.11
C LEU K 41 -47.77 -30.89 70.46
N MET K 42 -48.68 -30.93 69.48
CA MET K 42 -50.09 -31.08 69.82
C MET K 42 -50.82 -32.11 68.97
N ASP K 43 -52.02 -32.47 69.41
CA ASP K 43 -52.84 -33.48 68.78
C ASP K 43 -53.87 -32.99 67.73
N VAL K 44 -53.84 -31.72 67.29
CA VAL K 44 -54.81 -31.29 66.27
C VAL K 44 -54.35 -32.02 65.00
N LYS K 45 -55.13 -33.02 64.55
CA LYS K 45 -54.81 -33.86 63.39
C LYS K 45 -54.87 -33.20 62.03
N GLU K 46 -55.90 -32.41 61.76
CA GLU K 46 -56.05 -31.76 60.45
C GLU K 46 -55.63 -30.31 60.48
N ILE K 47 -55.14 -29.80 59.35
CA ILE K 47 -54.73 -28.41 59.28
C ILE K 47 -56.02 -27.61 59.26
N PRO K 48 -56.22 -26.72 60.23
CA PRO K 48 -57.47 -25.94 60.25
C PRO K 48 -57.43 -24.84 59.22
N ASP K 49 -58.59 -24.25 58.94
CA ASP K 49 -58.67 -23.17 57.98
C ASP K 49 -58.27 -21.90 58.70
N GLU K 50 -57.99 -20.83 57.96
CA GLU K 50 -57.60 -19.54 58.53
C GLU K 50 -56.32 -19.60 59.35
N VAL K 51 -55.21 -19.95 58.69
CA VAL K 51 -53.91 -19.98 59.31
C VAL K 51 -53.24 -18.71 58.77
N GLU K 52 -52.72 -17.85 59.65
CA GLU K 52 -52.09 -16.61 59.20
C GLU K 52 -50.68 -16.89 58.69
N VAL K 53 -49.88 -17.62 59.47
CA VAL K 53 -48.50 -17.94 59.12
C VAL K 53 -48.26 -19.44 59.24
N ALA K 54 -47.54 -20.02 58.27
CA ALA K 54 -47.25 -21.45 58.27
C ALA K 54 -45.76 -21.73 58.08
N LEU K 55 -45.18 -22.55 58.97
CA LEU K 55 -43.79 -22.94 58.90
C LEU K 55 -43.78 -24.36 58.37
N ILE K 56 -43.27 -24.58 57.15
CA ILE K 56 -43.26 -25.93 56.59
C ILE K 56 -41.83 -26.42 56.53
N GLU K 57 -41.52 -27.46 57.32
CA GLU K 57 -40.20 -28.04 57.38
C GLU K 57 -40.10 -29.17 56.36
N GLY K 58 -38.90 -29.39 55.83
CA GLY K 58 -38.65 -30.45 54.88
C GLY K 58 -39.02 -30.15 53.45
N GLY K 59 -38.40 -30.91 52.55
CA GLY K 59 -38.62 -30.81 51.12
C GLY K 59 -39.59 -31.88 50.70
N ILE K 60 -39.92 -31.96 49.41
CA ILE K 60 -40.88 -32.97 48.91
C ILE K 60 -40.21 -34.30 48.59
N ARG K 61 -40.44 -35.32 49.44
CA ARG K 61 -39.87 -36.66 49.24
C ARG K 61 -40.94 -37.70 48.83
N ASN K 62 -42.20 -37.59 49.31
CA ASN K 62 -43.25 -38.56 48.95
C ASN K 62 -44.57 -37.89 48.56
N GLU K 63 -45.49 -38.69 47.97
CA GLU K 63 -46.79 -38.22 47.52
C GLU K 63 -47.58 -37.49 48.61
N GLU K 64 -47.48 -37.93 49.88
CA GLU K 64 -48.18 -37.32 50.99
C GLU K 64 -47.61 -35.93 51.27
N ASN K 65 -46.28 -35.75 51.17
CA ASN K 65 -45.64 -34.45 51.39
C ASN K 65 -46.24 -33.42 50.48
N LEU K 66 -46.49 -33.82 49.24
CA LEU K 66 -47.07 -32.98 48.22
C LEU K 66 -48.49 -32.56 48.59
N GLU K 67 -49.32 -33.50 49.06
CA GLU K 67 -50.69 -33.22 49.46
C GLU K 67 -50.73 -32.26 50.65
N ILE K 68 -49.85 -32.48 51.65
CA ILE K 68 -49.80 -31.63 52.84
C ILE K 68 -49.38 -30.22 52.46
N ALA K 69 -48.33 -30.10 51.63
CA ALA K 69 -47.83 -28.80 51.17
C ALA K 69 -48.96 -28.03 50.50
N LYS K 70 -49.64 -28.67 49.55
CA LYS K 70 -50.77 -28.06 48.83
C LYS K 70 -51.89 -27.67 49.79
N GLU K 71 -52.18 -28.51 50.78
CA GLU K 71 -53.24 -28.21 51.73
C GLU K 71 -52.84 -27.02 52.61
N MET K 72 -51.61 -27.01 53.13
CA MET K 72 -51.15 -25.91 53.97
C MET K 72 -51.16 -24.58 53.19
N ARG K 73 -50.78 -24.62 51.89
CA ARG K 73 -50.77 -23.44 51.02
C ARG K 73 -52.19 -22.84 50.92
N GLU K 74 -53.22 -23.71 50.85
CA GLU K 74 -54.62 -23.28 50.76
C GLU K 74 -55.16 -22.76 52.11
N ARG K 75 -54.71 -23.33 53.23
CA ARG K 75 -55.18 -22.91 54.56
C ARG K 75 -54.41 -21.70 55.09
N ALA K 76 -53.15 -21.48 54.66
CA ALA K 76 -52.33 -20.40 55.18
C ALA K 76 -52.18 -19.17 54.28
N LYS K 77 -52.18 -17.97 54.91
CA LYS K 77 -52.01 -16.70 54.23
C LYS K 77 -50.54 -16.56 53.84
N ILE K 78 -49.62 -16.86 54.78
CA ILE K 78 -48.18 -16.78 54.54
C ILE K 78 -47.56 -18.17 54.74
N VAL K 79 -46.83 -18.66 53.72
CA VAL K 79 -46.16 -19.96 53.79
C VAL K 79 -44.67 -19.69 53.90
N ILE K 80 -43.98 -20.39 54.83
CA ILE K 80 -42.54 -20.20 55.02
C ILE K 80 -41.82 -21.50 54.81
N ALA K 81 -40.82 -21.50 53.93
CA ALA K 81 -40.04 -22.71 53.72
C ALA K 81 -39.14 -22.67 54.93
N PHE K 82 -39.39 -23.56 55.86
CA PHE K 82 -38.66 -23.63 57.10
C PHE K 82 -37.44 -24.53 57.04
N GLY K 83 -36.26 -23.93 56.90
CA GLY K 83 -35.01 -24.67 56.86
C GLY K 83 -34.57 -25.04 55.46
N THR K 84 -33.29 -25.38 55.37
CA THR K 84 -32.60 -25.77 54.15
C THR K 84 -33.32 -26.90 53.38
N CYS K 85 -33.91 -27.89 54.07
CA CYS K 85 -34.60 -28.96 53.35
C CYS K 85 -35.76 -28.35 52.54
N ALA K 86 -36.61 -27.57 53.19
CA ALA K 86 -37.75 -26.92 52.54
C ALA K 86 -37.31 -25.96 51.45
N ALA K 87 -36.32 -25.14 51.76
CA ALA K 87 -35.79 -24.12 50.86
C ALA K 87 -34.99 -24.63 49.67
N PHE K 88 -33.95 -25.44 49.91
CA PHE K 88 -33.08 -25.95 48.86
C PHE K 88 -33.13 -27.46 48.60
N GLY K 89 -33.85 -28.22 49.43
CA GLY K 89 -33.94 -29.67 49.25
C GLY K 89 -33.26 -30.46 50.35
N GLY K 90 -32.12 -29.97 50.83
CA GLY K 90 -31.36 -30.60 51.91
C GLY K 90 -30.65 -31.90 51.60
N VAL K 91 -30.03 -32.50 52.65
CA VAL K 91 -29.28 -33.76 52.57
C VAL K 91 -30.09 -34.90 51.94
N PRO K 92 -31.38 -35.08 52.27
CA PRO K 92 -32.14 -36.17 51.64
C PRO K 92 -32.11 -36.07 50.12
N GLY K 93 -31.88 -34.84 49.62
CA GLY K 93 -31.79 -34.55 48.20
C GLY K 93 -30.75 -35.37 47.48
N LEU K 94 -29.74 -35.89 48.21
CA LEU K 94 -28.70 -36.71 47.58
C LEU K 94 -29.30 -37.98 47.03
N GLY K 95 -30.51 -38.33 47.47
CA GLY K 95 -31.22 -39.50 47.01
C GLY K 95 -31.49 -39.39 45.52
N ASN K 96 -31.42 -38.16 44.99
CA ASN K 96 -31.65 -37.88 43.59
C ASN K 96 -30.55 -38.47 42.71
N LEU K 97 -29.44 -38.92 43.31
CA LEU K 97 -28.34 -39.51 42.56
C LEU K 97 -28.67 -40.93 42.15
N TYR K 98 -29.70 -41.52 42.77
CA TYR K 98 -30.13 -42.87 42.49
C TYR K 98 -31.61 -42.88 42.19
N SER K 99 -32.08 -43.94 41.55
CA SER K 99 -33.48 -44.07 41.24
C SER K 99 -34.21 -44.41 42.52
N ASN K 100 -35.50 -44.06 42.65
CA ASN K 100 -36.24 -44.38 43.86
C ASN K 100 -36.17 -45.90 44.13
N ASP K 101 -36.16 -46.72 43.06
CA ASP K 101 -36.08 -48.18 43.20
C ASP K 101 -34.77 -48.60 43.88
N GLU K 102 -33.67 -47.92 43.56
CA GLU K 102 -32.36 -48.24 44.16
C GLU K 102 -32.34 -47.88 45.64
N LEU K 103 -33.00 -46.78 46.03
CA LEU K 103 -33.05 -46.35 47.43
C LEU K 103 -33.87 -47.35 48.24
N LEU K 104 -34.99 -47.79 47.67
CA LEU K 104 -35.88 -48.73 48.34
C LEU K 104 -35.33 -50.15 48.33
N ASP K 105 -34.71 -50.59 47.23
CA ASP K 105 -34.15 -51.94 47.19
C ASP K 105 -33.04 -52.11 48.22
N LYS K 106 -32.26 -51.06 48.52
CA LYS K 106 -31.21 -51.16 49.52
C LYS K 106 -31.81 -51.33 50.90
N ALA K 107 -32.70 -50.41 51.28
CA ALA K 107 -33.36 -50.41 52.58
C ALA K 107 -34.22 -51.64 52.86
N TYR K 108 -34.96 -52.15 51.87
CA TYR K 108 -35.85 -53.29 52.10
C TYR K 108 -35.44 -54.61 51.48
N LYS K 109 -34.25 -54.72 50.88
CA LYS K 109 -33.84 -56.00 50.30
C LYS K 109 -32.37 -56.35 50.54
N THR K 110 -31.45 -55.57 49.95
CA THR K 110 -30.02 -55.84 50.01
C THR K 110 -29.23 -55.35 51.23
N THR K 111 -29.86 -54.73 52.25
CA THR K 111 -29.03 -54.33 53.40
C THR K 111 -28.66 -55.65 54.08
N ILE K 112 -27.41 -55.79 54.56
CA ILE K 112 -26.91 -57.03 55.18
C ILE K 112 -27.90 -57.71 56.19
N THR K 113 -28.50 -56.96 57.12
CA THR K 113 -29.41 -57.54 58.11
C THR K 113 -30.81 -57.86 57.60
N THR K 114 -31.23 -57.25 56.51
CA THR K 114 -32.56 -57.45 55.97
C THR K 114 -32.93 -58.85 55.51
N LYS K 115 -34.09 -59.31 56.00
CA LYS K 115 -34.69 -60.60 55.66
C LYS K 115 -36.04 -60.30 54.96
N ASN K 116 -36.08 -60.47 53.63
CA ASN K 116 -37.28 -60.21 52.83
C ASN K 116 -37.40 -61.36 51.85
N ASP K 117 -38.13 -62.41 52.24
CA ASP K 117 -38.33 -63.62 51.46
C ASP K 117 -38.93 -63.40 50.07
N ASP K 118 -40.16 -62.89 50.00
CA ASP K 118 -40.83 -62.66 48.72
C ASP K 118 -40.25 -61.49 47.93
N GLY K 119 -39.46 -60.65 48.59
CA GLY K 119 -38.82 -59.49 47.95
C GLY K 119 -39.79 -58.39 47.64
N ILE K 120 -40.51 -57.91 48.66
CA ILE K 120 -41.47 -56.83 48.44
C ILE K 120 -41.04 -55.54 49.06
N ILE K 121 -41.52 -54.45 48.49
CA ILE K 121 -41.24 -53.11 48.95
C ILE K 121 -42.51 -52.63 49.64
N PRO K 122 -42.45 -52.14 50.88
CA PRO K 122 -43.69 -51.68 51.53
C PRO K 122 -44.49 -50.77 50.61
N ASN K 123 -45.75 -51.13 50.35
CA ASN K 123 -46.61 -50.37 49.45
C ASN K 123 -48.07 -50.27 49.93
N GLU K 124 -48.36 -50.74 51.13
CA GLU K 124 -49.71 -50.71 51.67
C GLU K 124 -49.79 -49.67 52.78
N GLU K 125 -50.71 -48.70 52.63
CA GLU K 125 -50.92 -47.62 53.60
C GLU K 125 -49.71 -46.67 53.72
N VAL K 126 -48.71 -46.79 52.81
CA VAL K 126 -47.54 -45.93 52.82
C VAL K 126 -47.53 -45.17 51.50
N PRO K 127 -47.08 -43.91 51.47
CA PRO K 127 -47.09 -43.17 50.20
C PRO K 127 -45.94 -43.48 49.30
N GLU K 128 -46.14 -43.31 47.99
CA GLU K 128 -45.10 -43.56 47.02
C GLU K 128 -44.16 -42.40 47.03
N LEU K 129 -42.91 -42.64 46.69
CA LEU K 129 -41.91 -41.58 46.66
C LEU K 129 -42.10 -40.78 45.39
N VAL K 130 -41.84 -39.46 45.43
CA VAL K 130 -41.97 -38.65 44.22
C VAL K 130 -40.69 -38.86 43.43
N SER K 131 -40.76 -38.73 42.10
CA SER K 131 -39.62 -38.94 41.20
C SER K 131 -38.27 -38.46 41.76
N ARG K 132 -38.22 -37.26 42.31
CA ARG K 132 -37.00 -36.69 42.87
CA ARG K 132 -37.00 -36.68 42.87
C ARG K 132 -37.34 -35.77 44.04
N VAL K 133 -36.39 -35.55 44.95
CA VAL K 133 -36.63 -34.68 46.09
C VAL K 133 -36.72 -33.27 45.50
N LYS K 134 -37.72 -32.47 45.92
CA LYS K 134 -37.84 -31.11 45.37
C LYS K 134 -37.96 -30.08 46.46
N PRO K 135 -37.43 -28.86 46.27
CA PRO K 135 -37.62 -27.83 47.29
C PRO K 135 -39.08 -27.47 47.30
N LEU K 136 -39.58 -27.01 48.42
CA LEU K 136 -40.99 -26.65 48.58
C LEU K 136 -41.52 -25.68 47.49
N SER K 137 -40.69 -24.74 47.05
CA SER K 137 -41.07 -23.76 46.03
C SER K 137 -41.36 -24.38 44.65
N GLU K 138 -40.89 -25.61 44.40
CA GLU K 138 -41.12 -26.27 43.11
C GLU K 138 -42.55 -26.79 42.97
N VAL K 139 -43.27 -26.99 44.10
CA VAL K 139 -44.64 -27.50 44.07
C VAL K 139 -45.67 -26.48 44.53
N ILE K 140 -45.31 -25.56 45.44
CA ILE K 140 -46.25 -24.54 45.91
C ILE K 140 -45.58 -23.20 45.98
N GLU K 141 -46.38 -22.14 46.02
CA GLU K 141 -45.83 -20.80 46.10
C GLU K 141 -45.43 -20.53 47.53
N VAL K 142 -44.16 -20.20 47.74
CA VAL K 142 -43.63 -19.91 49.05
C VAL K 142 -43.42 -18.41 49.17
N ASP K 143 -43.87 -17.82 50.29
CA ASP K 143 -43.74 -16.39 50.50
C ASP K 143 -42.39 -15.98 51.07
N TYR K 144 -41.84 -16.75 52.02
CA TYR K 144 -40.54 -16.43 52.64
C TYR K 144 -39.80 -17.72 52.96
N PHE K 145 -38.56 -17.62 53.44
CA PHE K 145 -37.81 -18.82 53.80
C PHE K 145 -36.75 -18.54 54.84
N ILE K 146 -36.51 -19.53 55.71
CA ILE K 146 -35.52 -19.42 56.77
C ILE K 146 -34.42 -20.43 56.47
N PRO K 147 -33.31 -20.01 55.86
CA PRO K 147 -32.25 -20.96 55.53
C PRO K 147 -31.48 -21.42 56.76
N GLY K 148 -30.85 -22.58 56.64
CA GLY K 148 -30.08 -23.16 57.72
C GLY K 148 -30.45 -24.60 57.96
N CYS K 149 -29.47 -25.41 58.35
CA CYS K 149 -29.69 -26.83 58.61
C CYS K 149 -29.22 -27.17 60.03
N PRO K 150 -30.00 -26.78 61.06
CA PRO K 150 -31.26 -26.03 60.99
C PRO K 150 -31.00 -24.55 61.18
N PRO K 151 -32.01 -23.71 60.92
CA PRO K 151 -31.80 -22.27 61.11
C PRO K 151 -31.59 -21.97 62.58
N ASN K 152 -30.72 -21.02 62.91
CA ASN K 152 -30.45 -20.70 64.31
C ASN K 152 -31.74 -20.24 65.01
N PRO K 153 -31.89 -20.55 66.31
CA PRO K 153 -33.13 -20.15 67.01
C PRO K 153 -33.44 -18.66 66.98
N GLU K 154 -32.42 -17.82 67.07
CA GLU K 154 -32.60 -16.36 67.05
C GLU K 154 -33.17 -15.89 65.71
N MET K 155 -32.72 -16.50 64.61
CA MET K 155 -33.17 -16.16 63.27
C MET K 155 -34.62 -16.52 63.11
N ILE K 156 -35.04 -17.69 63.64
CA ILE K 156 -36.42 -18.14 63.54
C ILE K 156 -37.31 -17.13 64.25
N ALA K 157 -36.91 -16.73 65.47
CA ALA K 157 -37.66 -15.76 66.26
C ALA K 157 -37.75 -14.43 65.54
N GLU K 158 -36.61 -13.93 65.01
CA GLU K 158 -36.53 -12.66 64.28
C GLU K 158 -37.52 -12.62 63.12
N VAL K 159 -37.60 -13.71 62.34
CA VAL K 159 -38.48 -13.81 61.19
C VAL K 159 -39.94 -13.86 61.62
N VAL K 160 -40.27 -14.74 62.57
CA VAL K 160 -41.64 -14.88 63.06
C VAL K 160 -42.11 -13.54 63.64
N LYS K 161 -41.28 -12.92 64.51
CA LYS K 161 -41.55 -11.63 65.15
C LYS K 161 -41.89 -10.55 64.13
N ALA K 162 -41.06 -10.40 63.10
CA ALA K 162 -41.26 -9.42 62.04
C ALA K 162 -42.63 -9.61 61.40
N LEU K 163 -43.00 -10.87 61.10
CA LEU K 163 -44.29 -11.16 60.49
C LEU K 163 -45.46 -10.84 61.43
N LEU K 164 -45.31 -11.07 62.74
CA LEU K 164 -46.38 -10.76 63.69
C LEU K 164 -46.58 -9.24 63.76
N GLU K 165 -45.48 -8.47 63.63
CA GLU K 165 -45.51 -7.01 63.66
C GLU K 165 -46.04 -6.41 62.36
N GLY K 166 -46.04 -7.20 61.29
CA GLY K 166 -46.50 -6.75 59.98
C GLY K 166 -45.32 -6.41 59.08
N LYS K 167 -44.11 -6.33 59.67
CA LYS K 167 -42.88 -6.02 58.94
C LYS K 167 -42.48 -7.18 58.05
N GLU K 168 -41.72 -6.89 56.99
CA GLU K 168 -41.26 -7.92 56.06
C GLU K 168 -39.91 -8.43 56.56
N PRO K 169 -39.72 -9.76 56.68
CA PRO K 169 -38.44 -10.27 57.17
C PRO K 169 -37.30 -10.13 56.19
N GLU K 170 -36.11 -9.78 56.70
CA GLU K 170 -34.91 -9.63 55.88
C GLU K 170 -33.80 -10.51 56.42
N LEU K 171 -33.27 -11.38 55.55
CA LEU K 171 -32.20 -12.31 55.88
C LEU K 171 -30.85 -11.68 55.64
N PRO K 172 -29.78 -12.19 56.30
CA PRO K 172 -28.45 -11.61 56.04
C PRO K 172 -28.08 -11.86 54.58
N LYS K 173 -27.35 -10.93 53.96
CA LYS K 173 -26.99 -11.03 52.55
C LYS K 173 -25.58 -11.52 52.21
N LYS K 174 -24.58 -11.23 53.05
CA LYS K 174 -23.19 -11.63 52.74
C LYS K 174 -22.87 -13.11 52.84
N ASN K 175 -21.63 -13.48 52.42
CA ASN K 175 -21.18 -14.86 52.49
C ASN K 175 -20.48 -15.03 53.84
N LEU K 176 -20.22 -16.27 54.23
CA LEU K 176 -19.65 -16.63 55.54
C LEU K 176 -18.29 -16.07 55.97
N CYS K 177 -17.36 -15.79 55.05
CA CYS K 177 -16.04 -15.29 55.45
C CYS K 177 -16.12 -14.01 56.31
N GLU K 178 -17.20 -13.24 56.17
CA GLU K 178 -17.44 -12.02 56.94
C GLU K 178 -17.50 -12.40 58.41
N GLU K 179 -18.29 -13.43 58.74
CA GLU K 179 -18.47 -13.93 60.11
C GLU K 179 -17.32 -14.82 60.56
N CYS K 180 -16.65 -15.54 59.64
CA CYS K 180 -15.55 -16.42 60.02
C CYS K 180 -14.41 -15.62 60.65
N ALA K 181 -13.86 -16.14 61.75
CA ALA K 181 -12.78 -15.48 62.49
C ALA K 181 -11.40 -15.84 61.92
N ARG K 182 -11.33 -16.69 60.88
CA ARG K 182 -10.04 -17.08 60.29
C ARG K 182 -9.45 -15.96 59.46
N LYS K 183 -8.12 -15.83 59.49
CA LYS K 183 -7.38 -14.80 58.78
C LYS K 183 -7.19 -15.12 57.30
N LYS K 184 -7.33 -14.10 56.45
CA LYS K 184 -7.19 -14.20 55.02
C LYS K 184 -5.95 -13.44 54.54
N SER K 185 -5.37 -13.89 53.44
CA SER K 185 -4.20 -13.24 52.88
C SER K 185 -4.66 -11.99 52.14
N GLU K 186 -4.02 -10.85 52.40
CA GLU K 186 -4.39 -9.60 51.75
C GLU K 186 -4.18 -9.68 50.24
N GLU K 187 -3.17 -10.44 49.80
CA GLU K 187 -2.86 -10.61 48.37
C GLU K 187 -3.97 -11.34 47.59
N GLY K 188 -4.87 -12.02 48.30
CA GLY K 188 -5.95 -12.76 47.67
C GLY K 188 -5.79 -14.25 47.89
N VAL K 189 -6.81 -15.03 47.55
CA VAL K 189 -6.78 -16.47 47.72
C VAL K 189 -6.01 -17.15 46.60
N ALA K 190 -5.18 -18.14 46.97
CA ALA K 190 -4.39 -18.94 46.04
C ALA K 190 -4.40 -20.35 46.61
N ILE K 191 -4.82 -21.36 45.80
CA ILE K 191 -4.87 -22.75 46.25
C ILE K 191 -3.77 -23.53 45.51
N GLU K 192 -2.85 -24.15 46.26
CA GLU K 192 -1.75 -24.92 45.70
C GLU K 192 -2.10 -26.38 45.49
N THR K 193 -2.84 -26.97 46.44
CA THR K 193 -3.25 -28.37 46.38
C THR K 193 -4.62 -28.51 47.03
N ILE K 194 -5.29 -29.64 46.78
CA ILE K 194 -6.61 -29.89 47.37
C ILE K 194 -6.50 -31.11 48.24
N LYS K 195 -6.92 -30.96 49.50
CA LYS K 195 -6.86 -32.03 50.49
C LYS K 195 -8.21 -32.44 50.96
N ARG K 196 -8.35 -33.71 51.31
CA ARG K 196 -9.59 -34.19 51.86
C ARG K 196 -9.50 -33.80 53.33
N ASN K 197 -10.63 -33.54 53.99
CA ASN K 197 -10.66 -33.09 55.38
C ASN K 197 -9.75 -33.84 56.37
N TYR K 198 -9.46 -35.12 56.15
CA TYR K 198 -8.60 -35.87 57.07
C TYR K 198 -7.11 -35.70 56.76
N GLU K 199 -6.77 -35.18 55.56
CA GLU K 199 -5.38 -35.00 55.18
C GLU K 199 -4.70 -33.83 55.88
N GLY K 200 -3.60 -34.14 56.58
CA GLY K 200 -2.81 -33.16 57.29
C GLY K 200 -3.41 -32.72 58.61
N ASN K 201 -2.87 -31.63 59.15
CA ASN K 201 -3.31 -31.01 60.40
C ASN K 201 -3.51 -29.53 60.09
N PRO K 202 -4.76 -29.06 60.04
CA PRO K 202 -5.00 -27.65 59.69
C PRO K 202 -4.63 -26.60 60.74
N ASP K 203 -4.08 -25.47 60.26
CA ASP K 203 -3.73 -24.34 61.11
C ASP K 203 -5.04 -23.77 61.63
N PRO K 204 -5.15 -23.44 62.92
CA PRO K 204 -6.42 -22.91 63.44
C PRO K 204 -6.75 -21.46 63.08
N GLU K 205 -5.76 -20.67 62.65
CA GLU K 205 -5.96 -19.27 62.32
C GLU K 205 -6.16 -18.97 60.82
N LYS K 206 -5.47 -19.69 59.93
CA LYS K 206 -5.55 -19.47 58.49
C LYS K 206 -6.81 -20.03 57.84
N CYS K 207 -7.39 -19.28 56.89
CA CYS K 207 -8.60 -19.69 56.15
C CYS K 207 -8.37 -21.10 55.61
N LEU K 208 -9.30 -22.01 55.88
CA LEU K 208 -9.19 -23.40 55.43
C LEU K 208 -9.13 -23.56 53.91
N LEU K 209 -9.76 -22.64 53.15
CA LEU K 209 -9.74 -22.71 51.69
C LEU K 209 -8.32 -22.44 51.15
N GLU K 210 -7.59 -21.50 51.77
CA GLU K 210 -6.22 -21.19 51.35
C GLU K 210 -5.27 -22.34 51.76
N GLN K 211 -5.71 -23.19 52.71
CA GLN K 211 -4.93 -24.33 53.20
C GLN K 211 -5.13 -25.59 52.33
N GLY K 212 -6.05 -25.53 51.37
CA GLY K 212 -6.32 -26.66 50.47
C GLY K 212 -7.57 -27.47 50.77
N TYR K 213 -8.38 -27.06 51.74
CA TYR K 213 -9.60 -27.80 52.07
C TYR K 213 -10.77 -27.19 51.33
N ILE K 214 -11.72 -28.01 50.85
CA ILE K 214 -12.88 -27.47 50.15
C ILE K 214 -13.83 -26.91 51.19
N CYS K 215 -13.74 -25.60 51.47
CA CYS K 215 -14.60 -24.93 52.44
C CYS K 215 -15.67 -24.20 51.65
N LEU K 216 -16.95 -24.47 51.97
CA LEU K 216 -18.07 -23.84 51.26
C LEU K 216 -18.48 -22.49 51.80
N GLY K 217 -17.78 -21.96 52.81
CA GLY K 217 -18.11 -20.67 53.38
C GLY K 217 -18.18 -19.56 52.36
N ILE K 218 -17.29 -19.62 51.34
CA ILE K 218 -17.25 -18.60 50.28
C ILE K 218 -18.56 -18.56 49.49
N ALA K 219 -19.22 -19.71 49.31
CA ALA K 219 -20.46 -19.81 48.56
C ALA K 219 -21.64 -20.05 49.50
N THR K 220 -21.54 -19.67 50.78
CA THR K 220 -22.62 -19.92 51.71
C THR K 220 -23.03 -18.67 52.47
N ARG K 221 -24.35 -18.49 52.61
CA ARG K 221 -24.93 -17.36 53.30
C ARG K 221 -24.56 -17.34 54.76
N GLU K 222 -24.31 -16.15 55.27
CA GLU K 222 -23.94 -15.93 56.66
C GLU K 222 -25.17 -16.02 57.55
N GLY K 223 -24.97 -15.91 58.86
CA GLY K 223 -26.06 -15.97 59.84
C GLY K 223 -25.84 -16.99 60.93
N CYS K 224 -25.23 -18.13 60.59
CA CYS K 224 -24.96 -19.21 61.54
C CYS K 224 -23.91 -18.83 62.57
N GLY K 225 -22.97 -17.97 62.18
CA GLY K 225 -21.89 -17.53 63.04
C GLY K 225 -20.61 -18.29 62.74
N ALA K 226 -20.63 -19.09 61.65
CA ALA K 226 -19.48 -19.91 61.21
C ALA K 226 -18.96 -20.80 62.33
N PRO K 227 -19.80 -21.67 62.88
CA PRO K 227 -19.32 -22.57 63.96
C PRO K 227 -18.37 -23.66 63.48
N CYS K 228 -18.53 -24.12 62.23
CA CYS K 228 -17.69 -25.18 61.69
C CYS K 228 -16.23 -24.75 61.52
N PRO K 229 -15.88 -23.69 60.76
CA PRO K 229 -14.46 -23.33 60.66
C PRO K 229 -13.86 -23.01 62.03
N SER K 230 -14.66 -22.37 62.92
CA SER K 230 -14.22 -22.03 64.28
C SER K 230 -13.96 -23.28 65.11
N SER K 231 -14.60 -24.39 64.77
CA SER K 231 -14.44 -25.66 65.46
C SER K 231 -13.33 -26.54 64.84
N GLY K 232 -12.72 -26.09 63.75
CA GLY K 232 -11.64 -26.81 63.10
C GLY K 232 -11.98 -27.63 61.87
N VAL K 233 -13.21 -27.48 61.33
CA VAL K 233 -13.60 -28.24 60.13
C VAL K 233 -14.11 -27.26 59.09
N PRO K 234 -14.03 -27.58 57.78
CA PRO K 234 -14.54 -26.63 56.79
C PRO K 234 -16.05 -26.49 56.80
N CYS K 235 -16.56 -25.41 56.23
CA CYS K 235 -18.00 -25.20 56.17
C CYS K 235 -18.51 -26.16 55.12
N SER K 236 -19.65 -26.80 55.39
CA SER K 236 -20.21 -27.76 54.45
C SER K 236 -21.29 -27.10 53.56
N GLY K 237 -21.56 -25.81 53.77
CA GLY K 237 -22.52 -25.05 52.99
C GLY K 237 -23.97 -25.30 53.37
N CYS K 238 -24.22 -25.66 54.62
CA CYS K 238 -25.58 -25.98 55.10
C CYS K 238 -26.60 -24.82 55.06
N SER K 239 -26.19 -23.54 55.06
CA SER K 239 -27.18 -22.45 55.02
C SER K 239 -27.63 -22.14 53.59
N GLY K 240 -26.97 -22.72 52.59
CA GLY K 240 -27.33 -22.50 51.19
C GLY K 240 -26.70 -21.25 50.62
N PRO K 241 -26.98 -20.97 49.33
CA PRO K 241 -26.38 -19.78 48.71
C PRO K 241 -26.99 -18.46 49.07
N THR K 242 -26.31 -17.39 48.64
CA THR K 242 -26.75 -16.03 48.88
C THR K 242 -27.92 -15.75 47.94
N ASP K 243 -28.48 -14.54 48.00
CA ASP K 243 -29.61 -14.18 47.15
C ASP K 243 -29.19 -13.99 45.68
N ALA K 244 -27.90 -13.73 45.43
CA ALA K 244 -27.38 -13.50 44.07
C ALA K 244 -26.84 -14.79 43.41
N VAL K 245 -27.02 -15.96 44.04
CA VAL K 245 -26.52 -17.22 43.49
C VAL K 245 -27.63 -18.26 43.49
N VAL K 246 -27.99 -18.76 42.30
CA VAL K 246 -29.05 -19.75 42.15
C VAL K 246 -28.49 -21.13 42.49
N ASP K 247 -27.40 -21.51 41.83
CA ASP K 247 -26.75 -22.80 42.02
C ASP K 247 -25.46 -22.61 42.83
N GLN K 248 -25.49 -23.00 44.10
CA GLN K 248 -24.38 -22.88 45.05
C GLN K 248 -23.17 -23.71 44.63
N GLY K 249 -23.42 -24.96 44.24
CA GLY K 249 -22.36 -25.88 43.85
C GLY K 249 -21.59 -25.40 42.65
N ALA K 250 -22.31 -24.92 41.65
CA ALA K 250 -21.74 -24.41 40.41
C ALA K 250 -20.82 -23.22 40.70
N LYS K 251 -21.26 -22.30 41.57
CA LYS K 251 -20.46 -21.13 41.92
C LYS K 251 -19.25 -21.51 42.73
N MET K 252 -19.39 -22.52 43.57
CA MET K 252 -18.30 -22.99 44.40
C MET K 252 -17.22 -23.61 43.50
N ILE K 253 -17.64 -24.42 42.52
CA ILE K 253 -16.70 -25.06 41.58
C ILE K 253 -16.00 -23.97 40.78
N SER K 254 -16.76 -22.98 40.27
CA SER K 254 -16.19 -21.88 39.52
C SER K 254 -15.09 -21.20 40.32
N ALA K 255 -15.40 -20.80 41.57
CA ALA K 255 -14.45 -20.13 42.46
C ALA K 255 -13.24 -21.01 42.72
N LEU K 256 -13.47 -22.28 43.07
CA LEU K 256 -12.40 -23.21 43.36
C LEU K 256 -11.48 -23.43 42.15
N CYS K 257 -12.04 -23.61 40.96
CA CYS K 257 -11.26 -23.83 39.74
C CYS K 257 -10.49 -22.57 39.37
N SER K 258 -11.09 -21.40 39.59
CA SER K 258 -10.47 -20.13 39.27
C SER K 258 -9.19 -19.90 40.06
N ASP K 259 -9.25 -20.10 41.39
CA ASP K 259 -8.10 -19.89 42.26
C ASP K 259 -7.15 -21.06 42.37
N PHE K 260 -7.49 -22.23 41.84
CA PHE K 260 -6.57 -23.36 41.95
C PHE K 260 -5.36 -23.11 41.05
N GLY K 261 -4.19 -23.03 41.67
CA GLY K 261 -2.94 -22.78 40.96
C GLY K 261 -2.90 -21.43 40.26
N ILE K 262 -3.52 -20.41 40.88
CA ILE K 262 -3.55 -19.05 40.31
C ILE K 262 -2.14 -18.40 40.32
N ASP K 263 -1.25 -18.81 41.23
CA ASP K 263 0.11 -18.24 41.27
C ASP K 263 0.95 -18.79 40.11
N ASN K 264 0.51 -19.91 39.50
CA ASN K 264 1.15 -20.56 38.36
C ASN K 264 0.03 -20.79 37.32
N ASP K 265 -0.85 -19.79 37.21
CA ASP K 265 -2.04 -19.73 36.35
C ASP K 265 -1.92 -20.33 34.96
N ARG K 266 -0.89 -19.94 34.20
CA ARG K 266 -0.72 -20.43 32.84
C ARG K 266 -0.13 -21.82 32.67
N ASP K 267 0.53 -22.38 33.68
CA ASP K 267 1.12 -23.70 33.53
C ASP K 267 0.50 -24.78 34.40
N VAL K 268 -0.23 -24.41 35.45
CA VAL K 268 -0.85 -25.39 36.32
C VAL K 268 -1.70 -26.36 35.48
N ASP K 269 -1.63 -27.64 35.81
CA ASP K 269 -2.36 -28.67 35.11
C ASP K 269 -3.85 -28.58 35.43
N PRO K 270 -4.71 -28.40 34.41
CA PRO K 270 -6.15 -28.31 34.69
C PRO K 270 -6.81 -29.64 35.07
N MET K 271 -6.04 -30.75 35.07
CA MET K 271 -6.56 -32.09 35.40
C MET K 271 -6.26 -32.47 36.87
N ILE K 272 -5.43 -31.70 37.60
CA ILE K 272 -5.13 -32.05 39.00
C ILE K 272 -6.41 -32.01 39.83
N LEU K 273 -7.17 -30.91 39.72
CA LEU K 273 -8.41 -30.72 40.48
C LEU K 273 -9.46 -31.83 40.22
N PRO K 274 -9.89 -32.12 38.97
CA PRO K 274 -10.88 -33.20 38.79
C PRO K 274 -10.36 -34.58 39.19
N LYS K 275 -9.05 -34.80 39.10
CA LYS K 275 -8.47 -36.10 39.47
C LYS K 275 -8.44 -36.22 41.00
N SER K 276 -8.28 -35.09 41.71
CA SER K 276 -8.22 -35.06 43.18
C SER K 276 -9.60 -35.21 43.85
N ILE K 277 -10.63 -34.56 43.30
CA ILE K 277 -11.97 -34.64 43.90
C ILE K 277 -12.67 -35.86 43.33
N LYS K 278 -12.77 -36.91 44.17
CA LYS K 278 -13.35 -38.18 43.81
C LYS K 278 -14.87 -38.27 44.06
N ASP K 279 -15.46 -37.25 44.68
CA ASP K 279 -16.90 -37.17 44.95
C ASP K 279 -17.27 -35.71 44.79
N LYS K 280 -17.50 -35.29 43.54
CA LYS K 280 -17.84 -33.92 43.21
C LYS K 280 -19.20 -33.47 43.70
N ILE K 281 -20.26 -34.25 43.45
CA ILE K 281 -21.59 -33.86 43.90
C ILE K 281 -21.66 -33.76 45.41
N GLY K 282 -21.08 -34.73 46.11
CA GLY K 282 -21.06 -34.74 47.56
C GLY K 282 -20.18 -33.65 48.14
N SER K 283 -19.24 -33.13 47.34
CA SER K 283 -18.35 -32.07 47.80
C SER K 283 -18.99 -30.70 47.60
N PHE K 284 -19.85 -30.53 46.58
CA PHE K 284 -20.47 -29.23 46.29
C PHE K 284 -22.01 -29.15 46.39
N TYR K 285 -22.72 -30.25 46.60
CA TYR K 285 -24.19 -30.21 46.67
C TYR K 285 -24.73 -31.01 47.85
N LYS K 286 -24.02 -30.99 48.99
CA LYS K 286 -24.48 -31.75 50.18
C LYS K 286 -25.91 -31.42 50.57
N PHE K 287 -26.22 -30.12 50.67
CA PHE K 287 -27.53 -29.62 51.11
C PHE K 287 -28.38 -28.95 50.05
N THR K 288 -27.91 -28.84 48.81
CA THR K 288 -28.69 -28.13 47.79
C THR K 288 -28.94 -28.82 46.45
N LEU K 289 -28.56 -30.10 46.28
CA LEU K 289 -28.77 -30.77 45.00
C LEU K 289 -30.17 -30.56 44.37
N PRO K 290 -31.27 -30.71 45.11
CA PRO K 290 -32.61 -30.52 44.50
C PRO K 290 -32.91 -29.14 43.93
N SER K 291 -32.20 -28.11 44.39
CA SER K 291 -32.39 -26.73 43.93
C SER K 291 -31.38 -26.34 42.81
N ALA K 292 -30.49 -27.28 42.45
CA ALA K 292 -29.47 -27.07 41.41
C ALA K 292 -30.09 -27.10 40.01
N PHE K 293 -29.33 -26.61 39.00
CA PHE K 293 -29.82 -26.59 37.62
C PHE K 293 -30.03 -28.03 37.16
N VAL K 294 -29.10 -28.93 37.53
CA VAL K 294 -29.18 -30.35 37.23
C VAL K 294 -29.32 -30.96 38.62
N PRO K 295 -30.57 -31.19 39.06
CA PRO K 295 -30.78 -31.69 40.42
C PRO K 295 -30.87 -33.21 40.55
N ILE K 296 -30.56 -33.96 39.50
CA ILE K 296 -30.63 -35.42 39.55
C ILE K 296 -29.51 -36.00 38.72
N ARG K 297 -29.37 -37.31 38.76
CA ARG K 297 -28.37 -38.01 37.96
C ARG K 297 -29.18 -38.75 36.91
N LEU K 298 -28.80 -38.63 35.64
CA LEU K 298 -29.52 -39.33 34.58
C LEU K 298 -29.17 -40.81 34.61
N LYS K 299 -30.17 -41.70 34.52
CA LYS K 299 -29.93 -43.14 34.56
C LYS K 299 -30.43 -43.82 33.29
N VAL L 2 -65.89 -51.40 58.44
CA VAL L 2 -65.53 -50.06 58.93
C VAL L 2 -64.04 -49.99 59.15
N LYS L 3 -63.44 -48.85 58.79
CA LYS L 3 -62.01 -48.62 58.91
C LYS L 3 -61.76 -47.25 59.51
N LEU L 4 -61.00 -47.21 60.61
CA LEU L 4 -60.65 -45.97 61.28
C LEU L 4 -59.20 -45.75 61.13
N SER L 5 -58.77 -44.49 61.15
CA SER L 5 -57.36 -44.20 61.02
C SER L 5 -56.96 -43.05 61.91
N VAL L 6 -55.86 -43.25 62.64
CA VAL L 6 -55.30 -42.24 63.51
C VAL L 6 -54.13 -41.71 62.73
N GLU L 7 -54.27 -40.53 62.10
CA GLU L 7 -53.18 -39.97 61.32
C GLU L 7 -53.22 -38.45 61.29
N PRO L 8 -52.09 -37.81 61.60
CA PRO L 8 -50.81 -38.41 62.00
C PRO L 8 -50.77 -38.74 63.47
N VAL L 9 -49.87 -39.65 63.87
CA VAL L 9 -49.72 -39.96 65.27
C VAL L 9 -49.01 -38.73 65.76
N THR L 10 -49.52 -38.09 66.79
CA THR L 10 -48.93 -36.86 67.29
C THR L 10 -48.12 -37.04 68.56
N ARG L 11 -47.22 -36.08 68.80
CA ARG L 11 -46.30 -36.04 69.93
C ARG L 11 -45.29 -37.18 69.89
N VAL L 12 -44.80 -37.41 68.68
CA VAL L 12 -43.79 -38.40 68.35
C VAL L 12 -42.97 -37.75 67.27
N GLU L 13 -41.73 -38.18 67.08
CA GLU L 13 -40.94 -37.60 66.02
C GLU L 13 -41.19 -38.46 64.81
N GLY L 14 -41.49 -37.84 63.67
CA GLY L 14 -41.71 -38.57 62.44
C GLY L 14 -43.14 -38.78 61.99
N HIS L 15 -43.27 -39.59 60.94
CA HIS L 15 -44.52 -39.90 60.29
C HIS L 15 -45.03 -41.31 60.54
N GLY L 16 -46.01 -41.41 61.42
CA GLY L 16 -46.64 -42.67 61.77
C GLY L 16 -48.14 -42.57 61.77
N LYS L 17 -48.80 -43.72 61.62
CA LYS L 17 -50.25 -43.77 61.64
C LYS L 17 -50.74 -45.12 62.12
N ILE L 18 -51.98 -45.15 62.64
CA ILE L 18 -52.58 -46.37 63.16
C ILE L 18 -53.88 -46.60 62.42
N SER L 19 -54.10 -47.82 61.97
CA SER L 19 -55.32 -48.19 61.29
C SER L 19 -56.04 -49.16 62.20
N VAL L 20 -57.36 -49.11 62.20
CA VAL L 20 -58.16 -50.00 63.01
C VAL L 20 -59.29 -50.43 62.12
N SER L 21 -59.33 -51.70 61.71
CA SER L 21 -60.39 -52.17 60.84
C SER L 21 -61.33 -53.09 61.58
N PHE L 22 -62.58 -53.12 61.14
CA PHE L 22 -63.62 -53.97 61.72
C PHE L 22 -64.25 -54.82 60.64
N ASP L 23 -64.74 -56.00 61.02
CA ASP L 23 -65.38 -56.91 60.08
C ASP L 23 -66.83 -56.53 59.86
N ASP L 24 -67.51 -57.26 58.95
CA ASP L 24 -68.91 -57.03 58.60
C ASP L 24 -69.86 -57.11 59.81
N SER L 25 -69.52 -57.92 60.82
CA SER L 25 -70.35 -58.04 62.02
C SER L 25 -70.18 -56.83 62.93
N GLY L 26 -69.06 -56.13 62.79
CA GLY L 26 -68.74 -54.95 63.58
C GLY L 26 -67.70 -55.25 64.64
N ASN L 27 -67.03 -56.42 64.57
CA ASN L 27 -66.00 -56.82 65.53
C ASN L 27 -64.61 -56.39 65.10
N LEU L 28 -63.76 -56.05 66.08
CA LEU L 28 -62.38 -55.64 65.85
C LEU L 28 -61.70 -56.69 64.98
N ASP L 29 -61.05 -56.26 63.88
CA ASP L 29 -60.40 -57.17 62.95
C ASP L 29 -58.87 -57.05 62.90
N LYS L 30 -58.34 -55.96 62.30
CA LYS L 30 -56.90 -55.75 62.17
C LYS L 30 -56.52 -54.38 62.69
N VAL L 31 -55.51 -54.31 63.55
CA VAL L 31 -55.00 -53.08 64.10
C VAL L 31 -53.54 -53.07 63.73
N ARG L 32 -53.08 -52.03 63.04
CA ARG L 32 -51.68 -51.97 62.63
C ARG L 32 -51.07 -50.61 62.83
N PHE L 33 -49.75 -50.59 62.97
CA PHE L 33 -48.99 -49.37 63.12
C PHE L 33 -48.18 -49.21 61.86
N HIS L 34 -48.37 -48.08 61.15
CA HIS L 34 -47.67 -47.85 59.89
C HIS L 34 -46.77 -46.65 59.96
N VAL L 35 -45.59 -46.76 59.36
CA VAL L 35 -44.63 -45.67 59.29
C VAL L 35 -44.64 -45.31 57.81
N VAL L 36 -44.96 -44.04 57.52
CA VAL L 36 -45.13 -43.57 56.15
C VAL L 36 -44.01 -42.67 55.61
N GLU L 37 -42.76 -42.92 55.98
CA GLU L 37 -41.64 -42.10 55.49
C GLU L 37 -40.43 -42.97 55.24
N VAL L 38 -39.58 -42.51 54.31
CA VAL L 38 -38.32 -43.16 53.96
C VAL L 38 -37.53 -42.21 53.10
N ARG L 39 -36.24 -42.09 53.37
CA ARG L 39 -35.38 -41.20 52.61
C ARG L 39 -34.27 -41.98 51.86
N GLY L 40 -33.92 -43.17 52.34
CA GLY L 40 -32.92 -44.01 51.68
C GLY L 40 -31.48 -43.62 51.88
N PHE L 41 -31.10 -43.25 53.10
CA PHE L 41 -29.73 -42.84 53.45
C PHE L 41 -28.72 -43.93 53.20
N GLU L 42 -29.09 -45.18 53.41
CA GLU L 42 -28.17 -46.30 53.23
C GLU L 42 -27.61 -46.37 51.82
N LYS L 43 -28.44 -46.11 50.81
CA LYS L 43 -28.01 -46.15 49.42
C LYS L 43 -27.38 -44.87 48.95
N PHE L 44 -27.97 -43.70 49.26
CA PHE L 44 -27.37 -42.47 48.77
C PHE L 44 -26.00 -42.15 49.42
N LEU L 45 -25.65 -42.80 50.55
CA LEU L 45 -24.32 -42.58 51.15
C LEU L 45 -23.27 -43.24 50.21
N GLU L 46 -23.69 -44.20 49.35
CA GLU L 46 -22.74 -44.85 48.43
C GLU L 46 -22.22 -43.78 47.49
N GLY L 47 -20.92 -43.76 47.27
CA GLY L 47 -20.31 -42.76 46.41
C GLY L 47 -19.83 -41.55 47.16
N ARG L 48 -20.18 -41.42 48.45
CA ARG L 48 -19.75 -40.29 49.26
C ARG L 48 -18.44 -40.57 49.94
N TYR L 49 -17.80 -39.52 50.46
CA TYR L 49 -16.55 -39.66 51.17
C TYR L 49 -16.90 -40.24 52.52
N VAL L 50 -16.14 -41.22 52.99
CA VAL L 50 -16.41 -41.85 54.28
C VAL L 50 -16.28 -40.85 55.44
N GLU L 51 -15.28 -39.95 55.38
CA GLU L 51 -15.08 -38.96 56.44
C GLU L 51 -16.22 -37.91 56.47
N ASP L 52 -17.11 -37.93 55.45
CA ASP L 52 -18.25 -37.02 55.36
C ASP L 52 -19.50 -37.72 55.92
N ALA L 53 -19.41 -39.01 56.31
CA ALA L 53 -20.56 -39.71 56.87
C ALA L 53 -21.03 -39.00 58.15
N PRO L 54 -20.13 -38.60 59.08
CA PRO L 54 -20.59 -37.88 60.28
C PRO L 54 -21.24 -36.52 59.98
N ILE L 55 -21.25 -36.08 58.71
CA ILE L 55 -21.87 -34.82 58.32
C ILE L 55 -23.29 -35.13 57.81
N TYR L 56 -23.45 -36.27 57.11
CA TYR L 56 -24.75 -36.68 56.56
C TYR L 56 -25.66 -37.40 57.55
N THR L 57 -25.14 -38.36 58.35
CA THR L 57 -26.00 -39.12 59.26
C THR L 57 -26.71 -38.26 60.30
N PRO L 58 -26.10 -37.22 60.88
CA PRO L 58 -26.86 -36.43 61.86
C PRO L 58 -28.18 -35.96 61.25
N ARG L 59 -28.21 -35.72 59.92
CA ARG L 59 -29.43 -35.29 59.23
C ARG L 59 -30.50 -36.41 59.17
N ILE L 60 -30.25 -37.58 59.81
CA ILE L 60 -31.24 -38.64 59.82
C ILE L 60 -32.29 -38.20 60.83
N CYS L 61 -31.86 -37.46 61.87
CA CYS L 61 -32.79 -36.98 62.88
C CYS L 61 -32.24 -35.77 63.63
N GLY L 62 -33.11 -34.79 63.84
CA GLY L 62 -32.78 -33.56 64.54
C GLY L 62 -32.77 -33.64 66.05
N ILE L 63 -33.21 -34.77 66.65
CA ILE L 63 -33.21 -34.90 68.12
C ILE L 63 -31.97 -35.67 68.54
N CYS L 64 -31.71 -36.82 67.90
CA CYS L 64 -30.59 -37.68 68.21
C CYS L 64 -29.48 -37.56 67.17
N GLN L 65 -29.26 -36.38 66.64
CA GLN L 65 -28.22 -36.16 65.63
C GLN L 65 -26.85 -36.46 66.23
N VAL L 66 -26.65 -36.15 67.52
CA VAL L 66 -25.38 -36.39 68.19
C VAL L 66 -25.06 -37.88 68.13
N ALA L 67 -26.05 -38.74 68.41
CA ALA L 67 -25.86 -40.19 68.39
C ALA L 67 -25.34 -40.66 67.03
N HIS L 68 -25.91 -40.13 65.94
CA HIS L 68 -25.49 -40.49 64.59
C HIS L 68 -24.10 -39.95 64.28
N HIS L 69 -23.82 -38.71 64.69
CA HIS L 69 -22.52 -38.08 64.47
C HIS L 69 -21.42 -38.97 65.06
N LEU L 70 -21.63 -39.43 66.31
CA LEU L 70 -20.66 -40.28 67.01
C LEU L 70 -20.64 -41.71 66.45
N ALA L 71 -21.79 -42.29 66.12
CA ALA L 71 -21.81 -43.65 65.57
C ALA L 71 -21.03 -43.63 64.25
N SER L 72 -21.26 -42.60 63.42
CA SER L 72 -20.56 -42.48 62.14
C SER L 72 -19.08 -42.26 62.37
N ALA L 73 -18.73 -41.39 63.32
CA ALA L 73 -17.33 -41.10 63.64
C ALA L 73 -16.60 -42.37 64.01
N LYS L 74 -17.19 -43.18 64.87
CA LYS L 74 -16.60 -44.46 65.31
C LYS L 74 -16.39 -45.41 64.13
N ALA L 75 -17.40 -45.59 63.27
CA ALA L 75 -17.27 -46.48 62.11
C ALA L 75 -16.15 -45.98 61.24
N VAL L 76 -16.14 -44.67 61.01
CA VAL L 76 -15.12 -44.03 60.21
C VAL L 76 -13.73 -44.24 60.84
N ASP L 77 -13.63 -44.19 62.18
CA ASP L 77 -12.36 -44.42 62.87
C ASP L 77 -11.92 -45.86 62.71
N ASN L 78 -12.82 -46.77 62.33
CA ASN L 78 -12.49 -48.16 62.14
C ASN L 78 -12.11 -48.34 60.68
N VAL L 79 -12.77 -47.59 59.76
CA VAL L 79 -12.44 -47.66 58.34
C VAL L 79 -10.96 -47.32 58.23
N PHE L 80 -10.52 -46.30 58.96
CA PHE L 80 -9.12 -45.92 59.01
C PHE L 80 -8.75 -46.67 60.25
N GLY L 81 -7.66 -47.41 60.22
CA GLY L 81 -7.21 -48.21 61.34
C GLY L 81 -6.70 -47.37 62.49
N VAL L 82 -7.49 -46.36 62.91
CA VAL L 82 -7.09 -45.45 63.97
C VAL L 82 -7.87 -45.58 65.28
N LYS L 83 -7.14 -45.56 66.39
CA LYS L 83 -7.65 -45.61 67.75
C LYS L 83 -7.52 -44.17 68.22
N ILE L 84 -8.64 -43.52 68.57
CA ILE L 84 -8.61 -42.12 68.98
C ILE L 84 -8.03 -41.94 70.40
N PRO L 85 -7.47 -40.75 70.72
CA PRO L 85 -6.91 -40.56 72.07
C PRO L 85 -7.98 -40.50 73.16
N GLU L 86 -7.58 -40.72 74.42
CA GLU L 86 -8.51 -40.71 75.55
C GLU L 86 -9.30 -39.42 75.64
N THR L 87 -8.64 -38.26 75.56
CA THR L 87 -9.35 -36.98 75.65
C THR L 87 -10.50 -36.93 74.62
N ALA L 88 -10.28 -37.47 73.40
CA ALA L 88 -11.31 -37.47 72.35
C ALA L 88 -12.46 -38.38 72.75
N GLU L 89 -12.15 -39.56 73.33
CA GLU L 89 -13.18 -40.49 73.78
C GLU L 89 -14.06 -39.83 74.83
N LEU L 90 -13.44 -39.03 75.73
CA LEU L 90 -14.15 -38.35 76.80
C LEU L 90 -15.01 -37.20 76.26
N LEU L 91 -14.48 -36.42 75.31
CA LEU L 91 -15.23 -35.31 74.71
C LEU L 91 -16.43 -35.87 73.97
N ARG L 92 -16.24 -36.97 73.22
CA ARG L 92 -17.32 -37.61 72.47
C ARG L 92 -18.39 -38.10 73.41
N ASN L 93 -17.98 -38.72 74.52
CA ASN L 93 -18.94 -39.22 75.50
C ASN L 93 -19.65 -38.06 76.17
N LEU L 94 -18.92 -36.98 76.50
CA LEU L 94 -19.56 -35.84 77.15
C LEU L 94 -20.67 -35.29 76.26
N MET L 95 -20.42 -35.21 74.95
CA MET L 95 -21.38 -34.73 73.96
C MET L 95 -22.58 -35.68 73.95
N HIS L 96 -22.29 -36.99 74.02
CA HIS L 96 -23.31 -38.04 74.03
C HIS L 96 -24.23 -37.95 75.25
N GLN L 97 -23.67 -37.67 76.44
CA GLN L 97 -24.48 -37.56 77.66
C GLN L 97 -25.31 -36.28 77.64
N GLY L 98 -24.71 -35.18 77.19
CA GLY L 98 -25.40 -33.89 77.09
C GLY L 98 -26.60 -34.03 76.19
N ALA L 99 -26.43 -34.74 75.08
CA ALA L 99 -27.48 -35.00 74.09
C ALA L 99 -28.60 -35.85 74.69
N THR L 100 -28.25 -36.86 75.48
CA THR L 100 -29.24 -37.74 76.10
C THR L 100 -30.10 -37.00 77.12
N VAL L 101 -29.53 -36.00 77.80
CA VAL L 101 -30.29 -35.23 78.78
C VAL L 101 -31.37 -34.45 78.04
N HIS L 102 -31.00 -33.82 76.92
CA HIS L 102 -31.94 -33.02 76.11
C HIS L 102 -33.03 -33.88 75.49
N SER L 103 -32.68 -35.05 74.98
CA SER L 103 -33.62 -35.94 74.34
C SER L 103 -34.61 -36.55 75.32
N HIS L 104 -34.14 -37.02 76.48
CA HIS L 104 -35.02 -37.61 77.50
C HIS L 104 -35.96 -36.56 78.10
N ALA L 105 -35.43 -35.36 78.37
CA ALA L 105 -36.23 -34.26 78.93
C ALA L 105 -37.29 -33.86 77.91
N LEU L 106 -36.90 -33.81 76.62
CA LEU L 106 -37.79 -33.46 75.53
C LEU L 106 -38.94 -34.41 75.46
N HIS L 107 -38.64 -35.71 75.43
CA HIS L 107 -39.70 -36.70 75.33
C HIS L 107 -40.60 -36.74 76.54
N PHE L 108 -40.03 -36.93 77.73
CA PHE L 108 -40.87 -37.00 78.92
C PHE L 108 -41.77 -35.81 79.10
N TYR L 109 -41.20 -34.61 79.12
CA TYR L 109 -41.99 -33.41 79.35
C TYR L 109 -42.83 -32.88 78.21
N MET L 110 -42.30 -32.79 77.00
CA MET L 110 -43.08 -32.22 75.91
C MET L 110 -43.87 -33.21 75.08
N LEU L 111 -43.57 -34.51 75.13
CA LEU L 111 -44.33 -35.48 74.33
C LEU L 111 -45.16 -36.45 75.17
N ALA L 112 -44.59 -36.97 76.25
CA ALA L 112 -45.29 -37.93 77.10
C ALA L 112 -46.16 -37.35 78.20
N ALA L 113 -45.62 -36.41 78.98
CA ALA L 113 -46.32 -35.79 80.12
C ALA L 113 -47.78 -35.38 79.85
N PRO L 114 -48.14 -34.79 78.70
CA PRO L 114 -49.55 -34.39 78.50
C PRO L 114 -50.55 -35.53 78.70
N ASP L 115 -50.18 -36.76 78.36
CA ASP L 115 -51.05 -37.91 78.53
C ASP L 115 -51.01 -38.38 79.97
N LEU L 116 -49.81 -38.40 80.56
CA LEU L 116 -49.63 -38.83 81.93
C LEU L 116 -50.37 -37.88 82.87
N MET L 117 -50.43 -36.59 82.51
CA MET L 117 -51.12 -35.58 83.31
C MET L 117 -52.62 -35.57 83.01
N PHE L 118 -53.00 -35.65 81.73
CA PHE L 118 -54.41 -35.66 81.32
C PHE L 118 -54.74 -36.92 80.53
N PRO L 119 -54.78 -38.08 81.20
CA PRO L 119 -55.09 -39.33 80.48
C PRO L 119 -56.54 -39.50 80.01
N THR L 120 -57.52 -38.87 80.66
CA THR L 120 -58.92 -39.04 80.26
C THR L 120 -59.60 -37.75 79.81
N THR L 121 -58.86 -36.80 79.22
CA THR L 121 -59.47 -35.55 78.78
C THR L 121 -60.01 -35.58 77.36
N ASP L 122 -60.98 -34.69 77.09
CA ASP L 122 -61.62 -34.51 75.79
C ASP L 122 -60.97 -33.32 75.15
N ASP L 123 -60.55 -32.34 75.98
CA ASP L 123 -59.91 -31.12 75.50
C ASP L 123 -58.59 -31.47 74.86
N VAL L 124 -58.61 -31.56 73.54
CA VAL L 124 -57.45 -31.88 72.74
C VAL L 124 -56.43 -30.76 72.85
N LEU L 125 -56.91 -29.51 72.96
CA LEU L 125 -56.04 -28.33 73.07
C LEU L 125 -55.30 -28.24 74.41
N LYS L 126 -55.67 -29.07 75.40
CA LYS L 126 -55.05 -29.10 76.72
C LYS L 126 -53.91 -30.13 76.73
N ARG L 127 -54.02 -31.16 75.91
CA ARG L 127 -53.01 -32.24 75.84
C ARG L 127 -51.76 -31.83 75.09
N ASN L 128 -50.95 -30.96 75.69
CA ASN L 128 -49.70 -30.48 75.10
C ASN L 128 -48.98 -29.62 76.11
N LEU L 129 -47.69 -29.36 75.86
CA LEU L 129 -46.87 -28.55 76.76
C LEU L 129 -47.46 -27.16 77.10
N MET L 130 -48.36 -26.61 76.26
CA MET L 130 -48.96 -25.31 76.55
C MET L 130 -50.01 -25.49 77.63
N GLY L 131 -50.73 -26.61 77.58
CA GLY L 131 -51.74 -26.94 78.57
C GLY L 131 -51.11 -27.23 79.90
N ILE L 132 -49.93 -27.88 79.89
CA ILE L 132 -49.22 -28.20 81.12
C ILE L 132 -48.68 -26.91 81.70
N ALA L 133 -48.11 -26.03 80.86
CA ALA L 133 -47.56 -24.76 81.30
C ALA L 133 -48.62 -23.83 81.87
N LYS L 134 -49.86 -23.90 81.36
CA LYS L 134 -50.95 -23.05 81.86
C LYS L 134 -51.35 -23.37 83.30
N GLU L 135 -51.31 -24.65 83.71
CA GLU L 135 -51.69 -25.04 85.09
C GLU L 135 -50.48 -25.37 85.97
N HIS L 136 -49.37 -25.83 85.37
CA HIS L 136 -48.13 -26.17 86.09
C HIS L 136 -46.95 -25.64 85.28
N PRO L 137 -46.67 -24.33 85.39
CA PRO L 137 -45.55 -23.75 84.63
C PRO L 137 -44.17 -24.23 85.06
N GLU L 138 -44.02 -24.49 86.36
CA GLU L 138 -42.79 -24.98 87.00
C GLU L 138 -42.26 -26.24 86.29
N ILE L 139 -43.18 -27.10 85.83
CA ILE L 139 -42.85 -28.35 85.13
C ILE L 139 -42.23 -28.09 83.76
N ILE L 140 -42.84 -27.20 82.97
CA ILE L 140 -42.35 -26.87 81.64
C ILE L 140 -41.09 -26.01 81.72
N LYS L 141 -40.97 -25.17 82.76
CA LYS L 141 -39.77 -24.34 82.93
C LYS L 141 -38.58 -25.24 83.22
N ASP L 142 -38.79 -26.30 84.01
CA ASP L 142 -37.73 -27.25 84.34
C ASP L 142 -37.33 -28.04 83.10
N ALA L 143 -38.32 -28.47 82.28
CA ALA L 143 -38.05 -29.22 81.04
C ALA L 143 -37.11 -28.41 80.19
N ILE L 144 -37.48 -27.14 79.98
CA ILE L 144 -36.69 -26.20 79.19
C ILE L 144 -35.29 -26.03 79.75
N GLU L 145 -35.16 -25.88 81.08
CA GLU L 145 -33.85 -25.71 81.71
C GLU L 145 -32.96 -26.96 81.52
N LEU L 146 -33.56 -28.16 81.50
CA LEU L 146 -32.80 -29.41 81.31
C LEU L 146 -32.33 -29.47 79.87
N ARG L 147 -33.25 -29.22 78.93
CA ARG L 147 -32.96 -29.24 77.50
C ARG L 147 -31.87 -28.24 77.17
N LYS L 148 -31.99 -27.02 77.68
CA LYS L 148 -31.02 -25.94 77.46
C LYS L 148 -29.64 -26.35 77.99
N ALA L 149 -29.59 -27.03 79.14
CA ALA L 149 -28.32 -27.47 79.74
C ALA L 149 -27.65 -28.54 78.88
N GLY L 150 -28.44 -29.50 78.39
CA GLY L 150 -27.94 -30.58 77.56
C GLY L 150 -27.43 -30.07 76.23
N GLN L 151 -28.23 -29.23 75.57
CA GLN L 151 -27.86 -28.66 74.27
C GLN L 151 -26.64 -27.74 74.41
N ASN L 152 -26.46 -27.11 75.58
CA ASN L 152 -25.33 -26.24 75.82
C ASN L 152 -24.06 -27.09 75.77
N VAL L 153 -24.08 -28.26 76.44
CA VAL L 153 -22.95 -29.18 76.45
C VAL L 153 -22.63 -29.57 75.00
N VAL L 154 -23.66 -29.96 74.24
CA VAL L 154 -23.51 -30.35 72.83
C VAL L 154 -22.91 -29.21 72.01
N ARG L 155 -23.41 -27.98 72.20
CA ARG L 155 -22.92 -26.82 71.45
C ARG L 155 -21.43 -26.55 71.75
N VAL L 156 -21.07 -26.54 73.03
CA VAL L 156 -19.70 -26.28 73.46
C VAL L 156 -18.71 -27.36 72.96
N VAL L 157 -19.04 -28.64 73.17
CA VAL L 157 -18.16 -29.75 72.75
C VAL L 157 -18.31 -30.12 71.27
N GLY L 158 -19.52 -30.00 70.73
CA GLY L 158 -19.81 -30.35 69.34
C GLY L 158 -19.81 -29.24 68.32
N GLY L 159 -19.75 -27.98 68.77
CA GLY L 159 -19.74 -26.84 67.87
C GLY L 159 -21.13 -26.33 67.54
N ARG L 160 -22.12 -27.25 67.43
CA ARG L 160 -23.51 -26.91 67.12
C ARG L 160 -24.43 -27.73 68.01
N ALA L 161 -25.50 -27.11 68.54
CA ALA L 161 -26.48 -27.78 69.42
C ALA L 161 -27.27 -28.85 68.66
N ILE L 162 -27.45 -28.65 67.34
CA ILE L 162 -28.17 -29.58 66.48
C ILE L 162 -27.23 -29.81 65.30
N HIS L 163 -26.83 -31.07 65.09
CA HIS L 163 -25.89 -31.48 64.04
C HIS L 163 -24.47 -31.07 64.41
N PRO L 164 -23.89 -31.71 65.44
CA PRO L 164 -22.52 -31.37 65.86
C PRO L 164 -21.50 -31.70 64.78
N VAL L 165 -20.32 -31.11 64.85
CA VAL L 165 -19.29 -31.30 63.82
C VAL L 165 -17.87 -31.64 64.29
N THR L 166 -17.62 -31.74 65.61
CA THR L 166 -16.24 -31.99 66.05
C THR L 166 -15.74 -33.42 65.96
N ALA L 167 -16.60 -34.44 65.94
CA ALA L 167 -16.08 -35.80 65.86
C ALA L 167 -15.58 -36.07 64.44
N VAL L 168 -14.26 -35.92 64.25
CA VAL L 168 -13.61 -36.11 62.96
C VAL L 168 -12.79 -37.40 62.94
N VAL L 169 -12.08 -37.67 61.84
CA VAL L 169 -11.27 -38.88 61.72
C VAL L 169 -10.11 -38.82 62.69
N GLY L 170 -10.00 -39.82 63.55
CA GLY L 170 -8.93 -39.90 64.54
C GLY L 170 -9.21 -39.16 65.82
N GLY L 171 -10.40 -38.58 65.97
CA GLY L 171 -10.73 -37.87 67.21
C GLY L 171 -11.60 -36.63 67.05
N GLN L 172 -11.20 -35.53 67.71
CA GLN L 172 -11.94 -34.27 67.68
C GLN L 172 -11.18 -33.17 66.95
N SER L 173 -11.93 -32.25 66.32
CA SER L 173 -11.36 -31.14 65.58
C SER L 173 -10.93 -30.00 66.52
N LYS L 174 -11.46 -29.97 67.75
CA LYS L 174 -11.10 -28.95 68.72
C LYS L 174 -11.14 -29.51 70.12
N SER L 175 -10.41 -28.88 71.01
CA SER L 175 -10.32 -29.28 72.40
C SER L 175 -11.24 -28.43 73.24
N LEU L 176 -11.56 -28.89 74.45
CA LEU L 176 -12.42 -28.14 75.36
C LEU L 176 -11.47 -27.27 76.18
N LYS L 177 -11.69 -25.94 76.21
CA LYS L 177 -10.82 -25.02 76.95
C LYS L 177 -11.15 -25.06 78.44
N GLU L 178 -10.13 -24.83 79.28
CA GLU L 178 -10.27 -24.84 80.73
C GLU L 178 -11.43 -23.96 81.22
N GLU L 179 -11.65 -22.80 80.58
CA GLU L 179 -12.74 -21.88 80.97
C GLU L 179 -14.08 -22.47 80.58
N GLU L 180 -14.15 -23.15 79.42
CA GLU L 180 -15.41 -23.73 78.96
C GLU L 180 -15.80 -24.85 79.92
N ARG L 181 -14.82 -25.68 80.26
CA ARG L 181 -14.96 -26.81 81.18
C ARG L 181 -15.52 -26.32 82.53
N ASP L 182 -14.93 -25.26 83.08
CA ASP L 182 -15.35 -24.67 84.36
C ASP L 182 -16.80 -24.19 84.34
N GLU L 183 -17.20 -23.51 83.26
CA GLU L 183 -18.56 -22.99 83.09
C GLU L 183 -19.58 -24.13 83.04
N LEU L 184 -19.28 -25.19 82.27
CA LEU L 184 -20.17 -26.35 82.15
C LEU L 184 -20.29 -27.12 83.47
N LEU L 185 -19.17 -27.34 84.16
CA LEU L 185 -19.17 -28.07 85.44
C LEU L 185 -19.99 -27.33 86.49
N LYS L 186 -19.96 -26.00 86.47
CA LYS L 186 -20.72 -25.20 87.42
C LYS L 186 -22.21 -25.38 87.16
N LEU L 187 -22.60 -25.44 85.88
CA LEU L 187 -24.00 -25.62 85.48
C LEU L 187 -24.47 -27.07 85.66
N SER L 188 -23.56 -28.04 85.70
CA SER L 188 -23.90 -29.46 85.84
C SER L 188 -24.73 -29.81 87.08
N GLU L 189 -24.42 -29.22 88.24
CA GLU L 189 -25.13 -29.51 89.48
C GLU L 189 -26.64 -29.24 89.38
N ARG L 190 -27.04 -28.18 88.67
CA ARG L 190 -28.44 -27.83 88.51
C ARG L 190 -29.16 -28.88 87.63
N THR L 191 -28.47 -29.41 86.62
CA THR L 191 -29.05 -30.41 85.72
C THR L 191 -29.38 -31.69 86.51
N ILE L 192 -28.53 -32.06 87.48
CA ILE L 192 -28.75 -33.26 88.30
C ILE L 192 -29.95 -33.05 89.24
N GLU L 193 -30.04 -31.85 89.85
CA GLU L 193 -31.13 -31.51 90.76
C GLU L 193 -32.47 -31.60 90.03
N LEU L 194 -32.57 -30.98 88.85
CA LEU L 194 -33.79 -31.02 88.05
C LEU L 194 -34.09 -32.43 87.57
N SER L 195 -33.03 -33.21 87.26
CA SER L 195 -33.21 -34.59 86.80
C SER L 195 -33.78 -35.43 87.97
N GLU L 196 -33.33 -35.16 89.21
CA GLU L 196 -33.82 -35.87 90.39
C GLU L 196 -35.29 -35.52 90.61
N LYS L 197 -35.60 -34.23 90.48
CA LYS L 197 -36.95 -33.69 90.64
C LYS L 197 -37.87 -34.34 89.60
N SER L 198 -37.38 -34.47 88.35
CA SER L 198 -38.12 -35.07 87.24
C SER L 198 -38.59 -36.49 87.56
N ILE L 199 -37.74 -37.29 88.23
CA ILE L 199 -38.10 -38.66 88.59
C ILE L 199 -39.34 -38.66 89.47
N GLU L 200 -39.47 -37.67 90.35
CA GLU L 200 -40.61 -37.57 91.25
C GLU L 200 -41.87 -37.14 90.51
N VAL L 201 -41.73 -36.28 89.50
CA VAL L 201 -42.88 -35.83 88.71
C VAL L 201 -43.43 -37.07 88.00
N GLY L 202 -42.53 -37.95 87.58
CA GLY L 202 -42.88 -39.19 86.89
C GLY L 202 -43.58 -40.15 87.83
N LYS L 203 -43.07 -40.27 89.07
CA LYS L 203 -43.68 -41.16 90.07
C LYS L 203 -45.13 -40.75 90.24
N LYS L 204 -45.36 -39.45 90.50
CA LYS L 204 -46.69 -38.87 90.69
C LYS L 204 -47.60 -39.13 89.49
N LEU L 205 -47.11 -38.83 88.28
CA LEU L 205 -47.91 -39.02 87.07
C LEU L 205 -48.16 -40.49 86.75
N LEU L 206 -47.19 -41.39 87.01
CA LEU L 206 -47.42 -42.81 86.72
C LEU L 206 -48.40 -43.40 87.74
N GLU L 207 -48.54 -42.75 88.91
CA GLU L 207 -49.48 -43.18 89.95
C GLU L 207 -50.89 -42.86 89.45
N ASN L 208 -51.04 -41.73 88.74
CA ASN L 208 -52.30 -41.27 88.16
C ASN L 208 -52.71 -42.23 87.03
N ILE L 209 -51.72 -42.72 86.27
CA ILE L 209 -51.92 -43.66 85.17
C ILE L 209 -52.39 -45.00 85.78
N LYS L 210 -51.76 -45.40 86.90
CA LYS L 210 -52.09 -46.64 87.61
C LYS L 210 -53.53 -46.56 88.14
N ASP L 211 -53.96 -45.37 88.64
CA ASP L 211 -55.31 -45.17 89.16
C ASP L 211 -56.38 -45.36 88.07
N GLU L 212 -56.03 -45.09 86.79
CA GLU L 212 -56.97 -45.22 85.66
C GLU L 212 -56.82 -46.59 84.96
N ASP L 213 -56.06 -47.54 85.54
CA ASP L 213 -55.82 -48.88 84.96
C ASP L 213 -55.21 -48.75 83.55
N LEU L 214 -54.24 -47.83 83.41
CA LEU L 214 -53.56 -47.58 82.15
C LEU L 214 -52.07 -47.95 82.22
N LEU L 215 -51.56 -48.40 83.38
CA LEU L 215 -50.14 -48.75 83.49
C LEU L 215 -49.80 -50.06 82.75
N ASP L 216 -50.80 -50.91 82.45
CA ASP L 216 -50.54 -52.18 81.75
C ASP L 216 -50.89 -52.11 80.25
N ILE L 217 -51.08 -50.91 79.67
CA ILE L 217 -51.42 -50.84 78.25
C ILE L 217 -50.31 -51.32 77.34
N GLY L 218 -50.70 -52.12 76.34
CA GLY L 218 -49.81 -52.69 75.34
C GLY L 218 -48.83 -53.71 75.90
N TYR L 219 -49.13 -54.28 77.07
CA TYR L 219 -48.26 -55.26 77.72
C TYR L 219 -48.05 -56.56 76.97
N PHE L 220 -46.80 -56.98 76.93
CA PHE L 220 -46.35 -58.23 76.34
C PHE L 220 -44.92 -58.42 76.79
N GLU L 221 -44.45 -59.67 76.84
CA GLU L 221 -43.10 -59.96 77.30
C GLU L 221 -42.21 -60.25 76.10
N SER L 222 -40.98 -59.74 76.14
CA SER L 222 -40.02 -59.89 75.05
C SER L 222 -38.62 -59.95 75.58
N ALA L 223 -37.63 -60.07 74.69
CA ALA L 223 -36.24 -60.07 75.11
C ALA L 223 -35.89 -58.57 75.24
N HIS L 224 -34.70 -58.25 75.74
CA HIS L 224 -34.31 -56.85 75.90
C HIS L 224 -32.86 -56.72 75.58
N MET L 225 -32.48 -55.70 74.79
CA MET L 225 -31.09 -55.51 74.42
C MET L 225 -30.56 -54.15 74.84
N GLY L 226 -29.29 -54.11 75.24
CA GLY L 226 -28.63 -52.89 75.66
C GLY L 226 -27.13 -53.06 75.80
N MET L 227 -26.39 -51.95 75.72
CA MET L 227 -24.93 -51.95 75.82
C MET L 227 -24.50 -51.94 77.27
N VAL L 228 -23.52 -52.79 77.62
CA VAL L 228 -22.99 -52.85 78.98
C VAL L 228 -21.48 -52.88 78.94
N ASN L 229 -20.87 -52.24 79.94
CA ASN L 229 -19.41 -52.17 80.07
C ASN L 229 -19.09 -52.90 81.36
N ASN L 230 -18.70 -54.17 81.25
CA ASN L 230 -18.40 -55.05 82.39
C ASN L 230 -19.69 -55.26 83.17
N GLY L 231 -20.82 -55.37 82.45
CA GLY L 231 -22.14 -55.58 83.03
C GLY L 231 -22.78 -54.31 83.54
N VAL L 232 -22.05 -53.17 83.55
CA VAL L 232 -22.58 -51.90 84.04
C VAL L 232 -23.22 -51.11 82.90
N HIS L 233 -24.33 -50.44 83.19
CA HIS L 233 -25.07 -49.61 82.24
C HIS L 233 -24.12 -48.61 81.60
N ASP L 234 -24.11 -48.56 80.26
CA ASP L 234 -23.23 -47.65 79.54
C ASP L 234 -23.89 -47.31 78.21
N LEU L 235 -23.89 -46.03 77.85
CA LEU L 235 -24.50 -45.60 76.60
C LEU L 235 -23.46 -45.33 75.52
N TYR L 236 -22.17 -45.25 75.89
CA TYR L 236 -21.11 -44.96 74.92
C TYR L 236 -20.22 -46.15 74.55
N ASP L 237 -19.74 -46.95 75.51
CA ASP L 237 -18.87 -48.09 75.18
C ASP L 237 -19.24 -49.34 75.94
N GLY L 238 -18.77 -50.48 75.43
CA GLY L 238 -19.02 -51.79 76.01
C GLY L 238 -19.55 -52.73 74.96
N LYS L 239 -20.11 -53.86 75.40
CA LYS L 239 -20.65 -54.86 74.48
C LYS L 239 -22.16 -54.89 74.56
N LEU L 240 -22.81 -55.44 73.52
CA LEU L 240 -24.27 -55.52 73.48
C LEU L 240 -24.72 -56.81 74.12
N ARG L 241 -25.63 -56.68 75.10
CA ARG L 241 -26.16 -57.79 75.86
C ARG L 241 -27.64 -57.99 75.62
N VAL L 242 -28.08 -59.24 75.53
CA VAL L 242 -29.49 -59.56 75.34
C VAL L 242 -29.95 -60.48 76.46
N VAL L 243 -31.03 -60.11 77.16
CA VAL L 243 -31.60 -60.93 78.22
C VAL L 243 -32.93 -61.41 77.71
N ASN L 244 -33.35 -62.61 78.13
CA ASN L 244 -34.62 -63.18 77.70
C ASN L 244 -35.76 -62.64 78.55
N SER L 245 -37.02 -62.96 78.20
CA SER L 245 -38.19 -62.51 78.96
C SER L 245 -38.11 -62.85 80.46
N GLU L 246 -37.25 -63.80 80.86
CA GLU L 246 -37.09 -64.20 82.26
C GLU L 246 -35.83 -63.58 82.92
N GLY L 247 -35.06 -62.78 82.18
CA GLY L 247 -33.86 -62.13 82.70
C GLY L 247 -32.56 -62.88 82.51
N LYS L 248 -32.58 -64.02 81.84
CA LYS L 248 -31.37 -64.81 81.60
C LYS L 248 -30.61 -64.22 80.42
N VAL L 249 -29.30 -64.05 80.58
CA VAL L 249 -28.46 -63.50 79.52
C VAL L 249 -28.33 -64.54 78.40
N GLU L 250 -28.87 -64.20 77.22
CA GLU L 250 -28.85 -65.08 76.06
C GLU L 250 -27.56 -64.87 75.29
N TYR L 251 -27.27 -63.62 74.94
CA TYR L 251 -26.06 -63.28 74.18
C TYR L 251 -25.37 -62.07 74.77
N GLU L 252 -24.09 -61.94 74.44
CA GLU L 252 -23.23 -60.83 74.84
C GLU L 252 -22.24 -60.76 73.71
N PHE L 253 -22.30 -59.70 72.89
CA PHE L 253 -21.41 -59.64 71.74
C PHE L 253 -20.95 -58.25 71.39
N ASP L 254 -19.86 -58.19 70.64
CA ASP L 254 -19.29 -56.93 70.20
C ASP L 254 -20.17 -56.35 69.11
N PRO L 255 -20.45 -55.04 69.14
CA PRO L 255 -21.30 -54.45 68.09
C PRO L 255 -20.87 -54.79 66.65
N SER L 256 -19.58 -55.05 66.40
CA SER L 256 -19.08 -55.39 65.05
C SER L 256 -19.63 -56.73 64.54
N GLU L 257 -20.13 -57.60 65.44
CA GLU L 257 -20.68 -58.91 65.07
C GLU L 257 -22.22 -58.87 65.07
N TYR L 258 -22.81 -57.66 65.13
CA TYR L 258 -24.27 -57.46 65.16
C TYR L 258 -25.03 -58.23 64.06
N MET L 259 -24.47 -58.31 62.84
CA MET L 259 -25.14 -59.01 61.73
C MET L 259 -25.39 -60.50 62.01
N ASN L 260 -24.65 -61.10 62.97
CA ASN L 260 -24.81 -62.52 63.31
C ASN L 260 -25.88 -62.73 64.37
N TYR L 261 -26.42 -61.64 64.94
CA TYR L 261 -27.45 -61.77 65.97
C TYR L 261 -28.76 -61.09 65.59
N ILE L 262 -28.70 -59.92 64.91
CA ILE L 262 -29.89 -59.16 64.52
C ILE L 262 -30.28 -59.36 63.06
N ALA L 263 -31.59 -59.42 62.81
CA ALA L 263 -32.15 -59.55 61.47
C ALA L 263 -33.32 -58.59 61.41
N GLU L 264 -33.62 -58.07 60.22
CA GLU L 264 -34.71 -57.11 60.06
C GLU L 264 -35.69 -57.58 59.01
N GLY L 265 -36.89 -57.93 59.45
CA GLY L 265 -37.93 -58.39 58.54
C GLY L 265 -38.62 -57.22 57.88
N VAL L 266 -39.30 -57.49 56.76
CA VAL L 266 -40.00 -56.46 56.01
C VAL L 266 -41.46 -56.87 55.83
N LYS L 267 -42.38 -56.00 56.27
CA LYS L 267 -43.81 -56.23 56.13
C LYS L 267 -44.32 -55.24 55.09
N PRO L 268 -45.31 -55.61 54.28
CA PRO L 268 -45.79 -54.69 53.24
C PRO L 268 -46.55 -53.44 53.69
N TYR L 269 -47.03 -53.38 54.92
CA TYR L 269 -47.80 -52.22 55.37
C TYR L 269 -47.03 -51.11 56.08
N SER L 270 -45.69 -51.15 56.12
CA SER L 270 -44.96 -50.08 56.79
C SER L 270 -43.55 -49.91 56.23
N TYR L 271 -43.06 -48.66 56.17
CA TYR L 271 -41.71 -48.40 55.69
C TYR L 271 -40.75 -48.71 56.84
N LEU L 272 -41.28 -49.14 58.00
CA LEU L 272 -40.44 -49.45 59.15
C LEU L 272 -40.24 -50.96 59.20
N LYS L 273 -38.99 -51.40 59.30
CA LYS L 273 -38.69 -52.82 59.36
C LYS L 273 -39.05 -53.42 60.71
N PHE L 274 -39.07 -54.76 60.78
CA PHE L 274 -39.43 -55.48 61.99
C PHE L 274 -38.27 -56.37 62.42
N PRO L 275 -37.34 -55.87 63.25
CA PRO L 275 -36.20 -56.68 63.66
C PRO L 275 -36.51 -57.77 64.67
N TYR L 276 -35.59 -58.73 64.77
CA TYR L 276 -35.71 -59.85 65.70
C TYR L 276 -34.38 -60.54 65.87
N LEU L 277 -34.24 -61.34 66.91
CA LEU L 277 -33.00 -62.08 67.15
C LEU L 277 -33.01 -63.22 66.16
N LYS L 278 -31.98 -63.30 65.32
CA LYS L 278 -31.89 -64.31 64.28
C LYS L 278 -32.00 -65.74 64.73
N ASP L 279 -31.37 -66.07 65.83
CA ASP L 279 -31.37 -67.43 66.36
C ASP L 279 -32.77 -67.90 66.78
N LYS L 280 -33.56 -67.00 67.38
CA LYS L 280 -34.91 -67.30 67.86
C LYS L 280 -36.04 -67.14 66.84
N GLY L 281 -35.99 -66.13 65.97
CA GLY L 281 -37.03 -65.91 64.96
C GLY L 281 -37.94 -64.71 65.10
N GLU L 282 -38.86 -64.54 64.14
CA GLU L 282 -39.84 -63.44 64.05
C GLU L 282 -40.70 -63.23 65.28
N GLU L 283 -41.12 -64.30 65.95
CA GLU L 283 -41.98 -64.21 67.13
C GLU L 283 -41.23 -64.48 68.42
N ASP L 284 -40.43 -65.54 68.47
CA ASP L 284 -39.70 -65.88 69.67
C ASP L 284 -38.49 -64.95 69.86
N GLY L 285 -38.03 -64.31 68.77
CA GLY L 285 -36.89 -63.40 68.86
C GLY L 285 -37.23 -61.94 69.00
N ILE L 286 -38.47 -61.59 69.38
CA ILE L 286 -38.81 -60.18 69.53
C ILE L 286 -38.07 -59.60 70.73
N TYR L 287 -37.43 -58.44 70.55
CA TYR L 287 -36.68 -57.78 71.61
C TYR L 287 -36.97 -56.31 71.57
N ARG L 288 -36.72 -55.63 72.68
CA ARG L 288 -36.94 -54.20 72.78
C ARG L 288 -35.64 -53.49 73.10
N VAL L 289 -35.60 -52.20 72.84
CA VAL L 289 -34.41 -51.41 73.11
C VAL L 289 -34.74 -50.14 73.83
N ASN L 290 -33.73 -49.58 74.48
CA ASN L 290 -33.77 -48.33 75.23
C ASN L 290 -34.43 -48.39 76.58
N THR L 291 -34.07 -47.37 77.37
CA THR L 291 -34.49 -47.09 78.73
C THR L 291 -34.70 -48.35 79.55
N LEU L 292 -35.94 -48.85 79.66
CA LEU L 292 -36.19 -50.06 80.44
C LEU L 292 -35.37 -51.25 79.95
N SER L 293 -35.27 -51.45 78.63
CA SER L 293 -34.50 -52.57 78.08
C SER L 293 -33.05 -52.49 78.55
N ARG L 294 -32.48 -51.29 78.60
CA ARG L 294 -31.10 -51.12 79.06
C ARG L 294 -31.03 -51.38 80.57
N LEU L 295 -31.99 -50.86 81.36
CA LEU L 295 -31.98 -51.10 82.81
C LEU L 295 -32.06 -52.60 83.04
N ASN L 296 -32.94 -53.28 82.29
CA ASN L 296 -33.15 -54.73 82.39
C ASN L 296 -31.87 -55.55 82.15
N VAL L 297 -31.07 -55.20 81.13
CA VAL L 297 -29.85 -55.95 80.83
C VAL L 297 -28.70 -55.60 81.78
N SER L 298 -28.67 -54.37 82.28
CA SER L 298 -27.60 -53.92 83.17
C SER L 298 -27.62 -54.51 84.57
N ASP L 299 -26.42 -54.74 85.12
CA ASP L 299 -26.26 -55.28 86.48
C ASP L 299 -26.55 -54.13 87.41
N LYS L 300 -25.99 -52.95 87.06
CA LYS L 300 -26.15 -51.75 87.85
C LYS L 300 -25.90 -50.52 86.99
N MET L 301 -26.23 -49.34 87.54
CA MET L 301 -26.02 -48.07 86.87
C MET L 301 -24.58 -47.65 87.11
N ALA L 302 -24.05 -46.79 86.24
CA ALA L 302 -22.66 -46.33 86.37
C ALA L 302 -22.53 -45.16 87.37
N THR L 303 -23.65 -44.46 87.68
CA THR L 303 -23.63 -43.33 88.60
C THR L 303 -24.38 -43.66 89.90
N PRO L 304 -24.01 -43.04 91.04
CA PRO L 304 -24.67 -43.36 92.32
C PRO L 304 -26.12 -42.93 92.55
N LEU L 305 -26.50 -41.71 92.18
CA LEU L 305 -27.89 -41.29 92.41
C LEU L 305 -28.83 -42.11 91.57
N ALA L 306 -28.48 -42.36 90.30
CA ALA L 306 -29.30 -43.17 89.39
C ALA L 306 -29.45 -44.59 89.92
N GLN L 307 -28.36 -45.16 90.45
CA GLN L 307 -28.35 -46.52 91.01
C GLN L 307 -29.37 -46.68 92.15
N LYS L 308 -29.52 -45.66 92.98
CA LYS L 308 -30.45 -45.69 94.10
C LYS L 308 -31.91 -45.80 93.63
N TYR L 309 -32.30 -45.03 92.60
CA TYR L 309 -33.65 -45.08 92.08
C TYR L 309 -33.87 -46.39 91.33
N TYR L 310 -32.83 -46.89 90.66
CA TYR L 310 -32.90 -48.14 89.94
C TYR L 310 -33.08 -49.28 90.94
N ASP L 311 -32.37 -49.23 92.07
CA ASP L 311 -32.50 -50.24 93.10
C ASP L 311 -33.93 -50.25 93.63
N GLU L 312 -34.46 -49.06 93.93
CA GLU L 312 -35.82 -48.89 94.44
C GLU L 312 -36.86 -49.39 93.42
N PHE L 313 -36.61 -49.17 92.13
CA PHE L 313 -37.52 -49.59 91.07
C PHE L 313 -37.49 -51.11 90.90
N VAL L 314 -36.28 -51.68 90.86
CA VAL L 314 -36.07 -53.13 90.70
C VAL L 314 -36.74 -53.93 91.84
N LYS L 315 -36.73 -53.42 93.07
CA LYS L 315 -37.33 -54.15 94.19
C LYS L 315 -38.86 -54.11 94.09
N GLU L 316 -39.41 -53.00 93.58
CA GLU L 316 -40.84 -52.84 93.43
C GLU L 316 -41.42 -53.52 92.18
N PHE L 317 -40.72 -53.45 91.03
CA PHE L 317 -41.24 -54.05 89.79
C PHE L 317 -40.47 -55.28 89.26
N GLY L 318 -39.36 -55.63 89.87
CA GLY L 318 -38.60 -56.80 89.45
C GLY L 318 -37.75 -56.63 88.21
N LYS L 319 -37.09 -57.73 87.82
CA LYS L 319 -36.23 -57.78 86.65
C LYS L 319 -36.42 -59.09 85.90
N PRO L 320 -36.76 -59.04 84.61
CA PRO L 320 -37.01 -57.86 83.80
C PRO L 320 -38.44 -57.34 83.88
N CYS L 321 -38.60 -56.03 83.69
CA CYS L 321 -39.90 -55.39 83.70
C CYS L 321 -40.25 -55.23 82.22
N HIS L 322 -41.43 -55.71 81.82
CA HIS L 322 -41.89 -55.67 80.44
C HIS L 322 -42.98 -54.63 80.17
N HIS L 323 -43.29 -53.80 81.15
CA HIS L 323 -44.33 -52.79 81.03
C HIS L 323 -43.97 -51.63 80.10
N PRO L 324 -44.65 -51.50 78.94
CA PRO L 324 -44.33 -50.37 78.04
C PRO L 324 -44.36 -49.03 78.78
N MET L 325 -45.43 -48.75 79.52
CA MET L 325 -45.56 -47.48 80.26
C MET L 325 -44.44 -47.20 81.27
N LEU L 326 -43.71 -48.24 81.76
CA LEU L 326 -42.63 -47.95 82.72
C LEU L 326 -41.35 -47.55 82.00
N PHE L 327 -41.39 -47.55 80.65
CA PHE L 327 -40.25 -47.10 79.86
C PHE L 327 -40.09 -45.65 80.22
N HIS L 328 -41.23 -44.97 80.50
CA HIS L 328 -41.24 -43.57 80.90
C HIS L 328 -40.41 -43.41 82.15
N TYR L 329 -40.63 -44.30 83.14
CA TYR L 329 -39.88 -44.24 84.40
C TYR L 329 -38.38 -44.46 84.19
N ALA L 330 -38.01 -45.52 83.45
CA ALA L 330 -36.60 -45.81 83.18
C ALA L 330 -35.94 -44.63 82.48
N ARG L 331 -36.69 -43.96 81.60
CA ARG L 331 -36.20 -42.80 80.86
C ARG L 331 -35.78 -41.71 81.86
N LEU L 332 -36.54 -41.53 82.95
CA LEU L 332 -36.20 -40.54 83.97
C LEU L 332 -34.96 -40.96 84.74
N ILE L 333 -34.79 -42.28 85.03
CA ILE L 333 -33.59 -42.72 85.73
C ILE L 333 -32.37 -42.43 84.82
N GLU L 334 -32.51 -42.65 83.48
CA GLU L 334 -31.42 -42.38 82.53
C GLU L 334 -31.17 -40.89 82.39
N LEU L 335 -32.22 -40.07 82.49
CA LEU L 335 -32.08 -38.62 82.40
C LEU L 335 -31.15 -38.20 83.53
N LEU L 336 -31.31 -38.81 84.71
CA LEU L 336 -30.48 -38.53 85.88
C LEU L 336 -29.07 -39.08 85.74
N SER L 337 -28.92 -40.32 85.24
CA SER L 337 -27.59 -40.92 85.08
C SER L 337 -26.74 -40.11 84.11
N SER L 338 -27.33 -39.65 82.99
CA SER L 338 -26.60 -38.86 81.99
C SER L 338 -26.20 -37.53 82.60
N ALA L 339 -27.10 -36.89 83.36
CA ALA L 339 -26.82 -35.62 84.01
C ALA L 339 -25.65 -35.81 84.99
N GLU L 340 -25.65 -36.95 85.70
CA GLU L 340 -24.59 -37.26 86.67
C GLU L 340 -23.27 -37.50 85.92
N MET L 341 -23.36 -38.13 84.74
CA MET L 341 -22.21 -38.44 83.91
C MET L 341 -21.60 -37.16 83.32
N VAL L 342 -22.44 -36.19 82.93
CA VAL L 342 -21.95 -34.94 82.35
C VAL L 342 -21.00 -34.31 83.37
N LYS L 343 -21.42 -34.27 84.65
CA LYS L 343 -20.62 -33.73 85.74
C LYS L 343 -19.35 -34.58 85.92
N GLU L 344 -19.51 -35.92 85.96
CA GLU L 344 -18.39 -36.84 86.14
C GLU L 344 -17.30 -36.62 85.08
N LEU L 345 -17.70 -36.57 83.80
CA LEU L 345 -16.74 -36.37 82.71
C LEU L 345 -16.09 -34.99 82.78
N LEU L 346 -16.84 -33.96 83.17
CA LEU L 346 -16.30 -32.61 83.28
C LEU L 346 -15.29 -32.52 84.45
N GLU L 347 -15.37 -33.44 85.42
CA GLU L 347 -14.48 -33.47 86.58
C GLU L 347 -13.19 -34.22 86.24
N ASN L 348 -13.19 -34.97 85.13
CA ASN L 348 -12.03 -35.73 84.68
C ASN L 348 -11.10 -34.78 83.96
N ASP L 349 -9.95 -34.48 84.58
CA ASP L 349 -8.94 -33.57 84.05
C ASP L 349 -8.52 -33.83 82.60
N LYS L 350 -8.64 -35.08 82.12
CA LYS L 350 -8.22 -35.39 80.75
C LYS L 350 -9.16 -34.76 79.72
N ILE L 351 -10.35 -34.33 80.12
CA ILE L 351 -11.31 -33.72 79.19
C ILE L 351 -10.73 -32.50 78.49
N VAL L 352 -9.92 -31.70 79.19
CA VAL L 352 -9.35 -30.46 78.62
C VAL L 352 -7.99 -30.68 77.96
N GLY L 353 -7.67 -31.92 77.62
CA GLY L 353 -6.38 -32.22 76.98
C GLY L 353 -6.29 -31.72 75.56
N GLU L 354 -5.06 -31.59 75.05
CA GLU L 354 -4.80 -31.12 73.69
C GLU L 354 -4.47 -32.29 72.75
N ASP L 355 -4.27 -33.51 73.30
CA ASP L 355 -4.00 -34.70 72.49
C ASP L 355 -5.39 -35.20 72.15
N ILE L 356 -6.03 -34.53 71.18
CA ILE L 356 -7.40 -34.81 70.76
C ILE L 356 -7.47 -35.58 69.46
N ARG L 357 -6.36 -35.73 68.73
CA ARG L 357 -6.42 -36.44 67.46
C ARG L 357 -5.21 -37.32 67.17
N ALA L 358 -5.48 -38.49 66.58
CA ALA L 358 -4.47 -39.45 66.19
C ALA L 358 -4.48 -39.46 64.66
N GLU L 359 -3.29 -39.44 64.01
CA GLU L 359 -3.20 -39.40 62.54
C GLU L 359 -3.75 -40.65 61.84
N PRO L 360 -4.75 -40.47 60.95
CA PRO L 360 -5.34 -41.61 60.23
C PRO L 360 -4.35 -42.57 59.56
N GLU L 361 -4.59 -43.88 59.71
CA GLU L 361 -3.72 -44.91 59.12
C GLU L 361 -4.33 -45.37 57.79
N GLU L 362 -3.73 -46.37 57.15
CA GLU L 362 -4.23 -46.90 55.87
C GLU L 362 -5.71 -47.27 55.94
N VAL L 363 -6.44 -47.03 54.84
CA VAL L 363 -7.86 -47.33 54.75
C VAL L 363 -8.13 -48.84 54.69
N VAL L 364 -9.01 -49.31 55.59
CA VAL L 364 -9.50 -50.68 55.70
C VAL L 364 -10.96 -50.51 55.33
N GLY L 365 -11.39 -51.12 54.23
CA GLY L 365 -12.76 -50.99 53.76
C GLY L 365 -13.90 -51.60 54.55
N ASP L 366 -13.84 -51.56 55.87
CA ASP L 366 -14.92 -52.09 56.70
C ASP L 366 -14.83 -51.40 58.06
N GLY L 367 -15.95 -50.85 58.53
CA GLY L 367 -16.00 -50.16 59.80
C GLY L 367 -17.38 -50.13 60.41
N VAL L 368 -17.49 -50.46 61.70
CA VAL L 368 -18.77 -50.48 62.43
C VAL L 368 -18.69 -49.52 63.59
N GLY L 369 -19.73 -48.70 63.72
CA GLY L 369 -19.82 -47.72 64.80
C GLY L 369 -21.05 -47.97 65.62
N CYS L 370 -20.89 -48.07 66.95
CA CYS L 370 -22.03 -48.34 67.80
C CYS L 370 -22.06 -47.50 69.06
N VAL L 371 -23.25 -46.99 69.36
CA VAL L 371 -23.52 -46.19 70.54
C VAL L 371 -24.98 -46.43 70.91
N GLU L 372 -25.35 -46.19 72.17
CA GLU L 372 -26.75 -46.37 72.57
C GLU L 372 -27.35 -45.00 72.40
N ALA L 373 -28.21 -44.82 71.40
CA ALA L 373 -28.85 -43.54 71.19
C ALA L 373 -29.92 -43.45 72.27
N PRO L 374 -30.48 -42.27 72.57
CA PRO L 374 -31.53 -42.23 73.60
C PRO L 374 -32.71 -43.16 73.32
N ARG L 375 -32.90 -43.61 72.06
CA ARG L 375 -34.02 -44.49 71.73
C ARG L 375 -33.62 -45.94 71.46
N GLY L 376 -32.35 -46.27 71.69
CA GLY L 376 -31.90 -47.64 71.49
C GLY L 376 -30.56 -47.79 70.81
N THR L 377 -30.11 -49.03 70.70
CA THR L 377 -28.84 -49.38 70.08
C THR L 377 -28.76 -48.79 68.70
N LEU L 378 -27.67 -48.10 68.41
CA LEU L 378 -27.46 -47.48 67.12
C LEU L 378 -26.24 -48.06 66.50
N ILE L 379 -26.38 -48.64 65.30
CA ILE L 379 -25.25 -49.23 64.61
C ILE L 379 -25.15 -48.65 63.20
N HIS L 380 -23.96 -48.11 62.87
CA HIS L 380 -23.67 -47.55 61.55
C HIS L 380 -22.58 -48.46 61.02
N HIS L 381 -22.78 -49.07 59.84
CA HIS L 381 -21.80 -49.98 59.25
C HIS L 381 -21.48 -49.49 57.86
N PHE L 382 -20.20 -49.19 57.58
CA PHE L 382 -19.79 -48.69 56.26
C PHE L 382 -18.71 -49.53 55.62
N LYS L 383 -18.78 -49.68 54.30
CA LYS L 383 -17.81 -50.42 53.51
C LYS L 383 -17.32 -49.45 52.44
N THR L 384 -15.99 -49.36 52.22
CA THR L 384 -15.42 -48.44 51.24
C THR L 384 -14.35 -49.06 50.35
N ASP L 385 -13.92 -48.29 49.34
CA ASP L 385 -12.87 -48.70 48.41
C ASP L 385 -11.54 -48.21 48.95
N ASP L 386 -10.42 -48.49 48.24
CA ASP L 386 -9.09 -48.05 48.70
C ASP L 386 -9.01 -46.52 48.84
N ASP L 387 -9.88 -45.78 48.13
CA ASP L 387 -9.90 -44.31 48.19
C ASP L 387 -10.68 -43.78 49.38
N GLY L 388 -11.49 -44.61 50.02
CA GLY L 388 -12.29 -44.19 51.17
C GLY L 388 -13.64 -43.67 50.75
N ILE L 389 -14.12 -44.12 49.58
CA ILE L 389 -15.42 -43.74 49.06
C ILE L 389 -16.32 -44.86 49.45
N ILE L 390 -17.47 -44.54 50.03
CA ILE L 390 -18.42 -45.55 50.48
C ILE L 390 -18.96 -46.38 49.30
N THR L 391 -18.98 -47.72 49.46
CA THR L 391 -19.48 -48.64 48.44
C THR L 391 -20.77 -49.33 48.91
N ASP L 392 -20.95 -49.50 50.25
CA ASP L 392 -22.14 -50.14 50.83
C ASP L 392 -22.30 -49.71 52.28
N THR L 393 -23.55 -49.55 52.76
CA THR L 393 -23.78 -49.17 54.16
C THR L 393 -24.99 -49.87 54.74
N ASN L 394 -25.05 -49.92 56.06
CA ASN L 394 -26.17 -50.52 56.77
C ASN L 394 -26.34 -49.81 58.08
N LEU L 395 -27.57 -49.40 58.37
CA LEU L 395 -27.88 -48.68 59.59
C LEU L 395 -29.03 -49.36 60.31
N VAL L 396 -28.80 -49.81 61.54
CA VAL L 396 -29.86 -50.42 62.32
C VAL L 396 -30.11 -49.32 63.31
N VAL L 397 -31.18 -48.53 63.09
CA VAL L 397 -31.46 -47.39 63.94
C VAL L 397 -32.52 -47.55 65.00
N ALA L 398 -32.05 -47.58 66.24
CA ALA L 398 -32.80 -47.64 67.49
C ALA L 398 -34.29 -48.03 67.40
N THR L 399 -35.18 -47.03 67.24
CA THR L 399 -36.62 -47.24 67.21
C THR L 399 -37.06 -48.39 66.27
N VAL L 400 -36.34 -48.66 65.17
CA VAL L 400 -36.75 -49.76 64.30
C VAL L 400 -36.93 -51.06 65.13
N GLN L 401 -36.09 -51.24 66.16
CA GLN L 401 -36.11 -52.42 67.02
C GLN L 401 -37.33 -52.48 67.96
N ASN L 402 -38.09 -51.37 68.12
CA ASN L 402 -39.28 -51.33 68.95
C ASN L 402 -40.52 -51.33 68.06
N ASN L 403 -40.34 -51.43 66.73
CA ASN L 403 -41.47 -51.45 65.81
C ASN L 403 -42.34 -52.66 66.10
N PRO L 404 -41.78 -53.88 66.24
CA PRO L 404 -42.64 -55.04 66.58
C PRO L 404 -43.43 -54.75 67.85
N ALA L 405 -42.76 -54.20 68.88
CA ALA L 405 -43.40 -53.86 70.15
C ALA L 405 -44.52 -52.84 69.96
N MET L 406 -44.28 -51.79 69.16
CA MET L 406 -45.28 -50.76 68.89
C MET L 406 -46.47 -51.32 68.11
N ASP L 407 -46.23 -52.24 67.17
CA ASP L 407 -47.27 -52.85 66.35
C ASP L 407 -48.10 -53.85 67.19
N ILE L 408 -47.43 -54.58 68.11
CA ILE L 408 -48.11 -55.54 69.00
C ILE L 408 -48.91 -54.76 70.03
N GLY L 409 -48.23 -53.79 70.66
CA GLY L 409 -48.79 -52.93 71.68
C GLY L 409 -50.08 -52.25 71.27
N VAL L 410 -50.13 -51.59 70.08
CA VAL L 410 -51.36 -50.92 69.65
C VAL L 410 -52.49 -51.92 69.49
N ARG L 411 -52.18 -53.14 69.04
CA ARG L 411 -53.16 -54.20 68.86
C ARG L 411 -53.76 -54.57 70.24
N LYS L 412 -52.87 -54.66 71.23
CA LYS L 412 -53.24 -55.01 72.58
C LYS L 412 -54.07 -53.94 73.30
N VAL L 413 -53.91 -52.67 72.93
CA VAL L 413 -54.70 -51.60 73.54
C VAL L 413 -56.11 -51.76 72.97
N ALA L 414 -56.22 -51.92 71.64
CA ALA L 414 -57.51 -52.10 70.99
C ALA L 414 -58.21 -53.35 71.50
N GLU L 415 -57.48 -54.43 71.74
CA GLU L 415 -58.10 -55.66 72.24
C GLU L 415 -58.68 -55.40 73.63
N LYS L 416 -57.96 -54.61 74.44
CA LYS L 416 -58.40 -54.28 75.80
C LYS L 416 -59.57 -53.29 75.86
N TYR L 417 -59.59 -52.24 75.02
CA TYR L 417 -60.67 -51.24 75.07
C TYR L 417 -61.67 -51.23 73.91
N ILE L 418 -61.39 -51.88 72.77
CA ILE L 418 -62.32 -51.86 71.64
C ILE L 418 -62.89 -53.22 71.24
N LYS L 419 -64.21 -53.33 71.30
CA LYS L 419 -64.94 -54.53 70.90
C LYS L 419 -65.67 -54.14 69.59
N ALA L 420 -66.33 -52.97 69.58
CA ALA L 420 -67.06 -52.45 68.43
C ALA L 420 -66.57 -51.03 68.07
N PRO L 421 -66.90 -50.50 66.87
CA PRO L 421 -66.41 -49.16 66.49
C PRO L 421 -66.79 -48.01 67.42
N GLU L 422 -67.90 -48.13 68.11
CA GLU L 422 -68.36 -47.09 69.03
C GLU L 422 -67.36 -46.93 70.16
N ASP L 423 -66.76 -48.04 70.58
CA ASP L 423 -65.78 -48.06 71.66
C ASP L 423 -64.56 -47.21 71.36
N ALA L 424 -64.26 -47.01 70.08
CA ALA L 424 -63.11 -46.21 69.65
C ALA L 424 -63.44 -44.74 69.79
N THR L 425 -63.40 -44.25 71.03
CA THR L 425 -63.67 -42.87 71.37
C THR L 425 -62.36 -42.10 71.29
N PRO L 426 -62.40 -40.76 71.25
CA PRO L 426 -61.15 -40.00 71.18
C PRO L 426 -60.14 -40.36 72.27
N GLN L 427 -60.61 -40.60 73.50
CA GLN L 427 -59.71 -40.95 74.61
C GLN L 427 -59.12 -42.34 74.44
N VAL L 428 -59.92 -43.30 73.93
CA VAL L 428 -59.45 -44.66 73.71
C VAL L 428 -58.42 -44.63 72.58
N LEU L 429 -58.70 -43.88 71.52
CA LEU L 429 -57.76 -43.77 70.41
C LEU L 429 -56.46 -43.14 70.88
N ASN L 430 -56.54 -42.18 71.81
CA ASN L 430 -55.34 -41.56 72.34
C ASN L 430 -54.57 -42.61 73.18
N TYR L 431 -55.28 -43.56 73.85
CA TYR L 431 -54.62 -44.61 74.64
C TYR L 431 -53.66 -45.39 73.73
N MET L 432 -54.05 -45.59 72.46
CA MET L 432 -53.22 -46.32 71.51
C MET L 432 -51.96 -45.50 71.22
N GLU L 433 -52.10 -44.18 71.08
CA GLU L 433 -50.96 -43.30 70.83
C GLU L 433 -50.08 -43.19 72.09
N MET L 434 -50.66 -43.45 73.29
CA MET L 434 -49.91 -43.39 74.54
C MET L 434 -48.94 -44.56 74.58
N LEU L 435 -49.38 -45.71 74.07
CA LEU L 435 -48.54 -46.88 74.03
C LEU L 435 -47.37 -46.58 73.10
N ILE L 436 -47.67 -45.98 71.93
CA ILE L 436 -46.64 -45.62 70.96
C ILE L 436 -45.63 -44.70 71.63
N ARG L 437 -46.11 -43.59 72.18
CA ARG L 437 -45.26 -42.59 72.85
C ARG L 437 -44.39 -43.19 73.97
N ALA L 438 -44.86 -44.23 74.67
CA ALA L 438 -44.07 -44.84 75.75
C ALA L 438 -42.68 -45.25 75.26
N TYR L 439 -42.59 -45.77 74.04
CA TYR L 439 -41.33 -46.20 73.44
C TYR L 439 -40.48 -45.03 72.92
N ASP L 440 -41.00 -43.79 73.00
CA ASP L 440 -40.29 -42.59 72.55
C ASP L 440 -39.80 -42.81 71.12
N PRO L 441 -40.72 -43.04 70.17
CA PRO L 441 -40.27 -43.29 68.80
C PRO L 441 -39.83 -42.06 68.02
N CYS L 442 -38.85 -42.29 67.14
CA CYS L 442 -38.28 -41.28 66.27
C CYS L 442 -38.34 -42.00 64.92
N LEU L 443 -39.46 -41.80 64.22
CA LEU L 443 -39.76 -42.45 62.96
C LEU L 443 -38.89 -42.00 61.79
N SER L 444 -38.31 -40.80 61.83
CA SER L 444 -37.43 -40.37 60.76
C SER L 444 -36.18 -41.23 60.92
N CYS L 445 -35.75 -41.36 62.18
CA CYS L 445 -34.58 -42.14 62.60
C CYS L 445 -34.71 -43.58 62.20
N ALA L 446 -35.77 -44.20 62.65
CA ALA L 446 -36.05 -45.60 62.42
C ALA L 446 -36.09 -45.99 60.95
N THR L 447 -36.59 -45.13 60.07
CA THR L 447 -36.66 -45.44 58.63
C THR L 447 -35.39 -45.05 57.87
N HIS L 448 -34.77 -43.91 58.21
CA HIS L 448 -33.55 -43.40 57.56
C HIS L 448 -33.61 -43.59 56.03
PA FAD M . -11.97 8.06 -4.51
O1A FAD M . -12.68 6.88 -3.88
O2A FAD M . -12.15 8.01 -6.01
O5B FAD M . -12.62 9.41 -3.93
C5B FAD M . -12.32 10.67 -4.51
C4B FAD M . -13.46 11.62 -4.14
O4B FAD M . -13.10 12.98 -4.42
C3B FAD M . -14.71 11.31 -4.94
O3B FAD M . -15.84 11.36 -4.08
C2B FAD M . -14.77 12.40 -5.98
O2B FAD M . -16.08 12.71 -6.43
C1B FAD M . -14.08 13.57 -5.28
N9A FAD M . -13.47 14.51 -6.23
C8A FAD M . -12.89 14.21 -7.42
N7A FAD M . -12.42 15.34 -8.02
C5A FAD M . -12.70 16.37 -7.19
C6A FAD M . -12.47 17.83 -7.22
N6A FAD M . -11.85 18.41 -8.26
N1A FAD M . -12.90 18.58 -6.16
C2A FAD M . -13.53 18.01 -5.10
N3A FAD M . -13.76 16.68 -5.03
C4A FAD M . -13.38 15.83 -6.02
N1 FAD M . -10.07 -1.36 -2.88
C2 FAD M . -10.24 -2.22 -1.85
O2 FAD M . -9.64 -1.98 -0.78
N3 FAD M . -11.03 -3.32 -1.93
C4 FAD M . -11.70 -3.62 -3.05
O4 FAD M . -12.43 -4.63 -3.13
C4X FAD M . -11.56 -2.73 -4.21
N5 FAD M . -12.21 -2.98 -5.37
C5X FAD M . -12.08 -2.17 -6.43
C6 FAD M . -12.76 -2.49 -7.60
C7 FAD M . -12.64 -1.66 -8.71
C7M FAD M . -13.39 -2.01 -9.98
C8 FAD M . -11.77 -0.45 -8.65
C8M FAD M . -11.64 0.45 -9.85
C9 FAD M . -11.09 -0.13 -7.48
C9A FAD M . -11.20 -0.95 -6.36
N10 FAD M . -10.51 -0.67 -5.15
C10 FAD M . -10.68 -1.55 -4.07
C1' FAD M . -9.68 0.53 -4.98
C2' FAD M . -10.55 1.61 -4.31
O2' FAD M . -11.62 1.93 -5.19
C3' FAD M . -9.77 2.87 -3.94
O3' FAD M . -8.78 2.52 -2.96
C4' FAD M . -10.61 3.99 -3.33
O4' FAD M . -11.69 4.44 -4.15
C5' FAD M . -9.70 5.18 -3.06
O5' FAD M . -10.37 6.20 -2.35
P FAD M . -9.94 7.72 -2.65
O1P FAD M . -10.60 8.65 -1.66
O2P FAD M . -8.44 7.83 -2.57
O3P FAD M . -10.41 8.06 -4.14
C ACT N . -26.39 -13.29 -10.56
O ACT N . -25.45 -13.68 -11.29
OXT ACT N . -27.19 -12.37 -10.83
CH3 ACT N . -26.57 -13.99 -9.22
C ACT O . 16.86 26.43 7.62
O ACT O . 16.03 25.82 6.90
OXT ACT O . 18.05 26.09 7.79
CH3 ACT O . 16.38 27.68 8.35
FE1 SF4 P . -1.15 -5.18 -11.65
FE2 SF4 P . -2.85 -7.21 -11.32
FE3 SF4 P . -2.31 -6.18 -13.79
FE4 SF4 P . -3.80 -4.99 -12.02
S1 SF4 P . -4.37 -6.96 -13.06
S2 SF4 P . -2.17 -3.96 -13.30
S3 SF4 P . -2.79 -5.35 -9.96
S4 SF4 P . -0.82 -7.31 -12.49
FE1 SF4 Q . -39.57 18.12 -3.45
FE2 SF4 Q . -39.20 15.58 -2.49
FE3 SF4 Q . -37.02 17.22 -2.74
FE4 SF4 Q . -38.31 16.25 -5.03
S1 SF4 Q . -37.13 15.02 -3.43
S2 SF4 Q . -37.61 18.44 -4.64
S3 SF4 Q . -40.53 16.19 -4.33
S4 SF4 Q . -38.83 17.57 -1.32
FE1 SF4 R . -37.57 19.67 -14.17
FE2 SF4 R . -35.58 20.17 -16.00
FE3 SF4 R . -38.12 19.56 -16.91
FE4 SF4 R . -36.55 17.60 -15.69
S1 SF4 R . -36.09 18.69 -17.70
S2 SF4 R . -38.81 18.06 -15.28
S3 SF4 R . -35.40 18.85 -14.09
S4 SF4 R . -37.50 21.43 -15.69
FE1 SF4 S . 24.76 12.07 -0.80
FE2 SF4 S . 22.92 11.92 0.95
FE3 SF4 S . 22.70 10.40 -1.34
FE4 SF4 S . 22.44 13.27 -1.33
S1 SF4 S . 21.12 11.66 -0.37
S2 SF4 S . 23.65 12.02 -2.80
S3 SF4 S . 23.92 13.90 0.32
S4 SF4 S . 24.24 10.18 0.34
FE1 SF4 T . 7.25 38.28 -7.40
FE2 SF4 T . 7.59 39.68 -9.54
FE3 SF4 T . 5.26 38.72 -8.91
FE4 SF4 T . 7.13 37.04 -9.68
S1 SF4 T . 6.19 38.65 -11.05
S2 SF4 T . 5.71 36.71 -7.93
S3 SF4 T . 9.04 38.01 -8.84
S4 SF4 T . 6.33 40.36 -7.70
FE1 SF4 U . 10.40 50.45 -12.14
FE2 SF4 U . 9.62 49.78 -14.71
FE3 SF4 U . 8.85 48.37 -12.65
FE4 SF4 U . 11.47 48.28 -13.36
S1 SF4 U . 9.71 47.50 -14.61
S2 SF4 U . 10.66 48.37 -11.23
S3 SF4 U . 11.69 50.50 -14.02
S4 SF4 U . 8.26 50.54 -13.03
C1 GOL V . -3.64 -0.59 -29.16
O1 GOL V . -4.54 0.25 -28.40
C2 GOL V . -4.38 -1.77 -29.78
O2 GOL V . -5.62 -1.36 -30.37
C3 GOL V . -3.49 -2.39 -30.86
O3 GOL V . -4.16 -3.48 -31.51
C1 GOL W . -3.29 -20.38 -9.97
O1 GOL W . -4.09 -21.00 -8.96
C2 GOL W . -2.83 -21.44 -10.97
O2 GOL W . -3.94 -21.96 -11.71
C3 GOL W . -1.75 -20.82 -11.87
O3 GOL W . -2.32 -19.89 -12.78
S1 9S8 X . 4.12 -55.34 -2.11
FE2 9S8 X . 5.73 -55.56 -0.65
S3 9S8 X . 6.23 -57.19 -2.00
FE4 9S8 X . 4.12 -57.31 -2.29
S5 9S8 X . 3.12 -57.26 -4.24
FE6 9S8 X . 1.53 -58.38 -3.25
S7 9S8 X . 2.24 -57.75 -1.40
FE9 9S8 X . 2.43 -55.71 -0.87
S1 9S8 Y . 11.61 -46.93 -4.41
FE2 9S8 Y . 10.99 -45.08 -5.41
S3 9S8 Y . 8.96 -45.86 -5.23
FE4 9S8 Y . 9.77 -47.73 -4.55
S5 9S8 Y . 10.26 -48.26 -2.44
FE6 9S8 Y . 10.78 -50.29 -3.15
S7 9S8 Y . 10.36 -49.69 -5.10
FE9 9S8 Y . 12.23 -48.79 -5.43
C1 9SB Z . 5.80 -49.78 -4.30
C2 9SB Z . 5.15 -51.00 -4.95
BR1 9SB Z . 7.36 -50.42 -3.21
S2 9SB Z . 3.99 -50.48 -6.02
O1S 9SB Z . 4.62 -50.14 -7.32
O2S 9SB Z . 3.29 -49.30 -5.48
O3S 9SB Z . 3.01 -51.57 -6.23
C1 9SB AA . 8.07 -60.60 -11.01
C2 9SB AA . 9.23 -60.76 -11.99
BR1 9SB AA . 8.66 -61.14 -9.16
S2 9SB AA . 9.11 -59.67 -13.23
O1S 9SB AA . 7.87 -59.93 -14.01
O2S 9SB AA . 9.06 -58.28 -12.69
O3S 9SB AA . 10.28 -59.80 -14.12
FE1 SF4 BA . 2.26 -27.87 -5.98
FE2 SF4 BA . 3.51 -26.27 -7.63
FE3 SF4 BA . 1.08 -27.04 -8.26
FE4 SF4 BA . 3.17 -28.74 -8.40
S1 SF4 BA . 2.88 -26.88 -9.70
S2 SF4 BA . 1.13 -29.18 -7.39
S3 SF4 BA . 4.42 -28.12 -6.63
S4 SF4 BA . 1.59 -25.72 -6.50
FE1 SF4 CA . 7.15 -37.49 -10.15
FE2 SF4 CA . 5.64 -36.88 -8.02
FE3 SF4 CA . 7.50 -38.84 -7.86
FE4 SF4 CA . 5.26 -39.19 -9.25
S1 SF4 CA . 5.38 -38.93 -7.00
S2 SF4 CA . 7.36 -39.79 -9.90
S3 SF4 CA . 4.89 -37.13 -10.19
S4 SF4 CA . 7.88 -36.57 -8.20
FE1 FES DA . 8.08 26.09 -14.42
FE2 FES DA . 7.12 29.02 -14.25
S1 FES DA . 7.58 27.46 -12.73
S2 FES DA . 7.82 27.71 -15.92
C ACT EA . 7.91 23.66 -28.40
O ACT EA . 7.32 23.10 -27.45
OXT ACT EA . 8.96 24.35 -28.31
CH3 ACT EA . 7.31 23.47 -29.80
C TRS FA . 33.57 27.20 -28.24
C1 TRS FA . 34.55 26.74 -29.34
C2 TRS FA . 34.21 28.28 -27.35
C3 TRS FA . 33.18 26.03 -27.34
N TRS FA . 32.34 27.78 -28.86
O1 TRS FA . 34.26 27.38 -30.59
O2 TRS FA . 34.13 29.55 -27.99
O3 TRS FA . 33.31 24.78 -28.02
FE1 SF4 GA . 28.38 62.53 -29.66
FE2 SF4 GA . 27.96 62.47 -32.36
FE3 SF4 GA . 26.25 61.30 -30.72
FE4 SF4 GA . 28.69 60.20 -31.09
S1 SF4 GA . 27.05 60.42 -32.69
S2 SF4 GA . 27.66 60.46 -29.05
S3 SF4 GA . 29.96 62.10 -31.27
S4 SF4 GA . 26.60 63.50 -30.78
FE1 SF4 HA . 16.53 61.46 -24.69
FE2 SF4 HA . 18.07 60.50 -26.61
FE3 SF4 HA . 15.67 61.49 -27.37
FE4 SF4 HA . 15.75 59.21 -25.97
S1 SF4 HA . 16.59 59.50 -28.07
S2 SF4 HA . 14.43 61.01 -25.48
S3 SF4 HA . 17.63 59.45 -24.63
S4 SF4 HA . 17.39 62.68 -26.45
FE1 SF4 IA . 7.54 58.58 -22.42
FE2 SF4 IA . 8.62 56.60 -23.77
FE3 SF4 IA . 6.21 56.27 -22.43
FE4 SF4 IA . 8.57 56.45 -21.08
S1 SF4 IA . 7.94 54.78 -22.53
S2 SF4 IA . 6.64 57.58 -20.57
S3 SF4 IA . 9.74 58.00 -22.32
S4 SF4 IA . 6.59 57.59 -24.26
FE NFU JA . 27.68 68.54 -43.62
NI NFU JA . 28.82 68.44 -41.25
C1 NFU JA . 27.49 70.35 -43.62
N1 NFU JA . 27.34 71.49 -43.63
C2 NFU JA . 29.25 68.77 -44.52
N2 NFU JA . 30.22 68.89 -45.12
C3 NFU JA . 26.50 68.01 -44.89
O3 NFU JA . 25.72 67.67 -45.74
O37 PE3 KA . 39.42 93.97 -48.99
C36 PE3 KA . 38.65 92.77 -49.08
C35 PE3 KA . 37.21 93.07 -48.70
O34 PE3 KA . 36.32 92.28 -49.48
C33 PE3 KA . 35.05 92.11 -48.84
C32 PE3 KA . 33.94 92.01 -49.88
O31 PE3 KA . 33.10 93.16 -49.81
C30 PE3 KA . 32.53 93.59 -51.05
C29 PE3 KA . 32.49 95.10 -51.09
FE FE LA . 29.31 59.00 -50.38
PA FAD MA . 12.73 -2.44 11.10
O1A FAD MA . 13.53 -1.88 9.95
O2A FAD MA . 12.98 -3.92 11.23
O5B FAD MA . 13.17 -1.69 12.44
C5B FAD MA . 12.74 -2.19 13.70
C4B FAD MA . 13.48 -1.43 14.78
O4B FAD MA . 12.90 -1.68 16.06
C3B FAD MA . 14.93 -1.87 14.83
O3B FAD MA . 15.78 -0.72 14.99
C2B FAD MA . 14.98 -2.76 16.04
O2B FAD MA . 16.28 -2.80 16.65
C1B FAD MA . 13.91 -2.18 16.93
N9A FAD MA . 13.35 -3.15 17.90
C8A FAD MA . 13.04 -4.45 17.69
N7A FAD MA . 12.55 -5.01 18.82
C5A FAD MA . 12.54 -4.06 19.78
C6A FAD MA . 12.15 -3.96 21.21
N6A FAD MA . 11.65 -5.04 21.87
N1A FAD MA . 12.32 -2.79 21.85
C2A FAD MA . 12.81 -1.69 21.23
N3A FAD MA . 13.18 -1.72 19.93
C4A FAD MA . 13.07 -2.84 19.18
N1 FAD MA . 12.12 -1.95 1.34
C2 FAD MA . 12.22 -0.98 0.41
O2 FAD MA . 11.38 -0.05 0.45
N3 FAD MA . 13.17 -0.95 -0.53
C4 FAD MA . 14.11 -1.92 -0.60
O4 FAD MA . 14.99 -1.91 -1.48
C4X FAD MA . 14.07 -3.02 0.36
N5 FAD MA . 14.96 -4.03 0.34
C5X FAD MA . 14.92 -5.03 1.23
C6 FAD MA . 15.87 -6.04 1.17
C7 FAD MA . 15.82 -7.08 2.09
C7M FAD MA . 16.86 -8.17 2.00
C8 FAD MA . 14.78 -7.11 3.14
C8M FAD MA . 14.73 -8.23 4.14
C9 FAD MA . 13.82 -6.10 3.21
C9A FAD MA . 13.85 -5.05 2.29
N10 FAD MA . 12.89 -4.01 2.32
C10 FAD MA . 13.00 -2.98 1.37
C1' FAD MA . 11.84 -3.92 3.34
C2' FAD MA . 12.38 -3.02 4.45
O2' FAD MA . 13.49 -3.69 5.05
C3' FAD MA . 11.35 -2.64 5.51
O3' FAD MA . 10.24 -2.00 4.86
C4' FAD MA . 11.88 -1.64 6.54
O4' FAD MA . 13.06 -2.10 7.20
C5' FAD MA . 10.81 -1.35 7.57
O5' FAD MA . 11.35 -0.73 8.73
P FAD MA . 10.60 -0.91 10.13
O1P FAD MA . 10.82 0.31 11.00
O2P FAD MA . 9.12 -1.11 9.89
O3P FAD MA . 11.16 -2.21 10.87
C41 PE3 NA . -0.69 21.76 21.01
O40 PE3 NA . 0.20 20.86 20.32
C39 PE3 NA . -0.43 19.66 19.85
C38 PE3 NA . -1.52 19.97 18.83
O37 PE3 NA . -2.80 19.86 19.45
C36 PE3 NA . -3.88 20.14 18.57
C35 PE3 NA . -4.72 21.27 19.14
O34 PE3 NA . -5.67 21.72 18.17
C33 PE3 NA . -6.72 22.52 18.74
C32 PE3 NA . -6.82 23.85 18.01
O31 PE3 NA . -6.49 24.93 18.89
C30 PE3 NA . -5.10 25.03 19.20
C29 PE3 NA . -4.68 26.49 19.15
O28 PE3 NA . -3.26 26.59 19.30
C ACT OA . 31.15 -7.29 -7.22
O ACT OA . 30.50 -7.70 -8.21
OXT ACT OA . 32.15 -7.86 -6.71
CH3 ACT OA . 30.70 -5.98 -6.57
C ACT PA . -3.51 11.88 33.34
O ACT PA . -3.60 11.21 32.29
OXT ACT PA . -4.11 12.95 33.57
CH3 ACT PA . -2.55 11.34 34.44
FE FE QA . -25.14 -2.23 7.24
FE1 SF4 RA . -26.74 -5.23 8.82
FE2 SF4 RA . -27.17 -5.58 5.99
FE3 SF4 RA . -27.43 -3.19 7.20
FE4 SF4 RA . -29.31 -5.05 7.77
S1 SF4 RA . -28.86 -4.04 5.68
S2 SF4 RA . -28.33 -3.66 9.30
S3 SF4 RA . -27.94 -6.90 7.81
S4 SF4 RA . -25.47 -4.45 7.03
FE1 SF4 SA . 8.26 -12.03 -2.10
FE2 SF4 SA . 7.53 -11.75 -4.55
FE3 SF4 SA . 5.68 -12.16 -2.76
FE4 SF4 SA . 7.35 -14.09 -3.42
S1 SF4 SA . 5.72 -13.22 -4.78
S2 SF4 SA . 6.73 -13.54 -1.26
S3 SF4 SA . 9.33 -13.03 -3.82
S4 SF4 SA . 7.07 -10.23 -2.95
FE1 SF4 TA . 36.59 6.59 23.88
FE2 SF4 TA . 36.81 7.21 21.27
FE3 SF4 TA . 34.35 6.71 22.47
FE4 SF4 TA . 36.18 4.65 21.87
S1 SF4 TA . 35.03 6.01 20.41
S2 SF4 TA . 34.97 4.91 23.83
S3 SF4 TA . 38.16 5.72 22.41
S4 SF4 TA . 35.77 8.51 22.87
FE1 SF4 UA . 38.54 -2.95 26.05
FE2 SF4 UA . 39.58 -5.47 26.19
FE3 SF4 UA . 37.95 -4.98 24.12
FE4 SF4 UA . 37.04 -5.24 26.78
S1 SF4 UA . 37.92 -6.89 25.43
S2 SF4 UA . 36.45 -3.59 25.24
S3 SF4 UA . 38.77 -4.24 27.97
S4 SF4 UA . 39.99 -3.91 24.53
FE1 SF4 VA . -12.50 -8.61 36.78
FE2 SF4 VA . -10.21 -7.73 35.82
FE3 SF4 VA . -12.55 -6.57 35.01
FE4 SF4 VA . -11.84 -8.96 34.04
S1 SF4 VA . -10.72 -7.00 33.70
S2 SF4 VA . -13.90 -8.45 34.96
S3 SF4 VA . -10.82 -9.91 35.87
S4 SF4 VA . -11.67 -6.49 37.13
FE1 SF4 WA . -16.23 -10.46 47.53
FE2 SF4 WA . -14.46 -10.91 45.50
FE3 SF4 WA . -16.97 -12.01 45.27
FE4 SF4 WA . -15.19 -12.91 47.15
S1 SF4 WA . -14.95 -13.06 44.86
S2 SF4 WA . -17.39 -12.44 47.51
S3 SF4 WA . -14.00 -11.02 47.77
S4 SF4 WA . -16.45 -9.75 45.34
C1 GOL XA . 10.89 -12.40 -18.80
O1 GOL XA . 10.42 -12.80 -20.09
C2 GOL XA . 9.71 -12.06 -17.91
O2 GOL XA . 10.04 -10.96 -17.05
C3 GOL XA . 9.24 -13.25 -17.08
O3 GOL XA . 8.52 -14.18 -17.90
S1 9S8 YA . 5.91 -6.96 -54.01
FE2 9S8 YA . 4.19 -5.74 -54.34
S3 9S8 YA . 3.85 -7.25 -55.90
FE4 9S8 YA . 5.96 -7.28 -55.98
S5 9S8 YA . 7.23 -8.93 -55.35
FE6 9S8 YA . 8.85 -8.06 -56.52
S7 9S8 YA . 7.80 -6.26 -56.40
FE9 9S8 YA . 7.45 -5.58 -54.39
S1 9S8 ZA . -1.56 -10.16 -46.31
FE2 9S8 ZA . -0.82 -11.11 -44.46
S3 9S8 ZA . 1.09 -10.34 -45.09
FE4 9S8 ZA . 0.29 -9.95 -47.05
S5 9S8 ZA . -0.52 -8.01 -47.71
FE6 9S8 ZA . -0.87 -8.89 -49.67
S7 9S8 ZA . -0.12 -10.68 -48.99
FE9 9S8 ZA . -1.94 -11.31 -48.13
C1 9SB AB . 4.59 -8.76 -49.66
C2 9SB AB . 4.94 -10.24 -49.55
BR1 9SB AB . 2.59 -8.53 -49.63
S2 9SB AB . 6.17 -10.44 -48.45
O1S 9SB AB . 6.44 -11.88 -48.28
O2S 9SB AB . 7.39 -9.76 -48.94
O3S 9SB AB . 5.78 -9.86 -47.14
C1 9SB BB . 7.84 -14.96 -55.24
C2 9SB BB . 6.33 -15.17 -55.36
BR1 9SB BB . 8.20 -13.27 -54.22
S2 9SB BB . 5.87 -16.59 -54.63
O1S 9SB BB . 4.74 -17.19 -55.39
O2S 9SB BB . 5.43 -16.31 -53.24
O3S 9SB BB . 7.00 -17.56 -54.60
C1 GOL CB . 0.61 -17.47 -61.90
O1 GOL CB . 0.54 -18.87 -61.59
C2 GOL CB . -0.77 -16.97 -62.31
O2 GOL CB . -1.04 -15.76 -61.62
C3 GOL CB . -0.88 -16.78 -63.83
O3 GOL CB . -0.54 -15.45 -64.24
FE1 SF4 DB . 4.96 -11.49 -27.07
FE2 SF4 DB . 6.67 -10.77 -25.15
FE3 SF4 DB . 4.05 -10.49 -24.72
FE4 SF4 DB . 5.25 -8.93 -26.30
S1 SF4 DB . 5.71 -9.04 -24.05
S2 SF4 DB . 3.29 -9.98 -26.79
S3 SF4 DB . 6.84 -10.22 -27.33
S4 SF4 DB . 5.15 -12.47 -25.02
FE1 SF4 EB . 3.59 -12.03 -35.32
FE2 SF4 EB . 4.50 -13.32 -37.48
FE3 SF4 EB . 2.07 -12.23 -37.58
FE4 SF4 EB . 2.50 -14.38 -36.05
S1 SF4 EB . 2.61 -14.31 -38.35
S2 SF4 EB . 1.35 -12.48 -35.41
S3 SF4 EB . 4.64 -14.07 -35.29
S4 SF4 EB . 4.06 -11.11 -37.36
FE1 FES FB . -11.53 -14.80 23.60
FE2 FES FB . -10.56 -14.13 26.48
S1 FES FB . -10.97 -16.03 25.38
S2 FES FB . -11.19 -12.90 24.73
FE1 SF4 GB . -31.58 -29.68 58.36
FE2 SF4 GB . -33.70 -30.44 57.00
FE3 SF4 GB . -34.04 -28.75 59.14
FE4 SF4 GB . -33.38 -31.32 59.50
S1 SF4 GB . -35.35 -30.53 58.59
S2 SF4 GB . -32.34 -29.53 60.48
S3 SF4 GB . -32.04 -31.83 57.74
S4 SF4 GB . -32.97 -28.27 57.14
FE1 SF4 HB . -22.65 -22.46 59.08
FE2 SF4 HB . -21.44 -23.82 57.08
FE3 SF4 HB . -23.74 -24.75 58.10
FE4 SF4 HB . -21.50 -24.88 59.50
S1 SF4 HB . -21.91 -26.01 57.53
S2 SF4 HB . -23.49 -24.18 60.34
S3 SF4 HB . -20.44 -22.96 58.96
S4 SF4 HB . -23.50 -22.80 56.97
FE1 SF4 IB . -13.70 -19.10 57.06
FE2 SF4 IB . -12.01 -19.40 54.98
FE3 SF4 IB . -14.38 -18.25 54.54
FE4 SF4 IB . -14.26 -20.96 55.16
S1 SF4 IB . -13.46 -19.94 53.25
S2 SF4 IB . -15.72 -19.36 56.02
S3 SF4 IB . -12.46 -20.96 56.59
S4 SF4 IB . -12.69 -17.42 55.92
C1 GOL JB . -37.86 -18.56 47.65
O1 GOL JB . -39.00 -18.70 48.51
C2 GOL JB . -37.09 -19.88 47.53
O2 GOL JB . -36.80 -20.45 48.81
C3 GOL JB . -35.78 -19.62 46.78
O3 GOL JB . -35.03 -20.83 46.68
FE NFU KB . -32.54 -41.80 66.89
NI NFU KB . -33.93 -39.62 66.30
C1 NFU KB . -32.62 -41.58 68.70
N1 NFU KB . -32.65 -41.47 69.84
C2 NFU KB . -33.98 -42.88 67.07
N2 NFU KB . -34.89 -43.59 67.18
C3 NFU KB . -31.11 -42.93 66.72
O3 NFU KB . -30.17 -43.69 66.61
C42 PE3 LB . -41.03 -47.37 93.27
C41 PE3 LB . -40.63 -47.07 91.83
O40 PE3 LB . -41.66 -46.33 91.18
C39 PE3 LB . -41.74 -46.56 89.77
C38 PE3 LB . -42.98 -45.91 89.19
O37 PE3 LB . -44.11 -46.26 90.00
C36 PE3 LB . -45.31 -46.41 89.27
C35 PE3 LB . -46.42 -46.90 90.18
O34 PE3 LB . -47.39 -45.87 90.38
FE FE MB . -31.61 -49.66 58.10
#